data_8T6E
#
_entry.id   8T6E
#
_cell.length_a   113.737
_cell.length_b   114.050
_cell.length_c   114.197
_cell.angle_alpha   62.09
_cell.angle_beta   77.86
_cell.angle_gamma   89.41
#
_symmetry.space_group_name_H-M   'P 1'
#
loop_
_entity.id
_entity.type
_entity.pdbx_description
1 polymer 'T33-28.3: A'
2 polymer 'T33-28.3: B'
3 water water
#
loop_
_entity_poly.entity_id
_entity_poly.type
_entity_poly.pdbx_seq_one_letter_code
_entity_poly.pdbx_strand_id
1 'polypeptide(L)'
;MSVNTSFLSPSLVTIRDFDKGQFAVLRIGRTGFPADKGDIDLCLSKMDGVLAAQLYLGNPREPGFKGPHIRIRCVDIDDK
HTYNAMVYVDLIVGTGASEVERETAEERARRALAVALRVDEADEHSCVTQFEMKLREELLSSDSFHPDKDEYYKDFL
;
A,C,E,G,I,K,M,O,Q,S,U,W
2 'polypeptide(L)'
;MPVIQTFVSTPLDHEKRNMLTKVYRIVTDTILGKPAELVMMTFHDSTPMHFFGSTDPVACVRVEALGGYGPSEPEKVTKV
VTDAISYVCGIVADRIFVLYFSPLHCGWNGTNLGSHHHHHH
;
B,D,F,H,J,L,N,P,R,T,V,X
#
# COMPACT_ATOMS: atom_id res chain seq x y z
N SER A 2 -0.15 -18.09 -28.39
CA SER A 2 1.26 -18.49 -28.35
C SER A 2 1.42 -19.92 -28.85
N VAL A 3 0.91 -20.88 -28.10
CA VAL A 3 0.93 -22.29 -28.47
C VAL A 3 -0.52 -22.73 -28.61
N ASN A 4 -0.91 -23.08 -29.84
CA ASN A 4 -2.29 -23.45 -30.13
C ASN A 4 -2.39 -24.98 -30.17
N THR A 5 -3.17 -25.54 -29.26
CA THR A 5 -3.32 -26.99 -29.12
C THR A 5 -4.76 -27.37 -29.41
N SER A 6 -4.95 -28.33 -30.31
CA SER A 6 -6.27 -28.76 -30.75
C SER A 6 -6.33 -30.27 -30.80
N PHE A 7 -7.43 -30.82 -30.28
CA PHE A 7 -7.68 -32.26 -30.30
C PHE A 7 -8.56 -32.58 -31.51
N LEU A 8 -7.95 -33.12 -32.57
CA LEU A 8 -8.74 -33.68 -33.65
C LEU A 8 -9.41 -34.98 -33.24
N SER A 9 -8.84 -35.66 -32.25
CA SER A 9 -9.42 -36.88 -31.67
C SER A 9 -8.79 -37.06 -30.29
N PRO A 10 -9.30 -37.99 -29.48
CA PRO A 10 -8.68 -38.23 -28.17
C PRO A 10 -7.19 -38.50 -28.24
N SER A 11 -6.71 -39.09 -29.35
CA SER A 11 -5.32 -39.48 -29.47
C SER A 11 -4.57 -38.69 -30.54
N LEU A 12 -5.21 -37.73 -31.21
CA LEU A 12 -4.59 -36.96 -32.28
C LEU A 12 -4.66 -35.48 -31.94
N VAL A 13 -3.50 -34.85 -31.78
CA VAL A 13 -3.41 -33.46 -31.33
C VAL A 13 -2.50 -32.69 -32.28
N THR A 14 -2.94 -31.50 -32.67
CA THR A 14 -2.10 -30.57 -33.41
C THR A 14 -1.61 -29.48 -32.47
N ILE A 15 -0.32 -29.17 -32.58
CA ILE A 15 0.32 -28.18 -31.71
C ILE A 15 1.03 -27.17 -32.60
N ARG A 16 0.57 -25.92 -32.58
CA ARG A 16 1.15 -24.84 -33.37
C ARG A 16 1.80 -23.83 -32.44
N ASP A 17 3.11 -23.66 -32.57
CA ASP A 17 3.89 -22.72 -31.78
C ASP A 17 4.19 -21.49 -32.63
N PHE A 18 3.48 -20.39 -32.37
CA PHE A 18 3.70 -19.17 -33.14
C PHE A 18 5.05 -18.56 -32.83
N ASP A 19 5.43 -18.52 -31.55
CA ASP A 19 6.66 -17.84 -31.15
C ASP A 19 7.89 -18.56 -31.70
N LYS A 20 7.93 -19.88 -31.58
CA LYS A 20 9.04 -20.68 -32.08
C LYS A 20 8.87 -21.07 -33.54
N GLY A 21 7.73 -20.76 -34.15
CA GLY A 21 7.53 -21.02 -35.57
C GLY A 21 7.55 -22.48 -35.94
N GLN A 22 6.87 -23.33 -35.16
CA GLN A 22 6.85 -24.76 -35.41
C GLN A 22 5.41 -25.24 -35.49
N PHE A 23 5.23 -26.38 -36.17
CA PHE A 23 4.00 -27.13 -36.16
C PHE A 23 4.34 -28.60 -35.98
N ALA A 24 3.61 -29.28 -35.09
CA ALA A 24 3.89 -30.67 -34.79
C ALA A 24 2.59 -31.40 -34.53
N VAL A 25 2.55 -32.67 -34.93
CA VAL A 25 1.41 -33.55 -34.70
C VAL A 25 1.76 -34.49 -33.57
N LEU A 26 0.98 -34.45 -32.49
CA LEU A 26 1.10 -35.39 -31.40
C LEU A 26 0.04 -36.47 -31.56
N ARG A 27 0.47 -37.74 -31.52
CA ARG A 27 -0.47 -38.84 -31.59
C ARG A 27 -0.04 -39.96 -30.65
N ILE A 28 -1.02 -40.53 -29.96
CA ILE A 28 -0.78 -41.69 -29.09
C ILE A 28 -1.06 -42.91 -29.95
N GLY A 29 -0.10 -43.25 -30.81
CA GLY A 29 -0.31 -44.19 -31.90
C GLY A 29 -0.69 -45.61 -31.52
N ARG A 30 0.17 -46.28 -30.74
CA ARG A 30 0.00 -47.71 -30.53
C ARG A 30 -1.29 -48.02 -29.77
N THR A 31 -1.61 -47.22 -28.75
CA THR A 31 -2.72 -47.54 -27.88
C THR A 31 -3.97 -46.71 -28.15
N GLY A 32 -3.85 -45.55 -28.80
CA GLY A 32 -4.99 -44.69 -28.99
C GLY A 32 -5.52 -44.07 -27.72
N PHE A 33 -4.69 -44.00 -26.68
CA PHE A 33 -5.13 -43.44 -25.40
C PHE A 33 -5.29 -41.93 -25.52
N PRO A 34 -6.06 -41.32 -24.61
CA PRO A 34 -6.17 -39.86 -24.60
C PRO A 34 -4.83 -39.23 -24.23
N ALA A 35 -4.46 -38.19 -24.99
CA ALA A 35 -3.27 -37.44 -24.66
C ALA A 35 -3.51 -36.58 -23.43
N ASP A 36 -2.64 -36.70 -22.44
CA ASP A 36 -2.70 -35.86 -21.25
C ASP A 36 -1.63 -34.78 -21.33
N LYS A 37 -1.58 -33.93 -20.29
CA LYS A 37 -0.64 -32.81 -20.31
C LYS A 37 0.80 -33.30 -20.38
N GLY A 38 1.10 -34.46 -19.80
CA GLY A 38 2.44 -35.00 -19.89
C GLY A 38 2.86 -35.30 -21.31
N ASP A 39 1.96 -35.94 -22.08
CA ASP A 39 2.25 -36.20 -23.49
C ASP A 39 2.49 -34.91 -24.25
N ILE A 40 1.68 -33.88 -23.98
CA ILE A 40 1.84 -32.59 -24.65
C ILE A 40 3.16 -31.94 -24.24
N ASP A 41 3.50 -32.00 -22.95
CA ASP A 41 4.75 -31.44 -22.48
C ASP A 41 5.95 -32.17 -23.10
N LEU A 42 5.84 -33.49 -23.25
CA LEU A 42 6.89 -34.25 -23.93
C LEU A 42 7.04 -33.81 -25.37
N CYS A 43 5.92 -33.66 -26.08
CA CYS A 43 5.97 -33.23 -27.48
C CYS A 43 6.61 -31.85 -27.59
N LEU A 44 6.21 -30.92 -26.73
CA LEU A 44 6.82 -29.58 -26.74
C LEU A 44 8.32 -29.66 -26.43
N SER A 45 8.71 -30.58 -25.54
CA SER A 45 10.13 -30.73 -25.24
C SER A 45 10.90 -31.26 -26.44
N LYS A 46 10.34 -32.22 -27.16
CA LYS A 46 10.99 -32.74 -28.36
C LYS A 46 11.00 -31.69 -29.47
N MET A 47 9.92 -30.92 -29.59
CA MET A 47 9.92 -29.78 -30.49
C MET A 47 11.04 -28.81 -30.15
N ASP A 48 11.27 -28.58 -28.84
CA ASP A 48 12.35 -27.70 -28.43
C ASP A 48 13.71 -28.27 -28.79
N GLY A 49 13.87 -29.59 -28.67
CA GLY A 49 15.14 -30.21 -29.02
C GLY A 49 15.47 -30.10 -30.49
N VAL A 50 14.46 -30.22 -31.35
CA VAL A 50 14.68 -30.09 -32.79
C VAL A 50 15.16 -28.67 -33.12
N LEU A 51 14.60 -27.66 -32.45
CA LEU A 51 15.11 -26.30 -32.60
C LEU A 51 16.58 -26.22 -32.24
N ALA A 52 16.97 -26.86 -31.13
CA ALA A 52 18.38 -26.84 -30.72
C ALA A 52 19.27 -27.54 -31.73
N ALA A 53 18.82 -28.69 -32.23
CA ALA A 53 19.61 -29.43 -33.22
C ALA A 53 19.79 -28.64 -34.50
N GLN A 54 18.83 -27.78 -34.85
CA GLN A 54 18.96 -26.94 -36.04
C GLN A 54 20.16 -26.02 -35.92
N LEU A 55 20.38 -25.44 -34.75
CA LEU A 55 21.48 -24.51 -34.55
C LEU A 55 22.84 -25.16 -34.74
N TYR A 56 22.94 -26.48 -34.55
CA TYR A 56 24.19 -27.17 -34.85
C TYR A 56 24.49 -27.16 -36.34
N LEU A 57 23.46 -27.08 -37.18
CA LEU A 57 23.64 -26.97 -38.62
C LEU A 57 23.77 -25.53 -39.09
N GLY A 58 23.08 -24.61 -38.45
CA GLY A 58 23.17 -23.21 -38.81
C GLY A 58 22.03 -22.42 -38.20
N ASN A 59 22.18 -21.09 -38.29
CA ASN A 59 21.15 -20.17 -37.82
C ASN A 59 20.14 -19.95 -38.95
N PRO A 60 18.91 -20.45 -38.84
CA PRO A 60 17.96 -20.29 -39.94
C PRO A 60 17.48 -18.86 -40.13
N ARG A 61 17.68 -17.97 -39.15
CA ARG A 61 17.31 -16.58 -39.31
C ARG A 61 18.32 -15.78 -40.11
N GLU A 62 19.49 -16.35 -40.38
CA GLU A 62 20.46 -15.72 -41.25
C GLU A 62 19.85 -15.47 -42.62
N PRO A 63 19.93 -14.26 -43.16
CA PRO A 63 19.40 -14.01 -44.51
C PRO A 63 20.14 -14.86 -45.54
N GLY A 64 19.38 -15.32 -46.53
CA GLY A 64 19.94 -16.19 -47.56
C GLY A 64 20.41 -17.52 -47.02
N PHE A 65 19.77 -18.01 -45.96
CA PHE A 65 20.16 -19.26 -45.31
C PHE A 65 20.08 -20.43 -46.29
N LYS A 66 21.22 -20.99 -46.64
CA LYS A 66 21.29 -22.09 -47.59
C LYS A 66 21.04 -23.45 -46.95
N GLY A 67 20.46 -23.47 -45.75
CA GLY A 67 20.16 -24.72 -45.08
C GLY A 67 21.39 -25.42 -44.56
N PRO A 68 21.25 -26.68 -44.18
CA PRO A 68 20.02 -27.50 -44.24
C PRO A 68 19.02 -27.17 -43.14
N HIS A 69 17.73 -27.32 -43.42
CA HIS A 69 16.69 -27.19 -42.41
C HIS A 69 16.41 -28.55 -41.79
N ILE A 70 16.03 -28.54 -40.52
CA ILE A 70 15.59 -29.74 -39.83
C ILE A 70 14.35 -29.37 -39.02
N ARG A 71 13.23 -30.01 -39.34
CA ARG A 71 11.92 -29.59 -38.85
C ARG A 71 11.21 -30.79 -38.24
N ILE A 72 10.66 -30.60 -37.04
CA ILE A 72 9.85 -31.66 -36.45
C ILE A 72 8.52 -31.74 -37.19
N ARG A 73 7.98 -32.95 -37.28
CA ARG A 73 6.69 -33.18 -37.92
C ARG A 73 5.70 -33.86 -37.00
N CYS A 74 6.12 -34.92 -36.30
CA CYS A 74 5.20 -35.71 -35.50
C CYS A 74 5.95 -36.34 -34.33
N VAL A 75 5.28 -36.37 -33.18
CA VAL A 75 5.74 -37.11 -32.01
C VAL A 75 4.72 -38.20 -31.75
N ASP A 76 5.13 -39.46 -31.95
CA ASP A 76 4.27 -40.61 -31.78
C ASP A 76 4.68 -41.33 -30.49
N ILE A 77 3.75 -41.41 -29.54
CA ILE A 77 4.04 -41.91 -28.20
C ILE A 77 3.48 -43.32 -28.06
N ASP A 78 4.34 -44.24 -27.65
CA ASP A 78 3.93 -45.60 -27.26
C ASP A 78 3.94 -45.65 -25.75
N ASP A 79 2.75 -45.75 -25.15
CA ASP A 79 2.61 -45.82 -23.70
C ASP A 79 1.96 -47.12 -23.23
N LYS A 80 1.96 -48.14 -24.09
CA LYS A 80 1.37 -49.44 -23.71
C LYS A 80 2.09 -50.01 -22.50
N HIS A 81 3.38 -50.31 -22.65
CA HIS A 81 4.19 -50.82 -21.54
C HIS A 81 5.09 -49.70 -21.03
N THR A 82 6.34 -49.69 -21.47
CA THR A 82 7.26 -48.62 -21.12
C THR A 82 6.96 -47.38 -21.95
N TYR A 83 7.30 -46.21 -21.38
CA TYR A 83 6.98 -44.93 -22.00
C TYR A 83 7.99 -44.63 -23.10
N ASN A 84 7.51 -44.57 -24.34
CA ASN A 84 8.38 -44.40 -25.50
C ASN A 84 7.78 -43.36 -26.45
N ALA A 85 8.67 -42.75 -27.24
CA ALA A 85 8.28 -41.74 -28.22
C ALA A 85 9.11 -41.89 -29.48
N MET A 86 8.46 -41.79 -30.63
CA MET A 86 9.13 -41.75 -31.92
C MET A 86 8.92 -40.36 -32.52
N VAL A 87 10.02 -39.70 -32.88
CA VAL A 87 9.99 -38.31 -33.33
C VAL A 87 10.27 -38.31 -34.83
N TYR A 88 9.28 -37.90 -35.63
CA TYR A 88 9.44 -37.82 -37.07
C TYR A 88 9.89 -36.41 -37.43
N VAL A 89 11.06 -36.30 -38.07
CA VAL A 89 11.62 -35.02 -38.48
C VAL A 89 11.97 -35.09 -39.96
N ASP A 90 12.02 -33.91 -40.58
CA ASP A 90 12.45 -33.77 -41.97
C ASP A 90 13.79 -33.05 -42.02
N LEU A 91 14.69 -33.56 -42.84
CA LEU A 91 15.95 -32.89 -43.17
C LEU A 91 15.83 -32.32 -44.57
N ILE A 92 15.82 -30.99 -44.67
CA ILE A 92 15.63 -30.30 -45.94
C ILE A 92 16.96 -29.67 -46.33
N VAL A 93 17.60 -30.23 -47.35
CA VAL A 93 18.84 -29.69 -47.88
C VAL A 93 18.53 -28.98 -49.20
N GLY A 94 19.42 -28.07 -49.58
CA GLY A 94 19.22 -27.32 -50.81
C GLY A 94 19.27 -28.24 -52.02
N THR A 95 18.42 -27.93 -53.00
CA THR A 95 18.34 -28.75 -54.21
C THR A 95 19.69 -28.77 -54.91
N GLY A 96 20.00 -29.91 -55.54
CA GLY A 96 21.27 -30.08 -56.21
C GLY A 96 22.43 -30.43 -55.33
N ALA A 97 22.17 -30.86 -54.09
CA ALA A 97 23.25 -31.22 -53.18
C ALA A 97 24.01 -32.43 -53.70
N SER A 98 25.34 -32.37 -53.58
CA SER A 98 26.16 -33.52 -53.96
C SER A 98 25.89 -34.68 -53.01
N GLU A 99 26.38 -35.87 -53.40
CA GLU A 99 26.21 -37.04 -52.56
C GLU A 99 26.89 -36.84 -51.20
N VAL A 100 28.10 -36.28 -51.20
CA VAL A 100 28.83 -36.10 -49.94
C VAL A 100 28.18 -35.01 -49.10
N GLU A 101 27.68 -33.94 -49.73
CA GLU A 101 27.01 -32.90 -49.00
C GLU A 101 25.72 -33.42 -48.36
N ARG A 102 24.98 -34.25 -49.10
CA ARG A 102 23.77 -34.86 -48.56
C ARG A 102 24.09 -35.75 -47.39
N GLU A 103 25.10 -36.62 -47.53
CA GLU A 103 25.46 -37.54 -46.46
C GLU A 103 26.06 -36.80 -45.27
N THR A 104 26.87 -35.77 -45.54
CA THR A 104 27.44 -34.98 -44.45
C THR A 104 26.34 -34.29 -43.65
N ALA A 105 25.41 -33.63 -44.34
CA ALA A 105 24.29 -32.99 -43.66
C ALA A 105 23.43 -34.02 -42.94
N GLU A 106 23.30 -35.22 -43.52
CA GLU A 106 22.48 -36.25 -42.90
C GLU A 106 23.10 -36.77 -41.62
N GLU A 107 24.43 -36.96 -41.61
CA GLU A 107 25.09 -37.47 -40.41
C GLU A 107 25.14 -36.40 -39.33
N ARG A 108 25.35 -35.14 -39.72
CA ARG A 108 25.38 -34.06 -38.73
C ARG A 108 24.03 -33.91 -38.05
N ALA A 109 22.94 -34.02 -38.81
CA ALA A 109 21.61 -33.93 -38.22
C ALA A 109 21.33 -35.09 -37.29
N ARG A 110 21.74 -36.30 -37.68
CA ARG A 110 21.53 -37.47 -36.82
C ARG A 110 22.28 -37.33 -35.50
N ARG A 111 23.54 -36.88 -35.55
CA ARG A 111 24.32 -36.72 -34.33
C ARG A 111 23.70 -35.66 -33.42
N ALA A 112 23.34 -34.51 -33.99
CA ALA A 112 22.76 -33.44 -33.19
C ALA A 112 21.42 -33.87 -32.60
N LEU A 113 20.61 -34.61 -33.36
CA LEU A 113 19.31 -35.03 -32.87
C LEU A 113 19.43 -36.06 -31.76
N ALA A 114 20.43 -36.94 -31.86
CA ALA A 114 20.60 -37.98 -30.84
C ALA A 114 20.83 -37.37 -29.46
N VAL A 115 21.61 -36.28 -29.39
CA VAL A 115 21.82 -35.59 -28.13
C VAL A 115 20.60 -34.77 -27.75
N ALA A 116 20.08 -33.97 -28.69
CA ALA A 116 19.02 -33.04 -28.37
C ALA A 116 17.75 -33.75 -27.96
N LEU A 117 17.43 -34.87 -28.63
CA LEU A 117 16.24 -35.64 -28.29
C LEU A 117 16.49 -36.68 -27.22
N ARG A 118 17.75 -36.87 -26.81
CA ARG A 118 18.12 -37.79 -25.74
C ARG A 118 17.65 -39.22 -26.04
N VAL A 119 18.14 -39.74 -27.16
CA VAL A 119 17.74 -41.08 -27.58
C VAL A 119 18.43 -42.16 -26.75
N ASP A 120 19.49 -41.82 -26.03
CA ASP A 120 20.28 -42.83 -25.34
C ASP A 120 19.56 -43.35 -24.10
N GLU A 121 19.08 -42.45 -23.25
CA GLU A 121 18.52 -42.81 -21.96
C GLU A 121 17.08 -42.30 -21.84
N ALA A 122 16.54 -42.38 -20.63
CA ALA A 122 15.25 -41.76 -20.33
C ALA A 122 15.46 -40.28 -20.04
N ASP A 123 14.65 -39.44 -20.67
CA ASP A 123 14.85 -38.00 -20.57
C ASP A 123 14.25 -37.45 -19.28
N GLU A 124 13.99 -36.13 -19.25
CA GLU A 124 13.44 -35.51 -18.06
C GLU A 124 12.04 -36.02 -17.76
N HIS A 125 11.29 -36.43 -18.78
CA HIS A 125 9.94 -36.92 -18.63
C HIS A 125 9.87 -38.43 -18.48
N SER A 126 11.01 -39.08 -18.22
CA SER A 126 11.10 -40.54 -18.12
C SER A 126 10.56 -41.20 -19.38
N CYS A 127 11.11 -40.81 -20.52
CA CYS A 127 10.68 -41.29 -21.82
C CYS A 127 11.88 -41.76 -22.63
N VAL A 128 11.75 -42.91 -23.27
CA VAL A 128 12.76 -43.42 -24.17
C VAL A 128 12.44 -42.91 -25.57
N THR A 129 13.32 -42.07 -26.12
CA THR A 129 13.05 -41.37 -27.37
C THR A 129 13.81 -42.00 -28.53
N GLN A 130 13.11 -42.17 -29.65
CA GLN A 130 13.70 -42.53 -30.92
C GLN A 130 13.24 -41.52 -31.96
N PHE A 131 13.97 -41.41 -33.07
CA PHE A 131 13.55 -40.52 -34.13
C PHE A 131 13.80 -41.16 -35.48
N GLU A 132 13.07 -40.66 -36.48
CA GLU A 132 13.14 -41.14 -37.85
C GLU A 132 13.23 -39.93 -38.76
N MET A 133 14.28 -39.86 -39.57
CA MET A 133 14.61 -38.67 -40.34
C MET A 133 14.28 -38.89 -41.80
N LYS A 134 13.45 -38.01 -42.36
CA LYS A 134 13.07 -38.06 -43.76
C LYS A 134 13.79 -36.94 -44.51
N LEU A 135 14.56 -37.30 -45.53
CA LEU A 135 15.35 -36.34 -46.28
C LEU A 135 14.52 -35.73 -47.42
N ARG A 136 14.54 -34.41 -47.52
CA ARG A 136 13.90 -33.69 -48.60
C ARG A 136 14.89 -32.73 -49.23
N GLU A 137 14.70 -32.44 -50.51
CA GLU A 137 15.49 -31.46 -51.24
C GLU A 137 14.56 -30.44 -51.85
N GLU A 138 14.78 -29.16 -51.54
CA GLU A 138 13.93 -28.07 -52.01
C GLU A 138 14.81 -26.93 -52.49
N LEU A 139 14.26 -26.13 -53.41
CA LEU A 139 14.87 -24.86 -53.79
C LEU A 139 14.56 -23.85 -52.70
N LEU A 140 15.51 -23.65 -51.79
CA LEU A 140 15.24 -22.90 -50.57
C LEU A 140 14.89 -21.44 -50.84
N SER A 141 15.41 -20.88 -51.94
CA SER A 141 15.14 -19.49 -52.29
C SER A 141 13.81 -19.30 -53.02
N SER A 142 13.05 -20.37 -53.24
CA SER A 142 11.81 -20.27 -54.00
C SER A 142 10.71 -19.62 -53.16
N ASP A 143 9.85 -18.86 -53.83
CA ASP A 143 8.70 -18.25 -53.16
C ASP A 143 7.70 -19.30 -52.69
N SER A 144 7.75 -20.51 -53.24
CA SER A 144 6.81 -21.57 -52.90
C SER A 144 7.34 -22.50 -51.81
N PHE A 145 8.49 -22.20 -51.22
CA PHE A 145 9.08 -23.03 -50.19
C PHE A 145 8.83 -22.45 -48.81
N HIS A 146 8.47 -23.33 -47.87
CA HIS A 146 8.39 -22.99 -46.47
C HIS A 146 8.78 -24.27 -45.73
N PRO A 147 9.63 -24.19 -44.71
CA PRO A 147 10.11 -25.40 -44.04
C PRO A 147 9.00 -26.27 -43.46
N ASP A 148 7.86 -25.69 -43.11
CA ASP A 148 6.75 -26.41 -42.52
C ASP A 148 5.52 -26.42 -43.45
N LYS A 149 5.76 -26.63 -44.74
CA LYS A 149 4.65 -26.74 -45.69
C LYS A 149 3.71 -27.86 -45.27
N ASP A 150 2.40 -27.64 -45.46
CA ASP A 150 1.41 -28.52 -44.85
C ASP A 150 1.44 -29.92 -45.44
N GLU A 151 1.86 -30.05 -46.70
CA GLU A 151 1.93 -31.38 -47.31
C GLU A 151 3.01 -32.24 -46.67
N TYR A 152 3.99 -31.63 -46.00
CA TYR A 152 5.00 -32.38 -45.26
C TYR A 152 4.39 -33.15 -44.08
N TYR A 153 3.14 -32.86 -43.71
CA TYR A 153 2.49 -33.50 -42.59
C TYR A 153 1.39 -34.48 -43.02
N LYS A 154 1.27 -34.77 -44.31
CA LYS A 154 0.14 -35.55 -44.79
C LYS A 154 0.18 -37.00 -44.29
N ASP A 155 1.37 -37.50 -43.97
CA ASP A 155 1.48 -38.87 -43.46
C ASP A 155 1.01 -39.00 -42.02
N PHE A 156 0.88 -37.88 -41.31
CA PHE A 156 0.56 -37.90 -39.88
C PHE A 156 -0.80 -37.32 -39.58
N LEU A 157 -1.51 -36.80 -40.57
CA LEU A 157 -2.85 -36.25 -40.36
C LEU A 157 -3.88 -37.03 -41.17
N PRO B 2 34.27 -30.55 -19.35
CA PRO B 2 34.41 -29.17 -19.82
C PRO B 2 33.44 -28.20 -19.16
N VAL B 3 33.84 -26.92 -19.06
CA VAL B 3 33.05 -25.88 -18.45
C VAL B 3 32.80 -24.79 -19.49
N ILE B 4 31.58 -24.28 -19.53
CA ILE B 4 31.19 -23.23 -20.47
C ILE B 4 30.45 -22.15 -19.69
N GLN B 5 30.97 -20.92 -19.74
CA GLN B 5 30.34 -19.77 -19.10
C GLN B 5 29.76 -18.86 -20.18
N THR B 6 28.49 -18.49 -20.01
CA THR B 6 27.79 -17.63 -20.96
C THR B 6 27.53 -16.29 -20.30
N PHE B 7 28.19 -15.25 -20.80
CA PHE B 7 27.96 -13.87 -20.36
C PHE B 7 27.25 -13.11 -21.47
N VAL B 8 26.02 -12.67 -21.19
CA VAL B 8 25.24 -11.89 -22.14
C VAL B 8 24.73 -10.64 -21.44
N SER B 9 24.64 -9.55 -22.21
CA SER B 9 24.11 -8.31 -21.69
C SER B 9 22.58 -8.28 -21.67
N THR B 10 21.93 -9.23 -22.33
CA THR B 10 20.49 -9.34 -22.40
C THR B 10 19.98 -10.30 -21.33
N PRO B 11 18.70 -10.19 -20.97
CA PRO B 11 18.15 -11.13 -19.98
C PRO B 11 17.88 -12.50 -20.57
N LEU B 12 18.20 -13.52 -19.80
CA LEU B 12 17.92 -14.91 -20.13
C LEU B 12 16.79 -15.43 -19.25
N ASP B 13 15.96 -16.30 -19.82
CA ASP B 13 14.88 -16.94 -19.08
C ASP B 13 15.08 -18.46 -19.13
N HIS B 14 14.07 -19.19 -18.68
CA HIS B 14 14.15 -20.65 -18.67
C HIS B 14 14.25 -21.21 -20.08
N GLU B 15 13.46 -20.67 -21.00
CA GLU B 15 13.47 -21.17 -22.39
C GLU B 15 14.82 -20.93 -23.03
N LYS B 16 15.40 -19.74 -22.84
CA LYS B 16 16.65 -19.41 -23.49
C LYS B 16 17.82 -20.20 -22.93
N ARG B 17 17.88 -20.35 -21.60
CA ARG B 17 18.97 -21.10 -20.99
C ARG B 17 18.94 -22.56 -21.42
N ASN B 18 17.75 -23.18 -21.45
CA ASN B 18 17.65 -24.58 -21.84
C ASN B 18 17.98 -24.79 -23.31
N MET B 19 17.64 -23.82 -24.17
CA MET B 19 18.01 -23.93 -25.58
C MET B 19 19.52 -23.92 -25.75
N LEU B 20 20.19 -22.99 -25.07
CA LEU B 20 21.65 -22.96 -25.12
C LEU B 20 22.26 -24.21 -24.48
N THR B 21 21.60 -24.74 -23.44
CA THR B 21 22.08 -25.96 -22.80
C THR B 21 22.10 -27.13 -23.77
N LYS B 22 20.99 -27.31 -24.51
CA LYS B 22 20.92 -28.42 -25.46
C LYS B 22 21.94 -28.27 -26.57
N VAL B 23 22.19 -27.04 -27.03
CA VAL B 23 23.21 -26.81 -28.05
C VAL B 23 24.60 -27.11 -27.48
N TYR B 24 24.88 -26.60 -26.28
CA TYR B 24 26.18 -26.88 -25.66
C TYR B 24 26.39 -28.37 -25.46
N ARG B 25 25.33 -29.10 -25.12
CA ARG B 25 25.44 -30.55 -24.99
C ARG B 25 25.73 -31.20 -26.33
N ILE B 26 25.18 -30.66 -27.42
CA ILE B 26 25.50 -31.16 -28.75
C ILE B 26 26.95 -30.86 -29.09
N VAL B 27 27.40 -29.64 -28.79
CA VAL B 27 28.76 -29.22 -29.12
C VAL B 27 29.77 -30.12 -28.43
N THR B 28 29.53 -30.46 -27.16
CA THR B 28 30.49 -31.28 -26.43
C THR B 28 30.54 -32.70 -26.98
N ASP B 29 29.38 -33.28 -27.29
CA ASP B 29 29.35 -34.68 -27.69
C ASP B 29 29.94 -34.88 -29.08
N THR B 30 29.60 -34.01 -30.02
CA THR B 30 30.01 -34.20 -31.41
C THR B 30 31.35 -33.56 -31.71
N ILE B 31 31.52 -32.28 -31.38
CA ILE B 31 32.75 -31.57 -31.74
C ILE B 31 33.85 -31.89 -30.75
N LEU B 32 33.59 -31.71 -29.46
CA LEU B 32 34.62 -31.92 -28.44
C LEU B 32 34.87 -33.40 -28.15
N GLY B 33 33.97 -34.29 -28.57
CA GLY B 33 34.17 -35.71 -28.35
C GLY B 33 34.15 -36.14 -26.90
N LYS B 34 33.43 -35.42 -26.05
CA LYS B 34 33.32 -35.71 -24.63
C LYS B 34 31.86 -35.94 -24.26
N PRO B 35 31.60 -36.65 -23.16
CA PRO B 35 30.20 -36.88 -22.77
C PRO B 35 29.45 -35.58 -22.50
N ALA B 36 28.19 -35.56 -22.91
CA ALA B 36 27.35 -34.37 -22.74
C ALA B 36 26.89 -34.17 -21.31
N GLU B 37 26.93 -35.21 -20.48
CA GLU B 37 26.54 -35.06 -19.08
C GLU B 37 27.62 -34.37 -18.26
N LEU B 38 28.88 -34.46 -18.69
CA LEU B 38 30.01 -33.89 -17.95
C LEU B 38 30.20 -32.40 -18.20
N VAL B 39 29.30 -31.75 -18.93
CA VAL B 39 29.43 -30.32 -19.23
C VAL B 39 28.75 -29.54 -18.12
N MET B 40 29.49 -28.63 -17.50
CA MET B 40 28.95 -27.69 -16.53
C MET B 40 28.76 -26.34 -17.20
N MET B 41 27.51 -25.89 -17.30
CA MET B 41 27.16 -24.65 -17.98
C MET B 41 26.69 -23.63 -16.96
N THR B 42 27.32 -22.46 -16.96
CA THR B 42 26.93 -21.35 -16.10
C THR B 42 26.47 -20.20 -16.96
N PHE B 43 25.41 -19.52 -16.52
CA PHE B 43 24.79 -18.44 -17.28
C PHE B 43 24.77 -17.16 -16.44
N HIS B 44 25.09 -16.04 -17.08
CA HIS B 44 25.20 -14.74 -16.41
C HIS B 44 24.53 -13.69 -17.32
N ASP B 45 23.24 -13.48 -17.12
CA ASP B 45 22.48 -12.58 -17.97
C ASP B 45 22.50 -11.16 -17.41
N SER B 46 22.03 -10.21 -18.23
CA SER B 46 21.94 -8.80 -17.87
C SER B 46 23.28 -8.25 -17.39
N THR B 47 24.37 -8.77 -17.94
CA THR B 47 25.70 -8.33 -17.53
C THR B 47 26.02 -6.97 -18.17
N PRO B 48 26.38 -5.97 -17.37
CA PRO B 48 26.82 -4.70 -17.95
C PRO B 48 28.07 -4.88 -18.80
N MET B 49 27.92 -4.73 -20.11
CA MET B 49 29.01 -4.99 -21.05
C MET B 49 29.11 -3.87 -22.06
N HIS B 50 30.34 -3.42 -22.31
CA HIS B 50 30.65 -2.42 -23.33
C HIS B 50 31.54 -3.06 -24.38
N PHE B 51 31.24 -2.79 -25.65
CA PHE B 51 32.02 -3.35 -26.75
C PHE B 51 31.75 -2.54 -28.01
N PHE B 52 32.82 -2.23 -28.74
CA PHE B 52 32.75 -1.49 -30.00
C PHE B 52 32.03 -0.16 -29.84
N GLY B 53 32.26 0.50 -28.71
CA GLY B 53 31.71 1.82 -28.48
C GLY B 53 30.22 1.87 -28.25
N SER B 54 29.63 0.80 -27.71
CA SER B 54 28.20 0.80 -27.42
C SER B 54 27.89 -0.30 -26.43
N THR B 55 26.72 -0.17 -25.79
CA THR B 55 26.19 -1.21 -24.91
C THR B 55 25.12 -2.05 -25.60
N ASP B 56 25.10 -2.07 -26.92
CA ASP B 56 24.17 -2.91 -27.66
C ASP B 56 24.41 -4.38 -27.31
N PRO B 57 23.38 -5.23 -27.47
CA PRO B 57 23.52 -6.65 -27.09
C PRO B 57 24.82 -7.30 -27.53
N VAL B 58 25.46 -8.01 -26.59
CA VAL B 58 26.79 -8.55 -26.79
C VAL B 58 26.93 -9.77 -25.90
N ALA B 59 27.69 -10.77 -26.38
CA ALA B 59 27.87 -12.02 -25.65
C ALA B 59 29.34 -12.37 -25.56
N CYS B 60 29.72 -12.98 -24.43
CA CYS B 60 31.06 -13.52 -24.24
C CYS B 60 30.93 -14.91 -23.66
N VAL B 61 31.41 -15.92 -24.38
CA VAL B 61 31.31 -17.31 -23.98
C VAL B 61 32.72 -17.83 -23.71
N ARG B 62 32.95 -18.29 -22.48
CA ARG B 62 34.23 -18.81 -22.07
C ARG B 62 34.16 -20.34 -22.05
N VAL B 63 35.04 -20.99 -22.80
CA VAL B 63 35.08 -22.44 -22.92
C VAL B 63 36.34 -22.94 -22.24
N GLU B 64 36.18 -23.85 -21.27
CA GLU B 64 37.28 -24.45 -20.54
C GLU B 64 37.22 -25.96 -20.73
N ALA B 65 38.23 -26.52 -21.38
CA ALA B 65 38.30 -27.96 -21.64
C ALA B 65 39.65 -28.48 -21.18
N LEU B 66 39.63 -29.43 -20.26
CA LEU B 66 40.86 -30.08 -19.83
C LEU B 66 41.45 -30.88 -20.98
N GLY B 67 42.76 -30.74 -21.20
CA GLY B 67 43.42 -31.46 -22.25
C GLY B 67 43.39 -30.80 -23.62
N GLY B 68 42.97 -29.53 -23.70
CA GLY B 68 43.02 -28.81 -24.95
C GLY B 68 41.94 -29.23 -25.94
N TYR B 69 42.19 -28.89 -27.21
CA TYR B 69 41.21 -29.08 -28.27
C TYR B 69 41.89 -29.70 -29.48
N GLY B 70 41.08 -30.32 -30.34
CA GLY B 70 41.56 -30.91 -31.55
C GLY B 70 42.01 -29.85 -32.55
N PRO B 71 42.43 -30.30 -33.74
CA PRO B 71 43.02 -29.36 -34.70
C PRO B 71 42.03 -28.36 -35.25
N SER B 72 40.81 -28.80 -35.57
CA SER B 72 39.78 -27.93 -36.11
C SER B 72 38.60 -27.75 -35.17
N GLU B 73 38.70 -28.24 -33.92
CA GLU B 73 37.53 -28.17 -33.04
C GLU B 73 37.19 -26.76 -32.60
N PRO B 74 38.14 -25.88 -32.23
CA PRO B 74 37.73 -24.54 -31.79
C PRO B 74 36.99 -23.74 -32.86
N GLU B 75 37.36 -23.90 -34.13
CA GLU B 75 36.64 -23.22 -35.20
C GLU B 75 35.19 -23.70 -35.29
N LYS B 76 34.97 -25.01 -35.15
CA LYS B 76 33.61 -25.53 -35.24
C LYS B 76 32.77 -25.10 -34.04
N VAL B 77 33.38 -25.02 -32.86
CA VAL B 77 32.64 -24.61 -31.68
C VAL B 77 32.18 -23.16 -31.82
N THR B 78 33.07 -22.28 -32.30
CA THR B 78 32.70 -20.88 -32.49
C THR B 78 31.52 -20.74 -33.47
N LYS B 79 31.53 -21.53 -34.55
CA LYS B 79 30.45 -21.47 -35.53
C LYS B 79 29.11 -21.81 -34.89
N VAL B 80 29.05 -22.90 -34.13
CA VAL B 80 27.79 -23.32 -33.54
C VAL B 80 27.37 -22.39 -32.41
N VAL B 81 28.33 -22.01 -31.55
CA VAL B 81 28.01 -21.14 -30.42
C VAL B 81 27.53 -19.78 -30.91
N THR B 82 28.20 -19.23 -31.93
CA THR B 82 27.79 -17.93 -32.46
C THR B 82 26.38 -18.01 -33.07
N ASP B 83 26.10 -19.08 -33.81
CA ASP B 83 24.77 -19.26 -34.38
C ASP B 83 23.71 -19.39 -33.29
N ALA B 84 24.01 -20.20 -32.26
CA ALA B 84 23.04 -20.41 -31.18
C ALA B 84 22.75 -19.11 -30.44
N ILE B 85 23.80 -18.41 -30.02
CA ILE B 85 23.62 -17.16 -29.29
C ILE B 85 22.86 -16.15 -30.14
N SER B 86 23.18 -16.07 -31.44
CA SER B 86 22.48 -15.16 -32.33
C SER B 86 21.00 -15.51 -32.40
N TYR B 87 20.68 -16.80 -32.52
CA TYR B 87 19.28 -17.22 -32.61
C TYR B 87 18.57 -17.02 -31.28
N VAL B 88 19.19 -17.45 -30.18
CA VAL B 88 18.50 -17.45 -28.90
C VAL B 88 18.35 -16.04 -28.35
N CYS B 89 19.42 -15.23 -28.42
CA CYS B 89 19.44 -13.94 -27.76
C CYS B 89 19.23 -12.76 -28.71
N GLY B 90 19.30 -12.98 -30.02
CA GLY B 90 19.21 -11.87 -30.96
C GLY B 90 20.46 -11.03 -31.05
N ILE B 91 21.57 -11.47 -30.49
CA ILE B 91 22.83 -10.74 -30.55
C ILE B 91 23.48 -10.98 -31.90
N VAL B 92 23.98 -9.90 -32.51
CA VAL B 92 24.62 -10.02 -33.82
C VAL B 92 25.94 -10.76 -33.68
N ALA B 93 26.40 -11.32 -34.81
CA ALA B 93 27.57 -12.18 -34.79
C ALA B 93 28.85 -11.41 -34.45
N ASP B 94 28.97 -10.18 -34.96
CA ASP B 94 30.17 -9.39 -34.70
C ASP B 94 30.20 -8.79 -33.30
N ARG B 95 29.33 -9.24 -32.40
CA ARG B 95 29.32 -8.84 -31.01
C ARG B 95 29.25 -10.08 -30.11
N ILE B 96 29.89 -11.16 -30.54
CA ILE B 96 29.91 -12.42 -29.79
C ILE B 96 31.35 -12.90 -29.73
N PHE B 97 31.92 -12.90 -28.53
CA PHE B 97 33.25 -13.43 -28.28
C PHE B 97 33.13 -14.87 -27.76
N VAL B 98 34.09 -15.70 -28.16
CA VAL B 98 34.18 -17.08 -27.71
C VAL B 98 35.63 -17.34 -27.34
N LEU B 99 35.91 -17.41 -26.04
CA LEU B 99 37.27 -17.62 -25.55
C LEU B 99 37.47 -19.08 -25.18
N TYR B 100 38.64 -19.62 -25.50
CA TYR B 100 38.97 -21.01 -25.25
C TYR B 100 40.15 -21.09 -24.28
N PHE B 101 39.98 -21.87 -23.22
CA PHE B 101 41.02 -22.07 -22.21
C PHE B 101 41.15 -23.55 -21.92
N SER B 102 42.26 -23.90 -21.28
CA SER B 102 42.49 -25.27 -20.85
C SER B 102 43.11 -25.25 -19.46
N PRO B 103 42.36 -25.60 -18.42
CA PRO B 103 42.91 -25.57 -17.06
C PRO B 103 44.04 -26.57 -16.91
N LEU B 104 44.97 -26.24 -16.00
CA LEU B 104 46.08 -27.15 -15.73
C LEU B 104 45.59 -28.45 -15.12
N HIS B 105 44.63 -28.36 -14.20
CA HIS B 105 44.02 -29.52 -13.59
C HIS B 105 42.54 -29.24 -13.36
N CYS B 106 41.77 -30.30 -13.18
CA CYS B 106 40.33 -30.18 -12.95
C CYS B 106 39.90 -31.25 -11.97
N GLY B 107 39.34 -30.82 -10.84
CA GLY B 107 38.86 -31.74 -9.82
C GLY B 107 37.38 -31.99 -9.95
N TRP B 108 36.98 -33.24 -9.76
CA TRP B 108 35.58 -33.63 -9.81
C TRP B 108 35.37 -34.84 -8.92
N ASN B 109 34.24 -34.86 -8.22
CA ASN B 109 33.89 -35.94 -7.29
C ASN B 109 34.96 -36.12 -6.21
N GLY B 110 35.58 -35.01 -5.80
CA GLY B 110 36.60 -35.04 -4.78
C GLY B 110 37.98 -35.46 -5.24
N THR B 111 38.14 -35.90 -6.48
CA THR B 111 39.42 -36.33 -7.01
C THR B 111 39.82 -35.42 -8.18
N ASN B 112 41.09 -35.01 -8.18
CA ASN B 112 41.59 -34.10 -9.20
C ASN B 112 41.90 -34.81 -10.53
N LEU B 113 41.72 -36.12 -10.61
CA LEU B 113 41.96 -36.85 -11.84
C LEU B 113 41.05 -36.35 -12.96
N SER C 2 -12.89 -16.10 -25.89
CA SER C 2 -13.86 -15.42 -26.73
C SER C 2 -13.70 -15.80 -28.20
N VAL C 3 -12.46 -15.96 -28.64
CA VAL C 3 -12.13 -16.36 -29.99
C VAL C 3 -11.38 -17.69 -29.92
N ASN C 4 -11.99 -18.75 -30.44
CA ASN C 4 -11.43 -20.09 -30.36
C ASN C 4 -10.80 -20.42 -31.71
N THR C 5 -9.48 -20.62 -31.70
CA THR C 5 -8.71 -20.91 -32.90
C THR C 5 -8.19 -22.34 -32.82
N SER C 6 -8.37 -23.10 -33.90
CA SER C 6 -7.96 -24.49 -33.95
C SER C 6 -7.31 -24.80 -35.29
N PHE C 7 -6.19 -25.53 -35.25
CA PHE C 7 -5.47 -25.95 -36.44
C PHE C 7 -5.89 -27.37 -36.78
N LEU C 8 -6.67 -27.53 -37.86
CA LEU C 8 -6.93 -28.87 -38.39
C LEU C 8 -5.73 -29.38 -39.18
N SER C 9 -4.93 -28.47 -39.73
CA SER C 9 -3.68 -28.79 -40.42
C SER C 9 -2.82 -27.53 -40.36
N PRO C 10 -1.56 -27.61 -40.80
CA PRO C 10 -0.74 -26.38 -40.82
C PRO C 10 -1.38 -25.21 -41.53
N SER C 11 -2.12 -25.45 -42.61
CA SER C 11 -2.72 -24.39 -43.41
C SER C 11 -4.24 -24.41 -43.37
N LEU C 12 -4.84 -25.01 -42.35
CA LEU C 12 -6.30 -25.08 -42.24
C LEU C 12 -6.69 -24.76 -40.80
N VAL C 13 -7.31 -23.60 -40.59
CA VAL C 13 -7.61 -23.09 -39.27
C VAL C 13 -9.09 -22.74 -39.20
N THR C 14 -9.74 -23.16 -38.12
CA THR C 14 -11.12 -22.77 -37.82
C THR C 14 -11.10 -21.70 -36.74
N ILE C 15 -11.78 -20.58 -36.99
CA ILE C 15 -11.79 -19.43 -36.10
C ILE C 15 -13.24 -19.19 -35.68
N ARG C 16 -13.52 -19.33 -34.39
CA ARG C 16 -14.86 -19.21 -33.83
C ARG C 16 -14.89 -18.00 -32.90
N ASP C 17 -15.64 -16.97 -33.29
CA ASP C 17 -15.77 -15.74 -32.50
C ASP C 17 -17.10 -15.82 -31.77
N PHE C 18 -17.04 -16.06 -30.46
CA PHE C 18 -18.27 -16.19 -29.67
C PHE C 18 -18.96 -14.85 -29.51
N ASP C 19 -18.21 -13.78 -29.28
CA ASP C 19 -18.82 -12.49 -28.99
C ASP C 19 -19.49 -11.89 -30.22
N LYS C 20 -18.86 -12.01 -31.38
CA LYS C 20 -19.43 -11.50 -32.62
C LYS C 20 -20.31 -12.52 -33.33
N GLY C 21 -20.41 -13.73 -32.79
CA GLY C 21 -21.27 -14.77 -33.35
C GLY C 21 -20.91 -15.14 -34.78
N GLN C 22 -19.63 -15.34 -35.03
CA GLN C 22 -19.13 -15.66 -36.36
C GLN C 22 -18.34 -16.95 -36.34
N PHE C 23 -18.22 -17.56 -37.52
CA PHE C 23 -17.37 -18.72 -37.73
C PHE C 23 -16.75 -18.59 -39.11
N ALA C 24 -15.42 -18.64 -39.17
CA ALA C 24 -14.71 -18.51 -40.43
C ALA C 24 -13.65 -19.61 -40.53
N VAL C 25 -13.35 -20.00 -41.76
CA VAL C 25 -12.32 -20.98 -42.05
C VAL C 25 -11.16 -20.26 -42.71
N LEU C 26 -9.99 -20.29 -42.07
CA LEU C 26 -8.79 -19.71 -42.64
C LEU C 26 -7.97 -20.80 -43.32
N ARG C 27 -7.65 -20.58 -44.60
N ARG C 27 -7.67 -20.57 -44.60
CA ARG C 27 -6.79 -21.54 -45.28
CA ARG C 27 -6.85 -21.48 -45.41
C ARG C 27 -5.74 -20.82 -46.09
C ARG C 27 -5.70 -20.69 -46.01
N ILE C 28 -4.49 -21.28 -45.96
CA ILE C 28 -3.38 -20.73 -46.73
C ILE C 28 -3.33 -21.58 -48.00
N GLY C 29 -4.26 -21.30 -48.91
CA GLY C 29 -4.56 -22.17 -50.02
C GLY C 29 -3.47 -22.43 -51.06
N ARG C 30 -2.95 -21.39 -51.69
CA ARG C 30 -2.04 -21.60 -52.83
C ARG C 30 -0.73 -22.25 -52.40
N THR C 31 -0.20 -21.86 -51.24
CA THR C 31 1.12 -22.32 -50.84
C THR C 31 1.10 -23.45 -49.82
N GLY C 32 0.01 -23.58 -49.05
CA GLY C 32 0.01 -24.55 -47.97
C GLY C 32 0.91 -24.19 -46.81
N PHE C 33 1.33 -22.92 -46.72
CA PHE C 33 2.21 -22.50 -45.65
C PHE C 33 1.45 -22.48 -44.32
N PRO C 34 2.16 -22.62 -43.19
CA PRO C 34 1.48 -22.58 -41.90
C PRO C 34 0.93 -21.20 -41.61
N ALA C 35 -0.30 -21.16 -41.10
CA ALA C 35 -0.92 -19.90 -40.74
C ALA C 35 -0.23 -19.32 -39.52
N ASP C 36 0.34 -18.11 -39.68
CA ASP C 36 0.97 -17.42 -38.57
C ASP C 36 -0.02 -16.47 -37.92
N LYS C 37 0.44 -15.73 -36.92
CA LYS C 37 -0.44 -14.79 -36.22
C LYS C 37 -0.91 -13.67 -37.14
N GLY C 38 -0.09 -13.30 -38.12
CA GLY C 38 -0.51 -12.28 -39.07
C GLY C 38 -1.67 -12.74 -39.93
N ASP C 39 -1.61 -13.98 -40.42
CA ASP C 39 -2.71 -14.52 -41.21
C ASP C 39 -4.00 -14.56 -40.40
N ILE C 40 -3.91 -14.94 -39.13
CA ILE C 40 -5.09 -15.00 -38.27
C ILE C 40 -5.63 -13.61 -38.01
N ASP C 41 -4.75 -12.63 -37.80
CA ASP C 41 -5.19 -11.25 -37.63
C ASP C 41 -5.90 -10.74 -38.87
N LEU C 42 -5.39 -11.10 -40.06
CA LEU C 42 -6.05 -10.70 -41.30
C LEU C 42 -7.43 -11.31 -41.40
N CYS C 43 -7.56 -12.59 -41.03
CA CYS C 43 -8.86 -13.25 -41.08
C CYS C 43 -9.85 -12.57 -40.15
N LEU C 44 -9.41 -12.23 -38.93
CA LEU C 44 -10.28 -11.53 -38.00
C LEU C 44 -10.66 -10.14 -38.51
N SER C 45 -9.78 -9.51 -39.28
CA SER C 45 -10.12 -8.21 -39.85
C SER C 45 -11.22 -8.33 -40.91
N LYS C 46 -11.13 -9.34 -41.77
CA LYS C 46 -12.15 -9.53 -42.78
C LYS C 46 -13.47 -10.00 -42.17
N MET C 47 -13.40 -10.74 -41.07
CA MET C 47 -14.61 -11.09 -40.34
C MET C 47 -15.26 -9.85 -39.76
N ASP C 48 -14.46 -8.87 -39.33
CA ASP C 48 -15.02 -7.59 -38.88
C ASP C 48 -15.67 -6.85 -40.03
N GLY C 49 -15.04 -6.87 -41.21
CA GLY C 49 -15.58 -6.14 -42.35
C GLY C 49 -16.92 -6.68 -42.81
N VAL C 50 -17.07 -8.00 -42.84
CA VAL C 50 -18.35 -8.61 -43.17
C VAL C 50 -19.40 -8.20 -42.15
N LEU C 51 -19.02 -8.12 -40.88
CA LEU C 51 -19.93 -7.65 -39.85
C LEU C 51 -20.26 -6.17 -40.03
N ALA C 52 -19.30 -5.38 -40.50
CA ALA C 52 -19.58 -3.96 -40.77
C ALA C 52 -20.48 -3.80 -41.99
N ALA C 53 -20.25 -4.63 -43.02
CA ALA C 53 -21.13 -4.59 -44.19
C ALA C 53 -22.53 -5.09 -43.86
N GLN C 54 -22.66 -5.96 -42.86
CA GLN C 54 -23.97 -6.41 -42.44
C GLN C 54 -24.80 -5.27 -41.88
N LEU C 55 -24.19 -4.42 -41.05
CA LEU C 55 -24.93 -3.30 -40.46
C LEU C 55 -25.36 -2.30 -41.52
N TYR C 56 -24.66 -2.24 -42.65
CA TYR C 56 -25.11 -1.40 -43.75
C TYR C 56 -26.44 -1.90 -44.33
N LEU C 57 -26.66 -3.21 -44.28
CA LEU C 57 -27.90 -3.82 -44.75
C LEU C 57 -29.00 -3.79 -43.69
N GLY C 58 -28.64 -3.83 -42.42
CA GLY C 58 -29.60 -3.81 -41.33
C GLY C 58 -29.05 -4.47 -40.08
N ASN C 59 -29.57 -4.04 -38.94
CA ASN C 59 -29.17 -4.60 -37.66
C ASN C 59 -29.72 -6.00 -37.49
N PRO C 60 -28.88 -7.05 -37.42
CA PRO C 60 -29.43 -8.41 -37.30
C PRO C 60 -29.97 -8.72 -35.91
N ARG C 61 -29.56 -7.98 -34.88
CA ARG C 61 -30.11 -8.20 -33.55
C ARG C 61 -31.54 -7.69 -33.41
N GLU C 62 -32.03 -6.96 -34.40
CA GLU C 62 -33.40 -6.49 -34.39
C GLU C 62 -34.37 -7.66 -34.34
N PRO C 63 -35.35 -7.65 -33.43
CA PRO C 63 -36.33 -8.75 -33.38
C PRO C 63 -37.08 -8.86 -34.70
N GLY C 64 -37.27 -10.10 -35.15
CA GLY C 64 -37.97 -10.33 -36.40
C GLY C 64 -37.24 -9.78 -37.61
N PHE C 65 -35.90 -9.85 -37.59
CA PHE C 65 -35.08 -9.33 -38.66
C PHE C 65 -35.35 -10.11 -39.95
N LYS C 66 -35.93 -9.44 -40.94
CA LYS C 66 -36.28 -10.07 -42.22
C LYS C 66 -35.10 -10.16 -43.18
N GLY C 67 -33.86 -10.05 -42.69
CA GLY C 67 -32.72 -10.11 -43.55
C GLY C 67 -32.50 -8.83 -44.34
N PRO C 68 -31.59 -8.86 -45.31
CA PRO C 68 -30.76 -10.00 -45.72
C PRO C 68 -29.57 -10.22 -44.80
N HIS C 69 -29.14 -11.48 -44.65
CA HIS C 69 -27.94 -11.80 -43.90
C HIS C 69 -26.74 -11.90 -44.83
N ILE C 70 -25.60 -11.42 -44.37
CA ILE C 70 -24.34 -11.57 -45.08
C ILE C 70 -23.34 -12.17 -44.11
N ARG C 71 -22.91 -13.40 -44.38
CA ARG C 71 -22.12 -14.19 -43.46
C ARG C 71 -20.80 -14.57 -44.11
N ILE C 72 -19.71 -14.38 -43.38
CA ILE C 72 -18.40 -14.81 -43.86
C ILE C 72 -18.28 -16.33 -43.68
N ARG C 73 -17.62 -16.98 -44.63
CA ARG C 73 -17.44 -18.42 -44.60
C ARG C 73 -15.99 -18.85 -44.57
N CYS C 74 -15.13 -18.18 -45.33
CA CYS C 74 -13.74 -18.60 -45.44
C CYS C 74 -12.90 -17.45 -45.98
N VAL C 75 -11.68 -17.33 -45.45
CA VAL C 75 -10.66 -16.42 -45.98
C VAL C 75 -9.53 -17.28 -46.51
N ASP C 76 -9.29 -17.21 -47.81
CA ASP C 76 -8.25 -17.99 -48.47
C ASP C 76 -7.10 -17.04 -48.81
N ILE C 77 -5.97 -17.22 -48.13
CA ILE C 77 -4.82 -16.33 -48.25
C ILE C 77 -3.85 -16.88 -49.28
N ASP C 78 -3.51 -16.07 -50.26
CA ASP C 78 -2.46 -16.37 -51.23
C ASP C 78 -1.24 -15.52 -50.84
N ASP C 79 -0.23 -16.16 -50.26
CA ASP C 79 0.98 -15.47 -49.83
C ASP C 79 2.22 -15.98 -50.56
N LYS C 80 2.05 -16.45 -51.79
CA LYS C 80 3.18 -16.92 -52.58
C LYS C 80 4.12 -15.77 -52.92
N HIS C 81 3.69 -14.89 -53.83
CA HIS C 81 4.44 -13.69 -54.13
C HIS C 81 3.86 -12.51 -53.36
N THR C 82 2.90 -11.82 -53.95
CA THR C 82 2.21 -10.75 -53.26
C THR C 82 1.29 -11.32 -52.18
N TYR C 83 0.81 -10.43 -51.32
CA TYR C 83 -0.06 -10.80 -50.21
C TYR C 83 -1.51 -10.54 -50.62
N ASN C 84 -2.25 -11.61 -50.86
CA ASN C 84 -3.62 -11.52 -51.35
C ASN C 84 -4.54 -12.39 -50.49
N ALA C 85 -5.83 -12.08 -50.57
CA ALA C 85 -6.83 -12.83 -49.82
C ALA C 85 -8.13 -12.87 -50.60
N MET C 86 -8.75 -14.04 -50.63
CA MET C 86 -10.08 -14.23 -51.21
C MET C 86 -11.05 -14.51 -50.07
N VAL C 87 -12.09 -13.69 -49.95
CA VAL C 87 -13.06 -13.78 -48.87
C VAL C 87 -14.36 -14.36 -49.43
N TYR C 88 -14.73 -15.54 -48.95
CA TYR C 88 -15.96 -16.20 -49.36
C TYR C 88 -17.07 -15.83 -48.38
N VAL C 89 -18.13 -15.20 -48.89
CA VAL C 89 -19.25 -14.77 -48.06
C VAL C 89 -20.53 -15.32 -48.65
N ASP C 90 -21.53 -15.50 -47.79
CA ASP C 90 -22.87 -15.92 -48.19
C ASP C 90 -23.83 -14.76 -47.99
N LEU C 91 -24.65 -14.50 -49.00
CA LEU C 91 -25.76 -13.56 -48.89
C LEU C 91 -27.05 -14.36 -48.80
N ILE C 92 -27.74 -14.25 -47.67
CA ILE C 92 -28.97 -15.00 -47.41
C ILE C 92 -30.14 -14.03 -47.44
N VAL C 93 -31.06 -14.23 -48.38
CA VAL C 93 -32.28 -13.45 -48.48
C VAL C 93 -33.46 -14.36 -48.16
N GLY C 94 -34.55 -13.73 -47.70
CA GLY C 94 -35.75 -14.50 -47.43
C GLY C 94 -36.32 -15.10 -48.70
N THR C 95 -36.88 -16.31 -48.59
CA THR C 95 -37.42 -16.98 -49.75
C THR C 95 -38.62 -16.24 -50.34
N GLY C 96 -39.33 -15.48 -49.52
CA GLY C 96 -40.46 -14.71 -49.99
C GLY C 96 -40.11 -13.42 -50.70
N ALA C 97 -38.84 -13.04 -50.72
CA ALA C 97 -38.43 -11.78 -51.36
C ALA C 97 -38.49 -11.92 -52.87
N SER C 98 -38.86 -10.82 -53.53
CA SER C 98 -38.97 -10.80 -54.98
C SER C 98 -37.58 -10.73 -55.62
N GLU C 99 -37.55 -10.93 -56.94
CA GLU C 99 -36.29 -10.87 -57.67
C GLU C 99 -35.71 -9.46 -57.65
N VAL C 100 -36.55 -8.43 -57.61
CA VAL C 100 -36.07 -7.07 -57.51
C VAL C 100 -35.42 -6.82 -56.16
N GLU C 101 -36.10 -7.23 -55.08
CA GLU C 101 -35.51 -7.14 -53.75
C GLU C 101 -34.26 -8.00 -53.64
N ARG C 102 -34.26 -9.17 -54.29
CA ARG C 102 -33.12 -10.07 -54.23
C ARG C 102 -31.89 -9.44 -54.87
N GLU C 103 -32.03 -8.96 -56.11
CA GLU C 103 -30.90 -8.34 -56.80
C GLU C 103 -30.54 -6.99 -56.21
N THR C 104 -31.47 -6.31 -55.54
CA THR C 104 -31.14 -5.06 -54.88
C THR C 104 -30.29 -5.31 -53.64
N ALA C 105 -30.69 -6.28 -52.82
CA ALA C 105 -29.83 -6.70 -51.71
C ALA C 105 -28.49 -7.24 -52.23
N GLU C 106 -28.50 -7.87 -53.39
CA GLU C 106 -27.26 -8.36 -53.99
C GLU C 106 -26.31 -7.22 -54.32
N GLU C 107 -26.84 -6.16 -54.94
CA GLU C 107 -25.99 -5.02 -55.30
C GLU C 107 -25.57 -4.21 -54.08
N ARG C 108 -26.44 -4.10 -53.08
CA ARG C 108 -26.08 -3.37 -51.87
C ARG C 108 -24.96 -4.08 -51.10
N ALA C 109 -25.04 -5.40 -50.99
CA ALA C 109 -24.02 -6.15 -50.28
C ALA C 109 -22.66 -6.01 -50.97
N ARG C 110 -22.65 -6.09 -52.30
CA ARG C 110 -21.40 -5.96 -53.04
C ARG C 110 -20.79 -4.57 -52.86
N ARG C 111 -21.64 -3.53 -52.88
CA ARG C 111 -21.15 -2.18 -52.65
C ARG C 111 -20.52 -2.07 -51.26
N ALA C 112 -21.20 -2.62 -50.25
CA ALA C 112 -20.69 -2.52 -48.88
C ALA C 112 -19.42 -3.35 -48.71
N LEU C 113 -19.42 -4.59 -49.23
CA LEU C 113 -18.24 -5.43 -49.09
C LEU C 113 -17.02 -4.82 -49.75
N ALA C 114 -17.22 -4.16 -50.90
CA ALA C 114 -16.11 -3.53 -51.60
C ALA C 114 -15.39 -2.53 -50.72
N VAL C 115 -16.14 -1.78 -49.90
CA VAL C 115 -15.54 -0.84 -48.98
C VAL C 115 -15.06 -1.55 -47.71
N ALA C 116 -15.89 -2.43 -47.16
CA ALA C 116 -15.58 -3.07 -45.89
C ALA C 116 -14.36 -3.96 -45.99
N LEU C 117 -14.23 -4.71 -47.09
CA LEU C 117 -13.11 -5.61 -47.28
C LEU C 117 -11.92 -4.96 -47.99
N ARG C 118 -12.08 -3.70 -48.41
CA ARG C 118 -11.02 -2.95 -49.08
C ARG C 118 -10.52 -3.70 -50.32
N VAL C 119 -11.45 -3.94 -51.24
CA VAL C 119 -11.17 -4.78 -52.40
C VAL C 119 -10.29 -4.03 -53.40
N ASP C 120 -9.35 -4.77 -53.99
CA ASP C 120 -8.48 -4.25 -55.06
C ASP C 120 -7.62 -3.09 -54.57
N GLU C 121 -7.13 -3.20 -53.33
CA GLU C 121 -6.22 -2.22 -52.77
C GLU C 121 -5.60 -2.79 -51.50
N ALA C 122 -4.35 -2.43 -51.24
CA ALA C 122 -3.67 -2.89 -50.04
C ALA C 122 -4.34 -2.31 -48.80
N ASP C 123 -4.56 -3.16 -47.81
CA ASP C 123 -5.29 -2.78 -46.61
C ASP C 123 -4.31 -2.51 -45.46
N GLU C 124 -4.80 -2.60 -44.22
CA GLU C 124 -3.95 -2.35 -43.06
C GLU C 124 -2.81 -3.34 -42.97
N HIS C 125 -3.05 -4.59 -43.39
CA HIS C 125 -2.03 -5.64 -43.34
C HIS C 125 -1.30 -5.80 -44.67
N SER C 126 -1.35 -4.79 -45.54
CA SER C 126 -0.67 -4.82 -46.84
C SER C 126 -1.17 -5.99 -47.69
N CYS C 127 -2.48 -6.24 -47.64
CA CYS C 127 -3.10 -7.36 -48.34
C CYS C 127 -4.11 -6.84 -49.35
N VAL C 128 -4.00 -7.31 -50.58
CA VAL C 128 -4.97 -6.98 -51.63
C VAL C 128 -6.10 -8.00 -51.56
N THR C 129 -7.30 -7.52 -51.28
CA THR C 129 -8.43 -8.39 -51.00
C THR C 129 -9.37 -8.46 -52.18
N GLN C 130 -9.94 -9.64 -52.41
CA GLN C 130 -11.08 -9.85 -53.29
C GLN C 130 -12.07 -10.74 -52.57
N PHE C 131 -13.32 -10.74 -53.04
CA PHE C 131 -14.34 -11.54 -52.40
C PHE C 131 -15.20 -12.25 -53.44
N GLU C 132 -15.93 -13.26 -52.95
CA GLU C 132 -16.82 -14.06 -53.79
C GLU C 132 -18.10 -14.28 -53.01
N MET C 133 -19.23 -13.84 -53.56
CA MET C 133 -20.50 -13.85 -52.86
C MET C 133 -21.38 -14.97 -53.41
N LYS C 134 -21.90 -15.80 -52.53
CA LYS C 134 -22.82 -16.87 -52.89
C LYS C 134 -24.21 -16.50 -52.41
N LEU C 135 -25.17 -16.43 -53.35
CA LEU C 135 -26.53 -16.06 -53.01
C LEU C 135 -27.29 -17.29 -52.51
N ARG C 136 -28.00 -17.13 -51.40
CA ARG C 136 -28.84 -18.17 -50.84
C ARG C 136 -30.20 -17.61 -50.50
N GLU C 137 -31.21 -18.48 -50.53
CA GLU C 137 -32.57 -18.15 -50.11
C GLU C 137 -32.99 -19.12 -49.02
N GLU C 138 -33.47 -18.58 -47.90
CA GLU C 138 -33.87 -19.38 -46.75
C GLU C 138 -35.12 -18.80 -46.13
N LEU C 139 -35.92 -19.69 -45.53
CA LEU C 139 -37.09 -19.29 -44.76
C LEU C 139 -36.57 -18.77 -43.41
N LEU C 140 -36.44 -17.45 -43.31
CA LEU C 140 -35.70 -16.87 -42.19
C LEU C 140 -36.37 -17.09 -40.85
N SER C 141 -37.66 -17.39 -40.82
CA SER C 141 -38.35 -17.66 -39.57
C SER C 141 -38.41 -19.15 -39.23
N SER C 142 -37.87 -20.01 -40.09
CA SER C 142 -37.87 -21.45 -39.82
C SER C 142 -37.02 -21.77 -38.60
N ASP C 143 -37.48 -22.75 -37.82
CA ASP C 143 -36.73 -23.17 -36.64
C ASP C 143 -35.43 -23.88 -37.01
N SER C 144 -35.29 -24.34 -38.25
CA SER C 144 -34.09 -25.04 -38.69
C SER C 144 -33.15 -24.14 -39.49
N PHE C 145 -33.30 -22.83 -39.37
CA PHE C 145 -32.43 -21.88 -40.06
C PHE C 145 -31.49 -21.20 -39.07
N HIS C 146 -30.23 -21.05 -39.47
CA HIS C 146 -29.25 -20.25 -38.77
C HIS C 146 -28.36 -19.65 -39.85
N PRO C 147 -27.98 -18.38 -39.73
CA PRO C 147 -27.14 -17.78 -40.77
C PRO C 147 -25.81 -18.48 -40.96
N ASP C 148 -25.29 -19.14 -39.92
CA ASP C 148 -24.02 -19.86 -39.98
C ASP C 148 -24.22 -21.36 -39.84
N LYS C 149 -25.27 -21.89 -40.45
CA LYS C 149 -25.51 -23.33 -40.47
C LYS C 149 -24.28 -24.05 -41.01
N ASP C 150 -23.86 -25.12 -40.32
CA ASP C 150 -22.58 -25.74 -40.65
C ASP C 150 -22.56 -26.36 -42.04
N GLU C 151 -23.72 -26.61 -42.63
CA GLU C 151 -23.75 -27.10 -44.01
C GLU C 151 -23.22 -26.06 -44.97
N TYR C 152 -23.31 -24.78 -44.62
CA TYR C 152 -22.83 -23.70 -45.48
C TYR C 152 -21.31 -23.68 -45.62
N TYR C 153 -20.58 -24.49 -44.86
CA TYR C 153 -19.12 -24.45 -44.84
C TYR C 153 -18.48 -25.68 -45.50
N LYS C 154 -19.27 -26.53 -46.16
CA LYS C 154 -18.75 -27.81 -46.64
C LYS C 154 -17.69 -27.62 -47.73
N ASP C 155 -17.76 -26.54 -48.50
CA ASP C 155 -16.81 -26.31 -49.57
C ASP C 155 -15.43 -25.92 -49.06
N PHE C 156 -15.30 -25.57 -47.78
CA PHE C 156 -14.03 -25.10 -47.24
C PHE C 156 -13.49 -25.97 -46.12
N LEU C 157 -14.26 -26.93 -45.62
CA LEU C 157 -13.77 -27.84 -44.59
C LEU C 157 -13.47 -29.21 -45.18
N PRO D 2 -16.21 14.35 -44.85
CA PRO D 2 -17.11 14.82 -43.79
C PRO D 2 -16.55 14.58 -42.39
N VAL D 3 -17.28 15.00 -41.36
CA VAL D 3 -16.89 14.81 -39.97
C VAL D 3 -18.06 14.20 -39.22
N ILE D 4 -17.79 13.15 -38.45
CA ILE D 4 -18.81 12.42 -37.71
C ILE D 4 -18.38 12.34 -36.25
N GLN D 5 -19.14 13.00 -35.39
CA GLN D 5 -18.89 12.97 -33.95
C GLN D 5 -19.89 12.02 -33.30
N THR D 6 -19.38 11.06 -32.52
CA THR D 6 -20.20 10.09 -31.83
C THR D 6 -20.17 10.36 -30.33
N PHE D 7 -21.31 10.73 -29.78
CA PHE D 7 -21.48 10.92 -28.34
C PHE D 7 -22.37 9.81 -27.82
N VAL D 8 -21.86 9.06 -26.84
CA VAL D 8 -22.63 7.99 -26.20
C VAL D 8 -22.46 8.09 -24.70
N SER D 9 -23.47 7.61 -23.97
CA SER D 9 -23.40 7.57 -22.51
C SER D 9 -22.65 6.34 -21.99
N THR D 10 -22.53 5.31 -22.82
CA THR D 10 -21.88 4.05 -22.46
C THR D 10 -20.41 4.09 -22.85
N PRO D 11 -19.58 3.26 -22.21
CA PRO D 11 -18.16 3.25 -22.55
C PRO D 11 -17.89 2.57 -23.89
N LEU D 12 -16.88 3.07 -24.59
CA LEU D 12 -16.46 2.55 -25.89
C LEU D 12 -15.02 2.06 -25.76
N ASP D 13 -14.80 0.78 -26.04
CA ASP D 13 -13.45 0.22 -26.07
C ASP D 13 -12.89 0.30 -27.49
N HIS D 14 -11.70 -0.26 -27.68
CA HIS D 14 -11.07 -0.23 -29.00
C HIS D 14 -11.90 -0.96 -30.03
N GLU D 15 -12.52 -2.08 -29.64
CA GLU D 15 -13.30 -2.86 -30.59
C GLU D 15 -14.54 -2.09 -31.05
N LYS D 16 -15.30 -1.54 -30.11
CA LYS D 16 -16.54 -0.85 -30.47
C LYS D 16 -16.26 0.38 -31.31
N ARG D 17 -15.21 1.14 -30.99
CA ARG D 17 -14.86 2.30 -31.80
C ARG D 17 -14.43 1.88 -33.20
N ASN D 18 -13.74 0.74 -33.32
CA ASN D 18 -13.27 0.30 -34.62
C ASN D 18 -14.41 -0.19 -35.50
N MET D 19 -15.39 -0.88 -34.91
CA MET D 19 -16.53 -1.36 -35.69
C MET D 19 -17.36 -0.19 -36.21
N LEU D 20 -17.57 0.83 -35.39
CA LEU D 20 -18.26 2.04 -35.86
C LEU D 20 -17.45 2.73 -36.95
N THR D 21 -16.12 2.76 -36.81
CA THR D 21 -15.28 3.37 -37.82
C THR D 21 -15.41 2.66 -39.15
N LYS D 22 -15.51 1.32 -39.12
CA LYS D 22 -15.68 0.56 -40.35
C LYS D 22 -17.03 0.82 -40.99
N VAL D 23 -18.10 0.88 -40.19
CA VAL D 23 -19.42 1.18 -40.73
C VAL D 23 -19.47 2.60 -41.28
N TYR D 24 -18.82 3.54 -40.58
CA TYR D 24 -18.80 4.92 -41.05
C TYR D 24 -18.06 5.05 -42.39
N ARG D 25 -17.04 4.22 -42.62
CA ARG D 25 -16.36 4.24 -43.90
C ARG D 25 -17.29 3.79 -45.03
N ILE D 26 -18.16 2.81 -44.75
CA ILE D 26 -19.10 2.35 -45.76
C ILE D 26 -20.14 3.44 -46.04
N VAL D 27 -20.61 4.12 -45.00
CA VAL D 27 -21.58 5.19 -45.19
C VAL D 27 -20.98 6.34 -45.98
N THR D 28 -19.75 6.72 -45.66
CA THR D 28 -19.09 7.81 -46.36
C THR D 28 -18.91 7.50 -47.84
N ASP D 29 -18.61 6.25 -48.16
CA ASP D 29 -18.31 5.86 -49.54
C ASP D 29 -19.56 5.58 -50.37
N THR D 30 -20.55 4.89 -49.79
CA THR D 30 -21.72 4.47 -50.55
C THR D 30 -22.82 5.53 -50.56
N ILE D 31 -23.17 6.05 -49.39
CA ILE D 31 -24.30 6.97 -49.27
C ILE D 31 -23.86 8.40 -49.58
N LEU D 32 -22.90 8.91 -48.80
CA LEU D 32 -22.43 10.28 -48.99
C LEU D 32 -21.59 10.45 -50.24
N GLY D 33 -21.14 9.37 -50.86
CA GLY D 33 -20.42 9.46 -52.13
C GLY D 33 -19.10 10.18 -52.02
N LYS D 34 -18.41 10.04 -50.90
CA LYS D 34 -17.13 10.68 -50.64
C LYS D 34 -16.08 9.64 -50.29
N PRO D 35 -14.80 9.96 -50.48
CA PRO D 35 -13.73 9.02 -50.13
C PRO D 35 -13.78 8.61 -48.67
N ALA D 36 -13.66 7.31 -48.43
CA ALA D 36 -13.73 6.78 -47.06
C ALA D 36 -12.55 7.21 -46.21
N GLU D 37 -11.46 7.69 -46.81
CA GLU D 37 -10.33 8.17 -46.05
C GLU D 37 -10.42 9.66 -45.72
N LEU D 38 -11.28 10.40 -46.40
CA LEU D 38 -11.42 11.83 -46.20
C LEU D 38 -12.37 12.20 -45.07
N VAL D 39 -13.00 11.21 -44.43
CA VAL D 39 -13.90 11.45 -43.32
C VAL D 39 -13.13 11.33 -42.02
N MET D 40 -13.37 12.26 -41.10
CA MET D 40 -12.76 12.26 -39.78
C MET D 40 -13.82 11.94 -38.74
N MET D 41 -13.51 11.01 -37.84
CA MET D 41 -14.47 10.50 -36.87
C MET D 41 -13.91 10.66 -35.47
N THR D 42 -14.64 11.36 -34.62
CA THR D 42 -14.29 11.53 -33.22
C THR D 42 -15.26 10.73 -32.35
N PHE D 43 -14.80 10.32 -31.18
CA PHE D 43 -15.58 9.47 -30.28
C PHE D 43 -15.52 10.04 -28.88
N HIS D 44 -16.68 10.14 -28.24
CA HIS D 44 -16.81 10.67 -26.88
C HIS D 44 -17.73 9.74 -26.10
N ASP D 45 -17.15 8.82 -25.33
CA ASP D 45 -17.90 7.85 -24.58
C ASP D 45 -18.10 8.31 -23.14
N SER D 46 -18.95 7.58 -22.42
CA SER D 46 -19.24 7.85 -21.00
C SER D 46 -19.69 9.29 -20.79
N THR D 47 -20.38 9.86 -21.77
CA THR D 47 -20.84 11.23 -21.66
C THR D 47 -22.10 11.30 -20.81
N PRO D 48 -22.13 12.14 -19.77
CA PRO D 48 -23.37 12.31 -19.00
C PRO D 48 -24.47 12.89 -19.88
N MET D 49 -25.53 12.11 -20.06
CA MET D 49 -26.59 12.46 -20.99
C MET D 49 -27.94 12.13 -20.37
N HIS D 50 -28.87 13.09 -20.44
CA HIS D 50 -30.24 12.90 -19.99
C HIS D 50 -31.17 13.01 -21.19
N PHE D 51 -32.14 12.10 -21.27
CA PHE D 51 -33.06 12.06 -22.40
C PHE D 51 -34.27 11.23 -22.04
N PHE D 52 -35.47 11.77 -22.33
CA PHE D 52 -36.74 11.10 -22.06
C PHE D 52 -36.87 10.73 -20.59
N GLY D 53 -36.39 11.60 -19.70
CA GLY D 53 -36.57 11.41 -18.28
C GLY D 53 -35.74 10.32 -17.66
N SER D 54 -34.65 9.89 -18.30
CA SER D 54 -33.81 8.85 -17.73
C SER D 54 -32.38 9.02 -18.23
N THR D 55 -31.45 8.40 -17.52
CA THR D 55 -30.06 8.34 -17.93
C THR D 55 -29.69 6.99 -18.54
N ASP D 56 -30.69 6.26 -19.05
CA ASP D 56 -30.45 5.00 -19.74
C ASP D 56 -29.55 5.23 -20.95
N PRO D 57 -28.89 4.19 -21.45
CA PRO D 57 -28.00 4.34 -22.60
C PRO D 57 -28.63 5.13 -23.74
N VAL D 58 -27.84 6.04 -24.31
CA VAL D 58 -28.35 7.01 -25.27
C VAL D 58 -27.17 7.49 -26.10
N ALA D 59 -27.42 7.79 -27.37
CA ALA D 59 -26.37 8.21 -28.29
C ALA D 59 -26.82 9.44 -29.08
N CYS D 60 -25.84 10.27 -29.44
CA CYS D 60 -26.07 11.43 -30.28
C CYS D 60 -24.92 11.55 -31.26
N VAL D 61 -25.22 11.47 -32.56
CA VAL D 61 -24.22 11.50 -33.61
C VAL D 61 -24.39 12.77 -34.42
N ARG D 62 -23.29 13.50 -34.62
CA ARG D 62 -23.28 14.74 -35.40
C ARG D 62 -22.55 14.50 -36.71
N VAL D 63 -23.24 14.71 -37.82
CA VAL D 63 -22.67 14.56 -39.16
C VAL D 63 -22.50 15.95 -39.76
N GLU D 64 -21.29 16.24 -40.24
CA GLU D 64 -20.98 17.52 -40.86
C GLU D 64 -20.41 17.26 -42.25
N ALA D 65 -21.14 17.68 -43.28
CA ALA D 65 -20.70 17.57 -44.66
C ALA D 65 -20.65 18.96 -45.27
N LEU D 66 -19.56 19.26 -45.98
CA LEU D 66 -19.30 20.61 -46.44
C LEU D 66 -20.34 21.05 -47.47
N GLY D 67 -20.42 20.33 -48.60
CA GLY D 67 -21.33 20.73 -49.66
C GLY D 67 -22.80 20.63 -49.28
N GLY D 68 -23.13 19.76 -48.33
CA GLY D 68 -24.51 19.56 -47.96
C GLY D 68 -24.91 18.10 -48.02
N TYR D 69 -26.18 17.83 -48.26
CA TYR D 69 -26.67 16.46 -48.30
C TYR D 69 -27.60 16.29 -49.49
N GLY D 70 -27.33 15.25 -50.29
CA GLY D 70 -28.14 14.96 -51.43
C GLY D 70 -29.51 14.44 -51.04
N PRO D 71 -30.34 14.15 -52.04
CA PRO D 71 -31.70 13.65 -51.76
C PRO D 71 -31.66 12.24 -51.20
N SER D 72 -32.47 12.00 -50.16
CA SER D 72 -32.61 10.75 -49.43
C SER D 72 -31.31 10.29 -48.76
N GLU D 73 -30.21 11.02 -48.92
CA GLU D 73 -28.96 10.62 -48.26
C GLU D 73 -29.05 10.68 -46.73
N PRO D 74 -29.55 11.75 -46.11
CA PRO D 74 -29.62 11.75 -44.63
C PRO D 74 -30.51 10.67 -44.08
N GLU D 75 -31.53 10.25 -44.83
CA GLU D 75 -32.41 9.18 -44.35
C GLU D 75 -31.66 7.85 -44.31
N LYS D 76 -30.77 7.61 -45.26
CA LYS D 76 -30.00 6.37 -45.27
C LYS D 76 -28.89 6.40 -44.22
N VAL D 77 -28.22 7.55 -44.07
CA VAL D 77 -27.20 7.69 -43.03
C VAL D 77 -27.80 7.44 -41.65
N THR D 78 -28.98 8.03 -41.40
CA THR D 78 -29.63 7.83 -40.10
C THR D 78 -29.95 6.36 -39.85
N LYS D 79 -30.42 5.66 -40.88
CA LYS D 79 -30.78 4.25 -40.70
C LYS D 79 -29.56 3.40 -40.40
N VAL D 80 -28.47 3.59 -41.15
CA VAL D 80 -27.28 2.77 -40.95
C VAL D 80 -26.59 3.13 -39.63
N VAL D 81 -26.50 4.42 -39.32
CA VAL D 81 -25.87 4.84 -38.07
C VAL D 81 -26.68 4.38 -36.87
N THR D 82 -28.01 4.48 -36.95
CA THR D 82 -28.85 4.00 -35.86
C THR D 82 -28.72 2.49 -35.71
N ASP D 83 -28.68 1.76 -36.83
CA ASP D 83 -28.47 0.32 -36.76
C ASP D 83 -27.10 -0.01 -36.16
N ALA D 84 -26.06 0.69 -36.60
CA ALA D 84 -24.71 0.39 -36.14
C ALA D 84 -24.56 0.71 -34.65
N ILE D 85 -25.00 1.90 -34.22
CA ILE D 85 -24.90 2.28 -32.82
C ILE D 85 -25.68 1.30 -31.95
N SER D 86 -26.87 0.89 -32.41
CA SER D 86 -27.69 -0.03 -31.64
C SER D 86 -27.02 -1.39 -31.49
N TYR D 87 -26.46 -1.91 -32.58
CA TYR D 87 -25.79 -3.20 -32.53
C TYR D 87 -24.52 -3.14 -31.70
N VAL D 88 -23.70 -2.12 -31.91
CA VAL D 88 -22.39 -2.06 -31.29
C VAL D 88 -22.48 -1.68 -29.82
N CYS D 89 -23.34 -0.70 -29.50
CA CYS D 89 -23.41 -0.17 -28.14
C CYS D 89 -24.57 -0.72 -27.32
N GLY D 90 -25.57 -1.33 -27.96
CA GLY D 90 -26.73 -1.81 -27.23
C GLY D 90 -27.69 -0.73 -26.82
N ILE D 91 -27.79 0.35 -27.61
CA ILE D 91 -28.68 1.46 -27.33
C ILE D 91 -29.91 1.33 -28.21
N VAL D 92 -31.09 1.40 -27.60
CA VAL D 92 -32.33 1.29 -28.36
C VAL D 92 -32.42 2.45 -29.35
N ALA D 93 -33.07 2.18 -30.50
CA ALA D 93 -33.12 3.16 -31.57
C ALA D 93 -33.81 4.45 -31.14
N ASP D 94 -34.86 4.34 -30.31
CA ASP D 94 -35.58 5.55 -29.91
C ASP D 94 -34.80 6.40 -28.89
N ARG D 95 -33.52 6.08 -28.66
CA ARG D 95 -32.63 6.88 -27.83
C ARG D 95 -31.36 7.24 -28.59
N ILE D 96 -31.46 7.36 -29.91
CA ILE D 96 -30.33 7.65 -30.77
C ILE D 96 -30.68 8.85 -31.64
N PHE D 97 -29.97 9.95 -31.44
CA PHE D 97 -30.11 11.15 -32.26
C PHE D 97 -29.02 11.18 -33.32
N VAL D 98 -29.38 11.62 -34.52
CA VAL D 98 -28.43 11.85 -35.61
C VAL D 98 -28.69 13.25 -36.14
N LEU D 99 -27.74 14.16 -35.90
CA LEU D 99 -27.85 15.55 -36.32
C LEU D 99 -26.99 15.77 -37.56
N TYR D 100 -27.51 16.56 -38.50
CA TYR D 100 -26.83 16.83 -39.76
C TYR D 100 -26.58 18.32 -39.87
N PHE D 101 -25.31 18.68 -40.05
CA PHE D 101 -24.90 20.08 -40.20
C PHE D 101 -24.07 20.22 -41.48
N SER D 102 -23.86 21.48 -41.86
CA SER D 102 -23.01 21.81 -43.00
C SER D 102 -22.21 23.06 -42.68
N PRO D 103 -20.90 22.94 -42.52
CA PRO D 103 -20.08 24.13 -42.25
C PRO D 103 -20.03 25.05 -43.44
N LEU D 104 -19.89 26.35 -43.15
CA LEU D 104 -19.76 27.34 -44.21
C LEU D 104 -18.50 27.11 -45.02
N HIS D 105 -17.38 26.89 -44.34
CA HIS D 105 -16.11 26.61 -44.99
C HIS D 105 -15.40 25.51 -44.21
N CYS D 106 -14.40 24.91 -44.85
CA CYS D 106 -13.63 23.83 -44.24
C CYS D 106 -12.18 23.95 -44.67
N GLY D 107 -11.28 23.93 -43.70
CA GLY D 107 -9.85 23.99 -43.97
C GLY D 107 -9.19 22.64 -43.80
N TRP D 108 -8.32 22.30 -44.74
CA TRP D 108 -7.55 21.07 -44.68
C TRP D 108 -6.22 21.30 -45.38
N ASN D 109 -5.15 20.77 -44.79
CA ASN D 109 -3.78 20.94 -45.29
C ASN D 109 -3.38 22.41 -45.37
N GLY D 110 -3.99 23.26 -44.57
CA GLY D 110 -3.66 24.68 -44.56
C GLY D 110 -4.40 25.52 -45.56
N THR D 111 -5.37 24.96 -46.27
CA THR D 111 -6.13 25.71 -47.28
C THR D 111 -7.56 25.20 -47.31
N ASN D 112 -8.41 25.92 -48.04
CA ASN D 112 -9.80 25.53 -48.21
C ASN D 112 -10.02 24.89 -49.57
N SER E 2 -6.76 -25.74 -18.86
CA SER E 2 -7.17 -26.98 -18.24
C SER E 2 -8.20 -27.72 -19.08
N VAL E 3 -9.01 -26.97 -19.82
CA VAL E 3 -10.01 -27.52 -20.73
C VAL E 3 -9.70 -27.01 -22.13
N ASN E 4 -9.41 -27.95 -23.04
CA ASN E 4 -9.03 -27.62 -24.41
C ASN E 4 -10.22 -27.92 -25.32
N THR E 5 -10.81 -26.88 -25.88
CA THR E 5 -11.92 -27.01 -26.82
C THR E 5 -11.45 -26.63 -28.22
N SER E 6 -11.92 -27.37 -29.21
CA SER E 6 -11.57 -27.13 -30.60
C SER E 6 -12.80 -27.29 -31.47
N PHE E 7 -12.86 -26.50 -32.53
CA PHE E 7 -13.97 -26.55 -33.49
C PHE E 7 -13.47 -27.27 -34.74
N LEU E 8 -13.88 -28.53 -34.90
CA LEU E 8 -13.61 -29.24 -36.15
C LEU E 8 -14.57 -28.78 -37.24
N SER E 9 -15.79 -28.42 -36.85
CA SER E 9 -16.77 -27.80 -37.74
C SER E 9 -17.56 -26.81 -36.91
N PRO E 10 -18.38 -25.97 -37.53
CA PRO E 10 -19.23 -25.06 -36.74
C PRO E 10 -20.05 -25.76 -35.68
N SER E 11 -20.49 -27.00 -35.94
CA SER E 11 -21.35 -27.73 -35.02
C SER E 11 -20.65 -28.93 -34.39
N LEU E 12 -19.36 -29.12 -34.63
CA LEU E 12 -18.62 -30.26 -34.11
C LEU E 12 -17.46 -29.75 -33.26
N VAL E 13 -17.48 -30.07 -31.97
CA VAL E 13 -16.52 -29.55 -31.01
C VAL E 13 -15.98 -30.71 -30.17
N THR E 14 -14.66 -30.77 -30.03
CA THR E 14 -14.01 -31.69 -29.11
C THR E 14 -13.65 -30.95 -27.83
N ILE E 15 -13.95 -31.55 -26.69
CA ILE E 15 -13.70 -30.94 -25.38
C ILE E 15 -12.84 -31.90 -24.57
N ARG E 16 -11.63 -31.47 -24.25
CA ARG E 16 -10.68 -32.27 -23.48
C ARG E 16 -10.51 -31.62 -22.12
N ASP E 17 -10.88 -32.35 -21.06
CA ASP E 17 -10.73 -31.88 -19.69
C ASP E 17 -9.53 -32.61 -19.09
N PHE E 18 -8.41 -31.89 -18.95
CA PHE E 18 -7.19 -32.51 -18.44
C PHE E 18 -7.32 -32.84 -16.95
N ASP E 19 -7.88 -31.92 -16.17
CA ASP E 19 -7.92 -32.12 -14.72
C ASP E 19 -8.87 -33.24 -14.34
N LYS E 20 -10.03 -33.32 -14.98
CA LYS E 20 -11.00 -34.35 -14.68
C LYS E 20 -10.78 -35.63 -15.48
N GLY E 21 -9.86 -35.62 -16.44
CA GLY E 21 -9.54 -36.81 -17.20
C GLY E 21 -10.68 -37.30 -18.05
N GLN E 22 -11.25 -36.42 -18.86
CA GLN E 22 -12.40 -36.75 -19.69
C GLN E 22 -12.18 -36.23 -21.11
N PHE E 23 -12.84 -36.89 -22.07
CA PHE E 23 -12.92 -36.42 -23.44
C PHE E 23 -14.36 -36.55 -23.90
N ALA E 24 -14.89 -35.48 -24.49
CA ALA E 24 -16.26 -35.47 -24.96
C ALA E 24 -16.35 -34.74 -26.29
N VAL E 25 -17.20 -35.24 -27.16
CA VAL E 25 -17.48 -34.58 -28.44
C VAL E 25 -18.81 -33.87 -28.31
N LEU E 26 -18.81 -32.56 -28.52
CA LEU E 26 -20.03 -31.77 -28.53
C LEU E 26 -20.46 -31.56 -29.97
N ARG E 27 -21.68 -31.98 -30.31
CA ARG E 27 -22.22 -31.79 -31.65
C ARG E 27 -23.64 -31.26 -31.56
N ILE E 28 -23.91 -30.20 -32.33
CA ILE E 28 -25.27 -29.72 -32.53
C ILE E 28 -25.78 -30.45 -33.77
N GLY E 29 -26.19 -31.71 -33.56
CA GLY E 29 -26.50 -32.63 -34.65
C GLY E 29 -27.73 -32.31 -35.49
N ARG E 30 -28.89 -32.11 -34.86
CA ARG E 30 -30.14 -32.02 -35.63
C ARG E 30 -30.16 -30.81 -36.55
N THR E 31 -29.77 -29.64 -36.03
CA THR E 31 -29.85 -28.42 -36.81
C THR E 31 -28.53 -28.00 -37.44
N GLY E 32 -27.41 -28.53 -36.97
CA GLY E 32 -26.12 -28.10 -37.49
C GLY E 32 -25.76 -26.68 -37.16
N PHE E 33 -26.37 -26.10 -36.12
CA PHE E 33 -26.08 -24.73 -35.76
C PHE E 33 -24.71 -24.62 -35.10
N PRO E 34 -24.10 -23.43 -35.13
CA PRO E 34 -22.80 -23.26 -34.48
C PRO E 34 -22.92 -23.35 -32.96
N ALA E 35 -21.91 -23.95 -32.34
CA ALA E 35 -21.91 -24.06 -30.89
C ALA E 35 -21.52 -22.74 -30.25
N ASP E 36 -22.26 -22.34 -29.22
CA ASP E 36 -21.96 -21.15 -28.44
C ASP E 36 -21.48 -21.57 -27.05
N LYS E 37 -21.09 -20.57 -26.25
CA LYS E 37 -20.60 -20.86 -24.90
C LYS E 37 -21.64 -21.58 -24.05
N GLY E 38 -22.92 -21.30 -24.29
CA GLY E 38 -23.96 -22.01 -23.57
C GLY E 38 -23.98 -23.50 -23.89
N ASP E 39 -23.74 -23.84 -25.16
CA ASP E 39 -23.66 -25.25 -25.54
C ASP E 39 -22.46 -25.93 -24.89
N ILE E 40 -21.32 -25.25 -24.87
CA ILE E 40 -20.11 -25.82 -24.28
C ILE E 40 -20.27 -25.95 -22.77
N ASP E 41 -20.84 -24.94 -22.12
CA ASP E 41 -21.09 -25.03 -20.68
C ASP E 41 -22.06 -26.17 -20.37
N LEU E 42 -23.08 -26.35 -21.21
CA LEU E 42 -24.00 -27.47 -21.02
C LEU E 42 -23.28 -28.80 -21.16
N CYS E 43 -22.37 -28.91 -22.13
CA CYS E 43 -21.62 -30.14 -22.30
C CYS E 43 -20.74 -30.42 -21.09
N LEU E 44 -20.02 -29.40 -20.62
CA LEU E 44 -19.16 -29.57 -19.44
C LEU E 44 -19.97 -29.94 -18.21
N SER E 45 -21.20 -29.45 -18.10
CA SER E 45 -22.05 -29.83 -16.97
C SER E 45 -22.42 -31.31 -17.05
N LYS E 46 -22.75 -31.80 -18.24
CA LYS E 46 -23.10 -33.22 -18.38
C LYS E 46 -21.88 -34.11 -18.18
N MET E 47 -20.71 -33.67 -18.64
CA MET E 47 -19.47 -34.39 -18.34
C MET E 47 -19.23 -34.45 -16.84
N ASP E 48 -19.59 -33.37 -16.12
CA ASP E 48 -19.43 -33.37 -14.67
C ASP E 48 -20.41 -34.35 -14.02
N GLY E 49 -21.64 -34.42 -14.53
CA GLY E 49 -22.61 -35.35 -13.98
C GLY E 49 -22.21 -36.80 -14.17
N VAL E 50 -21.53 -37.11 -15.27
CA VAL E 50 -21.07 -38.47 -15.49
C VAL E 50 -20.02 -38.85 -14.44
N LEU E 51 -19.17 -37.90 -14.07
CA LEU E 51 -18.20 -38.15 -13.00
C LEU E 51 -18.91 -38.52 -11.69
N ALA E 52 -20.01 -37.83 -11.38
CA ALA E 52 -20.76 -38.14 -10.16
C ALA E 52 -21.41 -39.51 -10.25
N ALA E 53 -21.98 -39.85 -11.41
CA ALA E 53 -22.60 -41.16 -11.58
C ALA E 53 -21.59 -42.29 -11.47
N GLN E 54 -20.35 -42.05 -11.90
CA GLN E 54 -19.30 -43.04 -11.74
C GLN E 54 -19.07 -43.36 -10.26
N LEU E 55 -19.11 -42.33 -9.41
CA LEU E 55 -18.89 -42.53 -7.98
C LEU E 55 -19.98 -43.36 -7.33
N TYR E 56 -21.13 -43.50 -7.97
CA TYR E 56 -22.17 -44.38 -7.42
C TYR E 56 -21.79 -45.84 -7.57
N LEU E 57 -21.02 -46.19 -8.60
CA LEU E 57 -20.55 -47.56 -8.79
C LEU E 57 -19.24 -47.83 -8.05
N GLY E 58 -18.35 -46.84 -7.97
CA GLY E 58 -17.09 -47.01 -7.28
C GLY E 58 -16.11 -45.89 -7.56
N ASN E 59 -15.07 -45.81 -6.73
CA ASN E 59 -14.01 -44.82 -6.89
C ASN E 59 -13.02 -45.31 -7.94
N PRO E 60 -12.94 -44.65 -9.09
CA PRO E 60 -12.01 -45.11 -10.14
C PRO E 60 -10.55 -44.86 -9.82
N ARG E 61 -10.24 -44.00 -8.85
CA ARG E 61 -8.86 -43.78 -8.44
C ARG E 61 -8.36 -44.84 -7.46
N GLU E 62 -9.23 -45.74 -7.02
CA GLU E 62 -8.81 -46.84 -6.17
C GLU E 62 -7.82 -47.73 -6.93
N PRO E 63 -6.73 -48.15 -6.29
CA PRO E 63 -5.78 -49.03 -6.98
C PRO E 63 -6.41 -50.36 -7.34
N GLY E 64 -6.14 -50.83 -8.55
CA GLY E 64 -6.73 -52.07 -9.02
C GLY E 64 -8.24 -52.00 -9.15
N PHE E 65 -8.75 -50.84 -9.56
CA PHE E 65 -10.19 -50.66 -9.68
C PHE E 65 -10.75 -51.60 -10.73
N LYS E 66 -11.61 -52.52 -10.30
CA LYS E 66 -12.16 -53.56 -11.15
C LYS E 66 -13.42 -53.11 -11.88
N GLY E 67 -13.68 -51.81 -11.95
CA GLY E 67 -14.82 -51.30 -12.65
C GLY E 67 -16.11 -51.46 -11.86
N PRO E 68 -17.25 -51.22 -12.52
CA PRO E 68 -17.40 -50.80 -13.92
C PRO E 68 -17.13 -49.31 -14.14
N HIS E 69 -16.94 -48.89 -15.39
CA HIS E 69 -16.67 -47.51 -15.73
C HIS E 69 -17.88 -46.89 -16.43
N ILE E 70 -18.20 -45.65 -16.08
CA ILE E 70 -19.14 -44.83 -16.81
C ILE E 70 -18.35 -43.69 -17.43
N ARG E 71 -18.20 -43.72 -18.75
CA ARG E 71 -17.39 -42.74 -19.47
C ARG E 71 -18.26 -42.01 -20.48
N ILE E 72 -18.28 -40.68 -20.39
CA ILE E 72 -19.02 -39.89 -21.36
C ILE E 72 -18.28 -39.89 -22.69
N ARG E 73 -19.04 -39.84 -23.78
CA ARG E 73 -18.48 -39.84 -25.13
C ARG E 73 -18.90 -38.62 -25.92
N CYS E 74 -20.21 -38.35 -26.00
CA CYS E 74 -20.71 -37.28 -26.85
C CYS E 74 -21.96 -36.68 -26.23
N VAL E 75 -22.10 -35.36 -26.40
CA VAL E 75 -23.31 -34.63 -26.02
C VAL E 75 -23.88 -34.05 -27.30
N ASP E 76 -25.07 -34.53 -27.69
CA ASP E 76 -25.72 -34.14 -28.94
C ASP E 76 -26.88 -33.21 -28.59
N ILE E 77 -26.70 -31.92 -28.89
CA ILE E 77 -27.68 -30.91 -28.50
C ILE E 77 -28.68 -30.71 -29.64
N ASP E 78 -29.96 -30.91 -29.32
CA ASP E 78 -31.06 -30.60 -30.23
C ASP E 78 -31.67 -29.28 -29.79
N ASP E 79 -31.41 -28.21 -30.54
CA ASP E 79 -31.92 -26.89 -30.22
C ASP E 79 -32.90 -26.37 -31.26
N LYS E 80 -33.50 -27.27 -32.04
CA LYS E 80 -34.46 -26.84 -33.06
C LYS E 80 -35.67 -26.17 -32.43
N HIS E 81 -36.42 -26.92 -31.63
CA HIS E 81 -37.56 -26.35 -30.91
C HIS E 81 -37.16 -26.08 -29.46
N THR E 82 -37.50 -26.98 -28.55
CA THR E 82 -37.05 -26.83 -27.18
C THR E 82 -35.61 -27.32 -27.05
N TYR E 83 -34.94 -26.85 -26.00
CA TYR E 83 -33.52 -27.15 -25.80
C TYR E 83 -33.38 -28.58 -25.28
N ASN E 84 -32.77 -29.44 -26.10
CA ASN E 84 -32.63 -30.86 -25.79
C ASN E 84 -31.17 -31.28 -25.89
N ALA E 85 -30.80 -32.27 -25.09
CA ALA E 85 -29.45 -32.82 -25.10
C ALA E 85 -29.50 -34.34 -25.01
N MET E 86 -28.80 -35.01 -25.90
CA MET E 86 -28.65 -36.46 -25.88
C MET E 86 -27.22 -36.78 -25.48
N VAL E 87 -27.06 -37.44 -24.34
CA VAL E 87 -25.74 -37.71 -23.77
C VAL E 87 -25.40 -39.17 -24.04
N TYR E 88 -24.37 -39.40 -24.85
CA TYR E 88 -23.89 -40.75 -25.13
C TYR E 88 -22.78 -41.09 -24.15
N VAL E 89 -23.01 -42.12 -23.34
CA VAL E 89 -22.02 -42.59 -22.38
C VAL E 89 -21.76 -44.07 -22.63
N ASP E 90 -20.59 -44.52 -22.20
CA ASP E 90 -20.19 -45.92 -22.29
C ASP E 90 -20.14 -46.53 -20.90
N LEU E 91 -20.68 -47.74 -20.77
CA LEU E 91 -20.58 -48.53 -19.55
C LEU E 91 -19.63 -49.69 -19.82
N ILE E 92 -18.48 -49.69 -19.15
CA ILE E 92 -17.44 -50.68 -19.36
C ILE E 92 -17.40 -51.59 -18.15
N VAL E 93 -17.79 -52.85 -18.34
CA VAL E 93 -17.70 -53.85 -17.28
C VAL E 93 -16.56 -54.82 -17.64
N GLY E 94 -16.02 -55.46 -16.60
CA GLY E 94 -14.96 -56.43 -16.82
C GLY E 94 -15.43 -57.59 -17.67
N THR E 95 -14.50 -58.15 -18.44
CA THR E 95 -14.83 -59.24 -19.36
C THR E 95 -15.28 -60.50 -18.64
N GLY E 96 -14.88 -60.69 -17.38
CA GLY E 96 -15.29 -61.86 -16.63
C GLY E 96 -16.53 -61.63 -15.78
N ALA E 97 -17.51 -60.93 -16.34
CA ALA E 97 -18.75 -60.60 -15.64
C ALA E 97 -19.88 -61.47 -16.15
N SER E 98 -20.66 -62.03 -15.24
CA SER E 98 -21.80 -62.85 -15.61
C SER E 98 -22.94 -61.98 -16.11
N GLU E 99 -23.97 -62.62 -16.68
CA GLU E 99 -25.11 -61.90 -17.21
C GLU E 99 -25.86 -61.15 -16.12
N VAL E 100 -25.90 -61.70 -14.91
CA VAL E 100 -26.57 -61.02 -13.80
C VAL E 100 -25.79 -59.77 -13.41
N GLU E 101 -24.47 -59.89 -13.30
CA GLU E 101 -23.64 -58.75 -12.91
C GLU E 101 -23.73 -57.63 -13.94
N ARG E 102 -23.73 -57.99 -15.23
CA ARG E 102 -23.78 -56.98 -16.28
C ARG E 102 -25.13 -56.27 -16.28
N GLU E 103 -26.21 -57.00 -16.00
CA GLU E 103 -27.53 -56.36 -15.94
C GLU E 103 -27.68 -55.53 -14.67
N THR E 104 -27.03 -55.92 -13.58
CA THR E 104 -27.07 -55.12 -12.36
C THR E 104 -26.28 -53.83 -12.53
N ALA E 105 -25.09 -53.91 -13.12
CA ALA E 105 -24.32 -52.71 -13.40
C ALA E 105 -25.06 -51.80 -14.37
N GLU E 106 -25.80 -52.38 -15.32
CA GLU E 106 -26.53 -51.60 -16.28
C GLU E 106 -27.67 -50.83 -15.63
N GLU E 107 -28.39 -51.46 -14.70
CA GLU E 107 -29.47 -50.77 -14.01
C GLU E 107 -28.94 -49.74 -13.02
N ARG E 108 -27.86 -50.07 -12.31
CA ARG E 108 -27.26 -49.11 -11.39
C ARG E 108 -26.78 -47.86 -12.13
N ALA E 109 -26.13 -48.07 -13.29
CA ALA E 109 -25.65 -46.94 -14.08
C ALA E 109 -26.81 -46.10 -14.61
N ARG E 110 -27.94 -46.74 -14.94
CA ARG E 110 -29.10 -46.01 -15.41
C ARG E 110 -29.67 -45.10 -14.33
N ARG E 111 -29.88 -45.65 -13.13
CA ARG E 111 -30.46 -44.87 -12.04
C ARG E 111 -29.56 -43.69 -11.68
N ALA E 112 -28.26 -43.92 -11.58
CA ALA E 112 -27.34 -42.85 -11.20
C ALA E 112 -27.27 -41.77 -12.28
N LEU E 113 -27.11 -42.19 -13.54
CA LEU E 113 -27.04 -41.22 -14.63
C LEU E 113 -28.34 -40.44 -14.79
N ALA E 114 -29.48 -41.08 -14.53
CA ALA E 114 -30.75 -40.38 -14.64
C ALA E 114 -30.85 -39.24 -13.64
N VAL E 115 -30.29 -39.43 -12.45
CA VAL E 115 -30.30 -38.37 -11.44
C VAL E 115 -29.23 -37.33 -11.74
N ALA E 116 -28.01 -37.79 -12.05
CA ALA E 116 -26.89 -36.86 -12.23
C ALA E 116 -27.06 -36.00 -13.48
N LEU E 117 -27.61 -36.57 -14.55
CA LEU E 117 -27.81 -35.80 -15.77
C LEU E 117 -29.11 -35.01 -15.76
N ARG E 118 -29.94 -35.16 -14.73
CA ARG E 118 -31.22 -34.46 -14.60
C ARG E 118 -32.09 -34.68 -15.83
N VAL E 119 -32.35 -35.96 -16.12
CA VAL E 119 -33.17 -36.30 -17.27
C VAL E 119 -34.66 -36.05 -17.02
N ASP E 120 -35.08 -35.93 -15.77
CA ASP E 120 -36.50 -35.81 -15.46
C ASP E 120 -37.02 -34.41 -15.76
N GLU E 121 -36.27 -33.38 -15.36
CA GLU E 121 -36.72 -32.00 -15.48
C GLU E 121 -35.74 -31.22 -16.38
N ALA E 122 -35.99 -29.92 -16.49
CA ALA E 122 -35.04 -29.02 -17.13
C ALA E 122 -33.93 -28.68 -16.13
N ASP E 123 -32.68 -28.80 -16.58
CA ASP E 123 -31.55 -28.65 -15.67
C ASP E 123 -31.23 -27.17 -15.44
N GLU E 124 -30.01 -26.89 -14.97
CA GLU E 124 -29.63 -25.52 -14.65
C GLU E 124 -29.63 -24.63 -15.89
N HIS E 125 -29.41 -25.22 -17.06
CA HIS E 125 -29.35 -24.47 -18.32
C HIS E 125 -30.66 -24.53 -19.09
N SER E 126 -31.77 -24.86 -18.42
CA SER E 126 -33.09 -24.98 -19.06
C SER E 126 -33.04 -25.98 -20.21
N CYS E 127 -32.47 -27.15 -19.93
CA CYS E 127 -32.25 -28.18 -20.94
C CYS E 127 -32.78 -29.51 -20.44
N VAL E 128 -33.73 -30.08 -21.17
CA VAL E 128 -34.20 -31.43 -20.88
C VAL E 128 -33.20 -32.43 -21.45
N THR E 129 -32.74 -33.34 -20.61
CA THR E 129 -31.60 -34.20 -20.92
C THR E 129 -32.05 -35.62 -21.19
N GLN E 130 -31.52 -36.22 -22.26
CA GLN E 130 -31.63 -37.64 -22.52
C GLN E 130 -30.23 -38.25 -22.51
N PHE E 131 -30.18 -39.57 -22.34
CA PHE E 131 -28.89 -40.24 -22.45
C PHE E 131 -29.09 -41.66 -22.98
N GLU E 132 -28.01 -42.20 -23.53
CA GLU E 132 -28.02 -43.49 -24.20
C GLU E 132 -26.74 -44.23 -23.83
N MET E 133 -26.89 -45.40 -23.20
CA MET E 133 -25.75 -46.17 -22.72
C MET E 133 -25.34 -47.23 -23.75
N LYS E 134 -24.04 -47.45 -23.85
CA LYS E 134 -23.49 -48.52 -24.68
C LYS E 134 -22.70 -49.45 -23.78
N LEU E 135 -23.14 -50.71 -23.69
CA LEU E 135 -22.47 -51.69 -22.84
C LEU E 135 -21.21 -52.19 -23.54
N ARG E 136 -20.10 -52.20 -22.80
CA ARG E 136 -18.83 -52.69 -23.30
C ARG E 136 -18.23 -53.66 -22.30
N GLU E 137 -17.55 -54.69 -22.80
CA GLU E 137 -16.82 -55.65 -21.99
C GLU E 137 -15.35 -55.61 -22.39
N GLU E 138 -14.48 -55.37 -21.41
CA GLU E 138 -13.06 -55.25 -21.66
C GLU E 138 -12.29 -55.94 -20.54
N LEU E 139 -11.08 -56.40 -20.86
CA LEU E 139 -10.16 -56.92 -19.86
C LEU E 139 -9.48 -55.73 -19.20
N LEU E 140 -9.97 -55.34 -18.02
CA LEU E 140 -9.53 -54.10 -17.38
C LEU E 140 -8.07 -54.14 -16.95
N SER E 141 -7.48 -55.33 -16.82
CA SER E 141 -6.07 -55.45 -16.50
C SER E 141 -5.17 -55.42 -17.73
N SER E 142 -5.75 -55.42 -18.93
CA SER E 142 -4.95 -55.37 -20.15
C SER E 142 -4.22 -54.04 -20.26
N ASP E 143 -2.97 -54.10 -20.73
CA ASP E 143 -2.19 -52.89 -20.93
C ASP E 143 -2.67 -52.06 -22.11
N SER E 144 -3.54 -52.61 -22.96
CA SER E 144 -4.08 -51.89 -24.10
C SER E 144 -5.48 -51.35 -23.84
N PHE E 145 -5.94 -51.36 -22.59
CA PHE E 145 -7.24 -50.82 -22.23
C PHE E 145 -7.09 -49.47 -21.55
N HIS E 146 -7.96 -48.53 -21.91
CA HIS E 146 -8.09 -47.24 -21.27
C HIS E 146 -9.56 -46.87 -21.37
N PRO E 147 -10.15 -46.33 -20.30
CA PRO E 147 -11.60 -46.03 -20.34
C PRO E 147 -12.00 -45.08 -21.44
N ASP E 148 -11.09 -44.26 -21.96
CA ASP E 148 -11.39 -43.28 -23.00
C ASP E 148 -10.54 -43.52 -24.24
N LYS E 149 -10.35 -44.79 -24.62
CA LYS E 149 -9.63 -45.11 -25.83
C LYS E 149 -10.31 -44.46 -27.03
N ASP E 150 -9.49 -43.97 -27.98
CA ASP E 150 -10.02 -43.13 -29.05
C ASP E 150 -11.01 -43.88 -29.94
N GLU E 151 -10.91 -45.21 -30.01
CA GLU E 151 -11.84 -45.98 -30.82
C GLU E 151 -13.27 -45.85 -30.30
N TYR E 152 -13.43 -45.62 -28.99
CA TYR E 152 -14.76 -45.47 -28.39
C TYR E 152 -15.50 -44.23 -28.87
N TYR E 153 -14.81 -43.32 -29.58
CA TYR E 153 -15.41 -42.08 -30.04
C TYR E 153 -15.63 -42.07 -31.55
N LYS E 154 -15.43 -43.20 -32.24
CA LYS E 154 -15.45 -43.19 -33.70
C LYS E 154 -16.85 -42.91 -34.24
N ASP E 155 -17.89 -43.20 -33.46
CA ASP E 155 -19.25 -42.95 -33.92
C ASP E 155 -19.62 -41.48 -33.89
N PHE E 156 -18.80 -40.63 -33.29
CA PHE E 156 -19.14 -39.22 -33.12
C PHE E 156 -18.11 -38.27 -33.74
N LEU E 157 -17.04 -38.79 -34.32
CA LEU E 157 -16.03 -37.93 -34.94
C LEU E 157 -15.97 -38.14 -36.45
N PRO F 2 -34.14 -35.52 3.90
CA PRO F 2 -32.96 -35.84 4.71
C PRO F 2 -31.94 -34.71 4.74
N VAL F 3 -31.02 -34.76 5.70
CA VAL F 3 -29.98 -33.74 5.86
C VAL F 3 -28.63 -34.44 5.92
N ILE F 4 -27.67 -33.95 5.14
CA ILE F 4 -26.33 -34.52 5.07
C ILE F 4 -25.33 -33.41 5.39
N GLN F 5 -24.66 -33.52 6.53
CA GLN F 5 -23.61 -32.59 6.91
C GLN F 5 -22.26 -33.19 6.55
N THR F 6 -21.41 -32.40 5.89
CA THR F 6 -20.09 -32.85 5.46
C THR F 6 -19.04 -32.00 6.15
N PHE F 7 -18.29 -32.62 7.06
CA PHE F 7 -17.14 -31.99 7.71
C PHE F 7 -15.86 -32.59 7.13
N VAL F 8 -14.97 -31.72 6.67
CA VAL F 8 -13.70 -32.14 6.10
C VAL F 8 -12.61 -31.19 6.59
N SER F 9 -11.42 -31.74 6.86
CA SER F 9 -10.28 -30.94 7.26
C SER F 9 -9.61 -30.25 6.08
N THR F 10 -9.92 -30.65 4.85
CA THR F 10 -9.41 -30.06 3.64
C THR F 10 -10.31 -28.94 3.16
N PRO F 11 -9.80 -28.00 2.36
CA PRO F 11 -10.66 -26.95 1.81
C PRO F 11 -11.52 -27.48 0.66
N LEU F 12 -12.73 -26.92 0.58
CA LEU F 12 -13.65 -27.22 -0.51
C LEU F 12 -13.88 -25.98 -1.34
N ASP F 13 -13.92 -26.15 -2.66
CA ASP F 13 -14.22 -25.08 -3.59
C ASP F 13 -15.56 -25.38 -4.29
N HIS F 14 -15.84 -24.62 -5.35
CA HIS F 14 -17.11 -24.79 -6.05
C HIS F 14 -17.19 -26.17 -6.71
N GLU F 15 -16.10 -26.63 -7.32
CA GLU F 15 -16.11 -27.92 -7.99
C GLU F 15 -16.32 -29.06 -7.01
N LYS F 16 -15.59 -29.04 -5.89
CA LYS F 16 -15.67 -30.14 -4.93
C LYS F 16 -17.04 -30.20 -4.26
N ARG F 17 -17.62 -29.04 -3.93
CA ARG F 17 -18.94 -29.04 -3.30
C ARG F 17 -20.02 -29.53 -4.25
N ASN F 18 -19.99 -29.05 -5.50
CA ASN F 18 -21.01 -29.47 -6.46
C ASN F 18 -20.88 -30.95 -6.78
N MET F 19 -19.66 -31.48 -6.87
CA MET F 19 -19.47 -32.90 -7.15
C MET F 19 -20.06 -33.76 -6.03
N LEU F 20 -19.81 -33.38 -4.78
CA LEU F 20 -20.42 -34.11 -3.66
C LEU F 20 -21.93 -33.92 -3.65
N THR F 21 -22.40 -32.73 -4.02
CA THR F 21 -23.84 -32.47 -4.07
C THR F 21 -24.53 -33.40 -5.07
N LYS F 22 -23.91 -33.61 -6.23
CA LYS F 22 -24.52 -34.49 -7.23
C LYS F 22 -24.50 -35.95 -6.78
N VAL F 23 -23.48 -36.35 -6.02
CA VAL F 23 -23.45 -37.72 -5.51
C VAL F 23 -24.47 -37.90 -4.40
N TYR F 24 -24.57 -36.94 -3.49
CA TYR F 24 -25.57 -37.01 -2.42
C TYR F 24 -26.98 -37.06 -3.00
N ARG F 25 -27.22 -36.36 -4.12
CA ARG F 25 -28.51 -36.44 -4.78
C ARG F 25 -28.76 -37.85 -5.31
N ILE F 26 -27.71 -38.52 -5.77
CA ILE F 26 -27.87 -39.89 -6.26
C ILE F 26 -28.19 -40.83 -5.10
N VAL F 27 -27.52 -40.66 -3.96
CA VAL F 27 -27.75 -41.52 -2.81
C VAL F 27 -29.17 -41.35 -2.29
N THR F 28 -29.68 -40.12 -2.30
CA THR F 28 -31.01 -39.87 -1.79
C THR F 28 -32.08 -40.53 -2.65
N ASP F 29 -31.93 -40.46 -3.97
CA ASP F 29 -32.94 -41.02 -4.87
C ASP F 29 -32.88 -42.54 -4.90
N THR F 30 -31.70 -43.10 -5.17
CA THR F 30 -31.61 -44.52 -5.44
C THR F 30 -31.62 -45.35 -4.16
N ILE F 31 -30.77 -45.02 -3.20
CA ILE F 31 -30.62 -45.84 -2.00
C ILE F 31 -31.71 -45.52 -0.98
N LEU F 32 -31.84 -44.24 -0.61
CA LEU F 32 -32.81 -43.86 0.40
C LEU F 32 -34.24 -43.78 -0.14
N GLY F 33 -34.42 -43.81 -1.47
CA GLY F 33 -35.76 -43.81 -2.04
C GLY F 33 -36.55 -42.55 -1.76
N LYS F 34 -35.87 -41.42 -1.59
CA LYS F 34 -36.51 -40.15 -1.29
C LYS F 34 -36.19 -39.14 -2.40
N PRO F 35 -37.02 -38.12 -2.57
CA PRO F 35 -36.79 -37.15 -3.66
C PRO F 35 -35.43 -36.47 -3.53
N ALA F 36 -34.77 -36.27 -4.67
CA ALA F 36 -33.45 -35.66 -4.67
C ALA F 36 -33.50 -34.19 -4.28
N GLU F 37 -34.61 -33.52 -4.54
CA GLU F 37 -34.74 -32.11 -4.17
C GLU F 37 -34.99 -31.89 -2.69
N LEU F 38 -35.28 -32.97 -1.94
CA LEU F 38 -35.65 -32.85 -0.53
C LEU F 38 -34.48 -33.05 0.43
N VAL F 39 -33.27 -33.27 -0.08
CA VAL F 39 -32.09 -33.45 0.77
C VAL F 39 -31.39 -32.10 0.92
N MET F 40 -31.11 -31.72 2.16
CA MET F 40 -30.40 -30.48 2.46
C MET F 40 -28.95 -30.83 2.81
N MET F 41 -28.01 -30.23 2.10
CA MET F 41 -26.60 -30.57 2.20
C MET F 41 -25.81 -29.35 2.67
N THR F 42 -25.21 -29.46 3.85
CA THR F 42 -24.33 -28.42 4.37
C THR F 42 -22.89 -28.89 4.29
N PHE F 43 -21.97 -27.93 4.14
CA PHE F 43 -20.55 -28.22 3.99
C PHE F 43 -19.75 -27.36 4.95
N HIS F 44 -18.79 -27.98 5.63
CA HIS F 44 -17.94 -27.29 6.61
C HIS F 44 -16.51 -27.74 6.35
N ASP F 45 -15.81 -27.04 5.46
CA ASP F 45 -14.45 -27.40 5.08
C ASP F 45 -13.44 -26.75 6.02
N SER F 46 -12.18 -27.17 5.88
CA SER F 46 -11.07 -26.68 6.68
C SER F 46 -11.37 -26.80 8.18
N THR F 47 -12.09 -27.85 8.56
CA THR F 47 -12.47 -28.05 9.95
C THR F 47 -11.29 -28.61 10.74
N PRO F 48 -10.88 -27.97 11.83
CA PRO F 48 -9.80 -28.54 12.66
C PRO F 48 -10.20 -29.88 13.24
N MET F 49 -9.57 -30.96 12.78
CA MET F 49 -9.94 -32.30 13.20
C MET F 49 -8.70 -33.12 13.53
N HIS F 50 -8.75 -33.82 14.65
CA HIS F 50 -7.70 -34.75 15.07
C HIS F 50 -8.28 -36.15 15.07
N PHE F 51 -7.58 -37.08 14.43
CA PHE F 51 -8.07 -38.46 14.34
C PHE F 51 -6.89 -39.39 14.10
N PHE F 52 -6.87 -40.50 14.86
CA PHE F 52 -5.85 -41.53 14.72
C PHE F 52 -4.44 -40.95 14.92
N GLY F 53 -4.32 -40.02 15.86
CA GLY F 53 -3.02 -39.49 16.21
C GLY F 53 -2.42 -38.53 15.20
N SER F 54 -3.23 -37.91 14.35
CA SER F 54 -2.72 -36.96 13.37
C SER F 54 -3.85 -36.07 12.89
N THR F 55 -3.47 -34.96 12.27
CA THR F 55 -4.40 -34.05 11.61
C THR F 55 -4.40 -34.21 10.10
N ASP F 56 -4.07 -35.41 9.61
CA ASP F 56 -4.08 -35.69 8.19
C ASP F 56 -5.51 -35.54 7.64
N PRO F 57 -5.65 -35.37 6.32
CA PRO F 57 -6.99 -35.21 5.73
C PRO F 57 -7.98 -36.25 6.22
N VAL F 58 -9.11 -35.77 6.75
CA VAL F 58 -10.08 -36.60 7.44
C VAL F 58 -11.46 -36.01 7.18
N ALA F 59 -12.48 -36.88 7.16
CA ALA F 59 -13.84 -36.47 6.86
C ALA F 59 -14.80 -37.09 7.85
N CYS F 60 -15.83 -36.33 8.22
CA CYS F 60 -16.93 -36.82 9.05
C CYS F 60 -18.24 -36.38 8.42
N VAL F 61 -19.06 -37.35 8.02
CA VAL F 61 -20.33 -37.09 7.34
C VAL F 61 -21.46 -37.49 8.27
N ARG F 62 -22.40 -36.56 8.48
CA ARG F 62 -23.54 -36.77 9.36
C ARG F 62 -24.80 -36.87 8.51
N VAL F 63 -25.47 -38.01 8.60
CA VAL F 63 -26.66 -38.30 7.80
C VAL F 63 -27.86 -38.38 8.72
N GLU F 64 -28.95 -37.72 8.35
CA GLU F 64 -30.18 -37.71 9.14
C GLU F 64 -31.38 -37.85 8.23
N ALA F 65 -32.21 -38.84 8.51
CA ALA F 65 -33.42 -39.11 7.72
C ALA F 65 -34.58 -39.35 8.67
N LEU F 66 -35.71 -38.73 8.38
CA LEU F 66 -36.90 -38.94 9.19
C LEU F 66 -37.52 -40.30 8.86
N GLY F 67 -37.79 -41.10 9.89
CA GLY F 67 -38.37 -42.41 9.72
C GLY F 67 -37.38 -43.56 9.70
N GLY F 68 -36.10 -43.30 9.86
CA GLY F 68 -35.11 -44.35 9.89
C GLY F 68 -34.57 -44.71 8.52
N TYR F 69 -33.99 -45.90 8.44
CA TYR F 69 -33.36 -46.39 7.24
C TYR F 69 -33.79 -47.83 6.97
N GLY F 70 -33.57 -48.28 5.74
CA GLY F 70 -33.91 -49.63 5.36
C GLY F 70 -33.01 -50.64 6.03
N PRO F 71 -33.22 -51.93 5.71
CA PRO F 71 -32.43 -52.98 6.35
C PRO F 71 -30.95 -52.92 5.96
N SER F 72 -30.65 -52.73 4.69
CA SER F 72 -29.28 -52.67 4.20
C SER F 72 -28.92 -51.33 3.58
N GLU F 73 -29.71 -50.29 3.87
CA GLU F 73 -29.49 -48.97 3.28
C GLU F 73 -28.29 -48.23 3.88
N PRO F 74 -28.08 -48.23 5.22
CA PRO F 74 -26.90 -47.53 5.74
C PRO F 74 -25.59 -48.04 5.19
N GLU F 75 -25.48 -49.35 4.94
CA GLU F 75 -24.22 -49.89 4.40
C GLU F 75 -23.96 -49.37 2.99
N LYS F 76 -25.00 -49.24 2.17
CA LYS F 76 -24.81 -48.75 0.80
C LYS F 76 -24.43 -47.28 0.80
N VAL F 77 -25.05 -46.48 1.67
CA VAL F 77 -24.74 -45.05 1.73
C VAL F 77 -23.28 -44.85 2.12
N THR F 78 -22.78 -45.66 3.06
CA THR F 78 -21.39 -45.51 3.50
C THR F 78 -20.42 -45.77 2.36
N LYS F 79 -20.65 -46.82 1.57
CA LYS F 79 -19.74 -47.16 0.48
C LYS F 79 -19.72 -46.08 -0.58
N VAL F 80 -20.88 -45.55 -0.95
CA VAL F 80 -20.93 -44.52 -2.00
C VAL F 80 -20.32 -43.22 -1.51
N VAL F 81 -20.66 -42.81 -0.28
CA VAL F 81 -20.14 -41.55 0.26
C VAL F 81 -18.63 -41.64 0.46
N THR F 82 -18.15 -42.76 1.02
CA THR F 82 -16.72 -42.93 1.20
C THR F 82 -15.99 -42.89 -0.14
N ASP F 83 -16.55 -43.52 -1.17
CA ASP F 83 -15.96 -43.44 -2.50
C ASP F 83 -15.96 -42.00 -3.00
N ALA F 84 -17.06 -41.28 -2.81
CA ALA F 84 -17.16 -39.91 -3.29
C ALA F 84 -16.17 -39.01 -2.55
N ILE F 85 -16.17 -39.07 -1.22
CA ILE F 85 -15.26 -38.23 -0.43
C ILE F 85 -13.81 -38.53 -0.79
N SER F 86 -13.48 -39.80 -1.00
CA SER F 86 -12.11 -40.17 -1.36
C SER F 86 -11.74 -39.60 -2.73
N TYR F 87 -12.64 -39.72 -3.71
CA TYR F 87 -12.35 -39.22 -5.05
C TYR F 87 -12.26 -37.70 -5.07
N VAL F 88 -13.20 -37.03 -4.40
CA VAL F 88 -13.29 -35.57 -4.50
C VAL F 88 -12.21 -34.91 -3.66
N CYS F 89 -12.01 -35.37 -2.42
CA CYS F 89 -11.13 -34.69 -1.48
C CYS F 89 -9.77 -35.38 -1.32
N GLY F 90 -9.60 -36.58 -1.86
CA GLY F 90 -8.35 -37.28 -1.65
C GLY F 90 -8.15 -37.81 -0.25
N ILE F 91 -9.24 -37.96 0.51
CA ILE F 91 -9.16 -38.47 1.87
C ILE F 91 -9.26 -39.98 1.85
N VAL F 92 -8.32 -40.65 2.52
CA VAL F 92 -8.31 -42.11 2.54
C VAL F 92 -9.55 -42.63 3.26
N ALA F 93 -9.90 -43.88 2.94
CA ALA F 93 -11.15 -44.45 3.44
C ALA F 93 -11.13 -44.64 4.95
N ASP F 94 -9.98 -45.04 5.51
CA ASP F 94 -9.91 -45.26 6.95
C ASP F 94 -9.91 -43.98 7.77
N ARG F 95 -10.07 -42.82 7.12
CA ARG F 95 -10.22 -41.54 7.81
C ARG F 95 -11.51 -40.83 7.40
N ILE F 96 -12.55 -41.61 7.12
CA ILE F 96 -13.85 -41.08 6.72
C ILE F 96 -14.91 -41.70 7.63
N PHE F 97 -15.44 -40.91 8.55
CA PHE F 97 -16.57 -41.34 9.36
C PHE F 97 -17.88 -40.96 8.67
N VAL F 98 -18.86 -41.86 8.76
CA VAL F 98 -20.21 -41.59 8.29
C VAL F 98 -21.17 -41.94 9.43
N LEU F 99 -21.87 -40.94 9.96
CA LEU F 99 -22.76 -41.11 11.08
C LEU F 99 -24.20 -41.00 10.63
N TYR F 100 -25.05 -41.90 11.13
CA TYR F 100 -26.45 -41.96 10.76
C TYR F 100 -27.31 -41.66 11.97
N PHE F 101 -28.24 -40.71 11.82
CA PHE F 101 -29.16 -40.34 12.89
C PHE F 101 -30.57 -40.25 12.33
N SER F 102 -31.54 -40.24 13.24
CA SER F 102 -32.94 -40.11 12.86
C SER F 102 -33.62 -39.12 13.82
N PRO F 103 -34.04 -37.95 13.33
CA PRO F 103 -34.68 -36.98 14.21
C PRO F 103 -36.05 -37.46 14.67
N LEU F 104 -36.44 -37.00 15.87
CA LEU F 104 -37.77 -37.33 16.37
C LEU F 104 -38.85 -36.67 15.52
N HIS F 105 -38.64 -35.42 15.13
CA HIS F 105 -39.57 -34.71 14.25
C HIS F 105 -38.76 -33.81 13.34
N CYS F 106 -39.38 -33.43 12.22
CA CYS F 106 -38.75 -32.54 11.26
C CYS F 106 -39.80 -31.60 10.68
N GLY F 107 -39.54 -30.30 10.72
CA GLY F 107 -40.44 -29.30 10.19
C GLY F 107 -39.95 -28.77 8.85
N TRP F 108 -40.91 -28.49 7.97
CA TRP F 108 -40.59 -27.95 6.65
C TRP F 108 -41.78 -27.13 6.17
N ASN F 109 -41.49 -25.96 5.61
CA ASN F 109 -42.51 -25.02 5.15
C ASN F 109 -43.45 -24.64 6.31
N GLY F 110 -42.89 -24.53 7.51
CA GLY F 110 -43.66 -24.21 8.68
C GLY F 110 -44.57 -25.30 9.19
N THR F 111 -44.44 -26.52 8.66
CA THR F 111 -45.31 -27.63 9.01
C THR F 111 -44.46 -28.86 9.29
N ASN F 112 -44.83 -29.61 10.33
CA ASN F 112 -44.10 -30.83 10.67
C ASN F 112 -44.52 -31.98 9.78
N LEU F 113 -43.53 -32.68 9.22
CA LEU F 113 -43.78 -33.81 8.35
C LEU F 113 -43.69 -35.13 9.14
N SER G 2 -24.04 12.80 19.22
CA SER G 2 -23.69 13.60 20.39
C SER G 2 -24.69 14.74 20.59
N VAL G 3 -24.88 15.54 19.55
CA VAL G 3 -25.81 16.67 19.59
C VAL G 3 -26.97 16.35 18.65
N ASN G 4 -28.16 16.22 19.22
CA ASN G 4 -29.38 15.96 18.46
C ASN G 4 -30.16 17.27 18.36
N THR G 5 -30.33 17.75 17.12
CA THR G 5 -31.11 18.94 16.85
C THR G 5 -32.35 18.57 16.06
N SER G 6 -33.46 19.25 16.36
CA SER G 6 -34.73 18.97 15.72
C SER G 6 -35.49 20.28 15.49
N PHE G 7 -36.06 20.41 14.30
CA PHE G 7 -36.85 21.58 13.94
C PHE G 7 -38.30 21.34 14.28
N LEU G 8 -38.82 22.05 15.29
CA LEU G 8 -40.25 22.04 15.56
C LEU G 8 -41.00 23.00 14.64
N SER G 9 -40.29 23.93 14.02
CA SER G 9 -40.78 24.90 13.05
C SER G 9 -39.55 25.52 12.41
N PRO G 10 -39.67 26.29 11.32
CA PRO G 10 -38.47 26.89 10.72
C PRO G 10 -37.61 27.68 11.69
N SER G 11 -38.23 28.32 12.69
CA SER G 11 -37.51 29.19 13.60
C SER G 11 -37.46 28.65 15.03
N LEU G 12 -37.85 27.40 15.25
CA LEU G 12 -37.85 26.81 16.59
C LEU G 12 -37.10 25.49 16.55
N VAL G 13 -35.97 25.42 17.25
CA VAL G 13 -35.08 24.26 17.21
C VAL G 13 -34.78 23.82 18.63
N THR G 14 -34.92 22.52 18.89
CA THR G 14 -34.48 21.91 20.13
C THR G 14 -33.10 21.29 19.91
N ILE G 15 -32.17 21.58 20.82
CA ILE G 15 -30.79 21.13 20.70
C ILE G 15 -30.44 20.39 21.99
N ARG G 16 -30.20 19.09 21.88
CA ARG G 16 -29.90 18.22 23.01
C ARG G 16 -28.46 17.73 22.89
N ASP G 17 -27.63 18.12 23.84
CA ASP G 17 -26.22 17.71 23.89
C ASP G 17 -26.08 16.61 24.93
N PHE G 18 -25.84 15.38 24.47
CA PHE G 18 -25.72 14.25 25.38
C PHE G 18 -24.41 14.30 26.16
N ASP G 19 -23.31 14.62 25.49
CA ASP G 19 -22.00 14.57 26.13
C ASP G 19 -21.84 15.70 27.15
N LYS G 20 -22.33 16.90 26.84
CA LYS G 20 -22.28 18.00 27.79
C LYS G 20 -23.47 18.03 28.73
N GLY G 21 -24.45 17.15 28.56
CA GLY G 21 -25.60 17.11 29.43
C GLY G 21 -26.41 18.38 29.45
N GLN G 22 -26.71 18.91 28.26
CA GLN G 22 -27.41 20.18 28.13
C GLN G 22 -28.61 20.04 27.22
N PHE G 23 -29.58 20.92 27.42
CA PHE G 23 -30.72 21.07 26.52
C PHE G 23 -30.97 22.55 26.34
N ALA G 24 -31.10 22.98 25.08
CA ALA G 24 -31.31 24.40 24.78
C ALA G 24 -32.32 24.53 23.66
N VAL G 25 -33.18 25.55 23.77
CA VAL G 25 -34.16 25.87 22.75
C VAL G 25 -33.62 27.04 21.95
N LEU G 26 -33.38 26.83 20.65
CA LEU G 26 -32.97 27.89 19.75
C LEU G 26 -34.18 28.40 19.01
N ARG G 27 -34.46 29.70 19.14
CA ARG G 27 -35.56 30.31 18.41
C ARG G 27 -35.10 31.62 17.78
N ILE G 28 -35.45 31.79 16.50
CA ILE G 28 -35.18 33.05 15.80
C ILE G 28 -36.41 33.92 16.04
N GLY G 29 -36.47 34.50 17.24
CA GLY G 29 -37.67 35.14 17.75
C GLY G 29 -38.21 36.32 16.97
N ARG G 30 -37.41 37.36 16.78
CA ARG G 30 -37.93 38.62 16.24
C ARG G 30 -38.37 38.47 14.79
N THR G 31 -37.53 37.86 13.95
CA THR G 31 -37.81 37.79 12.53
C THR G 31 -38.56 36.53 12.12
N GLY G 32 -38.47 35.46 12.89
CA GLY G 32 -39.04 34.20 12.48
C GLY G 32 -38.33 33.54 11.31
N PHE G 33 -37.13 34.00 10.98
CA PHE G 33 -36.39 33.43 9.87
C PHE G 33 -35.97 31.99 10.18
N PRO G 34 -35.72 31.19 9.14
CA PRO G 34 -35.28 29.81 9.39
C PRO G 34 -33.87 29.80 9.99
N ALA G 35 -33.69 28.95 11.00
CA ALA G 35 -32.39 28.80 11.63
C ALA G 35 -31.43 28.09 10.67
N ASP G 36 -30.30 28.74 10.37
CA ASP G 36 -29.26 28.14 9.56
C ASP G 36 -28.15 27.61 10.45
N LYS G 37 -27.11 27.04 9.82
CA LYS G 37 -26.02 26.46 10.59
C LYS G 37 -25.32 27.50 11.47
N GLY G 38 -25.19 28.73 10.98
CA GLY G 38 -24.58 29.76 11.79
C GLY G 38 -25.35 30.04 13.07
N ASP G 39 -26.68 29.96 13.00
CA ASP G 39 -27.49 30.13 14.21
C ASP G 39 -27.25 28.99 15.19
N ILE G 40 -27.22 27.76 14.68
CA ILE G 40 -27.00 26.61 15.56
C ILE G 40 -25.61 26.66 16.18
N ASP G 41 -24.60 27.03 15.39
CA ASP G 41 -23.26 27.19 15.93
C ASP G 41 -23.23 28.30 16.99
N LEU G 42 -23.97 29.38 16.74
CA LEU G 42 -24.06 30.45 17.74
C LEU G 42 -24.71 29.95 19.02
N CYS G 43 -25.74 29.11 18.90
CA CYS G 43 -26.40 28.58 20.08
C CYS G 43 -25.49 27.62 20.83
N LEU G 44 -24.85 26.70 20.11
CA LEU G 44 -23.91 25.78 20.76
C LEU G 44 -22.77 26.54 21.44
N SER G 45 -22.33 27.65 20.84
CA SER G 45 -21.28 28.45 21.45
C SER G 45 -21.74 29.09 22.76
N LYS G 46 -23.02 29.46 22.84
CA LYS G 46 -23.52 30.04 24.08
C LYS G 46 -23.78 28.97 25.12
N MET G 47 -24.28 27.80 24.70
CA MET G 47 -24.33 26.66 25.60
C MET G 47 -22.94 26.31 26.10
N ASP G 48 -21.92 26.49 25.24
CA ASP G 48 -20.54 26.29 25.66
C ASP G 48 -20.14 27.29 26.74
N GLY G 49 -20.58 28.55 26.60
CA GLY G 49 -20.21 29.56 27.57
C GLY G 49 -20.86 29.39 28.93
N VAL G 50 -22.10 28.90 28.95
CA VAL G 50 -22.78 28.68 30.22
C VAL G 50 -22.07 27.61 31.04
N LEU G 51 -21.57 26.57 30.36
CA LEU G 51 -20.79 25.55 31.05
C LEU G 51 -19.52 26.14 31.65
N ALA G 52 -18.86 27.02 30.91
CA ALA G 52 -17.67 27.68 31.43
C ALA G 52 -18.00 28.52 32.66
N ALA G 53 -19.10 29.28 32.60
CA ALA G 53 -19.50 30.08 33.75
C ALA G 53 -19.90 29.20 34.92
N GLN G 54 -20.45 28.01 34.66
CA GLN G 54 -20.78 27.09 35.73
C GLN G 54 -19.54 26.70 36.52
N LEU G 55 -18.42 26.44 35.83
CA LEU G 55 -17.20 26.04 36.49
C LEU G 55 -16.63 27.13 37.39
N TYR G 56 -17.00 28.39 37.15
CA TYR G 56 -16.59 29.46 38.06
C TYR G 56 -17.22 29.28 39.43
N LEU G 57 -18.37 28.61 39.51
CA LEU G 57 -19.05 28.37 40.78
C LEU G 57 -18.70 27.03 41.39
N GLY G 58 -18.39 26.03 40.56
CA GLY G 58 -18.01 24.74 41.07
C GLY G 58 -18.06 23.69 39.97
N ASN G 59 -17.48 22.55 40.29
CA ASN G 59 -17.47 21.41 39.39
C ASN G 59 -18.74 20.60 39.62
N PRO G 60 -19.69 20.60 38.68
CA PRO G 60 -20.94 19.87 38.91
C PRO G 60 -20.80 18.36 38.85
N ARG G 61 -19.70 17.84 38.29
CA ARG G 61 -19.47 16.41 38.26
C ARG G 61 -18.95 15.86 39.58
N GLU G 62 -18.63 16.72 40.53
CA GLU G 62 -18.14 16.26 41.81
C GLU G 62 -19.29 15.61 42.61
N PRO G 63 -19.03 14.48 43.27
CA PRO G 63 -20.11 13.80 44.00
C PRO G 63 -20.66 14.68 45.13
N GLY G 64 -21.98 14.67 45.26
CA GLY G 64 -22.62 15.49 46.28
C GLY G 64 -22.53 16.97 46.03
N PHE G 65 -22.57 17.39 44.76
CA PHE G 65 -22.44 18.80 44.42
C PHE G 65 -23.68 19.56 44.91
N LYS G 66 -23.47 20.48 45.85
CA LYS G 66 -24.55 21.25 46.46
C LYS G 66 -24.85 22.54 45.71
N GLY G 67 -24.63 22.57 44.39
CA GLY G 67 -24.89 23.75 43.61
C GLY G 67 -23.94 24.89 43.93
N PRO G 68 -24.23 26.08 43.43
CA PRO G 68 -25.38 26.45 42.57
C PRO G 68 -25.21 26.02 41.12
N HIS G 69 -26.30 25.90 40.39
CA HIS G 69 -26.28 25.48 38.99
C HIS G 69 -26.59 26.67 38.10
N ILE G 70 -25.83 26.81 37.01
CA ILE G 70 -26.16 27.70 35.92
C ILE G 70 -26.55 26.81 34.74
N ARG G 71 -27.82 26.86 34.35
CA ARG G 71 -28.36 25.98 33.32
C ARG G 71 -28.91 26.84 32.19
N ILE G 72 -28.39 26.62 30.98
CA ILE G 72 -28.92 27.34 29.82
C ILE G 72 -30.28 26.77 29.45
N ARG G 73 -31.18 27.63 29.02
CA ARG G 73 -32.54 27.25 28.66
C ARG G 73 -32.87 27.59 27.22
N CYS G 74 -32.60 28.82 26.78
CA CYS G 74 -32.99 29.26 25.46
C CYS G 74 -31.99 30.29 24.94
N VAL G 75 -31.83 30.31 23.63
CA VAL G 75 -31.03 31.30 22.92
C VAL G 75 -31.93 31.94 21.88
N ASP G 76 -32.30 33.20 22.09
CA ASP G 76 -33.18 33.92 21.20
C ASP G 76 -32.33 34.86 20.34
N ILE G 77 -32.22 34.54 19.06
CA ILE G 77 -31.37 35.29 18.14
C ILE G 77 -32.18 36.37 17.46
N ASP G 78 -31.68 37.60 17.50
CA ASP G 78 -32.26 38.73 16.78
C ASP G 78 -31.34 39.04 15.60
N ASP G 79 -31.81 38.75 14.39
CA ASP G 79 -31.04 38.97 13.18
C ASP G 79 -31.74 39.90 12.20
N LYS G 80 -32.63 40.76 12.68
CA LYS G 80 -33.33 41.70 11.83
C LYS G 80 -32.33 42.69 11.22
N HIS G 81 -31.73 43.53 12.05
CA HIS G 81 -30.69 44.44 11.60
C HIS G 81 -29.32 43.90 12.01
N THR G 82 -28.88 44.23 13.22
CA THR G 82 -27.64 43.71 13.75
C THR G 82 -27.84 42.31 14.32
N TYR G 83 -26.76 41.54 14.35
CA TYR G 83 -26.80 40.15 14.80
C TYR G 83 -26.73 40.12 16.32
N ASN G 84 -27.87 39.88 16.96
CA ASN G 84 -27.97 39.90 18.42
C ASN G 84 -28.46 38.55 18.93
N ALA G 85 -28.19 38.29 20.20
CA ALA G 85 -28.61 37.06 20.86
C ALA G 85 -28.96 37.35 22.31
N MET G 86 -30.05 36.74 22.78
CA MET G 86 -30.45 36.79 24.17
C MET G 86 -30.39 35.38 24.73
N VAL G 87 -29.62 35.19 25.80
CA VAL G 87 -29.39 33.88 26.40
C VAL G 87 -30.17 33.79 27.69
N TYR G 88 -31.13 32.87 27.75
CA TYR G 88 -31.94 32.65 28.93
C TYR G 88 -31.32 31.51 29.74
N VAL G 89 -30.92 31.81 30.98
CA VAL G 89 -30.30 30.83 31.86
C VAL G 89 -31.05 30.81 33.18
N ASP G 90 -30.97 29.67 33.86
CA ASP G 90 -31.51 29.50 35.20
C ASP G 90 -30.37 29.37 36.18
N LEU G 91 -30.39 30.18 37.24
CA LEU G 91 -29.50 30.00 38.38
C LEU G 91 -30.27 29.26 39.46
N ILE G 92 -29.80 28.07 39.81
CA ILE G 92 -30.48 27.21 40.77
C ILE G 92 -29.61 27.14 42.01
N VAL G 93 -30.03 27.84 43.07
CA VAL G 93 -29.43 27.68 44.38
C VAL G 93 -30.30 26.73 45.20
N GLY G 94 -29.66 25.97 46.08
CA GLY G 94 -30.39 25.01 46.87
C GLY G 94 -31.23 25.66 47.95
N THR G 95 -32.28 24.95 48.35
CA THR G 95 -33.06 25.38 49.50
C THR G 95 -32.25 25.24 50.77
N GLY G 96 -32.65 26.00 51.80
CA GLY G 96 -31.86 26.11 53.00
C GLY G 96 -30.68 27.05 52.88
N ALA G 97 -30.39 27.55 51.69
CA ALA G 97 -29.34 28.55 51.52
C ALA G 97 -29.82 29.89 52.07
N SER G 98 -28.94 30.55 52.82
CA SER G 98 -29.27 31.84 53.37
C SER G 98 -29.38 32.89 52.27
N GLU G 99 -29.99 34.02 52.62
CA GLU G 99 -30.15 35.09 51.64
C GLU G 99 -28.81 35.66 51.19
N VAL G 100 -27.82 35.69 52.08
CA VAL G 100 -26.50 36.19 51.71
C VAL G 100 -25.83 35.24 50.72
N GLU G 101 -26.06 33.94 50.87
CA GLU G 101 -25.50 32.98 49.92
C GLU G 101 -26.22 33.07 48.58
N ARG G 102 -27.53 33.31 48.61
CA ARG G 102 -28.30 33.40 47.38
C ARG G 102 -27.82 34.56 46.51
N GLU G 103 -27.70 35.74 47.11
CA GLU G 103 -27.30 36.92 46.36
C GLU G 103 -25.83 36.87 45.96
N THR G 104 -24.99 36.20 46.75
CA THR G 104 -23.58 36.07 46.39
C THR G 104 -23.41 35.16 45.18
N ALA G 105 -24.10 34.01 45.18
CA ALA G 105 -24.10 33.15 43.99
C ALA G 105 -24.73 33.86 42.81
N GLU G 106 -25.67 34.77 43.06
CA GLU G 106 -26.30 35.52 41.98
C GLU G 106 -25.31 36.45 41.29
N GLU G 107 -24.56 37.23 42.08
CA GLU G 107 -23.61 38.16 41.50
C GLU G 107 -22.37 37.46 40.96
N ARG G 108 -21.98 36.34 41.56
CA ARG G 108 -20.88 35.56 40.98
C ARG G 108 -21.26 35.01 39.62
N ALA G 109 -22.49 34.51 39.48
CA ALA G 109 -22.94 33.97 38.21
C ALA G 109 -23.06 35.06 37.15
N ARG G 110 -23.58 36.22 37.52
CA ARG G 110 -23.71 37.32 36.56
C ARG G 110 -22.34 37.78 36.08
N ARG G 111 -21.35 37.84 36.98
CA ARG G 111 -20.00 38.23 36.57
C ARG G 111 -19.40 37.21 35.62
N ALA G 112 -19.59 35.92 35.89
CA ALA G 112 -19.01 34.89 35.04
C ALA G 112 -19.70 34.82 33.69
N LEU G 113 -21.03 34.97 33.67
CA LEU G 113 -21.75 34.89 32.41
C LEU G 113 -21.42 36.07 31.50
N ALA G 114 -21.19 37.25 32.08
CA ALA G 114 -20.87 38.43 31.28
C ALA G 114 -19.57 38.21 30.50
N VAL G 115 -18.61 37.51 31.10
CA VAL G 115 -17.35 37.23 30.40
C VAL G 115 -17.51 36.05 29.46
N ALA G 116 -18.17 34.98 29.92
CA ALA G 116 -18.26 33.76 29.13
C ALA G 116 -19.14 33.95 27.89
N LEU G 117 -20.19 34.75 27.99
CA LEU G 117 -21.10 34.97 26.87
C LEU G 117 -20.71 36.19 26.03
N ARG G 118 -19.64 36.90 26.40
CA ARG G 118 -19.17 38.07 25.66
C ARG G 118 -20.29 39.11 25.54
N VAL G 119 -20.83 39.51 26.69
CA VAL G 119 -21.98 40.39 26.72
C VAL G 119 -21.58 41.80 26.29
N ASP G 120 -22.42 42.42 25.46
CA ASP G 120 -22.26 43.81 25.03
C ASP G 120 -20.98 44.00 24.20
N GLU G 121 -20.68 43.01 23.37
CA GLU G 121 -19.58 43.10 22.41
C GLU G 121 -19.74 42.00 21.37
N ALA G 122 -19.12 42.21 20.22
CA ALA G 122 -19.15 41.23 19.14
C ALA G 122 -18.27 40.04 19.50
N ASP G 123 -18.82 38.83 19.39
CA ASP G 123 -18.11 37.62 19.76
C ASP G 123 -17.45 37.00 18.53
N GLU G 124 -17.14 35.70 18.60
CA GLU G 124 -16.47 35.03 17.49
C GLU G 124 -17.36 34.97 16.25
N HIS G 125 -18.68 34.99 16.43
CA HIS G 125 -19.63 34.93 15.33
C HIS G 125 -20.16 36.32 14.95
N SER G 126 -19.47 37.38 15.38
CA SER G 126 -19.91 38.76 15.14
C SER G 126 -21.33 38.98 15.67
N CYS G 127 -21.53 38.61 16.94
CA CYS G 127 -22.84 38.67 17.58
C CYS G 127 -22.73 39.40 18.91
N VAL G 128 -23.61 40.37 19.12
CA VAL G 128 -23.72 41.05 20.40
C VAL G 128 -24.69 40.26 21.27
N THR G 129 -24.22 39.84 22.44
CA THR G 129 -24.96 38.91 23.29
C THR G 129 -25.43 39.59 24.56
N GLN G 130 -26.64 39.27 24.98
CA GLN G 130 -27.16 39.61 26.30
C GLN G 130 -27.75 38.36 26.93
N PHE G 131 -27.90 38.39 28.25
CA PHE G 131 -28.44 37.23 28.95
C PHE G 131 -29.47 37.66 29.99
N GLU G 132 -30.32 36.70 30.35
CA GLU G 132 -31.34 36.87 31.37
C GLU G 132 -31.26 35.70 32.33
N MET G 133 -31.20 35.99 33.62
CA MET G 133 -31.03 34.97 34.64
C MET G 133 -32.28 34.87 35.51
N LYS G 134 -32.89 33.69 35.54
CA LYS G 134 -34.02 33.42 36.41
C LYS G 134 -33.54 32.69 37.65
N LEU G 135 -33.81 33.27 38.82
CA LEU G 135 -33.42 32.65 40.08
C LEU G 135 -34.42 31.57 40.46
N ARG G 136 -33.91 30.39 40.80
CA ARG G 136 -34.75 29.27 41.23
C ARG G 136 -34.18 28.68 42.51
N GLU G 137 -35.08 28.25 43.40
CA GLU G 137 -34.72 27.58 44.64
C GLU G 137 -35.31 26.17 44.60
N GLU G 138 -34.44 25.17 44.67
CA GLU G 138 -34.85 23.79 44.51
C GLU G 138 -34.23 22.91 45.59
N LEU G 139 -34.82 21.72 45.75
CA LEU G 139 -34.34 20.71 46.69
C LEU G 139 -33.30 19.87 45.96
N LEU G 140 -32.03 20.27 46.08
CA LEU G 140 -30.98 19.64 45.30
C LEU G 140 -30.79 18.17 45.66
N SER G 141 -31.14 17.78 46.88
CA SER G 141 -31.01 16.40 47.31
C SER G 141 -32.24 15.56 47.02
N SER G 142 -33.34 16.18 46.56
CA SER G 142 -34.55 15.43 46.25
C SER G 142 -34.33 14.50 45.08
N ASP G 143 -35.06 13.38 45.08
CA ASP G 143 -35.01 12.43 43.99
C ASP G 143 -35.82 12.86 42.78
N SER G 144 -36.57 13.95 42.87
CA SER G 144 -37.36 14.46 41.76
C SER G 144 -36.76 15.75 41.17
N PHE G 145 -35.55 16.12 41.58
CA PHE G 145 -34.89 17.30 41.05
C PHE G 145 -33.87 16.91 39.99
N HIS G 146 -33.80 17.73 38.93
CA HIS G 146 -32.79 17.62 37.89
C HIS G 146 -32.56 19.04 37.39
N PRO G 147 -31.31 19.43 37.15
CA PRO G 147 -31.06 20.82 36.71
C PRO G 147 -31.76 21.18 35.41
N ASP G 148 -32.10 20.22 34.57
CA ASP G 148 -32.74 20.48 33.28
C ASP G 148 -34.11 19.82 33.20
N LYS G 149 -34.88 19.87 34.30
CA LYS G 149 -36.24 19.37 34.28
C LYS G 149 -37.06 20.14 33.23
N ASP G 150 -37.88 19.41 32.47
CA ASP G 150 -38.54 20.00 31.32
C ASP G 150 -39.56 21.07 31.69
N GLU G 151 -39.96 21.15 32.96
CA GLU G 151 -40.82 22.25 33.39
C GLU G 151 -40.09 23.59 33.29
N TYR G 152 -38.76 23.58 33.43
CA TYR G 152 -37.97 24.80 33.33
C TYR G 152 -37.91 25.35 31.91
N TYR G 153 -38.44 24.64 30.92
CA TYR G 153 -38.40 25.07 29.54
C TYR G 153 -39.77 25.46 28.99
N LYS G 154 -40.80 25.53 29.84
CA LYS G 154 -42.15 25.76 29.35
C LYS G 154 -42.30 27.14 28.70
N ASP G 155 -41.49 28.11 29.13
CA ASP G 155 -41.59 29.47 28.60
C ASP G 155 -41.09 29.56 27.16
N PHE G 156 -40.31 28.59 26.70
CA PHE G 156 -39.69 28.65 25.39
C PHE G 156 -40.15 27.56 24.43
N LEU G 157 -40.90 26.57 24.91
CA LEU G 157 -41.43 25.53 24.04
C LEU G 157 -42.93 25.70 23.83
N PRO H 2 -1.29 38.69 31.78
CA PRO H 2 -1.09 37.39 32.43
C PRO H 2 -0.91 36.25 31.44
N VAL H 3 -0.12 35.25 31.82
CA VAL H 3 0.17 34.10 30.98
C VAL H 3 -0.18 32.83 31.74
N ILE H 4 -0.86 31.91 31.09
CA ILE H 4 -1.30 30.66 31.70
C ILE H 4 -0.84 29.51 30.83
N GLN H 5 0.08 28.70 31.34
CA GLN H 5 0.52 27.48 30.67
C GLN H 5 -0.20 26.28 31.27
N THR H 6 -0.77 25.45 30.42
CA THR H 6 -1.49 24.25 30.83
C THR H 6 -0.75 23.02 30.36
N PHE H 7 -0.21 22.25 31.30
CA PHE H 7 0.44 20.98 31.03
C PHE H 7 -0.44 19.86 31.55
N VAL H 8 -0.90 19.00 30.66
CA VAL H 8 -1.67 17.81 31.04
C VAL H 8 -1.04 16.59 30.37
N SER H 9 -1.17 15.44 31.03
CA SER H 9 -0.72 14.19 30.44
C SER H 9 -1.74 13.61 29.46
N THR H 10 -2.99 14.03 29.56
CA THR H 10 -4.05 13.58 28.67
C THR H 10 -4.03 14.39 27.38
N PRO H 11 -4.67 13.88 26.32
CA PRO H 11 -4.76 14.66 25.08
C PRO H 11 -5.89 15.68 25.15
N LEU H 12 -5.61 16.85 24.57
CA LEU H 12 -6.59 17.95 24.49
C LEU H 12 -7.00 18.15 23.04
N ASP H 13 -8.30 18.29 22.80
CA ASP H 13 -8.83 18.58 21.48
C ASP H 13 -9.29 20.04 21.42
N HIS H 14 -10.00 20.38 20.34
CA HIS H 14 -10.48 21.74 20.17
C HIS H 14 -11.49 22.12 21.24
N GLU H 15 -12.36 21.19 21.61
CA GLU H 15 -13.40 21.48 22.60
C GLU H 15 -12.81 21.68 23.99
N LYS H 16 -11.88 20.81 24.39
CA LYS H 16 -11.30 20.90 25.72
C LYS H 16 -10.50 22.18 25.90
N ARG H 17 -9.73 22.57 24.87
CA ARG H 17 -8.97 23.80 24.96
C ARG H 17 -9.88 25.03 24.99
N ASN H 18 -10.95 25.01 24.20
CA ASN H 18 -11.87 26.14 24.16
C ASN H 18 -12.60 26.32 25.48
N MET H 19 -12.90 25.22 26.19
CA MET H 19 -13.52 25.32 27.50
C MET H 19 -12.56 25.93 28.51
N LEU H 20 -11.31 25.45 28.53
CA LEU H 20 -10.32 25.97 29.46
C LEU H 20 -10.05 27.44 29.21
N THR H 21 -9.99 27.85 27.94
CA THR H 21 -9.77 29.26 27.63
C THR H 21 -10.93 30.12 28.13
N LYS H 22 -12.17 29.65 27.94
CA LYS H 22 -13.32 30.43 28.42
C LYS H 22 -13.29 30.54 29.94
N VAL H 23 -12.88 29.48 30.63
CA VAL H 23 -12.76 29.55 32.08
C VAL H 23 -11.60 30.46 32.48
N TYR H 24 -10.48 30.36 31.76
CA TYR H 24 -9.33 31.21 32.06
C TYR H 24 -9.64 32.68 31.82
N ARG H 25 -10.50 32.99 30.84
CA ARG H 25 -10.94 34.36 30.64
C ARG H 25 -11.77 34.85 31.82
N ILE H 26 -12.64 33.99 32.36
CA ILE H 26 -13.42 34.35 33.54
C ILE H 26 -12.49 34.61 34.72
N VAL H 27 -11.48 33.76 34.90
CA VAL H 27 -10.56 33.91 36.03
C VAL H 27 -9.79 35.22 35.90
N THR H 28 -9.30 35.52 34.70
CA THR H 28 -8.50 36.73 34.49
C THR H 28 -9.32 37.99 34.77
N ASP H 29 -10.59 37.98 34.38
CA ASP H 29 -11.43 39.17 34.54
C ASP H 29 -11.91 39.34 35.97
N THR H 30 -12.44 38.27 36.56
CA THR H 30 -13.06 38.37 37.89
C THR H 30 -12.01 38.33 39.00
N ILE H 31 -11.26 37.22 39.08
CA ILE H 31 -10.35 37.04 40.20
C ILE H 31 -9.13 37.94 40.06
N LEU H 32 -8.45 37.87 38.92
CA LEU H 32 -7.23 38.64 38.72
C LEU H 32 -7.49 40.11 38.40
N GLY H 33 -8.71 40.47 38.04
CA GLY H 33 -9.03 41.87 37.79
C GLY H 33 -8.31 42.46 36.59
N LYS H 34 -7.99 41.64 35.60
CA LYS H 34 -7.32 42.07 34.39
C LYS H 34 -8.20 41.79 33.17
N PRO H 35 -7.95 42.48 32.06
CA PRO H 35 -8.79 42.25 30.86
C PRO H 35 -8.71 40.80 30.40
N ALA H 36 -9.86 40.28 29.97
CA ALA H 36 -9.95 38.89 29.53
C ALA H 36 -9.27 38.66 28.19
N GLU H 37 -8.98 39.71 27.44
CA GLU H 37 -8.32 39.57 26.15
C GLU H 37 -6.80 39.67 26.25
N LEU H 38 -6.28 40.08 27.40
CA LEU H 38 -4.84 40.25 27.58
C LEU H 38 -4.16 39.03 28.17
N VAL H 39 -4.88 37.94 28.39
CA VAL H 39 -4.29 36.71 28.91
C VAL H 39 -3.90 35.81 27.74
N MET H 40 -2.68 35.27 27.79
CA MET H 40 -2.18 34.36 26.77
C MET H 40 -2.16 32.95 27.37
N MET H 41 -2.81 32.02 26.68
CA MET H 41 -2.97 30.66 27.16
C MET H 41 -2.29 29.71 26.19
N THR H 42 -1.29 28.96 26.68
CA THR H 42 -0.61 27.95 25.91
C THR H 42 -0.97 26.57 26.46
N PHE H 43 -1.15 25.61 25.57
CA PHE H 43 -1.57 24.27 25.93
C PHE H 43 -0.54 23.25 25.46
N HIS H 44 -0.21 22.30 26.33
CA HIS H 44 0.79 21.26 26.06
C HIS H 44 0.21 19.93 26.54
N ASP H 45 -0.55 19.28 25.67
CA ASP H 45 -1.21 18.02 26.01
C ASP H 45 -0.27 16.84 25.79
N SER H 46 -0.70 15.67 26.28
CA SER H 46 0.03 14.42 26.11
C SER H 46 1.47 14.55 26.61
N THR H 47 1.63 15.28 27.71
CA THR H 47 2.96 15.46 28.28
C THR H 47 3.33 14.25 29.15
N PRO H 48 4.48 13.62 28.90
CA PRO H 48 4.92 12.54 29.80
C PRO H 48 5.19 13.07 31.20
N MET H 49 4.33 12.72 32.15
CA MET H 49 4.42 13.24 33.50
C MET H 49 4.36 12.09 34.51
N HIS H 50 5.18 12.20 35.55
CA HIS H 50 5.20 11.25 36.65
C HIS H 50 4.89 11.99 37.94
N PHE H 51 3.99 11.42 38.75
CA PHE H 51 3.58 12.03 40.01
C PHE H 51 2.91 11.02 40.93
N PHE H 52 3.32 11.00 42.20
CA PHE H 52 2.74 10.12 43.22
C PHE H 52 2.89 8.64 42.84
N GLY H 53 3.98 8.32 42.13
CA GLY H 53 4.27 6.94 41.82
C GLY H 53 3.51 6.34 40.67
N SER H 54 2.92 7.16 39.80
CA SER H 54 2.20 6.63 38.64
C SER H 54 2.12 7.70 37.57
N THR H 55 1.79 7.27 36.36
CA THR H 55 1.56 8.16 35.23
C THR H 55 0.08 8.35 34.95
N ASP H 56 -0.77 8.23 35.97
CA ASP H 56 -2.19 8.47 35.82
C ASP H 56 -2.44 9.91 35.37
N PRO H 57 -3.63 10.19 34.80
CA PRO H 57 -3.94 11.56 34.35
C PRO H 57 -3.61 12.62 35.40
N VAL H 58 -2.73 13.55 35.02
CA VAL H 58 -2.16 14.54 35.94
C VAL H 58 -1.97 15.84 35.18
N ALA H 59 -2.05 16.96 35.90
CA ALA H 59 -2.00 18.27 35.26
C ALA H 59 -1.16 19.23 36.10
N CYS H 60 -0.58 20.21 35.41
CA CYS H 60 0.21 21.25 36.07
C CYS H 60 -0.02 22.56 35.31
N VAL H 61 -0.65 23.53 35.97
CA VAL H 61 -0.95 24.83 35.37
C VAL H 61 0.00 25.86 35.96
N ARG H 62 0.67 26.61 35.10
CA ARG H 62 1.64 27.62 35.50
C ARG H 62 1.08 28.99 35.18
N VAL H 63 0.85 29.80 36.21
CA VAL H 63 0.23 31.11 36.08
C VAL H 63 1.30 32.17 36.32
N GLU H 64 1.52 33.03 35.32
CA GLU H 64 2.46 34.14 35.40
C GLU H 64 1.69 35.44 35.27
N ALA H 65 1.79 36.28 36.30
CA ALA H 65 1.06 37.56 36.35
C ALA H 65 2.02 38.67 36.75
N LEU H 66 2.16 39.66 35.89
CA LEU H 66 2.98 40.82 36.20
C LEU H 66 2.29 41.67 37.27
N GLY H 67 3.07 42.12 38.25
CA GLY H 67 2.54 42.88 39.35
C GLY H 67 2.10 42.07 40.55
N GLY H 68 2.39 40.76 40.57
CA GLY H 68 2.03 39.93 41.69
C GLY H 68 0.55 39.57 41.71
N TYR H 69 0.11 39.10 42.88
CA TYR H 69 -1.27 38.70 43.09
C TYR H 69 -1.79 39.36 44.36
N GLY H 70 -2.99 39.94 44.28
CA GLY H 70 -3.64 40.48 45.44
C GLY H 70 -3.90 39.38 46.45
N PRO H 71 -4.15 39.76 47.71
CA PRO H 71 -4.43 38.74 48.73
C PRO H 71 -5.68 37.95 48.38
N SER H 72 -5.65 36.65 48.70
CA SER H 72 -6.75 35.71 48.50
C SER H 72 -6.98 35.38 47.03
N GLU H 73 -6.28 36.08 46.13
CA GLU H 73 -6.45 35.78 44.69
C GLU H 73 -5.92 34.41 44.32
N PRO H 74 -4.69 34.00 44.70
CA PRO H 74 -4.21 32.68 44.26
C PRO H 74 -5.07 31.52 44.74
N GLU H 75 -5.66 31.62 45.94
CA GLU H 75 -6.51 30.54 46.43
C GLU H 75 -7.76 30.40 45.58
N LYS H 76 -8.34 31.52 45.16
CA LYS H 76 -9.54 31.47 44.32
C LYS H 76 -9.21 30.95 42.93
N VAL H 77 -8.08 31.38 42.37
CA VAL H 77 -7.64 30.88 41.05
C VAL H 77 -7.47 29.37 41.12
N THR H 78 -6.81 28.88 42.17
CA THR H 78 -6.58 27.45 42.31
C THR H 78 -7.91 26.68 42.35
N LYS H 79 -8.91 27.21 43.05
CA LYS H 79 -10.19 26.51 43.16
C LYS H 79 -10.87 26.40 41.80
N VAL H 80 -10.90 27.50 41.05
CA VAL H 80 -11.59 27.48 39.76
C VAL H 80 -10.80 26.69 38.73
N VAL H 81 -9.48 26.88 38.71
CA VAL H 81 -8.64 26.18 37.73
C VAL H 81 -8.71 24.67 37.97
N THR H 82 -8.63 24.25 39.24
CA THR H 82 -8.69 22.83 39.54
C THR H 82 -10.07 22.25 39.22
N ASP H 83 -11.13 23.02 39.49
CA ASP H 83 -12.47 22.58 39.11
C ASP H 83 -12.59 22.41 37.60
N ALA H 84 -12.04 23.36 36.84
CA ALA H 84 -12.16 23.31 35.39
C ALA H 84 -11.37 22.15 34.80
N ILE H 85 -10.12 21.98 35.23
CA ILE H 85 -9.29 20.89 34.71
C ILE H 85 -9.92 19.54 35.03
N SER H 86 -10.49 19.41 36.23
CA SER H 86 -11.14 18.16 36.61
C SER H 86 -12.34 17.88 35.71
N TYR H 87 -13.18 18.89 35.49
CA TYR H 87 -14.38 18.69 34.67
C TYR H 87 -14.02 18.41 33.21
N VAL H 88 -12.98 19.08 32.69
CA VAL H 88 -12.69 19.01 31.27
C VAL H 88 -11.85 17.77 30.95
N CYS H 89 -10.77 17.56 31.69
CA CYS H 89 -9.82 16.50 31.38
C CYS H 89 -10.07 15.21 32.14
N GLY H 90 -10.92 15.23 33.17
CA GLY H 90 -11.12 14.06 34.00
C GLY H 90 -10.02 13.80 34.99
N ILE H 91 -9.13 14.76 35.20
CA ILE H 91 -8.01 14.61 36.14
C ILE H 91 -8.50 14.95 37.53
N VAL H 92 -8.23 14.06 38.49
CA VAL H 92 -8.69 14.24 39.86
C VAL H 92 -7.98 15.42 40.51
N ALA H 93 -8.51 15.88 41.64
CA ALA H 93 -7.99 17.09 42.25
C ALA H 93 -6.60 16.90 42.83
N ASP H 94 -6.34 15.78 43.50
CA ASP H 94 -5.03 15.60 44.12
C ASP H 94 -3.93 15.25 43.10
N ARG H 95 -4.19 15.44 41.81
CA ARG H 95 -3.18 15.30 40.77
C ARG H 95 -3.17 16.54 39.87
N ILE H 96 -3.43 17.70 40.45
CA ILE H 96 -3.45 18.97 39.72
C ILE H 96 -2.60 19.97 40.49
N PHE H 97 -1.49 20.40 39.88
CA PHE H 97 -0.65 21.44 40.42
C PHE H 97 -0.98 22.78 39.75
N VAL H 98 -1.01 23.84 40.54
CA VAL H 98 -1.17 25.20 40.04
C VAL H 98 -0.06 26.04 40.63
N LEU H 99 0.89 26.45 39.79
CA LEU H 99 2.05 27.22 40.22
C LEU H 99 1.84 28.69 39.85
N TYR H 100 2.26 29.58 40.75
CA TYR H 100 2.03 31.01 40.59
C TYR H 100 3.38 31.73 40.56
N PHE H 101 3.60 32.51 39.52
CA PHE H 101 4.84 33.26 39.33
C PHE H 101 4.51 34.70 38.99
N SER H 102 5.54 35.53 38.97
CA SER H 102 5.40 36.94 38.64
C SER H 102 6.68 37.43 37.95
N PRO H 103 6.66 37.65 36.65
CA PRO H 103 7.89 38.04 35.95
C PRO H 103 8.37 39.42 36.36
N LEU H 104 9.68 39.62 36.22
CA LEU H 104 10.27 40.93 36.51
C LEU H 104 9.76 41.98 35.53
N HIS H 105 9.71 41.64 34.25
CA HIS H 105 9.22 42.54 33.22
C HIS H 105 8.44 41.74 32.20
N CYS H 106 7.64 42.45 31.40
CA CYS H 106 6.85 41.84 30.35
C CYS H 106 6.87 42.71 29.11
N GLY H 107 7.02 42.09 27.95
CA GLY H 107 7.02 42.84 26.70
C GLY H 107 5.80 42.58 25.83
N TRP H 108 5.18 43.64 25.31
CA TRP H 108 4.04 43.49 24.42
C TRP H 108 4.00 44.68 23.47
N ASN H 109 3.73 44.40 22.20
CA ASN H 109 3.68 45.42 21.15
C ASN H 109 5.02 46.17 21.04
N GLY H 110 6.12 45.48 21.33
CA GLY H 110 7.44 46.07 21.21
C GLY H 110 7.92 46.86 22.40
N THR H 111 7.08 47.06 23.41
CA THR H 111 7.44 47.85 24.59
C THR H 111 7.06 47.10 25.86
N ASN H 112 7.64 47.55 26.96
CA ASN H 112 7.36 46.94 28.26
C ASN H 112 6.36 47.78 29.05
N SER I 2 -31.11 5.36 9.55
CA SER I 2 -31.96 4.22 9.89
C SER I 2 -32.94 4.56 11.02
N VAL I 3 -32.41 5.16 12.08
CA VAL I 3 -33.20 5.57 13.24
C VAL I 3 -33.16 7.09 13.31
N ASN I 4 -34.34 7.71 13.30
CA ASN I 4 -34.48 9.16 13.39
C ASN I 4 -35.02 9.51 14.78
N THR I 5 -34.26 10.30 15.53
CA THR I 5 -34.60 10.68 16.89
C THR I 5 -34.78 12.20 16.96
N SER I 6 -35.86 12.63 17.60
CA SER I 6 -36.17 14.05 17.72
C SER I 6 -36.66 14.35 19.12
N PHE I 7 -36.16 15.45 19.69
CA PHE I 7 -36.58 15.94 21.00
C PHE I 7 -37.66 16.99 20.81
N LEU I 8 -38.92 16.62 21.05
CA LEU I 8 -39.98 17.61 21.10
C LEU I 8 -39.87 18.44 22.37
N SER I 9 -39.38 17.84 23.44
CA SER I 9 -39.08 18.52 24.70
C SER I 9 -37.96 17.76 25.36
N PRO I 10 -37.40 18.29 26.45
CA PRO I 10 -36.37 17.52 27.18
C PRO I 10 -36.79 16.10 27.54
N SER I 11 -38.07 15.90 27.86
CA SER I 11 -38.55 14.59 28.30
C SER I 11 -39.51 13.94 27.31
N LEU I 12 -39.59 14.44 26.07
CA LEU I 12 -40.48 13.89 25.06
C LEU I 12 -39.69 13.69 23.77
N VAL I 13 -39.51 12.44 23.36
CA VAL I 13 -38.67 12.08 22.24
C VAL I 13 -39.44 11.15 21.31
N THR I 14 -39.41 11.45 20.01
CA THR I 14 -39.94 10.57 18.98
C THR I 14 -38.81 9.76 18.37
N ILE I 15 -39.04 8.47 18.17
CA ILE I 15 -38.04 7.56 17.63
C ILE I 15 -38.66 6.81 16.45
N ARG I 16 -38.12 7.03 15.27
CA ARG I 16 -38.60 6.42 14.03
C ARG I 16 -37.54 5.49 13.49
N ASP I 17 -37.86 4.20 13.42
CA ASP I 17 -36.95 3.18 12.90
C ASP I 17 -37.42 2.81 11.49
N PHE I 18 -36.68 3.28 10.48
CA PHE I 18 -37.06 3.02 9.10
C PHE I 18 -36.86 1.55 8.75
N ASP I 19 -35.72 0.97 9.14
CA ASP I 19 -35.41 -0.40 8.75
C ASP I 19 -36.39 -1.40 9.37
N LYS I 20 -36.72 -1.21 10.64
CA LYS I 20 -37.64 -2.10 11.33
C LYS I 20 -39.10 -1.64 11.24
N GLY I 21 -39.36 -0.54 10.56
CA GLY I 21 -40.71 -0.06 10.36
C GLY I 21 -41.47 0.19 11.65
N GLN I 22 -40.83 0.84 12.62
CA GLN I 22 -41.42 1.11 13.91
C GLN I 22 -41.45 2.60 14.20
N PHE I 23 -42.36 2.98 15.10
CA PHE I 23 -42.42 4.34 15.63
C PHE I 23 -42.78 4.24 17.10
N ALA I 24 -42.00 4.91 17.95
CA ALA I 24 -42.24 4.89 19.38
C ALA I 24 -42.05 6.28 19.95
N VAL I 25 -42.76 6.55 21.04
CA VAL I 25 -42.65 7.81 21.78
C VAL I 25 -41.95 7.49 23.09
N LEU I 26 -40.72 7.98 23.24
CA LEU I 26 -40.01 7.89 24.51
C LEU I 26 -40.34 9.12 25.34
N ARG I 27 -40.83 8.92 26.56
CA ARG I 27 -41.12 10.03 27.45
C ARG I 27 -40.65 9.68 28.86
N ILE I 28 -40.08 10.67 29.53
CA ILE I 28 -39.65 10.51 30.94
C ILE I 28 -40.78 11.07 31.78
N GLY I 29 -41.84 10.27 31.91
CA GLY I 29 -43.11 10.71 32.46
C GLY I 29 -43.10 11.28 33.86
N ARG I 30 -42.70 10.46 34.84
CA ARG I 30 -42.91 10.84 36.24
C ARG I 30 -42.05 12.04 36.62
N THR I 31 -40.78 12.03 36.23
CA THR I 31 -39.84 13.06 36.68
C THR I 31 -39.71 14.22 35.71
N GLY I 32 -39.93 13.99 34.41
CA GLY I 32 -39.70 15.05 33.44
C GLY I 32 -38.25 15.34 33.17
N PHE I 33 -37.35 14.41 33.51
CA PHE I 33 -35.93 14.62 33.33
C PHE I 33 -35.57 14.54 31.85
N PRO I 34 -34.42 15.08 31.46
CA PRO I 34 -33.99 14.95 30.06
C PRO I 34 -33.61 13.53 29.73
N ALA I 35 -34.13 13.02 28.62
CA ALA I 35 -33.76 11.69 28.15
C ALA I 35 -32.30 11.70 27.70
N ASP I 36 -31.54 10.70 28.15
CA ASP I 36 -30.15 10.54 27.76
C ASP I 36 -30.01 9.36 26.82
N LYS I 37 -28.76 9.05 26.46
CA LYS I 37 -28.50 7.93 25.55
C LYS I 37 -29.00 6.62 26.13
N GLY I 38 -28.88 6.44 27.45
CA GLY I 38 -29.36 5.22 28.07
C GLY I 38 -30.86 5.06 27.96
N ASP I 39 -31.60 6.14 28.19
CA ASP I 39 -33.05 6.10 28.02
C ASP I 39 -33.44 5.74 26.59
N ILE I 40 -32.71 6.29 25.62
CA ILE I 40 -32.99 5.98 24.21
C ILE I 40 -32.59 4.54 23.91
N ASP I 41 -31.44 4.10 24.43
CA ASP I 41 -31.02 2.72 24.21
C ASP I 41 -32.03 1.74 24.81
N LEU I 42 -32.60 2.08 25.96
CA LEU I 42 -33.62 1.22 26.56
C LEU I 42 -34.88 1.20 25.70
N CYS I 43 -35.30 2.37 25.21
CA CYS I 43 -36.47 2.42 24.34
C CYS I 43 -36.26 1.58 23.08
N LEU I 44 -35.10 1.73 22.44
CA LEU I 44 -34.78 0.90 21.28
C LEU I 44 -34.74 -0.58 21.64
N SER I 45 -34.33 -0.90 22.87
CA SER I 45 -34.31 -2.29 23.29
C SER I 45 -35.72 -2.84 23.44
N LYS I 46 -36.62 -2.05 24.04
CA LYS I 46 -38.01 -2.49 24.19
C LYS I 46 -38.72 -2.52 22.85
N MET I 47 -38.41 -1.57 21.96
CA MET I 47 -38.91 -1.64 20.60
C MET I 47 -38.46 -2.93 19.92
N ASP I 48 -37.21 -3.35 20.16
CA ASP I 48 -36.73 -4.60 19.62
C ASP I 48 -37.48 -5.79 20.22
N GLY I 49 -37.82 -5.70 21.50
CA GLY I 49 -38.54 -6.79 22.15
C GLY I 49 -39.94 -6.97 21.59
N VAL I 50 -40.63 -5.86 21.29
CA VAL I 50 -41.96 -5.95 20.72
C VAL I 50 -41.91 -6.64 19.36
N LEU I 51 -40.84 -6.40 18.59
CA LEU I 51 -40.67 -7.09 17.31
C LEU I 51 -40.54 -8.60 17.53
N ALA I 52 -39.81 -9.01 18.54
CA ALA I 52 -39.66 -10.44 18.83
C ALA I 52 -40.98 -11.06 19.24
N ALA I 53 -41.76 -10.35 20.06
CA ALA I 53 -43.07 -10.86 20.47
C ALA I 53 -44.01 -11.01 19.29
N GLN I 54 -43.89 -10.12 18.29
CA GLN I 54 -44.73 -10.21 17.10
C GLN I 54 -44.47 -11.51 16.35
N LEU I 55 -43.20 -11.93 16.27
CA LEU I 55 -42.86 -13.16 15.57
C LEU I 55 -43.44 -14.40 16.24
N TYR I 56 -43.79 -14.31 17.52
CA TYR I 56 -44.44 -15.42 18.20
C TYR I 56 -45.89 -15.59 17.76
N LEU I 57 -46.51 -14.52 17.27
CA LEU I 57 -47.87 -14.59 16.74
C LEU I 57 -47.93 -14.81 15.24
N GLY I 58 -46.91 -14.39 14.51
CA GLY I 58 -46.89 -14.59 13.07
C GLY I 58 -45.82 -13.72 12.43
N ASN I 59 -45.59 -13.99 11.15
CA ASN I 59 -44.62 -13.23 10.38
C ASN I 59 -45.36 -12.09 9.67
N PRO I 60 -45.15 -10.83 10.05
CA PRO I 60 -45.90 -9.74 9.42
C PRO I 60 -45.48 -9.45 7.99
N ARG I 61 -44.30 -9.89 7.57
CA ARG I 61 -43.86 -9.66 6.20
C ARG I 61 -44.47 -10.65 5.20
N GLU I 62 -45.22 -11.63 5.67
CA GLU I 62 -45.87 -12.57 4.77
C GLU I 62 -46.95 -11.86 3.97
N PRO I 63 -47.04 -12.06 2.66
CA PRO I 63 -48.11 -11.44 1.88
C PRO I 63 -49.47 -11.94 2.33
N GLY I 64 -50.42 -11.01 2.44
CA GLY I 64 -51.74 -11.35 2.94
C GLY I 64 -51.77 -11.68 4.41
N PHE I 65 -50.88 -11.05 5.19
CA PHE I 65 -50.84 -11.31 6.63
C PHE I 65 -52.09 -10.76 7.30
N LYS I 66 -52.85 -11.65 7.95
CA LYS I 66 -54.12 -11.29 8.57
C LYS I 66 -53.99 -11.14 10.08
N GLY I 67 -52.86 -10.63 10.56
CA GLY I 67 -52.67 -10.36 11.96
C GLY I 67 -52.55 -11.62 12.80
N PRO I 68 -52.60 -11.47 14.13
CA PRO I 68 -52.74 -10.20 14.87
C PRO I 68 -51.43 -9.41 14.93
N HIS I 69 -51.50 -8.11 15.21
CA HIS I 69 -50.33 -7.25 15.26
C HIS I 69 -50.04 -6.83 16.69
N ILE I 70 -48.76 -6.83 17.05
CA ILE I 70 -48.29 -6.22 18.29
C ILE I 70 -47.42 -5.03 17.88
N ARG I 71 -47.89 -3.83 18.16
CA ARG I 71 -47.20 -2.60 17.77
C ARG I 71 -46.86 -1.81 19.02
N ILE I 72 -45.60 -1.41 19.14
CA ILE I 72 -45.19 -0.56 20.25
C ILE I 72 -45.64 0.87 19.97
N ARG I 73 -46.07 1.56 21.02
CA ARG I 73 -46.55 2.93 20.91
C ARG I 73 -45.73 3.91 21.71
N CYS I 74 -45.27 3.54 22.89
CA CYS I 74 -44.58 4.46 23.77
C CYS I 74 -43.88 3.68 24.87
N VAL I 75 -42.74 4.21 25.31
CA VAL I 75 -42.01 3.70 26.47
C VAL I 75 -41.91 4.83 27.48
N ASP I 76 -42.53 4.65 28.64
CA ASP I 76 -42.59 5.67 29.67
C ASP I 76 -41.65 5.27 30.80
N ILE I 77 -40.56 6.02 30.94
CA ILE I 77 -39.51 5.69 31.89
C ILE I 77 -39.75 6.41 33.21
N ASP I 78 -39.68 5.66 34.31
CA ASP I 78 -39.72 6.21 35.66
C ASP I 78 -38.33 6.06 36.25
N ASP I 79 -37.59 7.17 36.35
CA ASP I 79 -36.22 7.15 36.85
C ASP I 79 -36.08 7.90 38.18
N LYS I 80 -37.17 8.08 38.91
CA LYS I 80 -37.14 8.79 40.18
C LYS I 80 -36.32 8.04 41.21
N HIS I 81 -36.88 6.96 41.75
CA HIS I 81 -36.17 6.13 42.72
C HIS I 81 -35.46 4.98 42.00
N THR I 82 -36.21 3.96 41.63
CA THR I 82 -35.68 2.82 40.89
C THR I 82 -35.98 2.98 39.40
N TYR I 83 -35.11 2.39 38.58
CA TYR I 83 -35.18 2.55 37.13
C TYR I 83 -36.26 1.63 36.58
N ASN I 84 -37.40 2.21 36.19
CA ASN I 84 -38.54 1.45 35.69
C ASN I 84 -38.93 1.95 34.30
N ALA I 85 -39.67 1.10 33.58
CA ALA I 85 -40.19 1.45 32.26
C ALA I 85 -41.57 0.83 32.09
N MET I 86 -42.47 1.59 31.47
CA MET I 86 -43.82 1.12 31.16
C MET I 86 -44.00 1.17 29.65
N VAL I 87 -44.10 0.00 29.03
CA VAL I 87 -44.21 -0.11 27.57
C VAL I 87 -45.68 -0.15 27.20
N TYR I 88 -46.11 0.78 26.34
CA TYR I 88 -47.47 0.80 25.83
C TYR I 88 -47.49 0.19 24.44
N VAL I 89 -48.26 -0.89 24.27
CA VAL I 89 -48.37 -1.57 22.99
C VAL I 89 -49.84 -1.70 22.60
N ASP I 90 -50.07 -1.93 21.32
CA ASP I 90 -51.39 -2.22 20.78
C ASP I 90 -51.43 -3.63 20.25
N LEU I 91 -52.51 -4.35 20.56
CA LEU I 91 -52.79 -5.64 19.96
C LEU I 91 -53.94 -5.45 18.97
N ILE I 92 -53.64 -5.60 17.69
CA ILE I 92 -54.61 -5.34 16.62
C ILE I 92 -55.01 -6.68 16.03
N VAL I 93 -56.25 -7.08 16.28
CA VAL I 93 -56.79 -8.31 15.72
C VAL I 93 -57.76 -7.94 14.60
N GLY I 94 -58.00 -8.90 13.71
CA GLY I 94 -58.89 -8.65 12.59
C GLY I 94 -60.33 -8.41 13.03
N THR I 95 -61.05 -7.66 12.20
CA THR I 95 -62.43 -7.31 12.54
C THR I 95 -63.36 -8.51 12.56
N GLY I 96 -63.00 -9.57 11.85
CA GLY I 96 -63.81 -10.78 11.79
C GLY I 96 -63.49 -11.81 12.84
N ALA I 97 -62.52 -11.54 13.71
CA ALA I 97 -62.13 -12.51 14.71
C ALA I 97 -63.26 -12.76 15.71
N SER I 98 -63.39 -14.01 16.15
CA SER I 98 -64.37 -14.37 17.15
C SER I 98 -63.78 -14.15 18.54
N GLU I 99 -64.59 -14.40 19.57
CA GLU I 99 -64.13 -14.14 20.92
C GLU I 99 -63.08 -15.14 21.38
N VAL I 100 -63.10 -16.35 20.82
CA VAL I 100 -62.05 -17.32 21.15
C VAL I 100 -60.75 -17.02 20.42
N GLU I 101 -60.81 -16.29 19.30
CA GLU I 101 -59.58 -15.90 18.62
C GLU I 101 -58.96 -14.65 19.24
N ARG I 102 -59.81 -13.70 19.66
CA ARG I 102 -59.31 -12.50 20.32
C ARG I 102 -58.67 -12.84 21.66
N GLU I 103 -59.28 -13.74 22.43
CA GLU I 103 -58.72 -14.10 23.73
C GLU I 103 -57.48 -14.97 23.59
N THR I 104 -57.37 -15.73 22.51
CA THR I 104 -56.15 -16.52 22.30
C THR I 104 -54.98 -15.61 21.95
N ALA I 105 -55.17 -14.70 20.99
CA ALA I 105 -54.13 -13.74 20.66
C ALA I 105 -53.82 -12.83 21.84
N GLU I 106 -54.81 -12.59 22.70
CA GLU I 106 -54.59 -11.75 23.87
C GLU I 106 -53.67 -12.44 24.87
N GLU I 107 -53.95 -13.69 25.19
CA GLU I 107 -53.08 -14.44 26.09
C GLU I 107 -51.73 -14.75 25.44
N ARG I 108 -51.72 -15.03 24.13
CA ARG I 108 -50.47 -15.36 23.47
C ARG I 108 -49.54 -14.15 23.41
N ALA I 109 -50.09 -12.97 23.10
CA ALA I 109 -49.25 -11.78 23.05
C ALA I 109 -48.72 -11.42 24.44
N ARG I 110 -49.54 -11.62 25.48
CA ARG I 110 -49.08 -11.31 26.83
C ARG I 110 -47.96 -12.25 27.26
N ARG I 111 -48.05 -13.52 26.91
CA ARG I 111 -46.98 -14.46 27.26
C ARG I 111 -45.68 -14.10 26.54
N ALA I 112 -45.76 -13.72 25.27
CA ALA I 112 -44.56 -13.37 24.51
C ALA I 112 -43.96 -12.06 25.00
N LEU I 113 -44.80 -11.04 25.22
CA LEU I 113 -44.30 -9.75 25.69
C LEU I 113 -43.68 -9.86 27.07
N ALA I 114 -44.23 -10.71 27.94
CA ALA I 114 -43.66 -10.88 29.27
C ALA I 114 -42.23 -11.40 29.22
N VAL I 115 -41.89 -12.17 28.19
CA VAL I 115 -40.54 -12.69 28.04
C VAL I 115 -39.65 -11.71 27.29
N ALA I 116 -40.13 -11.22 26.14
CA ALA I 116 -39.30 -10.35 25.30
C ALA I 116 -38.97 -9.04 25.99
N LEU I 117 -39.92 -8.50 26.76
CA LEU I 117 -39.70 -7.25 27.48
C LEU I 117 -39.06 -7.46 28.84
N ARG I 118 -38.89 -8.71 29.27
CA ARG I 118 -38.25 -9.03 30.54
C ARG I 118 -38.97 -8.35 31.71
N VAL I 119 -40.26 -8.68 31.84
CA VAL I 119 -41.11 -8.03 32.82
C VAL I 119 -40.76 -8.50 34.23
N ASP I 120 -40.87 -7.58 35.20
CA ASP I 120 -40.72 -7.86 36.63
C ASP I 120 -39.31 -8.31 36.99
N GLU I 121 -38.30 -7.85 36.24
CA GLU I 121 -36.92 -8.19 36.56
C GLU I 121 -36.00 -7.17 35.90
N ALA I 122 -34.78 -7.09 36.43
CA ALA I 122 -33.77 -6.21 35.85
C ALA I 122 -33.31 -6.78 34.52
N ASP I 123 -33.33 -5.96 33.47
CA ASP I 123 -33.00 -6.40 32.13
C ASP I 123 -31.54 -6.04 31.81
N GLU I 124 -31.24 -5.86 30.52
CA GLU I 124 -29.87 -5.57 30.11
C GLU I 124 -29.40 -4.23 30.65
N HIS I 125 -30.32 -3.28 30.83
CA HIS I 125 -29.98 -1.93 31.26
C HIS I 125 -30.38 -1.67 32.71
N SER I 126 -30.49 -2.71 33.53
CA SER I 126 -30.84 -2.58 34.94
C SER I 126 -32.19 -1.88 35.12
N CYS I 127 -33.14 -2.21 34.25
CA CYS I 127 -34.45 -1.59 34.25
C CYS I 127 -35.53 -2.64 34.49
N VAL I 128 -36.46 -2.32 35.38
CA VAL I 128 -37.59 -3.19 35.66
C VAL I 128 -38.74 -2.76 34.75
N THR I 129 -39.14 -3.64 33.84
CA THR I 129 -40.07 -3.30 32.77
C THR I 129 -41.48 -3.76 33.10
N GLN I 130 -42.45 -2.89 32.84
CA GLN I 130 -43.87 -3.22 32.83
C GLN I 130 -44.42 -2.92 31.45
N PHE I 131 -45.58 -3.49 31.14
CA PHE I 131 -46.22 -3.22 29.86
C PHE I 131 -47.72 -3.13 30.04
N GLU I 132 -48.37 -2.46 29.08
CA GLU I 132 -49.81 -2.25 29.08
C GLU I 132 -50.31 -2.46 27.67
N MET I 133 -51.22 -3.41 27.49
CA MET I 133 -51.69 -3.80 26.16
C MET I 133 -53.09 -3.26 25.93
N LYS I 134 -53.27 -2.54 24.83
CA LYS I 134 -54.56 -2.01 24.41
C LYS I 134 -55.04 -2.83 23.22
N LEU I 135 -56.23 -3.41 23.34
CA LEU I 135 -56.77 -4.24 22.27
C LEU I 135 -57.55 -3.39 21.29
N ARG I 136 -57.28 -3.59 19.99
CA ARG I 136 -57.99 -2.89 18.94
C ARG I 136 -58.53 -3.90 17.93
N GLU I 137 -59.62 -3.51 17.26
CA GLU I 137 -60.23 -4.32 16.21
C GLU I 137 -60.31 -3.45 14.96
N GLU I 138 -59.67 -3.90 13.88
CA GLU I 138 -59.54 -3.09 12.68
C GLU I 138 -59.78 -3.93 11.44
N LEU I 139 -60.17 -3.26 10.36
CA LEU I 139 -60.29 -3.88 9.04
C LEU I 139 -58.90 -3.96 8.44
N LEU I 140 -58.29 -5.14 8.51
CA LEU I 140 -56.87 -5.27 8.13
C LEU I 140 -56.67 -5.10 6.63
N SER I 141 -57.56 -5.67 5.81
CA SER I 141 -57.44 -5.56 4.37
C SER I 141 -57.98 -4.25 3.82
N SER I 142 -58.10 -3.23 4.65
CA SER I 142 -58.56 -1.92 4.21
C SER I 142 -57.39 -1.10 3.66
N ASP I 143 -57.70 -0.24 2.69
CA ASP I 143 -56.68 0.67 2.15
C ASP I 143 -56.34 1.80 3.11
N SER I 144 -57.12 1.99 4.18
CA SER I 144 -56.89 3.06 5.14
C SER I 144 -56.36 2.55 6.48
N PHE I 145 -55.85 1.31 6.52
CA PHE I 145 -55.31 0.73 7.73
C PHE I 145 -53.79 0.62 7.61
N HIS I 146 -53.10 0.89 8.72
CA HIS I 146 -51.68 0.68 8.87
C HIS I 146 -51.50 0.45 10.36
N PRO I 147 -50.75 -0.59 10.76
CA PRO I 147 -50.62 -0.89 12.19
C PRO I 147 -50.08 0.25 13.03
N ASP I 148 -49.35 1.20 12.44
CA ASP I 148 -48.81 2.34 13.15
C ASP I 148 -49.45 3.64 12.71
N LYS I 149 -50.78 3.63 12.53
CA LYS I 149 -51.49 4.86 12.20
C LYS I 149 -51.29 5.89 13.29
N ASP I 150 -51.12 7.16 12.89
CA ASP I 150 -50.77 8.20 13.86
C ASP I 150 -51.86 8.42 14.90
N GLU I 151 -53.10 8.00 14.60
CA GLU I 151 -54.17 8.09 15.59
C GLU I 151 -53.85 7.24 16.82
N TYR I 152 -53.14 6.13 16.62
CA TYR I 152 -52.83 5.22 17.72
C TYR I 152 -51.82 5.80 18.70
N TYR I 153 -51.21 6.94 18.38
CA TYR I 153 -50.22 7.56 19.24
C TYR I 153 -50.72 8.82 19.94
N LYS I 154 -52.01 9.16 19.77
CA LYS I 154 -52.48 10.45 20.27
C LYS I 154 -52.49 10.53 21.79
N ASP I 155 -52.54 9.39 22.47
CA ASP I 155 -52.48 9.38 23.93
C ASP I 155 -51.10 9.67 24.47
N PHE I 156 -50.07 9.70 23.62
CA PHE I 156 -48.70 9.89 24.07
C PHE I 156 -48.00 11.09 23.46
N LEU I 157 -48.60 11.72 22.45
CA LEU I 157 -48.02 12.92 21.84
C LEU I 157 -48.82 14.16 22.22
N PRO J 2 -32.44 -26.91 26.90
CA PRO J 2 -32.55 -27.06 25.45
C PRO J 2 -31.43 -26.34 24.70
N VAL J 3 -31.00 -26.91 23.58
CA VAL J 3 -29.96 -26.34 22.73
C VAL J 3 -30.53 -26.13 21.34
N ILE J 4 -30.25 -24.96 20.76
CA ILE J 4 -30.77 -24.58 19.46
C ILE J 4 -29.60 -24.13 18.58
N GLN J 5 -29.29 -24.91 17.55
CA GLN J 5 -28.28 -24.54 16.57
C GLN J 5 -28.97 -23.99 15.32
N THR J 6 -28.50 -22.84 14.86
CA THR J 6 -29.06 -22.20 13.67
C THR J 6 -28.01 -22.19 12.57
N PHE J 7 -28.31 -22.89 11.47
CA PHE J 7 -27.47 -22.91 10.28
C PHE J 7 -28.19 -22.16 9.17
N VAL J 8 -27.60 -21.06 8.71
CA VAL J 8 -28.16 -20.28 7.62
C VAL J 8 -27.07 -20.03 6.58
N SER J 9 -27.48 -20.00 5.31
CA SER J 9 -26.55 -19.72 4.23
C SER J 9 -26.25 -18.24 4.08
N THR J 10 -27.02 -17.38 4.72
CA THR J 10 -26.89 -15.93 4.68
C THR J 10 -26.08 -15.42 5.85
N PRO J 11 -25.50 -14.22 5.75
CA PRO J 11 -24.76 -13.67 6.89
C PRO J 11 -25.69 -13.24 8.02
N LEU J 12 -25.14 -13.24 9.23
CA LEU J 12 -25.87 -12.84 10.43
C LEU J 12 -25.03 -11.82 11.19
N ASP J 13 -25.59 -10.62 11.36
CA ASP J 13 -24.94 -9.58 12.14
C ASP J 13 -25.44 -9.63 13.57
N HIS J 14 -25.06 -8.65 14.39
CA HIS J 14 -25.47 -8.64 15.79
C HIS J 14 -26.99 -8.46 15.91
N GLU J 15 -27.58 -7.63 15.05
CA GLU J 15 -29.01 -7.39 15.12
C GLU J 15 -29.80 -8.66 14.81
N LYS J 16 -29.41 -9.38 13.76
CA LYS J 16 -30.14 -10.59 13.37
C LYS J 16 -30.00 -11.69 14.41
N ARG J 17 -28.79 -11.86 14.96
CA ARG J 17 -28.59 -12.89 15.98
C ARG J 17 -29.41 -12.60 17.23
N ASN J 18 -29.43 -11.33 17.66
CA ASN J 18 -30.17 -10.97 18.86
C ASN J 18 -31.67 -11.14 18.66
N MET J 19 -32.18 -10.80 17.48
CA MET J 19 -33.61 -10.95 17.22
C MET J 19 -34.01 -12.42 17.29
N LEU J 20 -33.24 -13.30 16.64
CA LEU J 20 -33.50 -14.73 16.76
C LEU J 20 -33.29 -15.20 18.20
N THR J 21 -32.35 -14.58 18.92
CA THR J 21 -32.13 -14.95 20.31
C THR J 21 -33.36 -14.65 21.16
N LYS J 22 -33.94 -13.46 20.97
CA LYS J 22 -35.12 -13.09 21.76
C LYS J 22 -36.34 -13.93 21.39
N VAL J 23 -36.44 -14.36 20.13
CA VAL J 23 -37.58 -15.18 19.73
C VAL J 23 -37.46 -16.58 20.32
N TYR J 24 -36.28 -17.20 20.19
CA TYR J 24 -36.08 -18.52 20.78
C TYR J 24 -36.25 -18.50 22.29
N ARG J 25 -35.95 -17.36 22.93
CA ARG J 25 -36.21 -17.24 24.37
C ARG J 25 -37.71 -17.34 24.65
N ILE J 26 -38.54 -16.76 23.77
CA ILE J 26 -39.98 -16.90 23.92
C ILE J 26 -40.39 -18.34 23.70
N VAL J 27 -39.79 -19.00 22.70
CA VAL J 27 -40.17 -20.37 22.36
C VAL J 27 -39.92 -21.31 23.54
N THR J 28 -38.79 -21.13 24.23
CA THR J 28 -38.48 -22.02 25.35
C THR J 28 -39.44 -21.81 26.51
N ASP J 29 -39.74 -20.56 26.86
CA ASP J 29 -40.63 -20.28 27.98
C ASP J 29 -42.06 -20.70 27.65
N THR J 30 -42.59 -20.25 26.52
CA THR J 30 -44.00 -20.46 26.21
C THR J 30 -44.28 -21.89 25.77
N ILE J 31 -43.59 -22.35 24.73
CA ILE J 31 -43.89 -23.65 24.13
C ILE J 31 -43.17 -24.78 24.83
N LEU J 32 -41.86 -24.66 25.00
CA LEU J 32 -41.08 -25.74 25.61
C LEU J 32 -41.24 -25.82 27.13
N GLY J 33 -41.82 -24.80 27.76
CA GLY J 33 -42.07 -24.85 29.18
C GLY J 33 -40.84 -24.86 30.06
N LYS J 34 -39.70 -24.43 29.53
CA LYS J 34 -38.45 -24.38 30.25
C LYS J 34 -38.01 -22.93 30.41
N PRO J 35 -37.20 -22.62 31.42
CA PRO J 35 -36.75 -21.23 31.62
C PRO J 35 -35.91 -20.76 30.45
N ALA J 36 -36.11 -19.49 30.08
CA ALA J 36 -35.49 -18.93 28.88
C ALA J 36 -33.98 -18.75 29.01
N GLU J 37 -33.42 -18.82 30.22
CA GLU J 37 -31.99 -18.62 30.40
C GLU J 37 -31.19 -19.91 30.26
N LEU J 38 -31.84 -21.08 30.33
CA LEU J 38 -31.16 -22.36 30.18
C LEU J 38 -31.11 -22.81 28.72
N VAL J 39 -31.09 -21.88 27.78
CA VAL J 39 -31.07 -22.20 26.35
C VAL J 39 -29.70 -21.79 25.80
N MET J 40 -28.91 -22.78 25.39
CA MET J 40 -27.67 -22.51 24.66
C MET J 40 -28.00 -22.41 23.18
N MET J 41 -27.58 -21.30 22.57
CA MET J 41 -28.03 -20.93 21.24
C MET J 41 -26.82 -20.60 20.37
N THR J 42 -26.50 -21.49 19.44
CA THR J 42 -25.36 -21.31 18.55
C THR J 42 -25.85 -20.86 17.18
N PHE J 43 -25.00 -20.09 16.50
CA PHE J 43 -25.33 -19.53 15.19
C PHE J 43 -24.18 -19.79 14.23
N HIS J 44 -24.52 -20.23 13.03
CA HIS J 44 -23.55 -20.59 11.99
C HIS J 44 -24.03 -19.96 10.68
N ASP J 45 -23.57 -18.75 10.40
CA ASP J 45 -23.99 -18.01 9.22
C ASP J 45 -23.04 -18.27 8.06
N SER J 46 -23.49 -17.87 6.86
CA SER J 46 -22.71 -18.02 5.63
C SER J 46 -22.29 -19.47 5.40
N THR J 47 -23.17 -20.40 5.78
CA THR J 47 -22.87 -21.81 5.60
C THR J 47 -23.14 -22.24 4.16
N PRO J 48 -22.17 -22.84 3.48
CA PRO J 48 -22.42 -23.35 2.12
C PRO J 48 -23.46 -24.46 2.17
N MET J 49 -24.62 -24.21 1.56
CA MET J 49 -25.75 -25.12 1.65
C MET J 49 -26.41 -25.29 0.29
N HIS J 50 -26.78 -26.53 -0.02
CA HIS J 50 -27.50 -26.87 -1.24
C HIS J 50 -28.82 -27.53 -0.86
N PHE J 51 -29.91 -27.10 -1.52
CA PHE J 51 -31.22 -27.64 -1.22
C PHE J 51 -32.16 -27.31 -2.38
N PHE J 52 -32.91 -28.32 -2.83
CA PHE J 52 -33.88 -28.17 -3.91
C PHE J 52 -33.23 -27.64 -5.19
N GLY J 53 -32.02 -28.13 -5.47
CA GLY J 53 -31.35 -27.82 -6.72
C GLY J 53 -30.88 -26.39 -6.86
N SER J 54 -30.63 -25.69 -5.77
CA SER J 54 -30.12 -24.33 -5.84
C SER J 54 -29.46 -23.97 -4.53
N THR J 55 -28.63 -22.93 -4.57
CA THR J 55 -27.98 -22.37 -3.39
C THR J 55 -28.65 -21.09 -2.93
N ASP J 56 -29.95 -20.94 -3.20
CA ASP J 56 -30.71 -19.81 -2.70
C ASP J 56 -30.71 -19.82 -1.17
N PRO J 57 -30.99 -18.67 -0.54
CA PRO J 57 -30.98 -18.62 0.92
C PRO J 57 -31.80 -19.72 1.55
N VAL J 58 -31.19 -20.42 2.51
CA VAL J 58 -31.76 -21.62 3.09
C VAL J 58 -31.28 -21.72 4.54
N ALA J 59 -32.16 -22.18 5.42
CA ALA J 59 -31.84 -22.30 6.84
C ALA J 59 -32.08 -23.72 7.32
N CYS J 60 -31.37 -24.08 8.39
CA CYS J 60 -31.55 -25.37 9.05
C CYS J 60 -31.35 -25.17 10.54
N VAL J 61 -32.39 -25.36 11.33
CA VAL J 61 -32.35 -25.17 12.78
C VAL J 61 -32.45 -26.53 13.45
N ARG J 62 -31.56 -26.79 14.39
CA ARG J 62 -31.52 -28.03 15.14
C ARG J 62 -31.92 -27.75 16.58
N VAL J 63 -32.98 -28.41 17.05
CA VAL J 63 -33.48 -28.26 18.41
C VAL J 63 -33.20 -29.55 19.16
N GLU J 64 -32.48 -29.44 20.28
CA GLU J 64 -32.16 -30.57 21.13
C GLU J 64 -32.60 -30.26 22.54
N ALA J 65 -33.54 -31.05 23.06
CA ALA J 65 -34.08 -30.85 24.40
C ALA J 65 -34.07 -32.18 25.14
N LEU J 66 -33.58 -32.15 26.38
CA LEU J 66 -33.57 -33.35 27.21
C LEU J 66 -34.97 -33.62 27.74
N GLY J 67 -35.40 -34.87 27.65
CA GLY J 67 -36.72 -35.25 28.11
C GLY J 67 -37.80 -35.23 27.04
N GLY J 68 -37.44 -35.17 25.77
CA GLY J 68 -38.43 -35.21 24.71
C GLY J 68 -39.21 -33.91 24.58
N TYR J 69 -40.33 -34.00 23.88
CA TYR J 69 -41.19 -32.86 23.61
C TYR J 69 -42.64 -33.22 23.91
N GLY J 70 -43.45 -32.19 24.11
CA GLY J 70 -44.87 -32.38 24.36
C GLY J 70 -45.58 -32.90 23.13
N PRO J 71 -46.88 -33.21 23.29
CA PRO J 71 -47.64 -33.76 22.15
C PRO J 71 -47.70 -32.81 20.97
N SER J 72 -48.03 -31.54 21.20
CA SER J 72 -48.17 -30.56 20.13
C SER J 72 -47.02 -29.54 20.13
N GLU J 73 -46.01 -29.73 20.97
CA GLU J 73 -44.92 -28.76 21.05
C GLU J 73 -44.10 -28.63 19.77
N PRO J 74 -43.67 -29.72 19.11
CA PRO J 74 -42.78 -29.53 17.94
C PRO J 74 -43.38 -28.68 16.83
N GLU J 75 -44.67 -28.84 16.54
CA GLU J 75 -45.28 -28.03 15.49
C GLU J 75 -45.31 -26.55 15.87
N LYS J 76 -45.62 -26.26 17.15
CA LYS J 76 -45.66 -24.88 17.58
C LYS J 76 -44.28 -24.23 17.50
N VAL J 77 -43.23 -24.98 17.81
CA VAL J 77 -41.87 -24.47 17.66
C VAL J 77 -41.56 -24.21 16.20
N THR J 78 -41.91 -25.15 15.32
CA THR J 78 -41.63 -25.01 13.89
C THR J 78 -42.30 -23.76 13.33
N LYS J 79 -43.53 -23.48 13.76
CA LYS J 79 -44.23 -22.30 13.26
C LYS J 79 -43.52 -21.01 13.66
N VAL J 80 -43.16 -20.90 14.95
CA VAL J 80 -42.51 -19.68 15.42
C VAL J 80 -41.10 -19.56 14.86
N VAL J 81 -40.39 -20.68 14.78
CA VAL J 81 -39.01 -20.63 14.29
C VAL J 81 -38.97 -20.30 12.81
N THR J 82 -39.88 -20.89 12.02
CA THR J 82 -39.92 -20.57 10.60
C THR J 82 -40.29 -19.11 10.36
N ASP J 83 -41.26 -18.60 11.13
CA ASP J 83 -41.63 -17.19 11.01
C ASP J 83 -40.46 -16.28 11.38
N ALA J 84 -39.72 -16.63 12.44
CA ALA J 84 -38.60 -15.80 12.86
C ALA J 84 -37.48 -15.82 11.83
N ILE J 85 -37.14 -17.01 11.33
CA ILE J 85 -36.05 -17.11 10.35
C ILE J 85 -36.41 -16.37 9.07
N SER J 86 -37.66 -16.48 8.63
CA SER J 86 -38.10 -15.76 7.42
C SER J 86 -38.02 -14.25 7.63
N TYR J 87 -38.56 -13.76 8.74
CA TYR J 87 -38.55 -12.32 9.00
C TYR J 87 -37.14 -11.79 9.15
N VAL J 88 -36.29 -12.53 9.85
CA VAL J 88 -34.94 -12.05 10.16
C VAL J 88 -34.04 -12.13 8.94
N CYS J 89 -33.97 -13.30 8.30
CA CYS J 89 -32.99 -13.57 7.26
C CYS J 89 -33.54 -13.40 5.85
N GLY J 90 -34.85 -13.27 5.69
CA GLY J 90 -35.44 -13.22 4.36
C GLY J 90 -35.48 -14.54 3.64
N ILE J 91 -35.47 -15.66 4.38
CA ILE J 91 -35.49 -16.99 3.79
C ILE J 91 -36.93 -17.45 3.69
N VAL J 92 -37.33 -17.91 2.50
CA VAL J 92 -38.69 -18.37 2.31
C VAL J 92 -38.94 -19.63 3.15
N ALA J 93 -40.21 -19.87 3.45
CA ALA J 93 -40.57 -20.95 4.38
C ALA J 93 -40.25 -22.32 3.81
N ASP J 94 -40.45 -22.51 2.50
CA ASP J 94 -40.16 -23.79 1.86
C ASP J 94 -38.66 -24.07 1.73
N ARG J 95 -37.80 -23.32 2.42
CA ARG J 95 -36.37 -23.58 2.46
C ARG J 95 -35.83 -23.48 3.88
N ILE J 96 -36.65 -23.84 4.87
CA ILE J 96 -36.29 -23.78 6.28
C ILE J 96 -36.58 -25.13 6.89
N PHE J 97 -35.53 -25.84 7.31
CA PHE J 97 -35.65 -27.09 8.03
C PHE J 97 -35.51 -26.86 9.52
N VAL J 98 -36.33 -27.54 10.31
CA VAL J 98 -36.22 -27.55 11.77
C VAL J 98 -36.17 -28.99 12.22
N LEU J 99 -35.05 -29.40 12.79
CA LEU J 99 -34.83 -30.77 13.23
C LEU J 99 -34.91 -30.85 14.75
N TYR J 100 -35.59 -31.88 15.24
CA TYR J 100 -35.82 -32.07 16.66
C TYR J 100 -35.14 -33.34 17.14
N PHE J 101 -34.35 -33.22 18.20
CA PHE J 101 -33.61 -34.34 18.77
C PHE J 101 -33.78 -34.33 20.28
N SER J 102 -33.35 -35.42 20.91
CA SER J 102 -33.34 -35.54 22.36
C SER J 102 -32.11 -36.31 22.79
N PRO J 103 -31.11 -35.64 23.38
CA PRO J 103 -29.88 -36.35 23.75
C PRO J 103 -30.13 -37.38 24.84
N LEU J 104 -29.25 -38.39 24.89
CA LEU J 104 -29.38 -39.41 25.92
C LEU J 104 -29.11 -38.82 27.30
N HIS J 105 -28.07 -38.00 27.42
CA HIS J 105 -27.74 -37.34 28.67
C HIS J 105 -27.28 -35.92 28.36
N CYS J 106 -27.31 -35.06 29.39
CA CYS J 106 -26.89 -33.68 29.26
C CYS J 106 -26.10 -33.29 30.50
N GLY J 107 -24.94 -32.68 30.29
CA GLY J 107 -24.07 -32.26 31.38
C GLY J 107 -24.00 -30.75 31.49
N TRP J 108 -24.13 -30.26 32.72
CA TRP J 108 -24.02 -28.83 33.00
C TRP J 108 -23.41 -28.65 34.38
N ASN J 109 -22.47 -27.70 34.47
CA ASN J 109 -21.76 -27.41 35.72
C ASN J 109 -21.07 -28.65 36.28
N GLY J 110 -20.46 -29.43 35.40
CA GLY J 110 -19.70 -30.59 35.80
C GLY J 110 -20.51 -31.81 36.18
N THR J 111 -21.84 -31.71 36.19
CA THR J 111 -22.70 -32.83 36.55
C THR J 111 -23.76 -33.02 35.46
N ASN J 112 -24.40 -34.18 35.48
CA ASN J 112 -25.42 -34.51 34.50
C ASN J 112 -26.81 -34.22 35.05
N LEU J 113 -27.66 -33.66 34.20
CA LEU J 113 -29.03 -33.29 34.59
C LEU J 113 -30.00 -34.40 34.20
N SER K 2 -26.56 18.28 6.90
CA SER K 2 -27.01 19.05 5.75
C SER K 2 -28.53 19.11 5.69
N VAL K 3 -29.17 17.95 5.83
CA VAL K 3 -30.62 17.85 5.79
C VAL K 3 -31.07 17.31 7.15
N ASN K 4 -31.72 18.15 7.94
CA ASN K 4 -32.20 17.77 9.26
C ASN K 4 -33.66 17.37 9.16
N THR K 5 -33.97 16.15 9.59
CA THR K 5 -35.31 15.58 9.48
C THR K 5 -35.81 15.23 10.87
N SER K 6 -37.02 15.68 11.19
CA SER K 6 -37.60 15.49 12.52
C SER K 6 -39.04 15.00 12.40
N PHE K 7 -39.39 14.00 13.21
CA PHE K 7 -40.73 13.43 13.26
C PHE K 7 -41.47 14.09 14.42
N LEU K 8 -42.32 15.07 14.11
CA LEU K 8 -43.23 15.60 15.12
C LEU K 8 -44.33 14.61 15.46
N SER K 9 -44.62 13.68 14.56
CA SER K 9 -45.58 12.61 14.78
C SER K 9 -45.28 11.55 13.73
N PRO K 10 -45.93 10.37 13.82
CA PRO K 10 -45.71 9.37 12.75
C PRO K 10 -45.95 9.90 11.35
N SER K 11 -46.87 10.86 11.19
CA SER K 11 -47.26 11.33 9.87
C SER K 11 -46.90 12.79 9.63
N LEU K 12 -46.14 13.42 10.52
CA LEU K 12 -45.77 14.82 10.38
C LEU K 12 -44.27 14.95 10.53
N VAL K 13 -43.59 15.39 9.47
CA VAL K 13 -42.14 15.45 9.42
C VAL K 13 -41.72 16.84 8.95
N THR K 14 -40.75 17.44 9.66
CA THR K 14 -40.11 18.67 9.23
C THR K 14 -38.80 18.35 8.55
N ILE K 15 -38.55 18.96 7.39
CA ILE K 15 -37.35 18.72 6.60
C ILE K 15 -36.67 20.06 6.37
N ARG K 16 -35.46 20.21 6.93
CA ARG K 16 -34.69 21.44 6.82
C ARG K 16 -33.42 21.15 6.05
N ASP K 17 -33.28 21.78 4.88
CA ASP K 17 -32.13 21.59 3.99
C ASP K 17 -31.23 22.82 4.12
N PHE K 18 -30.12 22.65 4.85
CA PHE K 18 -29.21 23.78 5.05
C PHE K 18 -28.48 24.13 3.76
N ASP K 19 -28.12 23.13 2.96
CA ASP K 19 -27.35 23.38 1.74
C ASP K 19 -28.20 24.04 0.67
N LYS K 20 -29.41 23.54 0.46
CA LYS K 20 -30.32 24.12 -0.52
C LYS K 20 -31.18 25.23 0.05
N GLY K 21 -31.02 25.56 1.33
CA GLY K 21 -31.71 26.66 1.96
C GLY K 21 -33.23 26.57 1.88
N GLN K 22 -33.78 25.41 2.20
CA GLN K 22 -35.20 25.17 2.09
C GLN K 22 -35.76 24.62 3.40
N PHE K 23 -37.06 24.76 3.56
CA PHE K 23 -37.80 24.13 4.65
C PHE K 23 -39.13 23.64 4.10
N ALA K 24 -39.46 22.39 4.40
CA ALA K 24 -40.71 21.80 3.93
C ALA K 24 -41.29 20.91 5.03
N VAL K 25 -42.62 20.90 5.10
CA VAL K 25 -43.35 20.05 6.03
C VAL K 25 -43.90 18.86 5.26
N LEU K 26 -43.51 17.66 5.65
CA LEU K 26 -44.01 16.44 5.03
C LEU K 26 -45.11 15.87 5.90
N ARG K 27 -46.30 15.66 5.32
CA ARG K 27 -47.42 15.09 6.06
C ARG K 27 -48.11 14.03 5.20
N ILE K 28 -48.42 12.89 5.82
CA ILE K 28 -49.21 11.85 5.15
C ILE K 28 -50.66 12.14 5.54
N GLY K 29 -51.27 13.07 4.81
CA GLY K 29 -52.48 13.70 5.31
C GLY K 29 -53.69 12.78 5.37
N ARG K 30 -54.02 12.15 4.24
CA ARG K 30 -55.29 11.41 4.15
C ARG K 30 -55.30 10.21 5.09
N THR K 31 -54.24 9.40 5.05
CA THR K 31 -54.24 8.15 5.80
C THR K 31 -53.67 8.29 7.21
N GLY K 32 -52.75 9.22 7.42
CA GLY K 32 -52.06 9.29 8.70
C GLY K 32 -51.04 8.20 8.91
N PHE K 33 -50.59 7.56 7.82
CA PHE K 33 -49.63 6.48 7.92
C PHE K 33 -48.24 7.03 8.27
N PRO K 34 -47.37 6.19 8.83
CA PRO K 34 -46.01 6.65 9.11
C PRO K 34 -45.23 6.93 7.83
N ALA K 35 -44.41 7.97 7.87
CA ALA K 35 -43.59 8.34 6.73
C ALA K 35 -42.34 7.47 6.69
N ASP K 36 -42.13 6.76 5.57
CA ASP K 36 -40.94 5.96 5.36
C ASP K 36 -39.93 6.76 4.55
N LYS K 37 -38.83 6.11 4.16
CA LYS K 37 -37.80 6.79 3.39
C LYS K 37 -38.28 7.16 1.99
N GLY K 38 -39.22 6.39 1.44
CA GLY K 38 -39.77 6.73 0.14
C GLY K 38 -40.53 8.04 0.16
N ASP K 39 -41.37 8.24 1.19
CA ASP K 39 -42.09 9.50 1.32
C ASP K 39 -41.14 10.67 1.48
N ILE K 40 -40.06 10.48 2.23
CA ILE K 40 -39.09 11.55 2.44
C ILE K 40 -38.35 11.86 1.14
N ASP K 41 -37.94 10.82 0.40
CA ASP K 41 -37.23 11.06 -0.85
C ASP K 41 -38.12 11.74 -1.88
N LEU K 42 -39.41 11.42 -1.89
CA LEU K 42 -40.33 12.12 -2.77
C LEU K 42 -40.44 13.59 -2.40
N CYS K 43 -40.48 13.89 -1.10
CA CYS K 43 -40.51 15.28 -0.65
C CYS K 43 -39.24 16.01 -1.07
N LEU K 44 -38.07 15.40 -0.85
CA LEU K 44 -36.81 15.98 -1.30
C LEU K 44 -36.79 16.21 -2.80
N SER K 45 -37.42 15.32 -3.58
CA SER K 45 -37.48 15.51 -5.03
C SER K 45 -38.35 16.69 -5.40
N LYS K 46 -39.52 16.81 -4.75
CA LYS K 46 -40.40 17.95 -5.04
C LYS K 46 -39.79 19.27 -4.56
N MET K 47 -39.05 19.22 -3.45
CA MET K 47 -38.30 20.39 -3.02
C MET K 47 -37.27 20.79 -4.07
N ASP K 48 -36.55 19.81 -4.63
CA ASP K 48 -35.59 20.10 -5.68
C ASP K 48 -36.28 20.62 -6.93
N GLY K 49 -37.50 20.14 -7.22
CA GLY K 49 -38.22 20.62 -8.37
C GLY K 49 -38.65 22.07 -8.24
N VAL K 50 -39.05 22.46 -7.03
CA VAL K 50 -39.40 23.87 -6.79
C VAL K 50 -38.18 24.76 -6.97
N LEU K 51 -37.00 24.26 -6.61
CA LEU K 51 -35.76 25.01 -6.85
C LEU K 51 -35.53 25.21 -8.35
N ALA K 52 -35.87 24.21 -9.16
CA ALA K 52 -35.71 24.35 -10.60
C ALA K 52 -36.68 25.38 -11.18
N ALA K 53 -37.95 25.33 -10.73
CA ALA K 53 -38.93 26.30 -11.22
C ALA K 53 -38.53 27.72 -10.85
N GLN K 54 -37.83 27.90 -9.73
CA GLN K 54 -37.37 29.23 -9.33
C GLN K 54 -36.43 29.82 -10.38
N LEU K 55 -35.53 28.99 -10.92
CA LEU K 55 -34.57 29.47 -11.91
C LEU K 55 -35.25 29.89 -13.20
N TYR K 56 -36.47 29.43 -13.46
CA TYR K 56 -37.23 29.94 -14.60
C TYR K 56 -37.69 31.36 -14.36
N LEU K 57 -38.06 31.68 -13.10
CA LEU K 57 -38.52 33.02 -12.76
C LEU K 57 -37.37 34.00 -12.58
N GLY K 58 -36.19 33.52 -12.26
CA GLY K 58 -35.02 34.37 -12.07
C GLY K 58 -34.08 33.78 -11.02
N ASN K 59 -32.82 34.14 -11.14
CA ASN K 59 -31.80 33.70 -10.20
C ASN K 59 -31.95 34.45 -8.88
N PRO K 60 -32.38 33.79 -7.78
CA PRO K 60 -32.61 34.51 -6.53
C PRO K 60 -31.33 35.00 -5.86
N ARG K 61 -30.16 34.56 -6.32
CA ARG K 61 -28.90 35.03 -5.75
C ARG K 61 -28.42 36.32 -6.38
N GLU K 62 -29.12 36.84 -7.38
CA GLU K 62 -28.78 38.12 -7.96
C GLU K 62 -28.89 39.20 -6.89
N PRO K 63 -27.89 40.08 -6.76
CA PRO K 63 -28.00 41.18 -5.79
C PRO K 63 -29.13 42.12 -6.17
N GLY K 64 -29.97 42.44 -5.18
CA GLY K 64 -31.14 43.25 -5.45
C GLY K 64 -32.20 42.52 -6.24
N PHE K 65 -32.35 41.21 -6.04
CA PHE K 65 -33.30 40.40 -6.77
C PHE K 65 -34.72 40.90 -6.53
N LYS K 66 -35.36 41.43 -7.56
CA LYS K 66 -36.70 41.98 -7.48
C LYS K 66 -37.79 40.91 -7.46
N GLY K 67 -37.43 39.64 -7.33
CA GLY K 67 -38.40 38.57 -7.35
C GLY K 67 -38.80 38.19 -8.76
N PRO K 68 -39.83 37.33 -8.89
CA PRO K 68 -40.60 36.72 -7.81
C PRO K 68 -39.95 35.47 -7.22
N HIS K 69 -40.25 35.15 -5.97
CA HIS K 69 -39.79 33.92 -5.34
C HIS K 69 -40.89 32.87 -5.42
N ILE K 70 -40.50 31.63 -5.66
CA ILE K 70 -41.38 30.48 -5.51
C ILE K 70 -40.74 29.58 -4.46
N ARG K 71 -41.49 29.28 -3.40
CA ARG K 71 -40.95 28.59 -2.24
C ARG K 71 -41.87 27.44 -1.87
N ILE K 72 -41.28 26.28 -1.60
CA ILE K 72 -42.06 25.12 -1.17
C ILE K 72 -42.36 25.24 0.32
N ARG K 73 -43.56 24.81 0.71
CA ARG K 73 -43.99 24.85 2.10
C ARG K 73 -44.31 23.48 2.64
N CYS K 74 -45.07 22.67 1.90
CA CYS K 74 -45.54 21.39 2.40
C CYS K 74 -45.77 20.44 1.24
N VAL K 75 -45.48 19.16 1.47
CA VAL K 75 -45.76 18.08 0.52
C VAL K 75 -46.71 17.12 1.23
N ASP K 76 -47.98 17.13 0.82
CA ASP K 76 -49.01 16.28 1.41
C ASP K 76 -49.15 15.03 0.53
N ILE K 77 -48.75 13.88 1.06
CA ILE K 77 -48.78 12.63 0.31
C ILE K 77 -50.06 11.89 0.61
N ASP K 78 -50.74 11.45 -0.43
CA ASP K 78 -51.93 10.59 -0.34
C ASP K 78 -51.53 9.22 -0.85
N ASP K 79 -51.33 8.28 0.08
CA ASP K 79 -50.97 6.91 -0.29
C ASP K 79 -52.15 5.95 -0.18
N LYS K 80 -53.34 6.43 0.16
CA LYS K 80 -54.53 5.61 0.05
C LYS K 80 -54.83 5.37 -1.43
N HIS K 81 -55.07 4.12 -1.79
CA HIS K 81 -55.24 3.71 -3.18
C HIS K 81 -53.99 4.05 -3.98
N THR K 82 -54.10 5.02 -4.89
CA THR K 82 -52.97 5.41 -5.72
C THR K 82 -52.07 6.39 -4.98
N TYR K 83 -50.82 6.47 -5.44
CA TYR K 83 -49.79 7.26 -4.78
C TYR K 83 -49.82 8.68 -5.34
N ASN K 84 -50.27 9.64 -4.52
CA ASN K 84 -50.43 11.02 -4.96
C ASN K 84 -49.72 11.95 -3.99
N ALA K 85 -49.42 13.15 -4.46
CA ALA K 85 -48.78 14.17 -3.63
C ALA K 85 -49.29 15.55 -4.04
N MET K 86 -49.62 16.36 -3.05
CA MET K 86 -50.05 17.75 -3.26
C MET K 86 -48.96 18.66 -2.70
N VAL K 87 -48.29 19.39 -3.58
CA VAL K 87 -47.20 20.28 -3.19
C VAL K 87 -47.76 21.68 -2.97
N TYR K 88 -47.62 22.20 -1.75
CA TYR K 88 -48.04 23.55 -1.43
C TYR K 88 -46.85 24.48 -1.55
N VAL K 89 -46.94 25.47 -2.44
CA VAL K 89 -45.88 26.43 -2.67
C VAL K 89 -46.41 27.84 -2.44
N ASP K 90 -45.48 28.78 -2.29
CA ASP K 90 -45.79 30.19 -2.15
C ASP K 90 -45.11 30.98 -3.26
N LEU K 91 -45.89 31.77 -3.99
CA LEU K 91 -45.36 32.70 -4.98
C LEU K 91 -45.29 34.08 -4.33
N ILE K 92 -44.08 34.59 -4.14
CA ILE K 92 -43.85 35.87 -3.48
C ILE K 92 -43.39 36.86 -4.52
N VAL K 93 -44.21 37.88 -4.78
CA VAL K 93 -43.85 38.96 -5.69
C VAL K 93 -43.65 40.22 -4.88
N GLY K 94 -42.85 41.14 -5.43
CA GLY K 94 -42.57 42.37 -4.73
C GLY K 94 -43.82 43.18 -4.50
N THR K 95 -43.88 43.86 -3.35
CA THR K 95 -45.04 44.64 -3.00
C THR K 95 -45.30 45.73 -4.04
N GLY K 96 -46.58 45.98 -4.30
CA GLY K 96 -46.96 46.96 -5.29
C GLY K 96 -46.97 46.48 -6.72
N ALA K 97 -46.93 45.16 -6.93
CA ALA K 97 -46.94 44.64 -8.29
C ALA K 97 -48.26 44.97 -8.98
N SER K 98 -48.16 45.35 -10.25
CA SER K 98 -49.35 45.63 -11.03
C SER K 98 -50.15 44.34 -11.23
N GLU K 99 -51.40 44.50 -11.69
CA GLU K 99 -52.23 43.33 -11.95
C GLU K 99 -51.61 42.44 -13.02
N VAL K 100 -51.08 43.05 -14.09
CA VAL K 100 -50.50 42.25 -15.17
C VAL K 100 -49.18 41.63 -14.72
N GLU K 101 -48.42 42.32 -13.86
CA GLU K 101 -47.19 41.74 -13.34
C GLU K 101 -47.48 40.55 -12.44
N ARG K 102 -48.47 40.68 -11.57
CA ARG K 102 -48.84 39.57 -10.69
C ARG K 102 -49.38 38.39 -11.49
N GLU K 103 -50.22 38.65 -12.49
CA GLU K 103 -50.77 37.55 -13.28
C GLU K 103 -49.71 36.93 -14.19
N THR K 104 -48.80 37.74 -14.72
CA THR K 104 -47.70 37.19 -15.52
C THR K 104 -46.81 36.30 -14.67
N ALA K 105 -46.48 36.74 -13.46
CA ALA K 105 -45.69 35.91 -12.55
C ALA K 105 -46.45 34.66 -12.13
N GLU K 106 -47.78 34.76 -12.01
CA GLU K 106 -48.57 33.59 -11.63
C GLU K 106 -48.56 32.52 -12.71
N GLU K 107 -48.66 32.93 -13.99
CA GLU K 107 -48.69 31.95 -15.06
C GLU K 107 -47.31 31.35 -15.33
N ARG K 108 -46.25 32.18 -15.27
CA ARG K 108 -44.91 31.66 -15.46
C ARG K 108 -44.56 30.65 -14.38
N ALA K 109 -44.98 30.89 -13.14
CA ALA K 109 -44.73 29.94 -12.06
C ALA K 109 -45.57 28.68 -12.26
N ARG K 110 -46.81 28.83 -12.69
CA ARG K 110 -47.66 27.66 -12.91
C ARG K 110 -47.17 26.80 -14.07
N ARG K 111 -46.60 27.42 -15.10
CA ARG K 111 -46.03 26.64 -16.19
C ARG K 111 -44.78 25.89 -15.76
N ALA K 112 -43.92 26.56 -14.99
CA ALA K 112 -42.68 25.93 -14.53
C ALA K 112 -42.96 24.82 -13.53
N LEU K 113 -43.89 25.04 -12.61
CA LEU K 113 -44.20 24.03 -11.61
C LEU K 113 -44.88 22.82 -12.24
N ALA K 114 -45.60 23.00 -13.34
CA ALA K 114 -46.21 21.86 -14.02
C ALA K 114 -45.15 20.90 -14.55
N VAL K 115 -44.07 21.44 -15.12
CA VAL K 115 -42.99 20.61 -15.63
C VAL K 115 -42.12 20.07 -14.49
N ALA K 116 -41.65 20.97 -13.63
CA ALA K 116 -40.68 20.60 -12.60
C ALA K 116 -41.25 19.60 -11.60
N LEU K 117 -42.54 19.71 -11.27
CA LEU K 117 -43.17 18.77 -10.36
C LEU K 117 -43.83 17.60 -11.08
N ARG K 118 -43.83 17.61 -12.41
CA ARG K 118 -44.41 16.55 -13.23
C ARG K 118 -45.87 16.29 -12.84
N VAL K 119 -46.71 17.28 -13.09
CA VAL K 119 -48.09 17.23 -12.64
C VAL K 119 -48.89 16.32 -13.57
N ASP K 120 -49.90 15.65 -12.98
CA ASP K 120 -50.84 14.80 -13.73
C ASP K 120 -50.12 13.70 -14.49
N GLU K 121 -49.06 13.17 -13.90
CA GLU K 121 -48.33 12.05 -14.48
C GLU K 121 -47.47 11.41 -13.40
N ALA K 122 -47.14 10.14 -13.59
CA ALA K 122 -46.25 9.44 -12.67
C ALA K 122 -44.82 9.93 -12.86
N ASP K 123 -44.15 10.24 -11.76
CA ASP K 123 -42.80 10.77 -11.81
C ASP K 123 -41.80 9.66 -11.48
N GLU K 124 -40.58 10.04 -11.10
CA GLU K 124 -39.53 9.07 -10.83
C GLU K 124 -39.87 8.14 -9.69
N HIS K 125 -40.77 8.55 -8.78
CA HIS K 125 -41.18 7.73 -7.66
C HIS K 125 -42.56 7.13 -7.85
N SER K 126 -43.04 7.05 -9.08
CA SER K 126 -44.38 6.54 -9.40
C SER K 126 -45.45 7.30 -8.62
N CYS K 127 -45.31 8.62 -8.58
CA CYS K 127 -46.21 9.49 -7.85
C CYS K 127 -46.80 10.52 -8.80
N VAL K 128 -48.13 10.60 -8.85
CA VAL K 128 -48.82 11.63 -9.62
C VAL K 128 -48.97 12.85 -8.73
N THR K 129 -48.37 13.97 -9.14
CA THR K 129 -48.24 15.15 -8.31
C THR K 129 -49.22 16.24 -8.77
N GLN K 130 -49.85 16.88 -7.80
CA GLN K 130 -50.57 18.13 -7.99
C GLN K 130 -49.93 19.19 -7.10
N PHE K 131 -50.26 20.45 -7.36
CA PHE K 131 -49.70 21.53 -6.57
C PHE K 131 -50.75 22.62 -6.34
N GLU K 132 -50.50 23.43 -5.33
CA GLU K 132 -51.35 24.55 -4.96
C GLU K 132 -50.45 25.74 -4.66
N MET K 133 -50.81 26.90 -5.18
CA MET K 133 -49.93 28.07 -5.16
C MET K 133 -50.64 29.23 -4.45
N LYS K 134 -50.07 29.68 -3.34
CA LYS K 134 -50.57 30.83 -2.60
C LYS K 134 -49.74 32.06 -2.96
N LEU K 135 -50.42 33.13 -3.36
CA LEU K 135 -49.75 34.36 -3.78
C LEU K 135 -49.50 35.24 -2.56
N ARG K 136 -48.25 35.69 -2.40
CA ARG K 136 -47.86 36.61 -1.34
C ARG K 136 -47.16 37.82 -1.93
N GLU K 137 -47.29 38.94 -1.25
CA GLU K 137 -46.59 40.18 -1.62
C GLU K 137 -45.85 40.70 -0.40
N GLU K 138 -44.55 40.98 -0.59
CA GLU K 138 -43.70 41.43 0.50
C GLU K 138 -42.75 42.50 -0.02
N LEU K 139 -42.26 43.34 0.89
CA LEU K 139 -41.20 44.29 0.58
C LEU K 139 -39.89 43.52 0.56
N LEU K 140 -39.43 43.16 -0.64
CA LEU K 140 -38.30 42.24 -0.76
C LEU K 140 -37.00 42.85 -0.23
N SER K 141 -36.90 44.18 -0.26
CA SER K 141 -35.70 44.86 0.23
C SER K 141 -35.72 45.08 1.74
N SER K 142 -36.75 44.60 2.44
CA SER K 142 -36.87 44.83 3.87
C SER K 142 -35.92 43.93 4.65
N ASP K 143 -35.31 44.50 5.70
CA ASP K 143 -34.50 43.71 6.61
C ASP K 143 -35.31 42.65 7.35
N SER K 144 -36.63 42.74 7.31
CA SER K 144 -37.51 41.81 8.00
C SER K 144 -38.11 40.76 7.08
N PHE K 145 -37.62 40.65 5.85
CA PHE K 145 -38.15 39.69 4.88
C PHE K 145 -37.21 38.50 4.72
N HIS K 146 -37.78 37.31 4.58
CA HIS K 146 -37.07 36.11 4.21
C HIS K 146 -38.06 35.21 3.50
N PRO K 147 -37.64 34.51 2.43
CA PRO K 147 -38.59 33.68 1.67
C PRO K 147 -39.24 32.57 2.48
N ASP K 148 -38.64 32.15 3.60
CA ASP K 148 -39.19 31.02 4.34
C ASP K 148 -39.49 31.37 5.79
N LYS K 149 -40.22 32.46 6.02
CA LYS K 149 -40.67 32.80 7.36
C LYS K 149 -41.48 31.66 7.97
N ASP K 150 -41.34 31.48 9.28
CA ASP K 150 -42.08 30.41 9.96
C ASP K 150 -43.58 30.66 9.91
N GLU K 151 -44.00 31.93 9.85
CA GLU K 151 -45.41 32.24 9.73
C GLU K 151 -45.99 31.70 8.42
N TYR K 152 -45.17 31.60 7.37
CA TYR K 152 -45.63 31.05 6.11
C TYR K 152 -45.98 29.57 6.22
N TYR K 153 -45.55 28.91 7.29
CA TYR K 153 -45.75 27.47 7.46
C TYR K 153 -46.81 27.14 8.51
N LYS K 154 -47.52 28.14 9.03
CA LYS K 154 -48.43 27.89 10.15
C LYS K 154 -49.63 27.05 9.73
N ASP K 155 -50.00 27.05 8.46
CA ASP K 155 -51.13 26.24 8.01
C ASP K 155 -50.80 24.75 7.99
N PHE K 156 -49.51 24.40 8.00
CA PHE K 156 -49.09 23.01 7.89
C PHE K 156 -48.42 22.49 9.15
N LEU K 157 -48.36 23.29 10.21
CA LEU K 157 -47.76 22.85 11.46
C LEU K 157 -48.74 23.00 12.63
N PRO L 2 -35.06 18.95 -29.31
CA PRO L 2 -33.86 19.79 -29.32
C PRO L 2 -32.69 19.16 -28.56
N VAL L 3 -31.49 19.70 -28.75
CA VAL L 3 -30.29 19.24 -28.07
C VAL L 3 -29.62 20.43 -27.40
N ILE L 4 -29.15 20.22 -26.17
CA ILE L 4 -28.51 21.26 -25.37
C ILE L 4 -27.20 20.69 -24.84
N GLN L 5 -26.08 21.20 -25.34
CA GLN L 5 -24.76 20.82 -24.87
C GLN L 5 -24.29 21.85 -23.84
N THR L 6 -23.97 21.40 -22.64
CA THR L 6 -23.49 22.27 -21.57
C THR L 6 -22.01 22.00 -21.36
N PHE L 7 -21.17 22.98 -21.69
CA PHE L 7 -19.75 22.95 -21.42
C PHE L 7 -19.46 23.91 -20.26
N VAL L 8 -18.85 23.38 -19.20
CA VAL L 8 -18.48 24.19 -18.05
C VAL L 8 -17.05 23.85 -17.67
N SER L 9 -16.31 24.87 -17.21
CA SER L 9 -14.95 24.68 -16.73
C SER L 9 -14.89 24.12 -15.32
N THR L 10 -16.00 24.11 -14.60
CA THR L 10 -16.13 23.62 -13.25
C THR L 10 -16.64 22.19 -13.24
N PRO L 11 -16.39 21.43 -12.17
CA PRO L 11 -16.92 20.07 -12.10
C PRO L 11 -18.41 20.05 -11.80
N LEU L 12 -19.11 19.10 -12.42
CA LEU L 12 -20.53 18.87 -12.18
C LEU L 12 -20.71 17.54 -11.46
N ASP L 13 -21.70 17.49 -10.56
CA ASP L 13 -22.05 16.27 -9.87
C ASP L 13 -23.50 15.90 -10.21
N HIS L 14 -24.03 14.90 -9.50
CA HIS L 14 -25.38 14.43 -9.77
C HIS L 14 -26.40 15.53 -9.50
N GLU L 15 -26.24 16.26 -8.41
CA GLU L 15 -27.21 17.30 -8.07
C GLU L 15 -27.17 18.45 -9.07
N LYS L 16 -25.98 18.89 -9.45
CA LYS L 16 -25.87 20.00 -10.40
C LYS L 16 -26.40 19.60 -11.78
N ARG L 17 -26.10 18.38 -12.21
CA ARG L 17 -26.59 17.92 -13.52
C ARG L 17 -28.11 17.79 -13.53
N ASN L 18 -28.69 17.31 -12.43
CA ASN L 18 -30.14 17.15 -12.39
C ASN L 18 -30.86 18.48 -12.31
N MET L 19 -30.28 19.48 -11.62
CA MET L 19 -30.91 20.79 -11.54
C MET L 19 -30.99 21.44 -12.92
N LEU L 20 -29.89 21.42 -13.66
CA LEU L 20 -29.89 21.96 -15.01
C LEU L 20 -30.84 21.17 -15.92
N THR L 21 -30.91 19.86 -15.72
CA THR L 21 -31.82 19.03 -16.50
C THR L 21 -33.27 19.47 -16.30
N LYS L 22 -33.68 19.66 -15.05
CA LYS L 22 -35.04 20.09 -14.77
C LYS L 22 -35.31 21.47 -15.35
N VAL L 23 -34.34 22.39 -15.24
CA VAL L 23 -34.50 23.71 -15.82
C VAL L 23 -34.57 23.61 -17.34
N TYR L 24 -33.71 22.78 -17.94
CA TYR L 24 -33.75 22.59 -19.39
C TYR L 24 -35.08 22.00 -19.84
N ARG L 25 -35.66 21.11 -19.03
CA ARG L 25 -36.99 20.58 -19.34
C ARG L 25 -38.04 21.67 -19.31
N ILE L 26 -37.90 22.63 -18.40
CA ILE L 26 -38.82 23.76 -18.35
C ILE L 26 -38.64 24.65 -19.58
N VAL L 27 -37.38 24.96 -19.92
CA VAL L 27 -37.11 25.82 -21.07
C VAL L 27 -37.64 25.20 -22.34
N THR L 28 -37.52 23.88 -22.48
CA THR L 28 -38.00 23.21 -23.68
C THR L 28 -39.52 23.27 -23.79
N ASP L 29 -40.22 23.09 -22.67
CA ASP L 29 -41.68 23.02 -22.72
C ASP L 29 -42.32 24.39 -22.86
N THR L 30 -41.86 25.37 -22.08
CA THR L 30 -42.50 26.68 -22.04
C THR L 30 -42.02 27.60 -23.17
N ILE L 31 -40.71 27.81 -23.27
CA ILE L 31 -40.18 28.78 -24.23
C ILE L 31 -40.14 28.18 -25.64
N LEU L 32 -39.54 27.00 -25.78
CA LEU L 32 -39.40 26.39 -27.10
C LEU L 32 -40.70 25.78 -27.62
N GLY L 33 -41.68 25.55 -26.74
CA GLY L 33 -42.94 24.98 -27.18
C GLY L 33 -42.85 23.56 -27.69
N LYS L 34 -41.88 22.80 -27.21
CA LYS L 34 -41.66 21.42 -27.60
C LYS L 34 -41.73 20.51 -26.37
N PRO L 35 -42.05 19.23 -26.56
CA PRO L 35 -42.18 18.34 -25.40
C PRO L 35 -40.87 18.21 -24.63
N ALA L 36 -40.98 18.23 -23.30
CA ALA L 36 -39.82 18.17 -22.43
C ALA L 36 -39.14 16.81 -22.43
N GLU L 37 -39.76 15.79 -23.00
CA GLU L 37 -39.14 14.48 -23.12
C GLU L 37 -38.27 14.34 -24.37
N LEU L 38 -38.45 15.22 -25.35
CA LEU L 38 -37.75 15.12 -26.62
C LEU L 38 -36.51 16.01 -26.69
N VAL L 39 -36.00 16.46 -25.54
CA VAL L 39 -34.80 17.29 -25.50
C VAL L 39 -33.67 16.45 -24.92
N MET L 40 -32.62 16.27 -25.71
CA MET L 40 -31.45 15.52 -25.28
C MET L 40 -30.41 16.49 -24.74
N MET L 41 -29.87 16.18 -23.57
CA MET L 41 -28.97 17.08 -22.86
C MET L 41 -27.67 16.35 -22.54
N THR L 42 -26.56 16.91 -22.98
CA THR L 42 -25.23 16.38 -22.67
C THR L 42 -24.48 17.38 -21.81
N PHE L 43 -23.62 16.86 -20.94
CA PHE L 43 -22.85 17.68 -20.00
C PHE L 43 -21.38 17.34 -20.12
N HIS L 44 -20.54 18.38 -20.13
CA HIS L 44 -19.09 18.24 -20.28
C HIS L 44 -18.45 19.16 -19.23
N ASP L 45 -18.24 18.63 -18.03
CA ASP L 45 -17.67 19.40 -16.94
C ASP L 45 -16.15 19.37 -16.99
N SER L 46 -15.53 20.24 -16.18
CA SER L 46 -14.07 20.32 -16.06
C SER L 46 -13.41 20.51 -17.42
N THR L 47 -14.02 21.30 -18.27
CA THR L 47 -13.48 21.55 -19.61
C THR L 47 -12.41 22.63 -19.53
N PRO L 48 -11.21 22.39 -20.05
CA PRO L 48 -10.20 23.46 -20.11
C PRO L 48 -10.67 24.60 -21.01
N MET L 49 -11.02 25.73 -20.40
CA MET L 49 -11.60 26.85 -21.13
C MET L 49 -10.88 28.14 -20.78
N HIS L 50 -10.60 28.95 -21.80
CA HIS L 50 -10.02 30.28 -21.64
C HIS L 50 -10.99 31.31 -22.19
N PHE L 51 -11.19 32.39 -21.45
CA PHE L 51 -12.10 33.45 -21.88
C PHE L 51 -11.79 34.73 -21.11
N PHE L 52 -11.78 35.84 -21.84
CA PHE L 52 -11.56 37.17 -21.26
C PHE L 52 -10.23 37.26 -20.51
N GLY L 53 -9.23 36.55 -21.02
CA GLY L 53 -7.90 36.61 -20.44
C GLY L 53 -7.73 35.89 -19.12
N SER L 54 -8.59 34.92 -18.83
CA SER L 54 -8.46 34.16 -17.59
C SER L 54 -9.13 32.81 -17.76
N THR L 55 -8.80 31.90 -16.85
CA THR L 55 -9.44 30.59 -16.79
C THR L 55 -10.41 30.48 -15.61
N ASP L 56 -10.93 31.63 -15.15
CA ASP L 56 -11.96 31.62 -14.12
C ASP L 56 -13.19 30.87 -14.62
N PRO L 57 -14.04 30.40 -13.69
CA PRO L 57 -15.21 29.61 -14.10
C PRO L 57 -15.99 30.25 -15.24
N VAL L 58 -16.34 29.43 -16.23
CA VAL L 58 -16.92 29.91 -17.48
C VAL L 58 -17.72 28.76 -18.09
N ALA L 59 -18.81 29.11 -18.77
CA ALA L 59 -19.69 28.11 -19.34
C ALA L 59 -20.04 28.46 -20.78
N CYS L 60 -20.24 27.43 -21.61
CA CYS L 60 -20.70 27.58 -22.98
C CYS L 60 -21.79 26.56 -23.22
N VAL L 61 -22.99 27.03 -23.57
CA VAL L 61 -24.14 26.17 -23.81
C VAL L 61 -24.53 26.28 -25.27
N ARG L 62 -24.59 25.13 -25.95
CA ARG L 62 -25.01 25.07 -27.35
C ARG L 62 -26.45 24.57 -27.41
N VAL L 63 -27.31 25.35 -28.03
CA VAL L 63 -28.72 25.00 -28.23
C VAL L 63 -28.91 24.63 -29.68
N GLU L 64 -29.47 23.45 -29.93
CA GLU L 64 -29.75 22.97 -31.27
C GLU L 64 -31.20 22.53 -31.34
N ALA L 65 -31.97 23.15 -32.24
CA ALA L 65 -33.39 22.87 -32.39
C ALA L 65 -33.72 22.80 -33.87
N LEU L 66 -34.34 21.69 -34.28
CA LEU L 66 -34.75 21.52 -35.66
C LEU L 66 -35.90 22.48 -35.98
N GLY L 67 -35.70 23.32 -36.99
CA GLY L 67 -36.72 24.25 -37.41
C GLY L 67 -36.57 25.67 -36.87
N GLY L 68 -35.39 26.06 -36.42
CA GLY L 68 -35.15 27.41 -35.99
C GLY L 68 -35.87 27.75 -34.68
N TYR L 69 -35.91 29.06 -34.41
CA TYR L 69 -36.52 29.59 -33.20
C TYR L 69 -37.46 30.73 -33.57
N GLY L 70 -38.57 30.82 -32.85
CA GLY L 70 -39.51 31.90 -33.05
C GLY L 70 -38.94 33.21 -32.55
N PRO L 71 -39.63 34.32 -32.84
CA PRO L 71 -39.14 35.63 -32.40
C PRO L 71 -39.20 35.72 -30.89
N SER L 72 -38.15 36.30 -30.30
CA SER L 72 -37.95 36.50 -28.87
C SER L 72 -37.70 35.21 -28.11
N GLU L 73 -37.68 34.05 -28.76
CA GLU L 73 -37.43 32.79 -28.08
C GLU L 73 -35.97 32.65 -27.65
N PRO L 74 -34.97 32.99 -28.50
CA PRO L 74 -33.58 32.87 -28.03
C PRO L 74 -33.27 33.76 -26.82
N GLU L 75 -33.85 34.96 -26.76
CA GLU L 75 -33.58 35.85 -25.63
C GLU L 75 -34.13 35.27 -24.33
N LYS L 76 -35.31 34.67 -24.37
CA LYS L 76 -35.88 34.04 -23.18
C LYS L 76 -35.01 32.88 -22.72
N VAL L 77 -34.56 32.04 -23.67
CA VAL L 77 -33.74 30.88 -23.32
C VAL L 77 -32.42 31.34 -22.69
N THR L 78 -31.80 32.36 -23.27
CA THR L 78 -30.52 32.85 -22.75
C THR L 78 -30.67 33.33 -21.31
N LYS L 79 -31.76 34.03 -21.00
CA LYS L 79 -31.94 34.55 -19.65
C LYS L 79 -32.13 33.43 -18.64
N VAL L 80 -32.94 32.42 -18.97
CA VAL L 80 -33.17 31.32 -18.03
C VAL L 80 -31.93 30.46 -17.89
N VAL L 81 -31.24 30.19 -19.01
CA VAL L 81 -30.04 29.37 -18.96
C VAL L 81 -28.93 30.08 -18.18
N THR L 82 -28.74 31.38 -18.44
CA THR L 82 -27.71 32.13 -17.72
C THR L 82 -28.03 32.18 -16.23
N ASP L 83 -29.31 32.33 -15.88
CA ASP L 83 -29.69 32.31 -14.46
C ASP L 83 -29.43 30.95 -13.84
N ALA L 84 -29.80 29.88 -14.54
CA ALA L 84 -29.62 28.53 -14.00
C ALA L 84 -28.15 28.18 -13.85
N ILE L 85 -27.36 28.45 -14.90
CA ILE L 85 -25.93 28.14 -14.84
C ILE L 85 -25.26 28.93 -13.72
N SER L 86 -25.65 30.19 -13.54
CA SER L 86 -25.07 31.01 -12.48
C SER L 86 -25.43 30.47 -11.11
N TYR L 87 -26.70 30.08 -10.92
CA TYR L 87 -27.14 29.58 -9.62
C TYR L 87 -26.51 28.23 -9.31
N VAL L 88 -26.47 27.33 -10.30
CA VAL L 88 -26.01 25.97 -10.04
C VAL L 88 -24.49 25.91 -9.94
N CYS L 89 -23.78 26.57 -10.86
CA CYS L 89 -22.34 26.43 -10.96
C CYS L 89 -21.57 27.59 -10.33
N GLY L 90 -22.25 28.69 -9.97
CA GLY L 90 -21.55 29.83 -9.44
C GLY L 90 -20.77 30.61 -10.49
N ILE L 91 -21.05 30.40 -11.76
CA ILE L 91 -20.37 31.09 -12.85
C ILE L 91 -21.08 32.43 -13.09
N VAL L 92 -20.28 33.50 -13.18
CA VAL L 92 -20.87 34.82 -13.36
C VAL L 92 -21.49 34.96 -14.75
N ALA L 93 -22.42 35.90 -14.87
CA ALA L 93 -23.22 36.01 -16.09
C ALA L 93 -22.38 36.41 -17.29
N ASP L 94 -21.42 37.32 -17.11
CA ASP L 94 -20.58 37.75 -18.23
C ASP L 94 -19.53 36.73 -18.63
N ARG L 95 -19.64 35.49 -18.15
CA ARG L 95 -18.78 34.39 -18.57
C ARG L 95 -19.61 33.18 -18.96
N ILE L 96 -20.78 33.41 -19.53
CA ILE L 96 -21.67 32.34 -19.98
C ILE L 96 -22.09 32.63 -21.41
N PHE L 97 -21.68 31.76 -22.33
CA PHE L 97 -22.09 31.85 -23.73
C PHE L 97 -23.23 30.88 -23.99
N VAL L 98 -24.23 31.33 -24.73
CA VAL L 98 -25.34 30.49 -25.17
C VAL L 98 -25.43 30.63 -26.69
N LEU L 99 -25.05 29.56 -27.40
CA LEU L 99 -25.07 29.56 -28.86
C LEU L 99 -26.29 28.80 -29.35
N TYR L 100 -26.86 29.26 -30.47
CA TYR L 100 -28.08 28.71 -31.01
C TYR L 100 -27.85 28.24 -32.44
N PHE L 101 -28.19 27.00 -32.71
CA PHE L 101 -28.01 26.39 -34.02
C PHE L 101 -29.28 25.67 -34.46
N SER L 102 -29.36 25.43 -35.75
CA SER L 102 -30.47 24.68 -36.35
C SER L 102 -29.92 23.65 -37.33
N PRO L 103 -30.07 22.37 -37.04
CA PRO L 103 -29.54 21.35 -37.97
C PRO L 103 -30.39 21.25 -39.23
N LEU L 104 -29.71 20.98 -40.35
CA LEU L 104 -30.42 20.78 -41.61
C LEU L 104 -31.39 19.61 -41.51
N HIS L 105 -30.97 18.54 -40.84
CA HIS L 105 -31.81 17.37 -40.65
C HIS L 105 -31.53 16.78 -39.28
N CYS L 106 -32.52 16.07 -38.74
CA CYS L 106 -32.37 15.38 -37.47
C CYS L 106 -32.97 13.99 -37.61
N GLY L 107 -32.24 12.99 -37.12
CA GLY L 107 -32.70 11.61 -37.15
C GLY L 107 -32.98 11.09 -35.76
N TRP L 108 -34.07 10.34 -35.63
CA TRP L 108 -34.46 9.75 -34.35
C TRP L 108 -35.27 8.49 -34.62
N ASN L 109 -34.91 7.41 -33.92
CA ASN L 109 -35.58 6.11 -34.07
C ASN L 109 -35.44 5.59 -35.51
N GLY L 110 -34.28 5.84 -36.11
CA GLY L 110 -33.98 5.35 -37.44
C GLY L 110 -34.56 6.16 -38.59
N THR L 111 -35.44 7.12 -38.31
CA THR L 111 -36.05 7.94 -39.35
C THR L 111 -35.82 9.41 -39.03
N ASN L 112 -35.75 10.23 -40.08
CA ASN L 112 -35.56 11.66 -39.91
C ASN L 112 -36.89 12.35 -39.64
N LEU L 113 -36.86 13.35 -38.77
CA LEU L 113 -38.06 14.10 -38.41
C LEU L 113 -38.31 15.22 -39.40
N SER M 2 20.18 -9.55 24.88
CA SER M 2 19.86 -8.34 25.63
C SER M 2 19.86 -8.64 27.14
N VAL M 3 18.92 -9.48 27.56
CA VAL M 3 18.83 -9.94 28.94
C VAL M 3 18.79 -11.46 28.91
N ASN M 4 19.85 -12.09 29.41
CA ASN M 4 19.97 -13.55 29.38
C ASN M 4 19.56 -14.11 30.74
N THR M 5 18.52 -14.93 30.73
CA THR M 5 17.94 -15.50 31.94
C THR M 5 18.04 -17.02 31.87
N SER M 6 18.51 -17.63 32.96
CA SER M 6 18.74 -19.07 32.99
C SER M 6 18.30 -19.64 34.33
N PHE M 7 17.63 -20.79 34.29
CA PHE M 7 17.17 -21.49 35.48
C PHE M 7 18.21 -22.54 35.86
N LEU M 8 19.02 -22.24 36.88
CA LEU M 8 19.91 -23.24 37.45
C LEU M 8 19.14 -24.28 38.26
N SER M 9 17.93 -23.95 38.67
CA SER M 9 17.02 -24.79 39.43
C SER M 9 15.66 -24.10 39.39
N PRO M 10 14.57 -24.74 39.80
CA PRO M 10 13.28 -24.04 39.82
C PRO M 10 13.30 -22.74 40.58
N SER M 11 14.11 -22.65 41.64
CA SER M 11 14.14 -21.48 42.51
C SER M 11 15.38 -20.63 42.35
N LEU M 12 16.34 -21.04 41.51
CA LEU M 12 17.59 -20.30 41.36
C LEU M 12 17.74 -19.86 39.90
N VAL M 13 17.76 -18.55 39.68
CA VAL M 13 17.79 -17.98 38.33
C VAL M 13 18.93 -16.97 38.25
N THR M 14 19.69 -17.03 37.15
CA THR M 14 20.69 -16.03 36.84
C THR M 14 20.16 -15.08 35.77
N ILE M 15 20.40 -13.78 35.96
CA ILE M 15 19.91 -12.74 35.06
C ILE M 15 21.08 -11.85 34.69
N ARG M 16 21.46 -11.87 33.41
CA ARG M 16 22.57 -11.09 32.89
C ARG M 16 22.03 -10.04 31.93
N ASP M 17 22.20 -8.76 32.27
CA ASP M 17 21.76 -7.65 31.45
C ASP M 17 22.97 -7.06 30.74
N PHE M 18 23.05 -7.29 29.42
CA PHE M 18 24.20 -6.80 28.66
C PHE M 18 24.13 -5.28 28.46
N ASP M 19 22.94 -4.77 28.13
CA ASP M 19 22.82 -3.34 27.84
C ASP M 19 23.10 -2.49 29.07
N LYS M 20 22.63 -2.93 30.24
CA LYS M 20 22.82 -2.18 31.47
C LYS M 20 24.10 -2.59 32.22
N GLY M 21 24.77 -3.65 31.78
CA GLY M 21 26.01 -4.09 32.41
C GLY M 21 25.85 -4.56 33.83
N GLN M 22 24.87 -5.44 34.07
CA GLN M 22 24.58 -5.93 35.40
C GLN M 22 24.48 -7.46 35.39
N PHE M 23 24.75 -8.05 36.54
CA PHE M 23 24.49 -9.46 36.77
C PHE M 23 23.83 -9.60 38.12
N ALA M 24 22.75 -10.37 38.19
CA ALA M 24 22.00 -10.54 39.43
C ALA M 24 21.50 -11.96 39.55
N VAL M 25 21.47 -12.47 40.78
CA VAL M 25 20.94 -13.79 41.07
C VAL M 25 19.55 -13.63 41.65
N LEU M 26 18.57 -14.31 41.05
CA LEU M 26 17.21 -14.35 41.56
C LEU M 26 16.97 -15.72 42.19
N ARG M 27 16.62 -15.72 43.48
CA ARG M 27 16.29 -16.96 44.17
C ARG M 27 15.04 -16.78 45.01
N ILE M 28 14.19 -17.80 44.98
CA ILE M 28 13.00 -17.85 45.84
C ILE M 28 13.44 -18.60 47.10
N GLY M 29 14.09 -17.87 48.00
CA GLY M 29 14.87 -18.51 49.05
C GLY M 29 14.03 -19.24 50.07
N ARG M 30 13.01 -18.57 50.62
CA ARG M 30 12.31 -19.13 51.77
C ARG M 30 11.50 -20.36 51.40
N THR M 31 10.74 -20.30 50.30
CA THR M 31 9.83 -21.39 49.95
C THR M 31 10.39 -22.35 48.90
N GLY M 32 11.41 -21.94 48.15
CA GLY M 32 11.91 -22.78 47.08
C GLY M 32 10.95 -22.96 45.93
N PHE M 33 9.96 -22.07 45.80
CA PHE M 33 8.98 -22.19 44.74
C PHE M 33 9.60 -21.81 43.40
N PRO M 34 9.02 -22.28 42.29
CA PRO M 34 9.54 -21.91 40.97
C PRO M 34 9.34 -20.43 40.69
N ALA M 35 10.38 -19.80 40.17
CA ALA M 35 10.29 -18.39 39.82
C ALA M 35 9.42 -18.21 38.59
N ASP M 36 8.45 -17.31 38.69
CA ASP M 36 7.56 -17.00 37.57
C ASP M 36 8.00 -15.70 36.91
N LYS M 37 7.24 -15.27 35.91
CA LYS M 37 7.60 -14.06 35.18
C LYS M 37 7.54 -12.84 36.08
N GLY M 38 6.60 -12.82 37.03
CA GLY M 38 6.51 -11.70 37.95
C GLY M 38 7.74 -11.59 38.84
N ASP M 39 8.30 -12.73 39.24
CA ASP M 39 9.52 -12.72 40.04
C ASP M 39 10.70 -12.16 39.24
N ILE M 40 10.82 -12.55 37.98
CA ILE M 40 11.90 -12.04 37.15
C ILE M 40 11.74 -10.56 36.88
N ASP M 41 10.49 -10.12 36.63
CA ASP M 41 10.25 -8.69 36.43
C ASP M 41 10.55 -7.91 37.69
N LEU M 42 10.24 -8.47 38.86
CA LEU M 42 10.55 -7.79 40.11
C LEU M 42 12.05 -7.63 40.30
N CYS M 43 12.82 -8.69 39.98
CA CYS M 43 14.26 -8.60 40.10
C CYS M 43 14.83 -7.57 39.13
N LEU M 44 14.40 -7.63 37.87
CA LEU M 44 14.83 -6.63 36.89
C LEU M 44 14.45 -5.22 37.32
N SER M 45 13.30 -5.06 37.98
CA SER M 45 12.92 -3.76 38.50
C SER M 45 13.90 -3.29 39.57
N LYS M 46 14.27 -4.18 40.49
CA LYS M 46 15.20 -3.82 41.55
C LYS M 46 16.60 -3.58 40.99
N MET M 47 17.00 -4.36 39.98
CA MET M 47 18.26 -4.10 39.30
C MET M 47 18.28 -2.69 38.70
N ASP M 48 17.15 -2.25 38.15
CA ASP M 48 17.06 -0.89 37.63
C ASP M 48 17.19 0.14 38.73
N GLY M 49 16.65 -0.17 39.92
CA GLY M 49 16.74 0.77 41.03
C GLY M 49 18.16 0.97 41.52
N VAL M 50 18.96 -0.10 41.53
CA VAL M 50 20.36 0.02 41.92
C VAL M 50 21.11 0.91 40.93
N LEU M 51 20.75 0.85 39.65
CA LEU M 51 21.35 1.74 38.67
C LEU M 51 21.07 3.20 39.02
N ALA M 52 19.84 3.51 39.44
CA ALA M 52 19.49 4.89 39.77
C ALA M 52 20.24 5.35 41.03
N ALA M 53 20.34 4.49 42.04
CA ALA M 53 21.03 4.85 43.26
C ALA M 53 22.51 5.11 43.01
N GLN M 54 23.10 4.42 42.03
CA GLN M 54 24.49 4.67 41.67
C GLN M 54 24.70 6.11 41.22
N LEU M 55 23.73 6.66 40.48
CA LEU M 55 23.85 8.03 39.99
C LEU M 55 23.79 9.05 41.12
N TYR M 56 23.29 8.67 42.30
CA TYR M 56 23.32 9.58 43.44
C TYR M 56 24.74 9.80 43.93
N LEU M 57 25.61 8.80 43.75
CA LEU M 57 27.01 8.93 44.13
C LEU M 57 27.88 9.48 43.01
N GLY M 58 27.55 9.16 41.77
CA GLY M 58 28.34 9.63 40.64
C GLY M 58 27.96 8.88 39.38
N ASN M 59 28.56 9.33 38.28
CA ASN M 59 28.32 8.72 36.98
C ASN M 59 29.39 7.66 36.71
N PRO M 60 29.05 6.37 36.68
CA PRO M 60 30.08 5.34 36.46
C PRO M 60 30.67 5.33 35.06
N ARG M 61 30.02 5.97 34.09
CA ARG M 61 30.58 6.05 32.75
C ARG M 61 31.60 7.17 32.59
N GLU M 62 31.78 8.00 33.61
CA GLU M 62 32.82 9.02 33.59
C GLU M 62 34.18 8.35 33.51
N PRO M 63 35.06 8.77 32.60
CA PRO M 63 36.40 8.19 32.56
C PRO M 63 37.17 8.46 33.85
N GLY M 64 37.89 7.45 34.30
CA GLY M 64 38.61 7.56 35.57
C GLY M 64 37.69 7.65 36.77
N PHE M 65 36.58 6.91 36.75
CA PHE M 65 35.60 6.99 37.83
C PHE M 65 36.19 6.44 39.12
N LYS M 66 36.29 7.31 40.14
CA LYS M 66 36.86 6.94 41.42
C LYS M 66 35.85 6.29 42.36
N GLY M 67 34.71 5.85 41.84
CA GLY M 67 33.69 5.25 42.67
C GLY M 67 33.03 6.26 43.59
N PRO M 68 32.32 5.78 44.62
CA PRO M 68 32.09 4.37 44.97
C PRO M 68 31.06 3.68 44.07
N HIS M 69 31.06 2.36 44.02
CA HIS M 69 30.17 1.59 43.17
C HIS M 69 29.06 0.95 43.99
N ILE M 70 27.83 1.06 43.49
CA ILE M 70 26.68 0.36 44.04
C ILE M 70 26.31 -0.74 43.04
N ARG M 71 26.54 -1.99 43.41
CA ARG M 71 26.34 -3.12 42.52
C ARG M 71 25.35 -4.09 43.16
N ILE M 72 24.28 -4.40 42.43
CA ILE M 72 23.34 -5.42 42.90
C ILE M 72 23.98 -6.80 42.74
N ARG M 73 23.62 -7.70 43.64
CA ARG M 73 24.16 -9.06 43.62
C ARG M 73 23.06 -10.10 43.54
N CYS M 74 22.04 -10.00 44.38
CA CYS M 74 21.01 -11.02 44.45
C CYS M 74 19.70 -10.41 44.94
N VAL M 75 18.60 -10.95 44.42
CA VAL M 75 17.25 -10.59 44.86
C VAL M 75 16.60 -11.85 45.40
N ASP M 76 16.47 -11.93 46.71
CA ASP M 76 15.85 -13.07 47.38
C ASP M 76 14.38 -12.74 47.65
N ILE M 77 13.48 -13.53 47.08
CA ILE M 77 12.05 -13.26 47.14
C ILE M 77 11.40 -14.19 48.16
N ASP M 78 10.69 -13.61 49.12
CA ASP M 78 9.90 -14.35 50.09
C ASP M 78 8.43 -14.22 49.69
N ASP M 79 7.84 -15.35 49.26
CA ASP M 79 6.46 -15.36 48.77
C ASP M 79 5.58 -16.32 49.56
N LYS M 80 5.98 -16.67 50.79
CA LYS M 80 5.19 -17.57 51.61
C LYS M 80 3.84 -16.94 51.98
N HIS M 81 3.88 -15.89 52.80
CA HIS M 81 2.67 -15.15 53.13
C HIS M 81 2.60 -13.89 52.29
N THR M 82 2.99 -12.75 52.86
CA THR M 82 3.06 -11.52 52.10
C THR M 82 4.28 -11.53 51.18
N TYR M 83 4.19 -10.75 50.12
CA TYR M 83 5.21 -10.74 49.07
C TYR M 83 6.36 -9.84 49.50
N ASN M 84 7.54 -10.42 49.72
CA ASN M 84 8.71 -9.70 50.19
C ASN M 84 9.89 -9.97 49.29
N ALA M 85 10.82 -9.01 49.25
CA ALA M 85 12.05 -9.13 48.47
C ALA M 85 13.21 -8.55 49.26
N MET M 86 14.27 -9.34 49.39
CA MET M 86 15.52 -8.90 49.99
C MET M 86 16.54 -8.70 48.87
N VAL M 87 17.07 -7.49 48.76
CA VAL M 87 17.99 -7.12 47.69
C VAL M 87 19.39 -7.01 48.29
N TYR M 88 20.28 -7.91 47.88
CA TYR M 88 21.66 -7.90 48.35
C TYR M 88 22.49 -7.03 47.42
N VAL M 89 23.15 -6.02 47.99
CA VAL M 89 23.89 -5.02 47.23
C VAL M 89 25.30 -4.91 47.81
N ASP M 90 26.26 -4.65 46.93
CA ASP M 90 27.64 -4.38 47.32
C ASP M 90 27.96 -2.91 47.14
N LEU M 91 28.55 -2.30 48.16
CA LEU M 91 29.11 -0.96 48.07
C LEU M 91 30.63 -1.09 48.04
N ILE M 92 31.24 -0.59 46.97
CA ILE M 92 32.67 -0.74 46.74
C ILE M 92 33.30 0.64 46.77
N VAL M 93 34.17 0.87 47.75
CA VAL M 93 34.91 2.12 47.86
C VAL M 93 36.39 1.83 47.65
N GLY M 94 37.13 2.85 47.20
CA GLY M 94 38.55 2.70 47.02
C GLY M 94 39.28 2.49 48.33
N THR M 95 40.35 1.69 48.28
CA THR M 95 41.08 1.34 49.49
C THR M 95 41.74 2.53 50.16
N GLY M 96 41.94 3.63 49.45
CA GLY M 96 42.58 4.79 50.03
C GLY M 96 41.62 5.77 50.68
N ALA M 97 40.44 5.28 51.05
CA ALA M 97 39.41 6.13 51.62
C ALA M 97 39.53 6.15 53.14
N SER M 98 39.45 7.35 53.71
CA SER M 98 39.46 7.49 55.16
C SER M 98 38.16 6.93 55.75
N GLU M 99 38.20 6.63 57.05
CA GLU M 99 37.05 6.02 57.71
C GLU M 99 35.81 6.89 57.58
N VAL M 100 35.96 8.20 57.67
CA VAL M 100 34.82 9.10 57.51
C VAL M 100 34.26 9.00 56.10
N GLU M 101 35.15 8.86 55.10
CA GLU M 101 34.70 8.79 53.71
C GLU M 101 33.90 7.53 53.43
N ARG M 102 34.17 6.44 54.15
CA ARG M 102 33.41 5.22 53.92
C ARG M 102 32.07 5.24 54.63
N GLU M 103 32.00 5.89 55.80
CA GLU M 103 30.72 6.05 56.49
C GLU M 103 29.82 7.00 55.72
N THR M 104 30.38 8.07 55.16
CA THR M 104 29.60 8.99 54.34
C THR M 104 29.10 8.29 53.08
N ALA M 105 29.99 7.56 52.41
CA ALA M 105 29.57 6.80 51.23
C ALA M 105 28.52 5.76 51.58
N GLU M 106 28.64 5.14 52.75
CA GLU M 106 27.68 4.12 53.16
C GLU M 106 26.31 4.73 53.43
N GLU M 107 26.27 5.90 54.08
CA GLU M 107 24.97 6.51 54.38
C GLU M 107 24.35 7.12 53.14
N ARG M 108 25.17 7.68 52.24
CA ARG M 108 24.64 8.18 50.98
C ARG M 108 24.06 7.05 50.14
N ALA M 109 24.71 5.88 50.17
CA ALA M 109 24.20 4.72 49.43
C ALA M 109 22.93 4.17 50.08
N ARG M 110 22.90 4.13 51.41
CA ARG M 110 21.72 3.61 52.10
C ARG M 110 20.50 4.48 51.85
N ARG M 111 20.67 5.81 51.83
CA ARG M 111 19.55 6.70 51.57
C ARG M 111 19.03 6.55 50.15
N ALA M 112 19.94 6.52 49.17
CA ALA M 112 19.52 6.45 47.77
C ALA M 112 18.84 5.12 47.47
N LEU M 113 19.41 4.01 47.97
CA LEU M 113 18.83 2.70 47.72
C LEU M 113 17.47 2.55 48.40
N ALA M 114 17.28 3.16 49.57
CA ALA M 114 15.99 3.06 50.26
C ALA M 114 14.86 3.67 49.43
N VAL M 115 15.15 4.73 48.68
CA VAL M 115 14.14 5.34 47.83
C VAL M 115 14.04 4.60 46.49
N ALA M 116 15.21 4.29 45.89
CA ALA M 116 15.21 3.66 44.58
C ALA M 116 14.58 2.28 44.60
N LEU M 117 14.66 1.58 45.73
CA LEU M 117 14.09 0.25 45.88
C LEU M 117 12.72 0.26 46.53
N ARG M 118 12.23 1.43 46.95
CA ARG M 118 10.89 1.59 47.52
C ARG M 118 10.69 0.68 48.73
N VAL M 119 11.48 0.94 49.77
CA VAL M 119 11.44 0.09 50.96
C VAL M 119 10.37 0.52 51.95
N ASP M 120 9.93 1.78 51.91
CA ASP M 120 8.97 2.29 52.88
C ASP M 120 7.53 2.02 52.50
N GLU M 121 7.27 1.34 51.39
CA GLU M 121 5.92 0.99 50.99
C GLU M 121 5.98 -0.14 49.98
N ALA M 122 4.81 -0.58 49.52
CA ALA M 122 4.73 -1.57 48.46
C ALA M 122 4.95 -0.91 47.10
N ASP M 123 5.58 -1.65 46.20
CA ASP M 123 5.95 -1.10 44.91
C ASP M 123 4.89 -1.44 43.87
N GLU M 124 5.24 -1.26 42.59
CA GLU M 124 4.31 -1.53 41.51
C GLU M 124 3.99 -3.02 41.39
N HIS M 125 4.91 -3.88 41.80
CA HIS M 125 4.68 -5.32 41.83
C HIS M 125 4.04 -5.78 43.13
N SER M 126 3.57 -4.84 43.95
CA SER M 126 2.92 -5.14 45.24
C SER M 126 3.86 -5.93 46.14
N CYS M 127 5.10 -5.44 46.28
CA CYS M 127 6.14 -6.14 47.01
C CYS M 127 6.74 -5.25 48.07
N VAL M 128 6.93 -5.79 49.27
CA VAL M 128 7.61 -5.09 50.35
C VAL M 128 9.10 -5.39 50.21
N THR M 129 9.88 -4.35 49.92
CA THR M 129 11.29 -4.50 49.60
C THR M 129 12.17 -4.14 50.79
N GLN M 130 13.15 -5.00 51.06
CA GLN M 130 14.22 -4.73 52.01
C GLN M 130 15.54 -4.99 51.31
N PHE M 131 16.61 -4.36 51.78
CA PHE M 131 17.91 -4.56 51.17
C PHE M 131 18.99 -4.61 52.23
N GLU M 132 20.13 -5.19 51.85
CA GLU M 132 21.28 -5.39 52.73
C GLU M 132 22.53 -5.06 51.95
N MET M 133 23.36 -4.16 52.51
CA MET M 133 24.56 -3.71 51.83
C MET M 133 25.78 -4.43 52.38
N LYS M 134 26.73 -4.75 51.49
CA LYS M 134 28.02 -5.28 51.88
C LYS M 134 29.09 -4.28 51.47
N LEU M 135 29.81 -3.75 52.47
CA LEU M 135 30.85 -2.77 52.22
C LEU M 135 32.14 -3.49 51.83
N ARG M 136 32.67 -3.16 50.66
CA ARG M 136 33.93 -3.72 50.17
C ARG M 136 34.91 -2.61 49.88
N GLU M 137 36.20 -2.92 50.03
CA GLU M 137 37.27 -2.00 49.69
C GLU M 137 38.16 -2.67 48.65
N GLU M 138 38.32 -2.01 47.51
CA GLU M 138 39.13 -2.52 46.41
C GLU M 138 39.97 -1.41 45.83
N LEU M 139 41.12 -1.78 45.27
CA LEU M 139 41.95 -0.83 44.54
C LEU M 139 41.33 -0.63 43.17
N LEU M 140 40.59 0.47 43.01
CA LEU M 140 39.74 0.64 41.83
C LEU M 140 40.55 0.77 40.54
N SER M 141 41.84 1.10 40.64
CA SER M 141 42.70 1.19 39.47
C SER M 141 43.32 -0.14 39.09
N SER M 142 43.19 -1.16 39.94
CA SER M 142 43.81 -2.45 39.66
C SER M 142 43.22 -3.10 38.42
N ASP M 143 44.08 -3.71 37.60
CA ASP M 143 43.62 -4.40 36.41
C ASP M 143 42.82 -5.65 36.74
N SER M 144 42.90 -6.14 37.97
CA SER M 144 42.18 -7.33 38.40
C SER M 144 40.84 -7.01 39.05
N PHE M 145 40.40 -5.75 39.00
CA PHE M 145 39.15 -5.33 39.60
C PHE M 145 38.09 -5.08 38.54
N HIS M 146 36.87 -5.53 38.83
CA HIS M 146 35.67 -5.22 38.05
C HIS M 146 34.53 -5.20 39.05
N PRO M 147 33.61 -4.25 38.94
CA PRO M 147 32.55 -4.12 39.96
C PRO M 147 31.68 -5.35 40.10
N ASP M 148 31.59 -6.21 39.08
CA ASP M 148 30.77 -7.41 39.13
C ASP M 148 31.60 -8.67 38.98
N LYS M 149 32.78 -8.68 39.59
CA LYS M 149 33.61 -9.88 39.62
C LYS M 149 32.82 -11.06 40.17
N ASP M 150 32.99 -12.23 39.53
CA ASP M 150 32.20 -13.39 39.91
C ASP M 150 32.48 -13.83 41.35
N GLU M 151 33.61 -13.41 41.92
CA GLU M 151 33.88 -13.67 43.34
C GLU M 151 32.80 -13.06 44.22
N TYR M 152 32.29 -11.90 43.85
CA TYR M 152 31.31 -11.19 44.67
C TYR M 152 29.95 -11.88 44.71
N TYR M 153 29.74 -12.94 43.93
CA TYR M 153 28.47 -13.63 43.87
C TYR M 153 28.53 -15.02 44.50
N LYS M 154 29.63 -15.36 45.18
CA LYS M 154 29.79 -16.72 45.70
C LYS M 154 28.83 -17.03 46.83
N ASP M 155 28.31 -16.03 47.54
CA ASP M 155 27.35 -16.28 48.60
C ASP M 155 25.98 -16.67 48.07
N PHE M 156 25.75 -16.56 46.76
CA PHE M 156 24.43 -16.80 46.18
C PHE M 156 24.44 -17.88 45.09
N LEU M 157 25.60 -18.39 44.72
CA LEU M 157 25.67 -19.43 43.70
C LEU M 157 26.32 -20.69 44.26
N PRO N 2 7.61 19.13 44.90
CA PRO N 2 8.30 20.02 43.96
C PRO N 2 7.95 19.72 42.50
N VAL N 3 8.40 20.57 41.59
CA VAL N 3 8.17 20.37 40.16
C VAL N 3 9.52 20.38 39.46
N ILE N 4 9.74 19.39 38.60
CA ILE N 4 10.98 19.26 37.84
C ILE N 4 10.62 19.06 36.38
N GLN N 5 11.00 20.02 35.54
CA GLN N 5 10.82 19.93 34.11
C GLN N 5 12.14 19.56 33.45
N THR N 6 12.12 18.53 32.61
CA THR N 6 13.31 18.04 31.93
C THR N 6 13.15 18.27 30.44
N PHE N 7 13.97 19.16 29.89
CA PHE N 7 14.04 19.43 28.46
C PHE N 7 15.33 18.86 27.92
N VAL N 8 15.23 17.97 26.94
CA VAL N 8 16.40 17.40 26.28
C VAL N 8 16.17 17.42 24.77
N SER N 9 17.27 17.55 24.03
CA SER N 9 17.19 17.50 22.58
C SER N 9 17.15 16.09 22.03
N THR N 10 17.53 15.11 22.84
CA THR N 10 17.54 13.69 22.48
C THR N 10 16.21 13.05 22.82
N PRO N 11 15.87 11.93 22.17
CA PRO N 11 14.62 11.25 22.49
C PRO N 11 14.70 10.48 23.81
N LEU N 12 13.55 10.43 24.49
CA LEU N 12 13.40 9.73 25.75
C LEU N 12 12.38 8.60 25.57
N ASP N 13 12.73 7.41 26.05
CA ASP N 13 11.83 6.27 26.04
C ASP N 13 11.35 5.99 27.46
N HIS N 14 10.67 4.85 27.63
CA HIS N 14 10.15 4.50 28.95
C HIS N 14 11.29 4.24 29.94
N GLU N 15 12.36 3.59 29.48
CA GLU N 15 13.49 3.30 30.36
C GLU N 15 14.20 4.57 30.79
N LYS N 16 14.45 5.50 29.85
CA LYS N 16 15.18 6.72 30.18
C LYS N 16 14.37 7.63 31.09
N ARG N 17 13.06 7.76 30.84
CA ARG N 17 12.23 8.61 31.67
C ARG N 17 12.10 8.05 33.08
N ASN N 18 11.99 6.73 33.21
CA ASN N 18 11.85 6.13 34.53
C ASN N 18 13.15 6.11 35.30
N MET N 19 14.30 6.09 34.61
CA MET N 19 15.57 6.19 35.31
C MET N 19 15.74 7.58 35.92
N LEU N 20 15.43 8.63 35.16
CA LEU N 20 15.46 9.98 35.70
C LEU N 20 14.42 10.18 36.78
N THR N 21 13.27 9.51 36.67
CA THR N 21 12.23 9.62 37.69
C THR N 21 12.73 9.10 39.03
N LYS N 22 13.38 7.92 39.02
CA LYS N 22 13.91 7.36 40.26
C LYS N 22 14.97 8.27 40.87
N VAL N 23 15.86 8.82 40.04
CA VAL N 23 16.89 9.72 40.54
C VAL N 23 16.27 10.98 41.12
N TYR N 24 15.28 11.54 40.42
CA TYR N 24 14.62 12.74 40.93
C TYR N 24 13.93 12.47 42.26
N ARG N 25 13.37 11.27 42.44
CA ARG N 25 12.78 10.92 43.73
C ARG N 25 13.85 10.79 44.81
N ILE N 26 15.05 10.37 44.45
CA ILE N 26 16.15 10.34 45.41
C ILE N 26 16.57 11.75 45.79
N VAL N 27 16.65 12.64 44.80
CA VAL N 27 17.02 14.03 45.08
C VAL N 27 15.98 14.69 45.99
N THR N 28 14.70 14.44 45.73
CA THR N 28 13.64 15.05 46.53
C THR N 28 13.71 14.60 47.98
N ASP N 29 14.00 13.32 48.21
CA ASP N 29 13.95 12.78 49.56
C ASP N 29 15.20 13.12 50.37
N THR N 30 16.38 13.00 49.76
CA THR N 30 17.62 13.15 50.51
C THR N 30 18.10 14.60 50.58
N ILE N 31 18.19 15.27 49.44
CA ILE N 31 18.74 16.62 49.40
C ILE N 31 17.70 17.64 49.82
N LEU N 32 16.57 17.68 49.11
CA LEU N 32 15.53 18.67 49.40
C LEU N 32 14.78 18.36 50.69
N GLY N 33 14.89 17.14 51.20
CA GLY N 33 14.21 16.78 52.44
C GLY N 33 12.71 16.78 52.35
N LYS N 34 12.16 16.50 51.17
CA LYS N 34 10.73 16.50 50.93
C LYS N 34 10.27 15.13 50.45
N PRO N 35 8.99 14.80 50.60
CA PRO N 35 8.51 13.47 50.19
C PRO N 35 8.72 13.23 48.71
N ALA N 36 9.27 12.05 48.38
CA ALA N 36 9.51 11.68 46.99
C ALA N 36 8.23 11.44 46.22
N GLU N 37 7.13 11.11 46.91
CA GLU N 37 5.85 10.94 46.24
C GLU N 37 5.22 12.26 45.84
N LEU N 38 5.70 13.37 46.40
CA LEU N 38 5.08 14.68 46.20
C LEU N 38 5.69 15.47 45.05
N VAL N 39 6.74 14.97 44.42
CA VAL N 39 7.41 15.70 43.34
C VAL N 39 6.75 15.33 42.01
N MET N 40 6.46 16.35 41.20
CA MET N 40 5.90 16.16 39.87
C MET N 40 6.99 16.37 38.84
N MET N 41 7.13 15.41 37.93
CA MET N 41 8.20 15.40 36.94
C MET N 41 7.60 15.37 35.54
N THR N 42 7.97 16.34 34.71
CA THR N 42 7.55 16.41 33.32
C THR N 42 8.76 16.29 32.41
N PHE N 43 8.55 15.65 31.26
CA PHE N 43 9.62 15.38 30.32
C PHE N 43 9.25 15.91 28.94
N HIS N 44 10.21 16.54 28.27
CA HIS N 44 10.02 17.15 26.96
C HIS N 44 11.23 16.78 26.11
N ASP N 45 11.12 15.66 25.40
CA ASP N 45 12.24 15.14 24.62
C ASP N 45 12.20 15.65 23.18
N SER N 46 13.31 15.45 22.46
CA SER N 46 13.45 15.87 21.07
C SER N 46 13.14 17.35 20.90
N THR N 47 13.55 18.15 21.88
CA THR N 47 13.32 19.58 21.82
C THR N 47 14.37 20.25 20.93
N PRO N 48 13.94 21.05 19.95
CA PRO N 48 14.92 21.82 19.16
C PRO N 48 15.67 22.82 20.03
N MET N 49 16.92 22.53 20.34
CA MET N 49 17.71 23.35 21.26
C MET N 49 19.04 23.71 20.61
N HIS N 50 19.38 24.99 20.66
CA HIS N 50 20.68 25.49 20.23
C HIS N 50 21.45 25.98 21.45
N PHE N 51 22.74 25.65 21.52
CA PHE N 51 23.57 26.06 22.63
C PHE N 51 25.03 25.89 22.26
N PHE N 52 25.85 26.89 22.60
CA PHE N 52 27.30 26.88 22.39
C PHE N 52 27.66 26.66 20.93
N GLY N 53 26.84 27.19 20.02
CA GLY N 53 27.15 27.14 18.61
C GLY N 53 26.90 25.82 17.92
N SER N 54 26.04 24.97 18.46
CA SER N 54 25.73 23.70 17.82
C SER N 54 24.42 23.16 18.38
N THR N 55 23.83 22.23 17.63
CA THR N 55 22.64 21.50 18.08
C THR N 55 23.01 20.12 18.64
N ASP N 56 24.23 19.98 19.15
CA ASP N 56 24.64 18.74 19.80
C ASP N 56 23.75 18.47 21.01
N PRO N 57 23.67 17.20 21.45
CA PRO N 57 22.80 16.86 22.57
C PRO N 57 23.00 17.77 23.77
N VAL N 58 21.89 18.26 24.31
CA VAL N 58 21.89 19.28 25.34
C VAL N 58 20.62 19.12 26.18
N ALA N 59 20.72 19.49 27.45
CA ALA N 59 19.61 19.29 28.39
C ALA N 59 19.39 20.54 29.22
N CYS N 60 18.11 20.84 29.49
CA CYS N 60 17.72 21.93 30.39
C CYS N 60 16.74 21.37 31.40
N VAL N 61 17.09 21.47 32.68
CA VAL N 61 16.26 21.00 33.77
C VAL N 61 15.83 22.20 34.61
N ARG N 62 14.53 22.32 34.85
CA ARG N 62 13.97 23.37 35.68
C ARG N 62 13.48 22.76 36.99
N VAL N 63 13.98 23.28 38.11
CA VAL N 63 13.57 22.83 39.43
C VAL N 63 12.75 23.94 40.07
N GLU N 64 11.52 23.61 40.46
CA GLU N 64 10.62 24.54 41.13
C GLU N 64 10.27 23.97 42.49
N ALA N 65 10.60 24.70 43.56
CA ALA N 65 10.34 24.24 44.91
C ALA N 65 9.74 25.39 45.71
N LEU N 66 8.56 25.17 46.28
CA LEU N 66 7.96 26.15 47.17
C LEU N 66 8.75 26.23 48.47
N GLY N 67 9.03 27.45 48.92
CA GLY N 67 9.78 27.67 50.12
C GLY N 67 11.28 27.79 49.93
N GLY N 68 11.76 27.80 48.69
CA GLY N 68 13.18 27.96 48.45
C GLY N 68 13.97 26.69 48.69
N TYR N 69 15.28 26.88 48.85
CA TYR N 69 16.23 25.78 49.02
C TYR N 69 17.14 26.06 50.20
N GLY N 70 17.72 24.99 50.73
CA GLY N 70 18.65 25.10 51.84
C GLY N 70 19.93 25.81 51.44
N PRO N 71 20.87 25.93 52.38
CA PRO N 71 22.10 26.69 52.09
C PRO N 71 22.92 26.09 50.97
N SER N 72 23.10 24.77 50.95
CA SER N 72 23.94 24.11 49.96
C SER N 72 23.18 23.10 49.12
N GLU N 73 21.86 23.10 49.16
CA GLU N 73 21.05 22.11 48.45
C GLU N 73 21.13 22.28 46.92
N PRO N 74 21.04 23.50 46.36
CA PRO N 74 21.14 23.61 44.89
C PRO N 74 22.43 23.06 44.31
N GLU N 75 23.55 23.19 45.04
CA GLU N 75 24.81 22.65 44.54
C GLU N 75 24.76 21.12 44.49
N LYS N 76 24.09 20.50 45.46
CA LYS N 76 24.00 19.05 45.48
C LYS N 76 23.04 18.52 44.43
N VAL N 77 21.97 19.25 44.13
CA VAL N 77 21.03 18.82 43.10
C VAL N 77 21.69 18.88 41.73
N THR N 78 22.42 19.96 41.45
CA THR N 78 23.10 20.09 40.17
C THR N 78 24.08 18.94 39.93
N LYS N 79 24.79 18.52 40.98
CA LYS N 79 25.76 17.44 40.83
C LYS N 79 25.07 16.12 40.48
N VAL N 80 23.96 15.82 41.15
CA VAL N 80 23.28 14.56 40.91
C VAL N 80 22.51 14.59 39.59
N VAL N 81 21.79 15.68 39.32
CA VAL N 81 21.00 15.77 38.09
C VAL N 81 21.91 15.73 36.86
N THR N 82 23.04 16.44 36.91
CA THR N 82 23.96 16.43 35.79
C THR N 82 24.53 15.02 35.56
N ASP N 83 24.90 14.35 36.64
CA ASP N 83 25.38 12.97 36.53
C ASP N 83 24.31 12.07 35.95
N ALA N 84 23.07 12.21 36.41
CA ALA N 84 21.98 11.37 35.92
C ALA N 84 21.73 11.61 34.44
N ILE N 85 21.63 12.87 34.03
CA ILE N 85 21.36 13.19 32.64
C ILE N 85 22.47 12.67 31.74
N SER N 86 23.72 12.79 32.20
CA SER N 86 24.86 12.32 31.42
C SER N 86 24.80 10.80 31.21
N TYR N 87 24.51 10.07 32.28
CA TYR N 87 24.44 8.61 32.18
C TYR N 87 23.25 8.16 31.35
N VAL N 88 22.10 8.82 31.54
CA VAL N 88 20.87 8.36 30.90
C VAL N 88 20.81 8.77 29.43
N CYS N 89 21.19 10.01 29.12
CA CYS N 89 21.01 10.56 27.78
C CYS N 89 22.30 10.68 27.00
N GLY N 90 23.46 10.45 27.60
CA GLY N 90 24.72 10.63 26.90
C GLY N 90 25.03 12.08 26.61
N ILE N 91 24.50 13.01 27.40
CA ILE N 91 24.75 14.43 27.22
C ILE N 91 25.91 14.84 28.12
N VAL N 92 26.92 15.48 27.53
CA VAL N 92 28.09 15.86 28.31
C VAL N 92 27.72 16.92 29.34
N ALA N 93 28.57 17.04 30.36
CA ALA N 93 28.24 17.88 31.51
C ALA N 93 28.15 19.36 31.13
N ASP N 94 29.07 19.83 30.29
CA ASP N 94 29.04 21.27 29.96
C ASP N 94 27.93 21.63 28.96
N ARG N 95 26.97 20.73 28.75
CA ARG N 95 25.79 21.01 27.94
C ARG N 95 24.52 20.66 28.71
N ILE N 96 24.54 20.86 30.03
CA ILE N 96 23.39 20.57 30.89
C ILE N 96 23.20 21.78 31.80
N PHE N 97 22.11 22.50 31.60
CA PHE N 97 21.70 23.56 32.51
C PHE N 97 20.74 23.01 33.55
N VAL N 98 20.82 23.55 34.75
CA VAL N 98 19.89 23.22 35.83
C VAL N 98 19.44 24.54 36.45
N LEU N 99 18.20 24.92 36.18
CA LEU N 99 17.64 26.18 36.66
C LEU N 99 16.81 25.94 37.91
N TYR N 100 16.94 26.83 38.89
CA TYR N 100 16.28 26.70 40.17
C TYR N 100 15.33 27.87 40.38
N PHE N 101 14.07 27.57 40.66
CA PHE N 101 13.03 28.57 40.85
C PHE N 101 12.24 28.25 42.11
N SER N 102 11.48 29.24 42.57
CA SER N 102 10.60 29.10 43.72
C SER N 102 9.32 29.87 43.47
N PRO N 103 8.21 29.18 43.19
CA PRO N 103 6.95 29.89 42.94
C PRO N 103 6.46 30.63 44.16
N LEU N 104 5.73 31.72 43.91
CA LEU N 104 5.18 32.52 45.00
C LEU N 104 4.15 31.72 45.78
N HIS N 105 3.28 30.99 45.07
CA HIS N 105 2.28 30.13 45.70
C HIS N 105 2.13 28.87 44.85
N CYS N 106 1.66 27.81 45.49
CA CYS N 106 1.43 26.55 44.80
C CYS N 106 0.12 25.95 45.29
N GLY N 107 -0.74 25.57 44.35
CA GLY N 107 -2.01 24.94 44.67
C GLY N 107 -1.97 23.45 44.39
N TRP N 108 -2.67 22.69 45.23
CA TRP N 108 -2.78 21.26 45.06
C TRP N 108 -4.02 20.78 45.80
N ASN N 109 -4.72 19.81 45.19
CA ASN N 109 -5.97 19.27 45.72
C ASN N 109 -7.04 20.34 45.88
N GLY N 110 -6.92 21.44 45.13
CA GLY N 110 -7.89 22.51 45.19
C GLY N 110 -7.57 23.62 46.17
N THR N 111 -6.47 23.52 46.92
CA THR N 111 -6.12 24.51 47.91
C THR N 111 -4.62 24.78 47.85
N ASN N 112 -4.23 25.97 48.31
CA ASN N 112 -2.83 26.34 48.37
C ASN N 112 -2.21 25.97 49.70
N SER O 2 8.23 -17.92 25.99
CA SER O 2 7.67 -18.16 27.31
C SER O 2 8.17 -19.49 27.87
N VAL O 3 9.12 -20.10 27.19
CA VAL O 3 9.80 -21.31 27.64
C VAL O 3 11.28 -20.99 27.75
N ASN O 4 11.82 -21.06 28.96
CA ASN O 4 13.22 -20.76 29.21
C ASN O 4 14.00 -22.06 29.24
N THR O 5 14.97 -22.19 28.34
CA THR O 5 15.81 -23.38 28.21
C THR O 5 17.24 -23.02 28.53
N SER O 6 17.88 -23.83 29.37
CA SER O 6 19.25 -23.57 29.79
C SER O 6 20.03 -24.88 29.83
N PHE O 7 21.23 -24.86 29.26
CA PHE O 7 22.13 -26.01 29.28
C PHE O 7 23.07 -25.88 30.48
N LEU O 8 22.82 -26.67 31.52
CA LEU O 8 23.78 -26.78 32.60
C LEU O 8 24.98 -27.61 32.18
N SER O 9 24.76 -28.56 31.28
CA SER O 9 25.81 -29.36 30.67
C SER O 9 25.32 -29.77 29.29
N PRO O 10 26.20 -30.33 28.45
CA PRO O 10 25.72 -30.82 27.15
C PRO O 10 24.51 -31.73 27.24
N SER O 11 24.41 -32.54 28.30
CA SER O 11 23.34 -33.51 28.44
C SER O 11 22.35 -33.16 29.54
N LEU O 12 22.47 -32.00 30.16
CA LEU O 12 21.60 -31.60 31.26
C LEU O 12 20.97 -30.26 30.92
N VAL O 13 19.63 -30.24 30.83
CA VAL O 13 18.88 -29.07 30.39
C VAL O 13 17.74 -28.82 31.36
N THR O 14 17.55 -27.54 31.73
CA THR O 14 16.40 -27.11 32.51
C THR O 14 15.42 -26.39 31.59
N ILE O 15 14.15 -26.78 31.67
CA ILE O 15 13.09 -26.23 30.82
C ILE O 15 12.01 -25.67 31.73
N ARG O 16 11.79 -24.36 31.64
CA ARG O 16 10.81 -23.65 32.46
C ARG O 16 9.72 -23.10 31.55
N ASP O 17 8.53 -23.69 31.63
CA ASP O 17 7.37 -23.23 30.86
C ASP O 17 6.59 -22.28 31.76
N PHE O 18 6.70 -20.98 31.48
CA PHE O 18 5.97 -19.99 32.28
C PHE O 18 4.47 -20.08 32.05
N ASP O 19 4.05 -20.24 30.79
CA ASP O 19 2.63 -20.21 30.48
C ASP O 19 1.90 -21.42 31.06
N LYS O 20 2.47 -22.61 30.91
CA LYS O 20 1.87 -23.83 31.45
C LYS O 20 2.28 -24.08 32.89
N GLY O 21 3.13 -23.21 33.48
CA GLY O 21 3.50 -23.32 34.87
C GLY O 21 4.16 -24.62 35.25
N GLN O 22 5.17 -25.03 34.47
CA GLN O 22 5.85 -26.28 34.68
C GLN O 22 7.36 -26.06 34.75
N PHE O 23 8.04 -27.00 35.41
CA PHE O 23 9.49 -27.07 35.38
C PHE O 23 9.87 -28.52 35.20
N ALA O 24 10.79 -28.78 34.25
CA ALA O 24 11.21 -30.13 33.96
C ALA O 24 12.71 -30.14 33.70
N VAL O 25 13.35 -31.25 34.09
CA VAL O 25 14.77 -31.46 33.83
C VAL O 25 14.88 -32.46 32.68
N LEU O 26 15.54 -32.04 31.61
CA LEU O 26 15.82 -32.92 30.48
C LEU O 26 17.26 -33.40 30.58
N ARG O 27 17.46 -34.71 30.56
CA ARG O 27 18.80 -35.26 30.58
C ARG O 27 18.90 -36.43 29.60
N ILE O 28 20.00 -36.45 28.86
CA ILE O 28 20.33 -37.60 27.98
C ILE O 28 21.17 -38.54 28.84
N GLY O 29 20.47 -39.31 29.68
CA GLY O 29 21.13 -39.97 30.79
C GLY O 29 22.12 -41.05 30.37
N ARG O 30 21.66 -42.00 29.56
CA ARG O 30 22.48 -43.18 29.26
C ARG O 30 23.74 -42.80 28.50
N THR O 31 23.60 -42.09 27.39
CA THR O 31 24.73 -41.82 26.51
C THR O 31 25.49 -40.55 26.86
N GLY O 32 24.85 -39.60 27.53
CA GLY O 32 25.49 -38.32 27.75
C GLY O 32 25.64 -37.49 26.49
N PHE O 33 24.88 -37.80 25.45
CA PHE O 33 24.96 -37.05 24.21
C PHE O 33 24.38 -35.64 24.41
N PRO O 34 24.78 -34.69 23.57
CA PRO O 34 24.20 -33.35 23.66
C PRO O 34 22.73 -33.36 23.29
N ALA O 35 21.95 -32.61 24.06
CA ALA O 35 20.53 -32.49 23.75
C ALA O 35 20.34 -31.59 22.52
N ASP O 36 19.56 -32.06 21.57
CA ASP O 36 19.22 -31.28 20.39
C ASP O 36 17.76 -30.86 20.45
N LYS O 37 17.31 -30.15 19.41
CA LYS O 37 15.95 -29.62 19.41
C LYS O 37 14.92 -30.73 19.47
N GLY O 38 15.19 -31.87 18.83
CA GLY O 38 14.28 -32.99 18.92
C GLY O 38 14.12 -33.51 20.34
N ASP O 39 15.21 -33.50 21.11
CA ASP O 39 15.14 -33.89 22.51
C ASP O 39 14.30 -32.89 23.31
N ILE O 40 14.50 -31.60 23.07
CA ILE O 40 13.73 -30.58 23.78
C ILE O 40 12.26 -30.63 23.37
N ASP O 41 12.00 -30.86 22.08
CA ASP O 41 10.62 -31.03 21.64
C ASP O 41 9.98 -32.26 22.27
N LEU O 42 10.73 -33.37 22.37
CA LEU O 42 10.21 -34.56 23.02
C LEU O 42 9.91 -34.29 24.48
N CYS O 43 10.77 -33.53 25.16
CA CYS O 43 10.53 -33.21 26.56
C CYS O 43 9.31 -32.32 26.71
N LEU O 44 9.23 -31.25 25.91
CA LEU O 44 8.07 -30.37 25.95
C LEU O 44 6.78 -31.11 25.62
N SER O 45 6.86 -32.14 24.78
CA SER O 45 5.67 -32.92 24.46
C SER O 45 5.21 -33.74 25.66
N LYS O 46 6.15 -34.33 26.40
CA LYS O 46 5.77 -35.12 27.57
C LYS O 46 5.31 -34.24 28.72
N MET O 47 5.89 -33.04 28.85
CA MET O 47 5.35 -32.06 29.78
C MET O 47 3.92 -31.71 29.43
N ASP O 48 3.62 -31.59 28.14
CA ASP O 48 2.24 -31.36 27.70
C ASP O 48 1.34 -32.53 28.09
N GLY O 49 1.86 -33.76 27.98
CA GLY O 49 1.05 -34.92 28.29
C GLY O 49 0.71 -35.03 29.76
N VAL O 50 1.66 -34.72 30.64
CA VAL O 50 1.40 -34.74 32.07
C VAL O 50 0.32 -33.73 32.42
N LEU O 51 0.31 -32.58 31.73
CA LEU O 51 -0.75 -31.60 31.93
C LEU O 51 -2.11 -32.18 31.56
N ALA O 52 -2.19 -32.91 30.45
CA ALA O 52 -3.45 -33.54 30.06
C ALA O 52 -3.87 -34.60 31.08
N ALA O 53 -2.89 -35.36 31.58
CA ALA O 53 -3.20 -36.38 32.58
C ALA O 53 -3.71 -35.75 33.87
N GLN O 54 -3.18 -34.57 34.22
CA GLN O 54 -3.64 -33.88 35.42
C GLN O 54 -5.11 -33.55 35.34
N LEU O 55 -5.58 -33.12 34.17
CA LEU O 55 -6.99 -32.74 34.01
C LEU O 55 -7.93 -33.92 34.20
N TYR O 56 -7.42 -35.15 34.08
CA TYR O 56 -8.25 -36.34 34.31
C TYR O 56 -8.65 -36.50 35.77
N LEU O 57 -7.88 -35.92 36.69
CA LEU O 57 -8.19 -35.98 38.12
C LEU O 57 -8.91 -34.74 38.62
N GLY O 58 -8.71 -33.59 37.99
CA GLY O 58 -9.35 -32.36 38.41
C GLY O 58 -8.64 -31.13 37.89
N ASN O 59 -9.38 -30.05 37.78
CA ASN O 59 -8.82 -28.78 37.33
C ASN O 59 -7.98 -28.15 38.44
N PRO O 60 -6.66 -28.04 38.28
CA PRO O 60 -5.84 -27.44 39.34
C PRO O 60 -6.04 -25.95 39.51
N ARG O 61 -6.78 -25.30 38.60
CA ARG O 61 -7.07 -23.87 38.74
C ARG O 61 -8.35 -23.60 39.52
N GLU O 62 -9.09 -24.63 39.89
CA GLU O 62 -10.29 -24.42 40.69
C GLU O 62 -9.90 -23.95 42.10
N PRO O 63 -10.75 -23.17 42.76
CA PRO O 63 -10.37 -22.60 44.06
C PRO O 63 -10.42 -23.67 45.15
N GLY O 64 -9.38 -23.69 45.98
CA GLY O 64 -9.29 -24.69 47.03
C GLY O 64 -9.16 -26.10 46.50
N PHE O 65 -8.37 -26.29 45.44
CA PHE O 65 -8.23 -27.59 44.81
C PHE O 65 -7.59 -28.58 45.77
N LYS O 66 -8.34 -29.60 46.17
CA LYS O 66 -7.90 -30.59 47.13
C LYS O 66 -7.03 -31.69 46.51
N GLY O 67 -6.59 -31.52 45.27
CA GLY O 67 -5.76 -32.50 44.63
C GLY O 67 -6.55 -33.62 43.98
N PRO O 68 -5.86 -34.67 43.52
CA PRO O 68 -4.41 -34.87 43.58
C PRO O 68 -3.67 -34.12 42.48
N HIS O 69 -2.37 -33.88 42.68
CA HIS O 69 -1.53 -33.25 41.68
C HIS O 69 -0.65 -34.29 41.00
N ILE O 70 -0.52 -34.16 39.67
CA ILE O 70 0.50 -34.84 38.90
C ILE O 70 1.44 -33.78 38.35
N ARG O 71 2.74 -33.96 38.61
CA ARG O 71 3.74 -32.97 38.23
C ARG O 71 4.92 -33.66 37.58
N ILE O 72 5.27 -33.23 36.37
CA ILE O 72 6.45 -33.77 35.71
C ILE O 72 7.70 -33.23 36.39
N ARG O 73 8.70 -34.09 36.55
CA ARG O 73 9.97 -33.72 37.18
C ARG O 73 11.13 -33.81 36.22
N CYS O 74 11.25 -34.91 35.48
CA CYS O 74 12.40 -35.11 34.61
C CYS O 74 12.02 -36.01 33.45
N VAL O 75 12.63 -35.74 32.30
CA VAL O 75 12.52 -36.58 31.11
C VAL O 75 13.92 -37.07 30.77
N ASP O 76 14.15 -38.36 30.93
CA ASP O 76 15.45 -38.98 30.72
C ASP O 76 15.41 -39.74 29.39
N ILE O 77 16.13 -39.23 28.40
CA ILE O 77 16.10 -39.79 27.05
C ILE O 77 17.22 -40.81 26.91
N ASP O 78 16.88 -41.99 26.40
CA ASP O 78 17.84 -43.02 26.02
C ASP O 78 17.88 -43.07 24.50
N ASP O 79 19.00 -42.61 23.92
CA ASP O 79 19.15 -42.56 22.48
C ASP O 79 20.32 -43.42 21.98
N LYS O 80 20.78 -44.36 22.80
CA LYS O 80 21.88 -45.25 22.41
C LYS O 80 21.49 -46.07 21.18
N HIS O 81 20.52 -46.98 21.35
CA HIS O 81 20.03 -47.78 20.24
C HIS O 81 18.72 -47.20 19.72
N THR O 82 17.61 -47.64 20.29
CA THR O 82 16.31 -47.08 19.94
C THR O 82 16.02 -45.84 20.77
N TYR O 83 15.06 -45.05 20.29
CA TYR O 83 14.70 -43.77 20.91
C TYR O 83 13.72 -44.03 22.04
N ASN O 84 14.20 -43.88 23.28
CA ASN O 84 13.40 -44.16 24.46
C ASN O 84 13.43 -42.96 25.41
N ALA O 85 12.41 -42.87 26.26
CA ALA O 85 12.31 -41.79 27.23
C ALA O 85 11.69 -42.31 28.52
N MET O 86 12.27 -41.93 29.64
CA MET O 86 11.71 -42.20 30.96
C MET O 86 11.23 -40.90 31.57
N VAL O 87 9.96 -40.85 31.96
CA VAL O 87 9.33 -39.64 32.47
C VAL O 87 9.13 -39.81 33.96
N TYR O 88 9.86 -39.04 34.75
CA TYR O 88 9.72 -39.06 36.20
C TYR O 88 8.67 -38.02 36.60
N VAL O 89 7.58 -38.50 37.22
CA VAL O 89 6.50 -37.63 37.64
C VAL O 89 6.22 -37.87 39.12
N ASP O 90 5.65 -36.86 39.76
CA ASP O 90 5.22 -36.94 41.14
C ASP O 90 3.70 -36.95 41.21
N LEU O 91 3.17 -37.70 42.18
CA LEU O 91 1.74 -37.71 42.48
C LEU O 91 1.57 -37.22 43.91
N ILE O 92 1.11 -35.99 44.05
CA ILE O 92 0.96 -35.34 45.35
C ILE O 92 -0.49 -35.47 45.78
N VAL O 93 -0.70 -36.12 46.92
CA VAL O 93 -2.03 -36.31 47.50
C VAL O 93 -2.05 -35.63 48.86
N GLY O 94 -3.20 -35.05 49.21
CA GLY O 94 -3.33 -34.43 50.52
C GLY O 94 -3.08 -35.41 51.64
N THR O 95 -2.56 -34.90 52.75
CA THR O 95 -2.22 -35.75 53.88
C THR O 95 -3.44 -36.38 54.55
N GLY O 96 -4.63 -35.84 54.28
CA GLY O 96 -5.82 -36.34 54.94
C GLY O 96 -6.55 -37.44 54.18
N ALA O 97 -5.86 -38.07 53.23
CA ALA O 97 -6.46 -39.15 52.47
C ALA O 97 -6.65 -40.38 53.36
N SER O 98 -7.40 -41.37 52.85
CA SER O 98 -7.77 -42.54 53.62
C SER O 98 -7.10 -43.81 53.13
N GLU O 99 -5.95 -43.69 52.46
CA GLU O 99 -5.15 -44.82 51.99
C GLU O 99 -5.87 -45.62 50.91
N VAL O 100 -7.21 -45.59 50.91
CA VAL O 100 -7.97 -46.12 49.77
C VAL O 100 -8.08 -45.07 48.68
N GLU O 101 -8.28 -43.80 49.07
CA GLU O 101 -8.25 -42.70 48.11
C GLU O 101 -6.88 -42.51 47.51
N ARG O 102 -5.83 -42.93 48.22
CA ARG O 102 -4.48 -42.84 47.68
C ARG O 102 -4.28 -43.81 46.53
N GLU O 103 -4.72 -45.07 46.71
CA GLU O 103 -4.59 -46.04 45.63
C GLU O 103 -5.57 -45.76 44.49
N THR O 104 -6.71 -45.14 44.78
CA THR O 104 -7.63 -44.75 43.71
C THR O 104 -7.02 -43.62 42.88
N ALA O 105 -6.42 -42.63 43.53
CA ALA O 105 -5.70 -41.59 42.79
C ALA O 105 -4.45 -42.16 42.12
N GLU O 106 -3.85 -43.18 42.72
CA GLU O 106 -2.65 -43.79 42.13
C GLU O 106 -3.00 -44.56 40.87
N GLU O 107 -4.07 -45.36 40.92
CA GLU O 107 -4.50 -46.12 39.75
C GLU O 107 -5.00 -45.19 38.65
N ARG O 108 -5.79 -44.18 39.01
CA ARG O 108 -6.27 -43.22 38.01
C ARG O 108 -5.13 -42.51 37.32
N ALA O 109 -4.05 -42.21 38.05
CA ALA O 109 -2.91 -41.53 37.46
C ALA O 109 -2.16 -42.43 36.49
N ARG O 110 -1.98 -43.71 36.85
CA ARG O 110 -1.30 -44.64 35.95
C ARG O 110 -2.05 -44.80 34.65
N ARG O 111 -3.39 -44.86 34.72
CA ARG O 111 -4.19 -45.04 33.51
C ARG O 111 -4.12 -43.79 32.62
N ALA O 112 -4.17 -42.60 33.22
CA ALA O 112 -4.14 -41.38 32.43
C ALA O 112 -2.75 -41.13 31.86
N LEU O 113 -1.71 -41.39 32.64
CA LEU O 113 -0.34 -41.19 32.16
C LEU O 113 0.00 -42.16 31.04
N ALA O 114 -0.51 -43.39 31.09
CA ALA O 114 -0.23 -44.36 30.05
C ALA O 114 -0.77 -43.89 28.70
N VAL O 115 -1.95 -43.28 28.69
CA VAL O 115 -2.52 -42.78 27.44
C VAL O 115 -1.87 -41.46 27.04
N ALA O 116 -1.66 -40.56 28.00
CA ALA O 116 -1.15 -39.22 27.68
C ALA O 116 0.29 -39.27 27.22
N LEU O 117 1.10 -40.16 27.81
CA LEU O 117 2.51 -40.26 27.46
C LEU O 117 2.78 -41.31 26.37
N ARG O 118 1.75 -42.01 25.91
CA ARG O 118 1.88 -43.06 24.89
C ARG O 118 2.93 -44.08 25.30
N VAL O 119 2.64 -44.77 26.41
CA VAL O 119 3.59 -45.70 26.99
C VAL O 119 3.69 -46.97 26.15
N ASP O 120 4.92 -47.43 25.93
CA ASP O 120 5.19 -48.69 25.22
C ASP O 120 4.68 -48.66 23.78
N GLU O 121 4.86 -47.52 23.12
CA GLU O 121 4.54 -47.37 21.71
C GLU O 121 5.28 -46.16 21.17
N ALA O 122 5.34 -46.07 19.85
CA ALA O 122 6.02 -44.97 19.17
C ALA O 122 5.06 -43.79 19.05
N ASP O 123 5.46 -42.64 19.58
CA ASP O 123 4.65 -41.44 19.50
C ASP O 123 4.96 -40.70 18.19
N GLU O 124 4.61 -39.42 18.12
CA GLU O 124 4.87 -38.65 16.91
C GLU O 124 6.37 -38.47 16.68
N HIS O 125 7.16 -38.43 17.73
CA HIS O 125 8.60 -38.26 17.64
C HIS O 125 9.34 -39.59 17.55
N SER O 126 8.63 -40.68 17.27
CA SER O 126 9.23 -42.01 17.17
C SER O 126 9.96 -42.39 18.45
N CYS O 127 9.29 -42.16 19.58
CA CYS O 127 9.87 -42.38 20.89
C CYS O 127 9.04 -43.37 21.68
N VAL O 128 9.69 -44.36 22.27
CA VAL O 128 9.04 -45.31 23.17
C VAL O 128 9.17 -44.79 24.59
N THR O 129 8.04 -44.49 25.21
CA THR O 129 8.02 -43.78 26.49
C THR O 129 7.64 -44.72 27.63
N GLN O 130 8.33 -44.56 28.75
CA GLN O 130 7.95 -45.15 30.03
C GLN O 130 7.97 -44.04 31.08
N PHE O 131 7.36 -44.32 32.23
CA PHE O 131 7.29 -43.32 33.29
C PHE O 131 7.47 -43.98 34.65
N GLU O 132 7.84 -43.15 35.63
CA GLU O 132 7.93 -43.54 37.03
C GLU O 132 7.21 -42.48 37.85
N MET O 133 6.35 -42.91 38.76
CA MET O 133 5.54 -42.02 39.56
C MET O 133 5.94 -42.14 41.03
N LYS O 134 6.41 -41.04 41.60
CA LYS O 134 6.70 -40.96 43.03
C LYS O 134 5.48 -40.42 43.77
N LEU O 135 5.01 -41.17 44.76
CA LEU O 135 3.88 -40.75 45.58
C LEU O 135 4.35 -39.81 46.68
N ARG O 136 3.65 -38.69 46.84
CA ARG O 136 3.97 -37.71 47.87
C ARG O 136 2.72 -37.33 48.63
N GLU O 137 2.92 -36.84 49.85
CA GLU O 137 1.83 -36.38 50.70
C GLU O 137 2.18 -35.01 51.24
N GLU O 138 1.29 -34.04 51.00
CA GLU O 138 1.50 -32.66 51.43
C GLU O 138 0.18 -32.08 51.93
N LEU O 139 0.29 -31.12 52.84
CA LEU O 139 -0.86 -30.32 53.27
C LEU O 139 -1.08 -29.26 52.20
N LEU O 140 -2.03 -29.51 51.30
CA LEU O 140 -2.19 -28.66 50.13
C LEU O 140 -2.61 -27.25 50.49
N SER O 141 -3.20 -27.04 51.67
CA SER O 141 -3.59 -25.71 52.13
C SER O 141 -2.45 -24.98 52.82
N SER O 142 -1.28 -25.61 52.97
CA SER O 142 -0.15 -24.95 53.61
C SER O 142 0.44 -23.88 52.69
N ASP O 143 0.80 -22.75 53.28
CA ASP O 143 1.42 -21.67 52.51
C ASP O 143 2.84 -21.98 52.07
N SER O 144 3.45 -23.05 52.59
CA SER O 144 4.78 -23.47 52.17
C SER O 144 4.74 -24.64 51.19
N PHE O 145 3.60 -24.89 50.56
CA PHE O 145 3.45 -25.94 49.58
C PHE O 145 3.28 -25.33 48.19
N HIS O 146 3.95 -25.94 47.21
CA HIS O 146 3.78 -25.62 45.80
C HIS O 146 4.01 -26.92 45.06
N PRO O 147 3.20 -27.23 44.04
CA PRO O 147 3.33 -28.51 43.35
C PRO O 147 4.70 -28.73 42.71
N ASP O 148 5.46 -27.67 42.45
CA ASP O 148 6.77 -27.77 41.82
C ASP O 148 7.86 -27.19 42.71
N LYS O 149 7.75 -27.40 44.02
CA LYS O 149 8.79 -26.96 44.94
C LYS O 149 10.12 -27.60 44.57
N ASP O 150 11.19 -26.80 44.62
CA ASP O 150 12.47 -27.21 44.06
C ASP O 150 13.07 -28.42 44.77
N GLU O 151 12.64 -28.71 46.01
CA GLU O 151 13.12 -29.91 46.69
C GLU O 151 12.69 -31.17 45.95
N TYR O 152 11.59 -31.10 45.21
CA TYR O 152 11.11 -32.24 44.43
C TYR O 152 12.01 -32.55 43.24
N TYR O 153 12.95 -31.66 42.90
CA TYR O 153 13.82 -31.84 41.74
C TYR O 153 15.25 -32.19 42.12
N LYS O 154 15.49 -32.59 43.37
CA LYS O 154 16.87 -32.80 43.81
C LYS O 154 17.46 -34.09 43.23
N ASP O 155 16.63 -35.11 43.00
CA ASP O 155 17.11 -36.36 42.43
C ASP O 155 17.57 -36.23 40.99
N PHE O 156 17.23 -35.13 40.31
CA PHE O 156 17.51 -34.97 38.90
C PHE O 156 18.43 -33.79 38.58
N LEU O 157 18.70 -32.92 39.54
CA LEU O 157 19.61 -31.79 39.33
C LEU O 157 20.92 -31.99 40.08
N PRO P 2 -16.21 -43.31 18.60
CA PRO P 2 -16.63 -42.10 19.29
C PRO P 2 -16.34 -40.83 18.48
N VAL P 3 -17.24 -39.85 18.55
CA VAL P 3 -17.06 -38.57 17.90
C VAL P 3 -17.33 -37.47 18.92
N ILE P 4 -16.40 -36.53 19.04
CA ILE P 4 -16.50 -35.44 20.01
C ILE P 4 -16.39 -34.13 19.26
N GLN P 5 -17.48 -33.37 19.23
CA GLN P 5 -17.49 -32.02 18.67
C GLN P 5 -17.36 -31.02 19.81
N THR P 6 -16.44 -30.06 19.66
CA THR P 6 -16.20 -29.04 20.67
C THR P 6 -16.57 -27.68 20.09
N PHE P 7 -17.66 -27.12 20.58
CA PHE P 7 -18.11 -25.79 20.17
C PHE P 7 -17.81 -24.82 21.30
N VAL P 8 -16.97 -23.82 21.02
CA VAL P 8 -16.61 -22.80 22.00
C VAL P 8 -16.79 -21.42 21.36
N SER P 9 -17.13 -20.44 22.19
CA SER P 9 -17.24 -19.06 21.74
C SER P 9 -15.88 -18.36 21.72
N THR P 10 -14.88 -18.90 22.40
CA THR P 10 -13.54 -18.35 22.47
C THR P 10 -12.70 -18.86 21.30
N PRO P 11 -11.61 -18.18 20.98
CA PRO P 11 -10.69 -18.69 19.95
C PRO P 11 -9.84 -19.83 20.47
N LEU P 12 -9.49 -20.73 19.56
CA LEU P 12 -8.65 -21.89 19.85
C LEU P 12 -7.44 -21.87 18.95
N ASP P 13 -6.25 -22.02 19.53
CA ASP P 13 -5.01 -22.12 18.78
C ASP P 13 -4.52 -23.57 18.81
N HIS P 14 -3.29 -23.77 18.36
CA HIS P 14 -2.74 -25.13 18.29
C HIS P 14 -2.56 -25.72 19.68
N GLU P 15 -2.10 -24.92 20.64
CA GLU P 15 -1.86 -25.42 21.99
C GLU P 15 -3.16 -25.87 22.66
N LYS P 16 -4.24 -25.11 22.46
CA LYS P 16 -5.50 -25.43 23.11
C LYS P 16 -6.19 -26.63 22.46
N ARG P 17 -6.18 -26.70 21.14
CA ARG P 17 -6.80 -27.84 20.46
C ARG P 17 -6.05 -29.14 20.75
N ASN P 18 -4.73 -29.07 20.92
CA ASN P 18 -3.96 -30.28 21.20
C ASN P 18 -4.08 -30.70 22.66
N MET P 19 -4.25 -29.76 23.58
CA MET P 19 -4.46 -30.13 24.98
C MET P 19 -5.81 -30.82 25.16
N LEU P 20 -6.85 -30.30 24.50
CA LEU P 20 -8.15 -30.95 24.55
C LEU P 20 -8.11 -32.33 23.88
N THR P 21 -7.37 -32.45 22.78
CA THR P 21 -7.26 -33.73 22.10
C THR P 21 -6.63 -34.78 23.00
N LYS P 22 -5.57 -34.42 23.71
CA LYS P 22 -4.90 -35.37 24.60
C LYS P 22 -5.82 -35.75 25.77
N VAL P 23 -6.61 -34.80 26.27
CA VAL P 23 -7.55 -35.11 27.34
C VAL P 23 -8.67 -35.99 26.82
N TYR P 24 -9.21 -35.66 25.64
CA TYR P 24 -10.26 -36.50 25.05
C TYR P 24 -9.76 -37.92 24.79
N ARG P 25 -8.47 -38.05 24.43
CA ARG P 25 -7.90 -39.38 24.22
C ARG P 25 -7.90 -40.18 25.51
N ILE P 26 -7.67 -39.53 26.65
CA ILE P 26 -7.72 -40.23 27.93
C ILE P 26 -9.14 -40.64 28.25
N VAL P 27 -10.11 -39.78 27.91
CA VAL P 27 -11.51 -40.05 28.26
C VAL P 27 -12.03 -41.27 27.51
N THR P 28 -11.80 -41.32 26.20
CA THR P 28 -12.30 -42.43 25.39
C THR P 28 -11.61 -43.74 25.75
N ASP P 29 -10.39 -43.69 26.28
CA ASP P 29 -9.64 -44.90 26.59
C ASP P 29 -9.95 -45.44 27.97
N THR P 30 -10.07 -44.56 28.97
CA THR P 30 -10.31 -45.02 30.34
C THR P 30 -11.79 -45.10 30.67
N ILE P 31 -12.55 -44.03 30.40
CA ILE P 31 -13.95 -43.99 30.78
C ILE P 31 -14.80 -44.78 29.79
N LEU P 32 -14.62 -44.52 28.49
CA LEU P 32 -15.45 -45.14 27.48
C LEU P 32 -15.01 -46.55 27.11
N GLY P 33 -13.81 -46.96 27.50
CA GLY P 33 -13.35 -48.31 27.20
C GLY P 33 -13.20 -48.59 25.72
N LYS P 34 -12.73 -47.61 24.96
CA LYS P 34 -12.54 -47.71 23.52
C LYS P 34 -11.15 -47.23 23.16
N PRO P 35 -10.65 -47.63 21.98
CA PRO P 35 -9.31 -47.18 21.58
C PRO P 35 -9.22 -45.67 21.48
N ALA P 36 -8.10 -45.13 21.95
CA ALA P 36 -7.89 -43.68 21.95
C ALA P 36 -7.63 -43.12 20.56
N GLU P 37 -7.36 -43.97 19.57
CA GLU P 37 -7.14 -43.50 18.21
C GLU P 37 -8.42 -43.46 17.38
N LEU P 38 -9.45 -44.19 17.78
CA LEU P 38 -10.69 -44.28 17.03
C LEU P 38 -11.66 -43.14 17.31
N VAL P 39 -11.32 -42.22 18.20
CA VAL P 39 -12.18 -41.08 18.51
C VAL P 39 -11.87 -39.95 17.53
N MET P 40 -12.89 -39.44 16.87
CA MET P 40 -12.74 -38.30 15.96
C MET P 40 -13.14 -37.04 16.71
N MET P 41 -12.28 -36.03 16.64
CA MET P 41 -12.42 -34.82 17.44
C MET P 41 -12.42 -33.61 16.50
N THR P 42 -13.55 -32.91 16.46
CA THR P 42 -13.70 -31.70 15.65
C THR P 42 -13.80 -30.48 16.56
N PHE P 43 -13.23 -29.37 16.11
CA PHE P 43 -13.19 -28.14 16.89
C PHE P 43 -13.77 -26.99 16.07
N HIS P 44 -14.59 -26.17 16.73
CA HIS P 44 -15.26 -25.03 16.09
C HIS P 44 -15.17 -23.85 17.06
N ASP P 45 -14.10 -23.07 16.93
CA ASP P 45 -13.85 -21.96 17.83
C ASP P 45 -14.51 -20.68 17.31
N SER P 46 -14.56 -19.67 18.20
CA SER P 46 -15.14 -18.37 17.88
C SER P 46 -16.57 -18.51 17.38
N THR P 47 -17.30 -19.44 17.99
CA THR P 47 -18.68 -19.69 17.58
C THR P 47 -19.63 -18.72 18.29
N PRO P 48 -20.46 -17.99 17.53
CA PRO P 48 -21.43 -17.09 18.18
C PRO P 48 -22.44 -17.86 19.01
N MET P 49 -22.40 -17.69 20.32
CA MET P 49 -23.25 -18.45 21.22
C MET P 49 -23.88 -17.53 22.26
N HIS P 50 -25.17 -17.74 22.51
CA HIS P 50 -25.91 -17.03 23.54
C HIS P 50 -26.39 -18.02 24.60
N PHE P 51 -26.23 -17.65 25.86
CA PHE P 51 -26.62 -18.51 26.96
C PHE P 51 -26.73 -17.70 28.25
N PHE P 52 -27.82 -17.91 28.98
CA PHE P 52 -28.05 -17.24 30.26
C PHE P 52 -28.02 -15.73 30.12
N GLY P 53 -28.55 -15.23 29.01
CA GLY P 53 -28.67 -13.81 28.79
C GLY P 53 -27.36 -13.06 28.61
N SER P 54 -26.34 -13.71 28.05
CA SER P 54 -25.07 -13.06 27.81
C SER P 54 -24.27 -13.87 26.80
N THR P 55 -23.36 -13.18 26.12
CA THR P 55 -22.43 -13.82 25.17
C THR P 55 -21.06 -14.04 25.79
N ASP P 56 -21.00 -14.18 27.12
CA ASP P 56 -19.74 -14.50 27.79
C ASP P 56 -19.22 -15.85 27.32
N PRO P 57 -17.93 -16.14 27.54
CA PRO P 57 -17.36 -17.42 27.10
C PRO P 57 -18.21 -18.61 27.53
N VAL P 58 -18.54 -19.46 26.57
CA VAL P 58 -19.45 -20.57 26.78
C VAL P 58 -19.06 -21.69 25.82
N ALA P 59 -19.18 -22.93 26.28
CA ALA P 59 -18.76 -24.09 25.49
C ALA P 59 -19.92 -25.08 25.36
N CYS P 60 -19.84 -25.89 24.31
CA CYS P 60 -20.81 -26.95 24.06
C CYS P 60 -20.09 -28.11 23.41
N VAL P 61 -20.10 -29.27 24.08
CA VAL P 61 -19.40 -30.46 23.61
C VAL P 61 -20.44 -31.53 23.28
N ARG P 62 -20.38 -32.05 22.07
CA ARG P 62 -21.27 -33.11 21.61
C ARG P 62 -20.49 -34.41 21.54
N VAL P 63 -20.90 -35.40 22.34
CA VAL P 63 -20.26 -36.71 22.38
C VAL P 63 -21.20 -37.70 21.71
N GLU P 64 -20.68 -38.39 20.70
CA GLU P 64 -21.45 -39.40 19.96
C GLU P 64 -20.67 -40.71 19.98
N ALA P 65 -21.24 -41.74 20.58
CA ALA P 65 -20.61 -43.04 20.71
C ALA P 65 -21.58 -44.11 20.22
N LEU P 66 -21.11 -44.96 19.31
CA LEU P 66 -21.93 -46.06 18.83
C LEU P 66 -22.04 -47.14 19.91
N GLY P 67 -23.26 -47.55 20.21
CA GLY P 67 -23.50 -48.56 21.21
C GLY P 67 -23.86 -48.05 22.59
N GLY P 68 -24.23 -46.77 22.72
CA GLY P 68 -24.64 -46.26 24.01
C GLY P 68 -23.46 -46.00 24.95
N TYR P 69 -23.80 -45.85 26.23
CA TYR P 69 -22.83 -45.60 27.27
C TYR P 69 -23.10 -46.50 28.46
N GLY P 70 -22.08 -46.67 29.29
CA GLY P 70 -22.17 -47.52 30.46
C GLY P 70 -23.09 -46.93 31.52
N PRO P 71 -23.08 -47.55 32.70
CA PRO P 71 -23.97 -47.05 33.78
C PRO P 71 -23.61 -45.64 34.24
N SER P 72 -22.35 -45.42 34.61
CA SER P 72 -21.91 -44.13 35.14
C SER P 72 -20.91 -43.43 34.24
N GLU P 73 -20.77 -43.87 32.98
CA GLU P 73 -19.78 -43.27 32.10
C GLU P 73 -20.08 -41.81 31.76
N PRO P 74 -21.30 -41.40 31.42
CA PRO P 74 -21.52 -39.98 31.06
C PRO P 74 -21.16 -39.01 32.16
N GLU P 75 -21.42 -39.34 33.43
CA GLU P 75 -21.10 -38.43 34.52
C GLU P 75 -19.60 -38.23 34.65
N LYS P 76 -18.82 -39.30 34.48
CA LYS P 76 -17.36 -39.18 34.51
C LYS P 76 -16.86 -38.34 33.34
N VAL P 77 -17.41 -38.54 32.14
CA VAL P 77 -17.02 -37.77 30.98
C VAL P 77 -17.33 -36.29 31.20
N THR P 78 -18.52 -36.00 31.72
CA THR P 78 -18.91 -34.61 31.96
C THR P 78 -17.94 -33.92 32.91
N LYS P 79 -17.49 -34.62 33.95
CA LYS P 79 -16.58 -34.02 34.92
C LYS P 79 -15.22 -33.71 34.29
N VAL P 80 -14.63 -34.69 33.60
CA VAL P 80 -13.30 -34.49 33.03
C VAL P 80 -13.35 -33.45 31.90
N VAL P 81 -14.38 -33.52 31.05
CA VAL P 81 -14.48 -32.57 29.95
C VAL P 81 -14.71 -31.15 30.50
N THR P 82 -15.55 -31.01 31.52
CA THR P 82 -15.78 -29.69 32.11
C THR P 82 -14.50 -29.15 32.73
N ASP P 83 -13.72 -30.01 33.39
CA ASP P 83 -12.44 -29.57 33.94
C ASP P 83 -11.48 -29.16 32.84
N ALA P 84 -11.44 -29.92 31.74
CA ALA P 84 -10.52 -29.62 30.65
C ALA P 84 -10.87 -28.32 29.97
N ILE P 85 -12.14 -28.16 29.57
CA ILE P 85 -12.57 -26.94 28.89
C ILE P 85 -12.33 -25.72 29.78
N SER P 86 -12.61 -25.87 31.08
CA SER P 86 -12.46 -24.73 31.99
C SER P 86 -10.99 -24.36 32.17
N TYR P 87 -10.10 -25.34 32.20
CA TYR P 87 -8.68 -25.07 32.36
C TYR P 87 -8.08 -24.51 31.08
N VAL P 88 -8.49 -25.04 29.93
CA VAL P 88 -7.86 -24.67 28.66
C VAL P 88 -8.44 -23.38 28.10
N CYS P 89 -9.77 -23.23 28.16
CA CYS P 89 -10.43 -22.08 27.56
C CYS P 89 -10.83 -21.01 28.57
N GLY P 90 -10.69 -21.27 29.87
CA GLY P 90 -11.10 -20.31 30.86
C GLY P 90 -12.60 -20.14 31.02
N ILE P 91 -13.38 -21.03 30.43
CA ILE P 91 -14.84 -20.96 30.52
C ILE P 91 -15.29 -21.54 31.86
N VAL P 92 -16.15 -20.82 32.57
CA VAL P 92 -16.62 -21.29 33.86
C VAL P 92 -17.49 -22.53 33.68
N ALA P 93 -17.64 -23.28 34.79
CA ALA P 93 -18.30 -24.58 34.72
C ALA P 93 -19.77 -24.46 34.37
N ASP P 94 -20.46 -23.44 34.90
CA ASP P 94 -21.89 -23.30 34.65
C ASP P 94 -22.20 -22.76 33.25
N ARG P 95 -21.20 -22.67 32.37
CA ARG P 95 -21.40 -22.29 30.98
C ARG P 95 -20.80 -23.32 30.04
N ILE P 96 -20.82 -24.59 30.45
CA ILE P 96 -20.27 -25.69 29.66
C ILE P 96 -21.35 -26.77 29.55
N PHE P 97 -21.86 -26.97 28.33
CA PHE P 97 -22.81 -28.03 28.05
C PHE P 97 -22.08 -29.23 27.43
N VAL P 98 -22.47 -30.43 27.85
CA VAL P 98 -21.96 -31.66 27.27
C VAL P 98 -23.16 -32.52 26.91
N LEU P 99 -23.35 -32.77 25.61
CA LEU P 99 -24.49 -33.53 25.11
C LEU P 99 -24.02 -34.89 24.62
N TYR P 100 -24.78 -35.93 24.96
CA TYR P 100 -24.42 -37.31 24.65
C TYR P 100 -25.46 -37.89 23.69
N PHE P 101 -24.96 -38.45 22.59
CA PHE P 101 -25.82 -39.04 21.57
C PHE P 101 -25.27 -40.42 21.19
N SER P 102 -26.13 -41.22 20.57
CA SER P 102 -25.74 -42.54 20.10
C SER P 102 -26.30 -42.74 18.70
N PRO P 103 -25.46 -42.69 17.67
CA PRO P 103 -25.96 -42.87 16.30
C PRO P 103 -26.50 -44.26 16.07
N LEU P 104 -27.47 -44.36 15.16
CA LEU P 104 -28.03 -45.66 14.81
C LEU P 104 -26.99 -46.54 14.13
N HIS P 105 -26.17 -45.96 13.26
CA HIS P 105 -25.11 -46.68 12.59
C HIS P 105 -23.92 -45.76 12.40
N CYS P 106 -22.76 -46.35 12.15
CA CYS P 106 -21.54 -45.59 11.92
C CYS P 106 -20.74 -46.28 10.82
N GLY P 107 -20.27 -45.48 9.86
CA GLY P 107 -19.50 -45.99 8.74
C GLY P 107 -18.04 -45.58 8.86
N TRP P 108 -17.15 -46.55 8.62
CA TRP P 108 -15.72 -46.31 8.69
C TRP P 108 -15.00 -47.27 7.76
N ASN P 109 -13.99 -46.76 7.04
CA ASN P 109 -13.22 -47.55 6.08
C ASN P 109 -14.13 -48.14 5.00
N GLY P 110 -15.22 -47.46 4.68
CA GLY P 110 -16.14 -47.91 3.66
C GLY P 110 -17.16 -48.94 4.11
N THR P 111 -17.13 -49.36 5.37
CA THR P 111 -18.06 -50.35 5.88
C THR P 111 -18.64 -49.89 7.20
N ASN P 112 -19.80 -50.44 7.56
CA ASN P 112 -20.48 -50.08 8.79
C ASN P 112 -20.09 -51.01 9.93
N LEU P 113 -19.90 -50.44 11.11
CA LEU P 113 -19.51 -51.20 12.29
C LEU P 113 -20.73 -51.68 13.05
N SER Q 2 18.44 -20.80 18.00
CA SER Q 2 19.46 -21.61 17.34
C SER Q 2 20.70 -21.76 18.22
N VAL Q 3 21.07 -20.69 18.91
CA VAL Q 3 22.20 -20.68 19.83
C VAL Q 3 21.68 -20.39 21.22
N ASN Q 4 21.82 -21.34 22.13
CA ASN Q 4 21.31 -21.23 23.48
C ASN Q 4 22.47 -20.88 24.42
N THR Q 5 22.36 -19.75 25.11
CA THR Q 5 23.41 -19.24 25.97
C THR Q 5 22.88 -19.13 27.40
N SER Q 6 23.63 -19.68 28.35
CA SER Q 6 23.22 -19.70 29.75
C SER Q 6 24.39 -19.30 30.63
N PHE Q 7 24.10 -18.46 31.64
CA PHE Q 7 25.08 -18.05 32.63
C PHE Q 7 24.94 -18.93 33.86
N LEU Q 8 25.90 -19.83 34.07
CA LEU Q 8 26.00 -20.54 35.33
C LEU Q 8 26.63 -19.68 36.41
N SER Q 9 27.39 -18.67 36.01
CA SER Q 9 27.98 -17.68 36.91
C SER Q 9 28.31 -16.46 36.06
N PRO Q 10 28.67 -15.33 36.69
CA PRO Q 10 29.06 -14.16 35.88
C PRO Q 10 30.14 -14.45 34.84
N SER Q 11 31.09 -15.34 35.15
CA SER Q 11 32.23 -15.61 34.28
C SER Q 11 32.21 -17.00 33.68
N LEU Q 12 31.09 -17.73 33.79
CA LEU Q 12 30.99 -19.10 33.28
C LEU Q 12 29.72 -19.22 32.45
N VAL Q 13 29.87 -19.45 31.14
CA VAL Q 13 28.76 -19.46 30.20
C VAL Q 13 28.82 -20.73 29.36
N THR Q 14 27.68 -21.39 29.22
CA THR Q 14 27.53 -22.51 28.29
C THR Q 14 26.84 -22.01 27.03
N ILE Q 15 27.34 -22.46 25.88
CA ILE Q 15 26.86 -22.02 24.57
C ILE Q 15 26.59 -23.27 23.73
N ARG Q 16 25.32 -23.49 23.40
CA ARG Q 16 24.89 -24.65 22.62
C ARG Q 16 24.37 -24.16 21.28
N ASP Q 17 25.07 -24.52 20.19
CA ASP Q 17 24.69 -24.15 18.83
C ASP Q 17 23.99 -25.36 18.20
N PHE Q 18 22.66 -25.25 18.03
CA PHE Q 18 21.90 -26.37 17.48
C PHE Q 18 22.18 -26.55 15.99
N ASP Q 19 22.24 -25.46 15.23
CA ASP Q 19 22.40 -25.57 13.79
C ASP Q 19 23.76 -26.15 13.42
N LYS Q 20 24.82 -25.66 14.06
CA LYS Q 20 26.17 -26.16 13.79
C LYS Q 20 26.51 -27.38 14.61
N GLY Q 21 25.63 -27.81 15.51
CA GLY Q 21 25.86 -29.01 16.30
C GLY Q 21 27.06 -28.94 17.22
N GLN Q 22 27.26 -27.79 17.87
CA GLN Q 22 28.41 -27.57 18.73
C GLN Q 22 27.97 -27.28 20.17
N PHE Q 23 28.92 -27.44 21.09
CA PHE Q 23 28.75 -27.03 22.47
C PHE Q 23 30.09 -26.52 22.97
N ALA Q 24 30.10 -25.35 23.60
CA ALA Q 24 31.33 -24.74 24.06
C ALA Q 24 31.09 -24.07 25.41
N VAL Q 25 32.10 -24.13 26.26
CA VAL Q 25 32.07 -23.48 27.57
C VAL Q 25 32.93 -22.22 27.50
N LEU Q 26 32.31 -21.06 27.65
CA LEU Q 26 33.01 -19.79 27.72
C LEU Q 26 33.26 -19.45 29.19
N ARG Q 27 34.52 -19.21 29.54
CA ARG Q 27 34.88 -18.82 30.90
C ARG Q 27 35.90 -17.69 30.85
N ILE Q 28 35.73 -16.71 31.73
CA ILE Q 28 36.70 -15.62 31.90
C ILE Q 28 37.56 -16.01 33.09
N GLY Q 29 38.59 -16.81 32.79
CA GLY Q 29 39.24 -17.56 33.84
C GLY Q 29 40.08 -16.68 34.76
N ARG Q 30 40.98 -15.89 34.19
CA ARG Q 30 41.98 -15.20 35.00
C ARG Q 30 41.35 -14.15 35.89
N THR Q 31 40.56 -13.24 35.31
CA THR Q 31 40.01 -12.14 36.07
C THR Q 31 38.67 -12.46 36.73
N GLY Q 32 37.93 -13.44 36.22
CA GLY Q 32 36.61 -13.72 36.75
C GLY Q 32 35.59 -12.64 36.45
N PHE Q 33 35.87 -11.77 35.47
CA PHE Q 33 34.95 -10.70 35.13
C PHE Q 33 33.73 -11.26 34.40
N PRO Q 34 32.63 -10.49 34.37
CA PRO Q 34 31.43 -11.00 33.69
C PRO Q 34 31.60 -11.04 32.18
N ALA Q 35 31.04 -12.07 31.57
CA ALA Q 35 31.10 -12.20 30.11
C ALA Q 35 30.13 -11.24 29.46
N ASP Q 36 30.62 -10.41 28.53
CA ASP Q 36 29.79 -9.49 27.78
C ASP Q 36 29.57 -10.03 26.37
N LYS Q 37 28.91 -9.22 25.54
CA LYS Q 37 28.58 -9.66 24.19
C LYS Q 37 29.83 -9.91 23.36
N GLY Q 38 30.86 -9.07 23.53
CA GLY Q 38 32.09 -9.25 22.78
C GLY Q 38 32.77 -10.57 23.09
N ASP Q 39 32.71 -11.00 24.36
CA ASP Q 39 33.28 -12.30 24.73
C ASP Q 39 32.50 -13.43 24.08
N ILE Q 40 31.17 -13.34 24.08
CA ILE Q 40 30.35 -14.38 23.48
C ILE Q 40 30.56 -14.43 21.96
N ASP Q 41 30.63 -13.25 21.32
CA ASP Q 41 30.92 -13.22 19.89
C ASP Q 41 32.31 -13.78 19.60
N LEU Q 42 33.27 -13.51 20.49
CA LEU Q 42 34.60 -14.09 20.32
C LEU Q 42 34.56 -15.61 20.44
N CYS Q 43 33.80 -16.12 21.40
CA CYS Q 43 33.68 -17.57 21.55
C CYS Q 43 32.98 -18.20 20.35
N LEU Q 44 31.87 -17.60 19.92
CA LEU Q 44 31.19 -18.09 18.72
C LEU Q 44 32.09 -18.01 17.49
N SER Q 45 32.98 -17.02 17.44
CA SER Q 45 33.91 -16.92 16.31
C SER Q 45 34.91 -18.07 16.33
N LYS Q 46 35.41 -18.44 17.52
CA LYS Q 46 36.37 -19.54 17.61
C LYS Q 46 35.70 -20.88 17.40
N MET Q 47 34.45 -21.04 17.85
CA MET Q 47 33.67 -22.23 17.51
C MET Q 47 33.53 -22.36 16.00
N ASP Q 48 33.33 -21.24 15.31
CA ASP Q 48 33.26 -21.26 13.85
C ASP Q 48 34.59 -21.68 13.23
N GLY Q 49 35.70 -21.21 13.82
CA GLY Q 49 37.01 -21.56 13.27
C GLY Q 49 37.34 -23.03 13.43
N VAL Q 50 36.92 -23.63 14.54
CA VAL Q 50 37.16 -25.06 14.74
C VAL Q 50 36.39 -25.88 13.71
N LEU Q 51 35.18 -25.44 13.35
CA LEU Q 51 34.44 -26.09 12.29
C LEU Q 51 35.18 -26.01 10.96
N ALA Q 52 35.79 -24.85 10.68
CA ALA Q 52 36.58 -24.72 9.47
C ALA Q 52 37.80 -25.63 9.50
N ALA Q 53 38.46 -25.72 10.65
CA ALA Q 53 39.63 -26.60 10.77
C ALA Q 53 39.23 -28.06 10.59
N GLN Q 54 38.03 -28.43 11.05
CA GLN Q 54 37.55 -29.80 10.87
C GLN Q 54 37.46 -30.15 9.39
N LEU Q 55 36.99 -29.22 8.56
CA LEU Q 55 36.83 -29.49 7.13
C LEU Q 55 38.17 -29.76 6.45
N TYR Q 56 39.28 -29.31 7.04
CA TYR Q 56 40.59 -29.60 6.46
C TYR Q 56 40.95 -31.07 6.54
N LEU Q 57 40.30 -31.83 7.42
CA LEU Q 57 40.56 -33.27 7.53
C LEU Q 57 39.46 -34.14 6.94
N GLY Q 58 38.27 -33.61 6.74
CA GLY Q 58 37.20 -34.38 6.15
C GLY Q 58 35.85 -33.80 6.49
N ASN Q 59 34.86 -34.17 5.68
CA ASN Q 59 33.47 -33.74 5.88
C ASN Q 59 32.81 -34.63 6.92
N PRO Q 60 32.46 -34.08 8.08
CA PRO Q 60 31.86 -34.93 9.12
C PRO Q 60 30.45 -35.39 8.78
N ARG Q 61 29.72 -34.63 7.96
CA ARG Q 61 28.37 -35.04 7.57
C ARG Q 61 28.37 -36.17 6.56
N GLU Q 62 29.52 -36.53 6.00
CA GLU Q 62 29.61 -37.67 5.12
C GLU Q 62 29.22 -38.93 5.86
N PRO Q 63 28.30 -39.74 5.33
CA PRO Q 63 27.92 -40.98 6.02
C PRO Q 63 29.07 -41.96 6.10
N GLY Q 64 29.24 -42.56 7.27
CA GLY Q 64 30.37 -43.46 7.48
C GLY Q 64 31.68 -42.72 7.68
N PHE Q 65 31.66 -41.58 8.36
CA PHE Q 65 32.84 -40.76 8.56
C PHE Q 65 33.71 -41.39 9.64
N LYS Q 66 34.86 -41.93 9.24
CA LYS Q 66 35.79 -42.59 10.16
C LYS Q 66 36.75 -41.61 10.81
N GLY Q 67 36.33 -40.39 11.09
CA GLY Q 67 37.17 -39.40 11.72
C GLY Q 67 38.31 -38.95 10.83
N PRO Q 68 39.24 -38.17 11.40
CA PRO Q 68 39.29 -37.70 12.79
C PRO Q 68 38.42 -36.46 13.02
N HIS Q 69 38.07 -36.20 14.27
CA HIS Q 69 37.22 -35.06 14.64
C HIS Q 69 38.03 -34.02 15.39
N ILE Q 70 37.77 -32.76 15.08
CA ILE Q 70 38.18 -31.63 15.92
C ILE Q 70 36.92 -31.03 16.52
N ARG Q 71 36.81 -31.12 17.85
CA ARG Q 71 35.64 -30.63 18.56
C ARG Q 71 36.09 -29.58 19.57
N ILE Q 72 35.50 -28.38 19.50
CA ILE Q 72 35.79 -27.38 20.50
C ILE Q 72 35.13 -27.79 21.81
N ARG Q 73 35.77 -27.42 22.91
CA ARG Q 73 35.27 -27.73 24.24
C ARG Q 73 35.09 -26.49 25.11
N CYS Q 74 36.04 -25.56 25.06
CA CYS Q 74 36.00 -24.40 25.95
C CYS Q 74 36.85 -23.29 25.37
N VAL Q 75 36.47 -22.05 25.68
CA VAL Q 75 37.24 -20.86 25.33
C VAL Q 75 37.50 -20.11 26.63
N ASP Q 76 38.77 -20.02 27.02
CA ASP Q 76 39.17 -19.35 28.24
C ASP Q 76 39.76 -17.99 27.86
N ILE Q 77 39.07 -16.92 28.25
CA ILE Q 77 39.44 -15.56 27.87
C ILE Q 77 40.23 -14.93 29.01
N ASP Q 78 41.39 -14.36 28.68
CA ASP Q 78 42.20 -13.59 29.60
C ASP Q 78 42.10 -12.12 29.19
N ASP Q 79 41.41 -11.32 30.01
CA ASP Q 79 41.22 -9.90 29.73
C ASP Q 79 41.82 -9.01 30.82
N LYS Q 80 42.83 -9.50 31.54
CA LYS Q 80 43.45 -8.69 32.58
C LYS Q 80 44.24 -7.54 31.96
N HIS Q 81 45.07 -7.83 30.97
CA HIS Q 81 45.84 -6.82 30.28
C HIS Q 81 45.44 -6.85 28.82
N THR Q 82 46.19 -7.52 27.95
CA THR Q 82 45.80 -7.64 26.56
C THR Q 82 44.70 -8.69 26.41
N TYR Q 83 43.87 -8.51 25.38
CA TYR Q 83 42.73 -9.38 25.15
C TYR Q 83 43.22 -10.69 24.55
N ASN Q 84 43.23 -11.75 25.36
CA ASN Q 84 43.74 -13.05 24.93
C ASN Q 84 42.67 -14.11 25.17
N ALA Q 85 42.80 -15.21 24.41
CA ALA Q 85 41.89 -16.34 24.52
C ALA Q 85 42.68 -17.64 24.36
N MET Q 86 42.26 -18.66 25.10
CA MET Q 86 42.81 -20.00 25.00
C MET Q 86 41.68 -20.94 24.61
N VAL Q 87 41.84 -21.65 23.48
CA VAL Q 87 40.80 -22.50 22.91
C VAL Q 87 41.19 -23.96 23.15
N TYR Q 88 40.37 -24.66 23.92
CA TYR Q 88 40.59 -26.08 24.21
C TYR Q 88 39.77 -26.91 23.24
N VAL Q 89 40.45 -27.74 22.45
CA VAL Q 89 39.80 -28.60 21.47
C VAL Q 89 40.25 -30.03 21.68
N ASP Q 90 39.42 -30.97 21.21
CA ASP Q 90 39.70 -32.40 21.27
C ASP Q 90 39.90 -32.92 19.86
N LEU Q 91 41.02 -33.61 19.64
CA LEU Q 91 41.23 -34.38 18.42
C LEU Q 91 40.87 -35.83 18.72
N ILE Q 92 39.87 -36.34 18.00
CA ILE Q 92 39.33 -37.68 18.25
C ILE Q 92 39.65 -38.54 17.02
N VAL Q 93 40.48 -39.56 17.23
CA VAL Q 93 40.83 -40.49 16.17
C VAL Q 93 40.30 -41.87 16.53
N GLY Q 94 40.19 -42.71 15.50
CA GLY Q 94 39.70 -44.06 15.70
C GLY Q 94 40.63 -44.89 16.57
N THR Q 95 40.05 -45.91 17.21
CA THR Q 95 40.82 -46.75 18.12
C THR Q 95 41.90 -47.53 17.40
N GLY Q 96 41.58 -48.09 16.23
CA GLY Q 96 42.53 -48.90 15.50
C GLY Q 96 43.50 -48.11 14.65
N ALA Q 97 43.62 -46.81 14.91
CA ALA Q 97 44.49 -45.96 14.12
C ALA Q 97 45.96 -46.28 14.42
N SER Q 98 46.76 -46.34 13.36
CA SER Q 98 48.18 -46.56 13.51
C SER Q 98 48.87 -45.32 14.08
N GLU Q 99 50.13 -45.50 14.49
CA GLU Q 99 50.88 -44.38 15.04
C GLU Q 99 51.13 -43.31 13.98
N VAL Q 100 51.40 -43.72 12.75
CA VAL Q 100 51.60 -42.75 11.67
C VAL Q 100 50.29 -42.03 11.34
N GLU Q 101 49.16 -42.73 11.44
CA GLU Q 101 47.87 -42.08 11.17
C GLU Q 101 47.53 -41.08 12.25
N ARG Q 102 47.87 -41.38 13.51
CA ARG Q 102 47.59 -40.45 14.60
C ARG Q 102 48.49 -39.22 14.51
N GLU Q 103 49.78 -39.41 14.26
CA GLU Q 103 50.69 -38.28 14.15
C GLU Q 103 50.33 -37.40 12.96
N THR Q 104 49.87 -38.00 11.86
CA THR Q 104 49.48 -37.23 10.70
C THR Q 104 48.23 -36.39 10.99
N ALA Q 105 47.20 -37.02 11.55
CA ALA Q 105 46.00 -36.27 11.94
C ALA Q 105 46.34 -35.22 13.00
N GLU Q 106 47.34 -35.50 13.83
CA GLU Q 106 47.74 -34.55 14.86
C GLU Q 106 48.35 -33.29 14.24
N GLU Q 107 49.21 -33.46 13.25
CA GLU Q 107 49.89 -32.32 12.66
C GLU Q 107 48.99 -31.55 11.70
N ARG Q 108 48.11 -32.27 10.99
CA ARG Q 108 47.15 -31.59 10.12
C ARG Q 108 46.20 -30.72 10.92
N ALA Q 109 45.76 -31.23 12.07
CA ALA Q 109 44.86 -30.45 12.92
C ALA Q 109 45.54 -29.20 13.45
N ARG Q 110 46.80 -29.32 13.87
CA ARG Q 110 47.51 -28.17 14.43
C ARG Q 110 47.80 -27.12 13.37
N ARG Q 111 48.04 -27.53 12.12
CA ARG Q 111 48.22 -26.55 11.05
C ARG Q 111 46.92 -25.85 10.72
N ALA Q 112 45.81 -26.60 10.66
CA ALA Q 112 44.53 -25.99 10.33
C ALA Q 112 44.03 -25.09 11.44
N LEU Q 113 44.21 -25.50 12.70
CA LEU Q 113 43.75 -24.69 13.82
C LEU Q 113 44.55 -23.39 13.93
N ALA Q 114 45.85 -23.46 13.65
CA ALA Q 114 46.69 -22.26 13.76
C ALA Q 114 46.26 -21.18 12.80
N VAL Q 115 45.71 -21.56 11.65
CA VAL Q 115 45.20 -20.59 10.68
C VAL Q 115 43.77 -20.19 10.99
N ALA Q 116 42.91 -21.15 11.33
CA ALA Q 116 41.50 -20.85 11.55
C ALA Q 116 41.29 -20.04 12.83
N LEU Q 117 42.09 -20.27 13.86
CA LEU Q 117 41.95 -19.56 15.11
C LEU Q 117 42.78 -18.29 15.18
N ARG Q 118 43.59 -18.02 14.14
CA ARG Q 118 44.45 -16.83 14.10
C ARG Q 118 45.39 -16.79 15.29
N VAL Q 119 46.16 -17.87 15.44
CA VAL Q 119 47.03 -18.02 16.61
C VAL Q 119 48.18 -17.01 16.53
N ASP Q 120 48.52 -16.42 17.68
CA ASP Q 120 49.65 -15.51 17.85
C ASP Q 120 49.49 -14.23 17.05
N GLU Q 121 48.26 -13.79 16.81
CA GLU Q 121 48.02 -12.52 16.15
C GLU Q 121 46.64 -12.01 16.55
N ALA Q 122 46.48 -10.69 16.51
CA ALA Q 122 45.19 -10.07 16.81
C ALA Q 122 44.21 -10.39 15.69
N ASP Q 123 43.10 -11.05 16.04
CA ASP Q 123 42.13 -11.49 15.04
C ASP Q 123 41.12 -10.37 14.77
N GLU Q 124 39.92 -10.73 14.34
CA GLU Q 124 38.91 -9.74 13.99
C GLU Q 124 38.46 -8.94 15.21
N HIS Q 125 38.43 -9.58 16.38
CA HIS Q 125 37.99 -8.93 17.61
C HIS Q 125 39.14 -8.39 18.43
N SER Q 126 40.29 -8.16 17.82
CA SER Q 126 41.48 -7.65 18.50
C SER Q 126 41.88 -8.56 19.66
N CYS Q 127 41.90 -9.87 19.38
CA CYS Q 127 42.18 -10.88 20.40
C CYS Q 127 43.29 -11.80 19.92
N VAL Q 128 44.32 -11.96 20.74
CA VAL Q 128 45.42 -12.87 20.46
C VAL Q 128 45.05 -14.25 21.01
N THR Q 129 45.03 -15.25 20.14
CA THR Q 129 44.49 -16.56 20.47
C THR Q 129 45.60 -17.60 20.54
N GLN Q 130 45.48 -18.50 21.51
CA GLN Q 130 46.26 -19.73 21.58
C GLN Q 130 45.28 -20.89 21.69
N PHE Q 131 45.77 -22.10 21.43
CA PHE Q 131 44.92 -23.28 21.51
C PHE Q 131 45.67 -24.42 22.17
N GLU Q 132 44.90 -25.32 22.79
CA GLU Q 132 45.43 -26.51 23.44
C GLU Q 132 44.61 -27.70 22.98
N MET Q 133 45.29 -28.72 22.44
CA MET Q 133 44.63 -29.85 21.80
C MET Q 133 44.86 -31.11 22.61
N LYS Q 134 43.78 -31.80 22.95
CA LYS Q 134 43.80 -33.04 23.71
C LYS Q 134 43.44 -34.19 22.79
N LEU Q 135 44.39 -35.11 22.60
CA LEU Q 135 44.16 -36.26 21.72
C LEU Q 135 43.28 -37.29 22.42
N ARG Q 136 42.32 -37.84 21.67
CA ARG Q 136 41.45 -38.89 22.17
C ARG Q 136 41.37 -40.02 21.15
N GLU Q 137 41.24 -41.25 21.65
CA GLU Q 137 41.03 -42.43 20.83
C GLU Q 137 39.70 -43.06 21.25
N GLU Q 138 38.74 -43.09 20.33
CA GLU Q 138 37.39 -43.54 20.64
C GLU Q 138 36.91 -44.52 19.58
N LEU Q 139 35.87 -45.27 19.94
CA LEU Q 139 35.25 -46.25 19.05
C LEU Q 139 34.21 -45.50 18.22
N LEU Q 140 34.63 -45.02 17.04
CA LEU Q 140 33.78 -44.16 16.23
C LEU Q 140 32.53 -44.88 15.73
N SER Q 141 32.61 -46.20 15.55
CA SER Q 141 31.48 -46.99 15.09
C SER Q 141 30.55 -47.42 16.22
N SER Q 142 30.89 -47.11 17.47
CA SER Q 142 30.06 -47.53 18.59
C SER Q 142 28.79 -46.69 18.66
N ASP Q 143 27.67 -47.35 19.00
CA ASP Q 143 26.41 -46.65 19.16
C ASP Q 143 26.43 -45.66 20.33
N SER Q 144 27.41 -45.78 21.23
CA SER Q 144 27.52 -44.93 22.39
C SER Q 144 28.49 -43.78 22.20
N PHE Q 145 28.96 -43.55 20.97
CA PHE Q 145 29.91 -42.48 20.70
C PHE Q 145 29.20 -41.28 20.12
N HIS Q 146 29.62 -40.09 20.58
CA HIS Q 146 29.24 -38.82 20.00
C HIS Q 146 30.43 -37.91 20.18
N PRO Q 147 30.78 -37.12 19.16
CA PRO Q 147 31.97 -36.24 19.28
C PRO Q 147 31.88 -35.23 20.42
N ASP Q 148 30.69 -34.93 20.92
CA ASP Q 148 30.50 -33.94 21.98
C ASP Q 148 29.86 -34.57 23.21
N LYS Q 149 30.31 -35.76 23.58
CA LYS Q 149 29.86 -36.37 24.83
C LYS Q 149 30.15 -35.44 26.01
N ASP Q 150 29.20 -35.37 26.94
CA ASP Q 150 29.33 -34.45 28.06
C ASP Q 150 30.50 -34.81 28.97
N GLU Q 151 30.94 -36.07 28.95
CA GLU Q 151 32.13 -36.45 29.70
C GLU Q 151 33.38 -35.72 29.20
N TYR Q 152 33.36 -35.26 27.95
CA TYR Q 152 34.48 -34.51 27.40
C TYR Q 152 34.55 -33.08 27.93
N TYR Q 153 33.51 -32.61 28.62
CA TYR Q 153 33.44 -31.24 29.13
C TYR Q 153 33.60 -31.17 30.64
N LYS Q 154 34.01 -32.26 31.29
CA LYS Q 154 34.09 -32.28 32.74
C LYS Q 154 35.18 -31.35 33.26
N ASP Q 155 36.28 -31.24 32.53
CA ASP Q 155 37.39 -30.39 32.97
C ASP Q 155 37.03 -28.91 33.01
N PHE Q 156 35.96 -28.51 32.32
CA PHE Q 156 35.59 -27.11 32.21
C PHE Q 156 34.27 -26.76 32.86
N LEU Q 157 33.42 -27.73 33.17
CA LEU Q 157 32.15 -27.47 33.83
C LEU Q 157 32.22 -27.75 35.32
N PRO R 2 47.01 -15.71 -4.49
CA PRO R 2 46.04 -16.60 -5.14
C PRO R 2 44.64 -16.00 -5.24
N VAL R 3 43.86 -16.46 -6.21
CA VAL R 3 42.48 -16.02 -6.39
C VAL R 3 41.59 -17.25 -6.47
N ILE R 4 40.51 -17.25 -5.69
CA ILE R 4 39.58 -18.38 -5.65
C ILE R 4 38.17 -17.84 -5.91
N GLN R 5 37.58 -18.25 -7.02
CA GLN R 5 36.21 -17.88 -7.37
C GLN R 5 35.28 -19.06 -7.08
N THR R 6 34.25 -18.83 -6.28
CA THR R 6 33.29 -19.85 -5.93
C THR R 6 31.96 -19.54 -6.62
N PHE R 7 31.59 -20.39 -7.57
CA PHE R 7 30.30 -20.30 -8.25
C PHE R 7 29.41 -21.43 -7.74
N VAL R 8 28.27 -21.07 -7.16
CA VAL R 8 27.31 -22.05 -6.65
C VAL R 8 25.92 -21.65 -7.11
N SER R 9 25.09 -22.67 -7.40
CA SER R 9 23.72 -22.43 -7.80
C SER R 9 22.81 -22.14 -6.62
N THR R 10 23.25 -22.46 -5.40
CA THR R 10 22.55 -22.27 -4.14
C THR R 10 22.88 -20.91 -3.54
N PRO R 11 21.95 -20.32 -2.78
CA PRO R 11 22.24 -19.02 -2.16
C PRO R 11 23.23 -19.16 -1.02
N LEU R 12 24.08 -18.14 -0.90
CA LEU R 12 25.06 -18.06 0.18
C LEU R 12 24.73 -16.87 1.07
N ASP R 13 24.80 -17.09 2.38
CA ASP R 13 24.61 -16.03 3.36
C ASP R 13 25.96 -15.66 3.97
N HIS R 14 25.92 -14.83 5.01
CA HIS R 14 27.16 -14.39 5.65
C HIS R 14 27.90 -15.56 6.31
N GLU R 15 27.15 -16.47 6.92
CA GLU R 15 27.78 -17.60 7.62
C GLU R 15 28.46 -18.55 6.63
N LYS R 16 27.77 -18.89 5.54
CA LYS R 16 28.33 -19.83 4.58
C LYS R 16 29.54 -19.23 3.86
N ARG R 17 29.47 -17.95 3.50
CA ARG R 17 30.61 -17.31 2.87
C ARG R 17 31.80 -17.22 3.81
N ASN R 18 31.53 -16.99 5.10
CA ASN R 18 32.62 -16.90 6.07
C ASN R 18 33.23 -18.27 6.35
N MET R 19 32.41 -19.32 6.39
CA MET R 19 32.94 -20.66 6.60
C MET R 19 33.84 -21.09 5.45
N LEU R 20 33.37 -20.89 4.21
CA LEU R 20 34.22 -21.14 3.05
C LEU R 20 35.43 -20.23 3.06
N THR R 21 35.30 -19.03 3.63
CA THR R 21 36.42 -18.11 3.69
C THR R 21 37.53 -18.66 4.58
N LYS R 22 37.18 -19.14 5.78
CA LYS R 22 38.18 -19.66 6.69
C LYS R 22 38.81 -20.95 6.15
N VAL R 23 38.06 -21.73 5.37
CA VAL R 23 38.61 -22.97 4.82
C VAL R 23 39.63 -22.68 3.74
N TYR R 24 39.31 -21.75 2.82
CA TYR R 24 40.27 -21.40 1.78
C TYR R 24 41.52 -20.76 2.36
N ARG R 25 41.39 -20.06 3.49
CA ARG R 25 42.57 -19.55 4.18
C ARG R 25 43.47 -20.69 4.66
N ILE R 26 42.86 -21.76 5.16
CA ILE R 26 43.63 -22.93 5.55
C ILE R 26 44.27 -23.60 4.34
N VAL R 27 43.53 -23.66 3.23
CA VAL R 27 44.06 -24.27 2.02
C VAL R 27 45.23 -23.48 1.47
N THR R 28 45.13 -22.14 1.50
CA THR R 28 46.21 -21.31 0.99
C THR R 28 47.49 -21.48 1.81
N ASP R 29 47.34 -21.63 3.13
CA ASP R 29 48.52 -21.67 4.00
C ASP R 29 49.17 -23.05 4.03
N THR R 30 48.37 -24.11 4.14
CA THR R 30 48.91 -25.45 4.35
C THR R 30 49.29 -26.11 3.03
N ILE R 31 48.33 -26.22 2.11
CA ILE R 31 48.59 -26.93 0.86
C ILE R 31 49.35 -26.05 -0.12
N LEU R 32 48.82 -24.85 -0.40
CA LEU R 32 49.47 -23.95 -1.34
C LEU R 32 50.74 -23.34 -0.78
N GLY R 33 50.88 -23.28 0.55
CA GLY R 33 52.08 -22.72 1.15
C GLY R 33 52.25 -21.23 0.96
N LYS R 34 51.15 -20.50 0.86
CA LYS R 34 51.15 -19.06 0.65
C LYS R 34 50.47 -18.36 1.81
N PRO R 35 50.79 -17.08 2.04
CA PRO R 35 50.14 -16.34 3.13
C PRO R 35 48.61 -16.40 3.02
N ALA R 36 47.97 -16.63 4.16
CA ALA R 36 46.51 -16.75 4.19
C ALA R 36 45.82 -15.42 3.92
N GLU R 37 46.50 -14.29 4.15
CA GLU R 37 45.91 -12.99 3.88
C GLU R 37 46.04 -12.56 2.44
N LEU R 38 46.81 -13.29 1.63
CA LEU R 38 47.14 -12.89 0.27
C LEU R 38 46.22 -13.52 -0.77
N VAL R 39 45.20 -14.27 -0.36
CA VAL R 39 44.30 -14.95 -1.28
C VAL R 39 43.02 -14.14 -1.40
N MET R 40 42.73 -13.67 -2.61
CA MET R 40 41.49 -12.96 -2.90
C MET R 40 40.41 -13.97 -3.27
N MET R 41 39.22 -13.77 -2.70
CA MET R 41 38.18 -14.80 -2.73
C MET R 41 36.85 -14.15 -3.06
N THR R 42 36.24 -14.58 -4.16
CA THR R 42 34.97 -14.05 -4.63
C THR R 42 33.90 -15.14 -4.59
N PHE R 43 32.66 -14.72 -4.37
CA PHE R 43 31.52 -15.63 -4.25
C PHE R 43 30.41 -15.16 -5.16
N HIS R 44 29.80 -16.12 -5.89
CA HIS R 44 28.74 -15.85 -6.86
C HIS R 44 27.65 -16.90 -6.66
N ASP R 45 26.77 -16.64 -5.69
CA ASP R 45 25.71 -17.59 -5.36
C ASP R 45 24.53 -17.42 -6.31
N SER R 46 23.62 -18.39 -6.25
CA SER R 46 22.40 -18.40 -7.07
C SER R 46 22.71 -18.30 -8.56
N THR R 47 23.81 -18.89 -8.99
CA THR R 47 24.19 -18.86 -10.40
C THR R 47 23.40 -19.90 -11.17
N PRO R 48 22.66 -19.53 -12.22
CA PRO R 48 21.98 -20.53 -13.04
C PRO R 48 22.96 -21.50 -13.67
N MET R 49 22.93 -22.75 -13.22
CA MET R 49 23.91 -23.75 -13.63
C MET R 49 23.22 -25.05 -14.01
N HIS R 50 23.59 -25.59 -15.17
CA HIS R 50 23.11 -26.87 -15.66
C HIS R 50 24.27 -27.84 -15.71
N PHE R 51 24.07 -29.05 -15.19
CA PHE R 51 25.11 -30.05 -15.15
C PHE R 51 24.48 -31.42 -14.94
N PHE R 52 24.98 -32.40 -15.70
CA PHE R 52 24.53 -33.80 -15.59
C PHE R 52 23.02 -33.93 -15.80
N GLY R 53 22.46 -33.08 -16.65
CA GLY R 53 21.05 -33.17 -16.97
C GLY R 53 20.10 -32.72 -15.88
N SER R 54 20.52 -31.77 -15.04
CA SER R 54 19.66 -31.26 -13.98
C SER R 54 20.22 -29.94 -13.49
N THR R 55 19.33 -29.14 -12.88
CA THR R 55 19.71 -27.91 -12.20
C THR R 55 19.80 -28.12 -10.69
N ASP R 56 20.08 -29.35 -10.26
CA ASP R 56 20.27 -29.63 -8.84
C ASP R 56 21.48 -28.86 -8.30
N PRO R 57 21.55 -28.66 -6.99
CA PRO R 57 22.66 -27.90 -6.40
C PRO R 57 24.02 -28.36 -6.92
N VAL R 58 24.79 -27.40 -7.43
CA VAL R 58 26.04 -27.68 -8.14
C VAL R 58 27.00 -26.52 -7.88
N ALA R 59 28.30 -26.82 -7.90
CA ALA R 59 29.31 -25.83 -7.62
C ALA R 59 30.47 -25.95 -8.58
N CYS R 60 31.09 -24.81 -8.88
CA CYS R 60 32.32 -24.74 -9.68
C CYS R 60 33.26 -23.74 -9.04
N VAL R 61 34.43 -24.21 -8.61
CA VAL R 61 35.42 -23.37 -7.94
C VAL R 61 36.61 -23.20 -8.87
N ARG R 62 37.00 -21.95 -9.11
CA ARG R 62 38.14 -21.62 -9.95
C ARG R 62 39.29 -21.17 -9.05
N VAL R 63 40.39 -21.91 -9.09
CA VAL R 63 41.59 -21.58 -8.32
C VAL R 63 42.64 -21.04 -9.28
N GLU R 64 43.13 -19.83 -8.99
CA GLU R 64 44.16 -19.18 -9.79
C GLU R 64 45.33 -18.85 -8.88
N ALA R 65 46.51 -19.38 -9.21
CA ALA R 65 47.71 -19.19 -8.43
C ALA R 65 48.87 -18.85 -9.35
N LEU R 66 49.54 -17.74 -9.08
CA LEU R 66 50.72 -17.37 -9.85
C LEU R 66 51.86 -18.31 -9.53
N GLY R 67 52.64 -18.66 -10.55
CA GLY R 67 53.75 -19.57 -10.39
C GLY R 67 53.39 -21.04 -10.43
N GLY R 68 52.13 -21.38 -10.68
CA GLY R 68 51.75 -22.77 -10.78
C GLY R 68 51.51 -23.43 -9.43
N TYR R 69 51.48 -24.75 -9.45
CA TYR R 69 51.20 -25.56 -8.27
C TYR R 69 52.27 -26.64 -8.14
N GLY R 70 52.66 -26.93 -6.90
CA GLY R 70 53.60 -27.98 -6.63
C GLY R 70 52.99 -29.35 -6.84
N PRO R 71 53.80 -30.40 -6.77
CA PRO R 71 53.26 -31.76 -6.90
C PRO R 71 52.31 -32.07 -5.75
N SER R 72 51.25 -32.82 -6.09
CA SER R 72 50.24 -33.31 -5.16
C SER R 72 49.35 -32.18 -4.60
N GLU R 73 49.71 -30.93 -4.85
CA GLU R 73 48.92 -29.82 -4.31
C GLU R 73 47.52 -29.75 -4.88
N PRO R 74 47.29 -29.85 -6.20
CA PRO R 74 45.90 -29.76 -6.69
C PRO R 74 44.99 -30.86 -6.16
N GLU R 75 45.50 -32.09 -6.03
CA GLU R 75 44.66 -33.17 -5.49
C GLU R 75 44.25 -32.88 -4.05
N LYS R 76 45.15 -32.28 -3.26
CA LYS R 76 44.82 -31.95 -1.88
C LYS R 76 43.79 -30.82 -1.81
N VAL R 77 43.97 -29.78 -2.65
CA VAL R 77 43.03 -28.67 -2.66
C VAL R 77 41.63 -29.16 -3.03
N THR R 78 41.55 -30.01 -4.06
CA THR R 78 40.25 -30.53 -4.50
C THR R 78 39.56 -31.28 -3.36
N LYS R 79 40.31 -32.05 -2.58
CA LYS R 79 39.71 -32.81 -1.48
C LYS R 79 39.13 -31.89 -0.42
N VAL R 80 39.86 -30.84 -0.04
CA VAL R 80 39.39 -29.94 1.01
C VAL R 80 38.25 -29.07 0.50
N VAL R 81 38.38 -28.55 -0.72
CA VAL R 81 37.35 -27.67 -1.27
C VAL R 81 36.04 -28.43 -1.47
N THR R 82 36.13 -29.67 -1.97
CA THR R 82 34.94 -30.47 -2.18
C THR R 82 34.28 -30.81 -0.84
N ASP R 83 35.08 -31.20 0.16
CA ASP R 83 34.53 -31.45 1.49
C ASP R 83 33.86 -30.21 2.05
N ALA R 84 34.50 -29.05 1.91
CA ALA R 84 33.96 -27.82 2.46
C ALA R 84 32.67 -27.41 1.77
N ILE R 85 32.65 -27.47 0.43
CA ILE R 85 31.44 -27.09 -0.30
C ILE R 85 30.29 -28.03 0.04
N SER R 86 30.58 -29.32 0.17
CA SER R 86 29.54 -30.28 0.53
C SER R 86 28.97 -29.99 1.91
N TYR R 87 29.84 -29.71 2.88
CA TYR R 87 29.37 -29.40 4.24
C TYR R 87 28.61 -28.08 4.26
N VAL R 88 29.16 -27.06 3.62
CA VAL R 88 28.60 -25.72 3.74
C VAL R 88 27.32 -25.59 2.91
N CYS R 89 27.37 -26.00 1.65
CA CYS R 89 26.28 -25.75 0.71
C CYS R 89 25.35 -26.95 0.54
N GLY R 90 25.73 -28.13 1.01
CA GLY R 90 24.91 -29.30 0.78
C GLY R 90 24.98 -29.83 -0.64
N ILE R 91 25.98 -29.43 -1.40
CA ILE R 91 26.16 -29.89 -2.78
C ILE R 91 26.95 -31.18 -2.77
N VAL R 92 26.43 -32.20 -3.46
CA VAL R 92 27.09 -33.50 -3.47
C VAL R 92 28.41 -33.40 -4.21
N ALA R 93 29.31 -34.34 -3.91
CA ALA R 93 30.66 -34.28 -4.45
C ALA R 93 30.68 -34.43 -5.97
N ASP R 94 29.82 -35.30 -6.51
CA ASP R 94 29.83 -35.52 -7.96
C ASP R 94 29.26 -34.34 -8.75
N ARG R 95 28.92 -33.23 -8.09
CA ARG R 95 28.47 -32.02 -8.77
C ARG R 95 29.30 -30.82 -8.33
N ILE R 96 30.59 -31.04 -8.07
CA ILE R 96 31.51 -29.99 -7.65
C ILE R 96 32.73 -30.03 -8.56
N PHE R 97 32.92 -28.98 -9.34
CA PHE R 97 34.11 -28.82 -10.17
C PHE R 97 35.09 -27.89 -9.49
N VAL R 98 36.38 -28.24 -9.56
CA VAL R 98 37.46 -27.38 -9.10
C VAL R 98 38.45 -27.25 -10.25
N LEU R 99 38.52 -26.07 -10.84
CA LEU R 99 39.40 -25.81 -11.98
C LEU R 99 40.63 -25.04 -11.51
N TYR R 100 41.79 -25.42 -12.03
CA TYR R 100 43.07 -24.86 -11.62
C TYR R 100 43.70 -24.11 -12.78
N PHE R 101 44.07 -22.86 -12.54
CA PHE R 101 44.71 -22.00 -13.54
C PHE R 101 45.94 -21.34 -12.94
N SER R 102 46.76 -20.77 -13.82
CA SER R 102 47.93 -20.02 -13.41
C SER R 102 48.11 -18.82 -14.35
N PRO R 103 47.83 -17.61 -13.88
CA PRO R 103 47.95 -16.44 -14.76
C PRO R 103 49.39 -16.16 -15.15
N LEU R 104 49.54 -15.48 -16.28
CA LEU R 104 50.87 -15.09 -16.74
C LEU R 104 51.50 -14.07 -15.80
N HIS R 105 50.72 -13.08 -15.36
CA HIS R 105 51.19 -12.06 -14.45
C HIS R 105 50.05 -11.67 -13.52
N CYS R 106 50.42 -11.17 -12.34
CA CYS R 106 49.44 -10.73 -11.34
C CYS R 106 49.86 -9.39 -10.78
N GLY R 107 48.95 -8.43 -10.79
CA GLY R 107 49.22 -7.09 -10.30
C GLY R 107 48.63 -6.87 -8.92
N TRP R 108 49.36 -6.13 -8.09
CA TRP R 108 48.92 -5.83 -6.74
C TRP R 108 49.65 -4.58 -6.24
N ASN R 109 48.90 -3.65 -5.67
CA ASN R 109 49.44 -2.38 -5.18
C ASN R 109 50.13 -1.59 -6.29
N GLY R 110 49.68 -1.77 -7.53
CA GLY R 110 50.22 -1.05 -8.65
C GLY R 110 51.40 -1.69 -9.33
N THR R 111 51.94 -2.78 -8.79
CA THR R 111 53.09 -3.45 -9.36
C THR R 111 52.82 -4.95 -9.47
N ASN R 112 53.49 -5.59 -10.42
CA ASN R 112 53.36 -7.03 -10.62
C ASN R 112 54.32 -7.81 -9.71
N SER S 2 14.70 29.42 -5.92
CA SER S 2 14.98 29.99 -4.61
C SER S 2 16.28 30.78 -4.62
N VAL S 3 17.39 30.07 -4.83
CA VAL S 3 18.72 30.67 -4.89
C VAL S 3 19.29 30.39 -6.27
N ASN S 4 19.61 31.45 -7.01
CA ASN S 4 20.16 31.34 -8.35
C ASN S 4 21.67 31.62 -8.28
N THR S 5 22.46 30.61 -8.60
CA THR S 5 23.91 30.69 -8.55
C THR S 5 24.47 30.62 -9.97
N SER S 6 25.37 31.54 -10.30
CA SER S 6 25.95 31.61 -11.63
C SER S 6 27.46 31.83 -11.53
N PHE S 7 28.20 31.14 -12.39
CA PHE S 7 29.66 31.26 -12.45
C PHE S 7 30.02 32.19 -13.60
N LEU S 8 30.34 33.44 -13.29
CA LEU S 8 30.92 34.32 -14.29
C LEU S 8 32.35 33.91 -14.61
N SER S 9 33.04 33.31 -13.65
CA SER S 9 34.37 32.77 -13.85
C SER S 9 34.56 31.64 -12.84
N PRO S 10 35.64 30.88 -12.93
CA PRO S 10 35.90 29.87 -11.90
C PRO S 10 35.89 30.42 -10.48
N SER S 11 36.33 31.67 -10.28
CA SER S 11 36.43 32.25 -8.95
C SER S 11 35.53 33.45 -8.75
N LEU S 12 34.53 33.65 -9.60
CA LEU S 12 33.58 34.74 -9.46
C LEU S 12 32.17 34.20 -9.63
N VAL S 13 31.37 34.27 -8.57
CA VAL S 13 30.04 33.68 -8.53
C VAL S 13 29.04 34.74 -8.07
N THR S 14 27.93 34.86 -8.81
CA THR S 14 26.82 35.69 -8.39
C THR S 14 25.77 34.80 -7.72
N ILE S 15 25.28 35.25 -6.56
CA ILE S 15 24.30 34.51 -5.79
C ILE S 15 23.09 35.41 -5.56
N ARG S 16 21.92 34.96 -6.01
CA ARG S 16 20.68 35.71 -5.91
C ARG S 16 19.67 34.89 -5.10
N ASP S 17 19.31 35.38 -3.93
CA ASP S 17 18.37 34.72 -3.03
C ASP S 17 17.02 35.44 -3.15
N PHE S 18 16.10 34.84 -3.90
CA PHE S 18 14.80 35.48 -4.13
C PHE S 18 13.97 35.54 -2.85
N ASP S 19 13.97 34.46 -2.07
CA ASP S 19 13.09 34.40 -0.90
C ASP S 19 13.53 35.39 0.18
N LYS S 20 14.83 35.59 0.34
CA LYS S 20 15.35 36.51 1.34
C LYS S 20 15.65 37.90 0.78
N GLY S 21 15.46 38.10 -0.53
CA GLY S 21 15.69 39.39 -1.14
C GLY S 21 17.11 39.88 -1.00
N GLN S 22 18.07 39.02 -1.32
CA GLN S 22 19.49 39.34 -1.19
C GLN S 22 20.21 39.09 -2.50
N PHE S 23 21.36 39.74 -2.64
CA PHE S 23 22.27 39.51 -3.76
C PHE S 23 23.69 39.65 -3.24
N ALA S 24 24.52 38.65 -3.51
CA ALA S 24 25.90 38.66 -3.04
C ALA S 24 26.81 38.14 -4.14
N VAL S 25 28.04 38.66 -4.15
CA VAL S 25 29.06 38.25 -5.10
C VAL S 25 30.11 37.47 -4.33
N LEU S 26 30.15 36.16 -4.55
CA LEU S 26 31.19 35.30 -3.98
C LEU S 26 32.39 35.29 -4.91
N ARG S 27 33.57 35.60 -4.37
CA ARG S 27 34.79 35.56 -5.16
C ARG S 27 35.92 34.97 -4.32
N ILE S 28 36.71 34.10 -4.95
CA ILE S 28 37.89 33.51 -4.30
C ILE S 28 39.05 34.41 -4.69
N GLY S 29 39.17 35.54 -3.99
CA GLY S 29 40.01 36.62 -4.46
C GLY S 29 41.48 36.29 -4.46
N ARG S 30 42.00 35.84 -3.31
CA ARG S 30 43.45 35.69 -3.16
C ARG S 30 43.99 34.59 -4.06
N THR S 31 43.38 33.41 -4.03
CA THR S 31 43.93 32.26 -4.74
C THR S 31 43.36 32.08 -6.13
N GLY S 32 42.17 32.64 -6.41
CA GLY S 32 41.53 32.38 -7.67
C GLY S 32 41.10 30.94 -7.88
N PHE S 33 40.97 30.17 -6.79
CA PHE S 33 40.57 28.78 -6.91
C PHE S 33 39.09 28.68 -7.29
N PRO S 34 38.67 27.57 -7.89
CA PRO S 34 37.25 27.42 -8.22
C PRO S 34 36.40 27.34 -6.97
N ALA S 35 35.31 28.10 -6.97
CA ALA S 35 34.37 28.06 -5.86
C ALA S 35 33.66 26.71 -5.84
N ASP S 36 33.79 25.99 -4.72
CA ASP S 36 33.13 24.71 -4.55
C ASP S 36 31.84 24.89 -3.75
N LYS S 37 31.18 23.77 -3.46
CA LYS S 37 29.92 23.84 -2.73
C LYS S 37 30.12 24.42 -1.34
N GLY S 38 31.25 24.12 -0.70
CA GLY S 38 31.52 24.66 0.62
C GLY S 38 31.65 26.17 0.62
N ASP S 39 32.28 26.72 -0.42
CA ASP S 39 32.42 28.17 -0.52
C ASP S 39 31.06 28.84 -0.68
N ILE S 40 30.19 28.26 -1.49
CA ILE S 40 28.85 28.82 -1.68
C ILE S 40 28.04 28.70 -0.38
N ASP S 41 28.17 27.59 0.33
CA ASP S 41 27.46 27.44 1.60
C ASP S 41 27.95 28.46 2.62
N LEU S 42 29.25 28.77 2.59
CA LEU S 42 29.77 29.81 3.49
C LEU S 42 29.19 31.17 3.12
N CYS S 43 29.14 31.49 1.82
CA CYS S 43 28.59 32.78 1.40
C CYS S 43 27.14 32.91 1.81
N LEU S 44 26.34 31.87 1.60
CA LEU S 44 24.95 31.88 2.05
C LEU S 44 24.85 32.00 3.56
N SER S 45 25.82 31.44 4.29
CA SER S 45 25.82 31.57 5.74
C SER S 45 26.12 33.01 6.17
N LYS S 46 27.03 33.68 5.47
CA LYS S 46 27.35 35.06 5.81
C LYS S 46 26.23 36.02 5.40
N MET S 47 25.58 35.73 4.26
CA MET S 47 24.38 36.47 3.90
C MET S 47 23.30 36.28 4.96
N ASP S 48 23.22 35.08 5.54
CA ASP S 48 22.26 34.82 6.61
C ASP S 48 22.57 35.67 7.84
N GLY S 49 23.86 35.85 8.15
CA GLY S 49 24.23 36.63 9.31
C GLY S 49 23.94 38.12 9.15
N VAL S 50 24.03 38.63 7.92
CA VAL S 50 23.71 40.03 7.69
C VAL S 50 22.22 40.28 7.89
N LEU S 51 21.38 39.32 7.52
CA LEU S 51 19.96 39.43 7.82
C LEU S 51 19.70 39.50 9.32
N ALA S 52 20.41 38.66 10.09
CA ALA S 52 20.26 38.69 11.54
C ALA S 52 20.73 40.02 12.12
N ALA S 53 21.86 40.54 11.63
CA ALA S 53 22.35 41.83 12.09
C ALA S 53 21.37 42.94 11.76
N GLN S 54 20.61 42.79 10.67
CA GLN S 54 19.61 43.79 10.32
C GLN S 54 18.52 43.86 11.37
N LEU S 55 18.07 42.71 11.88
CA LEU S 55 17.00 42.69 12.87
C LEU S 55 17.41 43.36 14.17
N TYR S 56 18.71 43.45 14.46
CA TYR S 56 19.16 44.19 15.63
C TYR S 56 18.93 45.68 15.47
N LEU S 57 18.93 46.16 14.23
CA LEU S 57 18.69 47.58 13.95
C LEU S 57 17.21 47.90 13.76
N GLY S 58 16.42 46.94 13.33
CA GLY S 58 14.99 47.15 13.11
C GLY S 58 14.46 46.21 12.05
N ASN S 59 13.14 46.01 12.09
CA ASN S 59 12.47 45.14 11.13
C ASN S 59 12.34 45.85 9.79
N PRO S 60 13.03 45.38 8.74
CA PRO S 60 12.95 46.08 7.45
C PRO S 60 11.60 45.96 6.77
N ARG S 61 10.87 44.88 7.02
CA ARG S 61 9.56 44.70 6.41
C ARG S 61 8.48 45.57 7.03
N GLU S 62 8.80 46.34 8.06
CA GLU S 62 7.85 47.28 8.63
C GLU S 62 7.49 48.34 7.58
N PRO S 63 6.22 48.68 7.44
CA PRO S 63 5.85 49.72 6.47
C PRO S 63 6.42 51.07 6.87
N GLY S 64 7.02 51.74 5.89
CA GLY S 64 7.67 53.03 6.16
C GLY S 64 8.93 52.89 6.99
N PHE S 65 9.78 51.92 6.67
CA PHE S 65 11.00 51.67 7.44
C PHE S 65 12.00 52.80 7.22
N LYS S 66 12.32 53.53 8.29
CA LYS S 66 13.27 54.63 8.24
C LYS S 66 14.72 54.17 8.37
N GLY S 67 14.98 52.88 8.21
CA GLY S 67 16.34 52.37 8.25
C GLY S 67 16.87 52.28 9.66
N PRO S 68 18.20 52.08 9.78
CA PRO S 68 19.18 51.92 8.70
C PRO S 68 19.12 50.56 8.04
N HIS S 69 19.66 50.43 6.83
CA HIS S 69 19.76 49.16 6.13
C HIS S 69 21.19 48.64 6.21
N ILE S 70 21.33 47.34 6.42
CA ILE S 70 22.63 46.67 6.34
C ILE S 70 22.49 45.56 5.30
N ARG S 71 23.23 45.69 4.20
CA ARG S 71 23.02 44.86 3.02
C ARG S 71 24.34 44.25 2.59
N ILE S 72 24.39 42.93 2.51
CA ILE S 72 25.61 42.25 2.08
C ILE S 72 25.85 42.53 0.61
N ARG S 73 27.12 42.64 0.24
CA ARG S 73 27.53 42.93 -1.13
C ARG S 73 28.41 41.84 -1.71
N CYS S 74 29.49 41.46 -1.01
CA CYS S 74 30.43 40.50 -1.53
C CYS S 74 31.08 39.74 -0.40
N VAL S 75 31.34 38.45 -0.62
CA VAL S 75 32.09 37.60 0.30
C VAL S 75 33.35 37.17 -0.44
N ASP S 76 34.50 37.66 0.02
CA ASP S 76 35.78 37.31 -0.58
C ASP S 76 36.45 36.28 0.32
N ILE S 77 36.65 35.07 -0.21
CA ILE S 77 37.19 33.95 0.55
C ILE S 77 38.68 33.85 0.29
N ASP S 78 39.46 33.80 1.37
CA ASP S 78 40.90 33.56 1.32
C ASP S 78 41.13 32.14 1.83
N ASP S 79 41.42 31.22 0.90
CA ASP S 79 41.63 29.82 1.24
C ASP S 79 43.04 29.37 0.88
N LYS S 80 44.01 30.27 0.93
CA LYS S 80 45.40 29.94 0.64
C LYS S 80 45.96 29.03 1.72
N HIS S 81 46.25 29.60 2.88
CA HIS S 81 46.73 28.82 4.03
C HIS S 81 45.55 28.45 4.91
N THR S 82 45.19 29.34 5.83
CA THR S 82 44.00 29.12 6.64
C THR S 82 42.76 29.64 5.89
N TYR S 83 41.59 29.22 6.38
CA TYR S 83 40.32 29.52 5.72
C TYR S 83 39.77 30.83 6.27
N ASN S 84 39.68 31.85 5.41
CA ASN S 84 39.26 33.18 5.83
C ASN S 84 38.22 33.73 4.86
N ALA S 85 37.44 34.69 5.34
CA ALA S 85 36.43 35.35 4.55
C ALA S 85 36.36 36.83 4.91
N MET S 86 36.38 37.69 3.90
CA MET S 86 36.16 39.12 4.06
C MET S 86 34.78 39.44 3.52
N VAL S 87 33.92 39.99 4.37
CA VAL S 87 32.52 40.23 4.04
C VAL S 87 32.32 41.73 3.86
N TYR S 88 32.10 42.15 2.63
CA TYR S 88 31.85 43.55 2.31
C TYR S 88 30.35 43.84 2.42
N VAL S 89 30.00 44.72 3.36
CA VAL S 89 28.61 45.04 3.65
C VAL S 89 28.42 46.55 3.56
N ASP S 90 27.20 46.96 3.24
CA ASP S 90 26.84 48.37 3.09
C ASP S 90 25.87 48.77 4.18
N LEU S 91 26.17 49.88 4.86
CA LEU S 91 25.28 50.47 5.84
C LEU S 91 24.63 51.71 5.21
N ILE S 92 23.31 51.69 5.08
CA ILE S 92 22.55 52.75 4.44
C ILE S 92 21.70 53.45 5.48
N VAL S 93 21.94 54.74 5.67
CA VAL S 93 21.16 55.56 6.59
C VAL S 93 20.44 56.64 5.79
N GLY S 94 19.38 57.17 6.39
CA GLY S 94 18.62 58.22 5.72
C GLY S 94 19.44 59.48 5.54
N THR S 95 19.07 60.26 4.52
CA THR S 95 19.78 61.50 4.24
C THR S 95 19.60 62.51 5.35
N GLY S 96 18.43 62.53 5.98
CA GLY S 96 18.15 63.44 7.07
C GLY S 96 18.72 63.05 8.41
N ALA S 97 19.58 62.04 8.46
CA ALA S 97 20.17 61.59 9.71
C ALA S 97 21.30 62.52 10.14
N SER S 98 21.29 62.95 11.39
CA SER S 98 22.34 63.81 11.90
C SER S 98 23.60 63.00 12.17
N GLU S 99 24.68 63.72 12.50
CA GLU S 99 25.97 63.06 12.69
C GLU S 99 25.98 62.15 13.91
N VAL S 100 25.18 62.47 14.93
CA VAL S 100 25.07 61.59 16.09
C VAL S 100 24.36 60.30 15.72
N GLU S 101 23.26 60.42 14.97
CA GLU S 101 22.53 59.23 14.54
C GLU S 101 23.36 58.39 13.56
N ARG S 102 24.30 59.03 12.86
CA ARG S 102 25.08 58.30 11.85
C ARG S 102 26.10 57.39 12.52
N GLU S 103 26.87 57.90 13.48
CA GLU S 103 27.85 57.06 14.16
C GLU S 103 27.20 56.07 15.11
N THR S 104 26.08 56.45 15.73
CA THR S 104 25.35 55.49 16.56
C THR S 104 24.87 54.30 15.73
N ALA S 105 24.38 54.56 14.52
CA ALA S 105 24.00 53.46 13.64
C ALA S 105 25.22 52.67 13.21
N GLU S 106 26.37 53.35 13.02
CA GLU S 106 27.58 52.65 12.59
C GLU S 106 28.04 51.64 13.63
N GLU S 107 28.12 52.06 14.90
CA GLU S 107 28.64 51.16 15.92
C GLU S 107 27.61 50.12 16.35
N ARG S 108 26.32 50.48 16.36
CA ARG S 108 25.29 49.49 16.64
C ARG S 108 25.33 48.36 15.62
N ALA S 109 25.58 48.70 14.36
CA ALA S 109 25.67 47.67 13.32
C ALA S 109 27.02 46.94 13.34
N ARG S 110 28.09 47.63 13.72
CA ARG S 110 29.39 46.95 13.83
C ARG S 110 29.36 45.91 14.94
N ARG S 111 28.67 46.21 16.04
CA ARG S 111 28.55 45.24 17.13
C ARG S 111 27.76 44.02 16.68
N ALA S 112 26.61 44.24 16.04
CA ALA S 112 25.77 43.12 15.61
C ALA S 112 26.47 42.28 14.55
N LEU S 113 27.18 42.93 13.62
CA LEU S 113 27.87 42.19 12.57
C LEU S 113 29.00 41.34 13.14
N ALA S 114 29.70 41.85 14.16
CA ALA S 114 30.79 41.10 14.75
C ALA S 114 30.31 39.78 15.36
N VAL S 115 29.09 39.77 15.90
CA VAL S 115 28.55 38.55 16.49
C VAL S 115 27.98 37.63 15.42
N ALA S 116 27.11 38.16 14.56
CA ALA S 116 26.40 37.33 13.59
C ALA S 116 27.36 36.73 12.56
N LEU S 117 28.44 37.42 12.23
CA LEU S 117 29.40 36.93 11.24
C LEU S 117 30.55 36.16 11.88
N ARG S 118 30.56 36.02 13.21
CA ARG S 118 31.58 35.24 13.92
C ARG S 118 32.98 35.79 13.62
N VAL S 119 33.15 37.09 13.90
CA VAL S 119 34.38 37.77 13.55
C VAL S 119 35.51 37.29 14.46
N ASP S 120 36.66 36.99 13.85
CA ASP S 120 37.88 36.63 14.57
C ASP S 120 37.72 35.33 15.36
N GLU S 121 37.02 34.37 14.77
CA GLU S 121 36.88 33.05 15.37
C GLU S 121 36.37 32.09 14.29
N ALA S 122 36.64 30.80 14.51
CA ALA S 122 36.20 29.77 13.58
C ALA S 122 34.69 29.58 13.71
N ASP S 123 33.97 29.74 12.61
CA ASP S 123 32.52 29.63 12.63
C ASP S 123 32.11 28.18 12.35
N GLU S 124 30.87 27.98 11.91
CA GLU S 124 30.38 26.62 11.65
C GLU S 124 31.18 25.93 10.55
N HIS S 125 31.74 26.71 9.63
CA HIS S 125 32.48 26.18 8.49
C HIS S 125 33.99 26.29 8.68
N SER S 126 34.45 26.39 9.94
CA SER S 126 35.88 26.49 10.25
C SER S 126 36.54 27.67 9.57
N CYS S 127 35.79 28.75 9.37
CA CYS S 127 36.24 29.93 8.65
C CYS S 127 36.38 31.10 9.61
N VAL S 128 37.51 31.79 9.52
CA VAL S 128 37.75 33.00 10.32
C VAL S 128 37.30 34.20 9.49
N THR S 129 36.27 34.89 9.96
CA THR S 129 35.59 35.92 9.20
C THR S 129 35.96 37.31 9.69
N GLN S 130 36.23 38.21 8.74
CA GLN S 130 36.31 39.64 8.98
C GLN S 130 35.35 40.34 8.02
N PHE S 131 35.00 41.57 8.35
CA PHE S 131 34.07 42.33 7.53
C PHE S 131 34.58 43.75 7.34
N GLU S 132 34.02 44.42 6.33
CA GLU S 132 34.36 45.79 5.99
C GLU S 132 33.07 46.50 5.59
N MET S 133 32.84 47.67 6.16
CA MET S 133 31.54 48.33 6.08
C MET S 133 31.68 49.67 5.37
N LYS S 134 30.85 49.87 4.34
CA LYS S 134 30.76 51.13 3.63
C LYS S 134 29.48 51.84 4.03
N LEU S 135 29.60 53.13 4.38
CA LEU S 135 28.45 53.92 4.79
C LEU S 135 27.86 54.66 3.60
N ARG S 136 26.53 54.59 3.45
CA ARG S 136 25.83 55.27 2.39
C ARG S 136 24.69 56.10 2.97
N GLU S 137 24.37 57.19 2.28
CA GLU S 137 23.24 58.05 2.62
C GLU S 137 22.30 58.12 1.44
N GLU S 138 21.05 57.72 1.64
CA GLU S 138 20.05 57.68 0.58
C GLU S 138 18.72 58.17 1.13
N LEU S 139 17.96 58.86 0.29
CA LEU S 139 16.58 59.21 0.61
C LEU S 139 15.75 57.94 0.48
N LEU S 140 15.38 57.36 1.62
CA LEU S 140 14.73 56.05 1.61
C LEU S 140 13.35 56.10 0.96
N SER S 141 12.63 57.22 1.10
CA SER S 141 11.32 57.38 0.49
C SER S 141 11.37 57.67 -1.00
N SER S 142 12.57 57.80 -1.57
CA SER S 142 12.68 58.05 -3.01
C SER S 142 12.26 56.83 -3.80
N ASP S 143 11.51 57.07 -4.89
CA ASP S 143 11.04 55.98 -5.74
C ASP S 143 12.15 55.30 -6.53
N SER S 144 13.37 55.85 -6.51
CA SER S 144 14.50 55.26 -7.23
C SER S 144 15.49 54.59 -6.29
N PHE S 145 15.14 54.40 -5.02
CA PHE S 145 16.03 53.78 -4.06
C PHE S 145 15.65 52.33 -3.83
N HIS S 146 16.67 51.47 -3.75
CA HIS S 146 16.52 50.07 -3.36
C HIS S 146 17.76 49.71 -2.57
N PRO S 147 17.61 48.95 -1.48
CA PRO S 147 18.79 48.55 -0.69
C PRO S 147 19.85 47.82 -1.49
N ASP S 148 19.46 47.08 -2.54
CA ASP S 148 20.43 46.33 -3.33
C ASP S 148 20.50 46.83 -4.76
N LYS S 149 20.61 48.15 -4.96
CA LYS S 149 20.81 48.68 -6.29
C LYS S 149 22.10 48.11 -6.89
N ASP S 150 22.06 47.81 -8.20
CA ASP S 150 23.19 47.16 -8.84
C ASP S 150 24.41 48.07 -8.92
N GLU S 151 24.23 49.39 -8.80
CA GLU S 151 25.37 50.29 -8.72
C GLU S 151 26.23 49.98 -7.50
N TYR S 152 25.59 49.54 -6.41
CA TYR S 152 26.31 49.23 -5.17
C TYR S 152 27.26 48.06 -5.31
N TYR S 153 27.18 47.30 -6.40
CA TYR S 153 27.98 46.09 -6.60
C TYR S 153 29.08 46.27 -7.64
N LYS S 154 29.30 47.49 -8.13
CA LYS S 154 30.28 47.69 -9.20
C LYS S 154 31.71 47.48 -8.73
N ASP S 155 31.96 47.56 -7.42
CA ASP S 155 33.29 47.29 -6.90
C ASP S 155 33.66 45.81 -7.00
N PHE S 156 32.68 44.92 -7.07
CA PHE S 156 32.92 43.48 -7.00
C PHE S 156 32.56 42.75 -8.27
N LEU S 157 31.98 43.43 -9.26
CA LEU S 157 31.63 42.79 -10.52
C LEU S 157 32.48 43.34 -11.67
N PRO T 2 22.38 32.77 29.57
CA PRO T 2 20.92 32.84 29.76
C PRO T 2 20.17 31.71 29.07
N VAL T 3 18.87 31.61 29.32
CA VAL T 3 18.00 30.65 28.66
C VAL T 3 16.86 31.41 28.00
N ILE T 4 16.61 31.12 26.72
CA ILE T 4 15.58 31.81 25.95
C ILE T 4 14.66 30.75 25.36
N GLN T 5 13.44 30.67 25.88
CA GLN T 5 12.42 29.77 25.36
C GLN T 5 11.52 30.54 24.39
N THR T 6 11.36 30.00 23.19
CA THR T 6 10.52 30.61 22.16
C THR T 6 9.32 29.72 21.91
N PHE T 7 8.13 30.23 22.24
CA PHE T 7 6.87 29.52 22.01
C PHE T 7 6.11 30.26 20.92
N VAL T 8 5.93 29.61 19.78
CA VAL T 8 5.16 30.17 18.67
C VAL T 8 4.06 29.19 18.29
N SER T 9 2.96 29.74 17.79
CA SER T 9 1.87 28.92 17.29
C SER T 9 2.10 28.48 15.85
N THR T 10 2.96 29.17 15.11
CA THR T 10 3.27 28.82 13.74
C THR T 10 4.37 27.76 13.70
N PRO T 11 4.47 27.02 12.61
CA PRO T 11 5.58 26.06 12.48
C PRO T 11 6.92 26.75 12.27
N LEU T 12 7.96 26.15 12.83
CA LEU T 12 9.34 26.59 12.62
C LEU T 12 10.11 25.52 11.86
N ASP T 13 11.03 25.97 11.02
CA ASP T 13 11.91 25.08 10.27
C ASP T 13 13.36 25.40 10.62
N HIS T 14 14.29 24.78 9.89
CA HIS T 14 15.70 24.96 10.17
C HIS T 14 16.13 26.41 9.95
N GLU T 15 15.63 27.05 8.90
CA GLU T 15 16.01 28.42 8.61
C GLU T 15 15.46 29.39 9.64
N LYS T 16 14.21 29.19 10.07
CA LYS T 16 13.58 30.12 11.00
C LYS T 16 14.17 29.99 12.40
N ARG T 17 14.45 28.77 12.85
CA ARG T 17 15.09 28.60 14.16
C ARG T 17 16.51 29.15 14.14
N ASN T 18 17.25 28.95 13.05
CA ASN T 18 18.61 29.44 12.98
C ASN T 18 18.65 30.96 12.91
N MET T 19 17.71 31.58 12.19
CA MET T 19 17.64 33.03 12.14
C MET T 19 17.36 33.62 13.51
N LEU T 20 16.40 33.05 14.24
CA LEU T 20 16.14 33.49 15.60
C LEU T 20 17.34 33.21 16.51
N THR T 21 18.07 32.13 16.24
CA THR T 21 19.25 31.81 17.05
C THR T 21 20.32 32.88 16.90
N LYS T 22 20.59 33.31 15.67
CA LYS T 22 21.63 34.31 15.45
C LYS T 22 21.23 35.66 16.06
N VAL T 23 19.95 36.00 16.01
CA VAL T 23 19.50 37.25 16.63
C VAL T 23 19.61 37.15 18.15
N TYR T 24 19.24 36.00 18.72
CA TYR T 24 19.37 35.81 20.16
C TYR T 24 20.81 35.86 20.60
N ARG T 25 21.74 35.45 19.73
CA ARG T 25 23.16 35.59 20.05
C ARG T 25 23.58 37.06 20.10
N ILE T 26 23.05 37.88 19.20
CA ILE T 26 23.37 39.30 19.21
C ILE T 26 22.79 39.96 20.45
N VAL T 27 21.55 39.61 20.82
CA VAL T 27 20.93 40.19 22.00
C VAL T 27 21.71 39.83 23.25
N THR T 28 22.14 38.57 23.37
CA THR T 28 22.89 38.14 24.53
C THR T 28 24.22 38.86 24.65
N ASP T 29 24.88 39.12 23.53
CA ASP T 29 26.19 39.75 23.56
C ASP T 29 26.09 41.25 23.77
N THR T 30 25.30 41.94 22.94
CA THR T 30 25.28 43.40 22.96
C THR T 30 24.43 43.93 24.12
N ILE T 31 23.20 43.44 24.24
CA ILE T 31 22.27 44.01 25.23
C ILE T 31 22.50 43.41 26.61
N LEU T 32 22.61 42.09 26.70
CA LEU T 32 22.75 41.43 27.99
C LEU T 32 24.19 41.41 28.51
N GLY T 33 25.17 41.61 27.64
CA GLY T 33 26.55 41.64 28.08
C GLY T 33 27.11 40.30 28.52
N LYS T 34 26.53 39.20 28.05
CA LYS T 34 27.03 37.88 28.37
C LYS T 34 27.51 37.18 27.10
N PRO T 35 28.45 36.23 27.23
CA PRO T 35 28.93 35.51 26.05
C PRO T 35 27.80 34.93 25.21
N ALA T 36 27.95 35.04 23.89
CA ALA T 36 26.90 34.57 22.98
C ALA T 36 26.79 33.05 22.97
N GLU T 37 27.86 32.34 23.32
CA GLU T 37 27.79 30.89 23.37
C GLU T 37 27.09 30.39 24.63
N LEU T 38 26.96 31.23 25.65
CA LEU T 38 26.40 30.84 26.93
C LEU T 38 24.88 30.93 26.99
N VAL T 39 24.24 31.38 25.93
CA VAL T 39 22.78 31.41 25.88
C VAL T 39 22.27 30.11 25.29
N MET T 40 21.24 29.54 25.92
CA MET T 40 20.59 28.34 25.42
C MET T 40 19.19 28.69 24.91
N MET T 41 18.89 28.26 23.70
CA MET T 41 17.66 28.62 23.01
C MET T 41 16.88 27.36 22.68
N THR T 42 15.74 27.19 23.34
CA THR T 42 14.81 26.11 23.03
C THR T 42 13.64 26.66 22.24
N PHE T 43 13.13 25.85 21.32
CA PHE T 43 12.08 26.26 20.41
C PHE T 43 10.90 25.30 20.51
N HIS T 44 9.69 25.87 20.55
CA HIS T 44 8.45 25.11 20.70
C HIS T 44 7.44 25.69 19.71
N ASP T 45 7.43 25.16 18.50
CA ASP T 45 6.55 25.64 17.44
C ASP T 45 5.25 24.84 17.44
N SER T 46 4.29 25.34 16.64
CA SER T 46 2.97 24.72 16.50
C SER T 46 2.28 24.55 17.85
N THR T 47 2.50 25.49 18.76
CA THR T 47 1.93 25.40 20.10
C THR T 47 0.48 25.89 20.07
N PRO T 48 -0.47 25.09 20.58
CA PRO T 48 -1.85 25.58 20.69
C PRO T 48 -1.94 26.76 21.64
N MET T 49 -2.20 27.94 21.10
CA MET T 49 -2.20 29.17 21.88
C MET T 49 -3.43 30.00 21.56
N HIS T 50 -4.10 30.50 22.60
CA HIS T 50 -5.22 31.42 22.48
C HIS T 50 -4.83 32.75 23.09
N PHE T 51 -5.11 33.84 22.38
CA PHE T 51 -4.78 35.17 22.86
C PHE T 51 -5.63 36.20 22.13
N PHE T 52 -6.21 37.13 22.89
CA PHE T 52 -7.02 38.22 22.34
C PHE T 52 -8.19 37.68 21.52
N GLY T 53 -8.83 36.63 22.03
CA GLY T 53 -10.04 36.11 21.42
C GLY T 53 -9.87 35.42 20.10
N SER T 54 -8.66 34.99 19.75
CA SER T 54 -8.44 34.30 18.49
C SER T 54 -7.20 33.43 18.60
N THR T 55 -7.09 32.48 17.67
CA THR T 55 -5.93 31.61 17.54
C THR T 55 -5.02 32.04 16.40
N ASP T 56 -5.05 33.32 16.03
CA ASP T 56 -4.17 33.84 15.00
C ASP T 56 -2.72 33.71 15.46
N PRO T 57 -1.76 33.77 14.53
CA PRO T 57 -0.34 33.62 14.90
C PRO T 57 0.05 34.49 16.09
N VAL T 58 0.74 33.88 17.05
CA VAL T 58 1.08 34.51 18.31
C VAL T 58 2.37 33.89 18.83
N ALA T 59 3.16 34.67 19.55
CA ALA T 59 4.44 34.21 20.06
C ALA T 59 4.60 34.61 21.52
N CYS T 60 5.29 33.76 22.26
CA CYS T 60 5.62 34.02 23.67
C CYS T 60 7.06 33.59 23.90
N VAL T 61 7.95 34.57 24.07
CA VAL T 61 9.37 34.31 24.30
C VAL T 61 9.67 34.56 25.76
N ARG T 62 10.25 33.55 26.42
CA ARG T 62 10.57 33.62 27.84
C ARG T 62 12.08 33.72 28.01
N VAL T 63 12.53 34.74 28.72
CA VAL T 63 13.94 35.03 28.91
C VAL T 63 14.29 34.83 30.38
N GLU T 64 15.34 34.07 30.64
CA GLU T 64 15.82 33.80 32.00
C GLU T 64 17.32 34.06 32.05
N ALA T 65 17.71 35.04 32.86
CA ALA T 65 19.12 35.41 33.01
C ALA T 65 19.47 35.44 34.48
N LEU T 66 20.54 34.73 34.84
CA LEU T 66 21.01 34.73 36.22
C LEU T 66 21.62 36.09 36.56
N GLY T 67 21.19 36.67 37.66
CA GLY T 67 21.68 37.97 38.09
C GLY T 67 20.85 39.16 37.67
N GLY T 68 19.60 38.95 37.26
CA GLY T 68 18.74 40.05 36.88
C GLY T 68 19.16 40.73 35.59
N TYR T 69 18.58 41.90 35.37
CA TYR T 69 18.83 42.68 34.16
C TYR T 69 19.18 44.11 34.55
N GLY T 70 20.06 44.71 33.75
CA GLY T 70 20.45 46.08 33.96
C GLY T 70 19.35 47.04 33.53
N PRO T 71 19.47 48.31 33.93
CA PRO T 71 18.47 49.29 33.51
C PRO T 71 18.44 49.43 31.99
N SER T 72 17.23 49.45 31.43
CA SER T 72 16.98 49.68 30.01
C SER T 72 17.29 48.42 29.20
N GLU T 73 17.86 47.40 29.85
CA GLU T 73 18.14 46.15 29.13
C GLU T 73 16.87 45.44 28.68
N PRO T 74 15.86 45.21 29.53
CA PRO T 74 14.66 44.51 29.03
C PRO T 74 13.94 45.23 27.91
N GLU T 75 13.91 46.56 27.95
CA GLU T 75 13.24 47.32 26.89
C GLU T 75 13.96 47.13 25.55
N LYS T 76 15.28 47.01 25.58
CA LYS T 76 16.02 46.82 24.33
C LYS T 76 15.86 45.39 23.82
N VAL T 77 15.84 44.40 24.74
CA VAL T 77 15.63 43.02 24.32
C VAL T 77 14.26 42.86 23.69
N THR T 78 13.22 43.44 24.31
CA THR T 78 11.87 43.34 23.78
C THR T 78 11.78 43.94 22.38
N LYS T 79 12.49 45.04 22.14
CA LYS T 79 12.47 45.67 20.82
C LYS T 79 13.06 44.75 19.76
N VAL T 80 14.26 44.22 20.01
CA VAL T 80 14.92 43.39 19.01
C VAL T 80 14.19 42.07 18.83
N VAL T 81 13.75 41.45 19.93
CA VAL T 81 13.07 40.16 19.84
C VAL T 81 11.77 40.28 19.09
N THR T 82 10.98 41.33 19.38
CA THR T 82 9.71 41.51 18.69
C THR T 82 9.93 41.73 17.19
N ASP T 83 10.97 42.50 16.83
CA ASP T 83 11.29 42.69 15.42
C ASP T 83 11.69 41.37 14.76
N ALA T 84 12.48 40.55 15.45
CA ALA T 84 12.94 39.30 14.88
C ALA T 84 11.77 38.33 14.69
N ILE T 85 10.90 38.22 15.68
CA ILE T 85 9.76 37.31 15.58
C ILE T 85 8.83 37.75 14.46
N SER T 86 8.62 39.07 14.33
CA SER T 86 7.74 39.57 13.28
C SER T 86 8.33 39.30 11.89
N TYR T 87 9.64 39.47 11.74
CA TYR T 87 10.27 39.22 10.44
C TYR T 87 10.31 37.73 10.13
N VAL T 88 10.64 36.90 11.11
CA VAL T 88 10.88 35.48 10.86
C VAL T 88 9.57 34.72 10.73
N CYS T 89 8.66 34.91 11.69
CA CYS T 89 7.44 34.12 11.77
C CYS T 89 6.21 34.83 11.23
N GLY T 90 6.33 36.08 10.82
CA GLY T 90 5.18 36.81 10.34
C GLY T 90 4.15 37.13 11.40
N ILE T 91 4.53 37.09 12.66
CA ILE T 91 3.63 37.36 13.77
C ILE T 91 3.64 38.86 14.05
N VAL T 92 2.45 39.45 14.16
CA VAL T 92 2.35 40.89 14.39
C VAL T 92 2.87 41.24 15.78
N ALA T 93 3.18 42.53 15.97
CA ALA T 93 3.87 42.96 17.18
C ALA T 93 2.96 42.86 18.40
N ASP T 94 1.69 43.26 18.28
CA ASP T 94 0.78 43.23 19.42
C ASP T 94 0.27 41.82 19.74
N ARG T 95 0.89 40.79 19.18
CA ARG T 95 0.64 39.40 19.56
C ARG T 95 1.93 38.69 19.91
N ILE T 96 2.88 39.43 20.49
CA ILE T 96 4.19 38.89 20.86
C ILE T 96 4.45 39.27 22.31
N PHE T 97 4.49 38.27 23.18
CA PHE T 97 4.85 38.47 24.59
C PHE T 97 6.31 38.12 24.80
N VAL T 98 6.98 38.92 25.63
CA VAL T 98 8.35 38.66 26.04
C VAL T 98 8.40 38.75 27.57
N LEU T 99 8.59 37.61 28.22
CA LEU T 99 8.65 37.54 29.67
C LEU T 99 10.10 37.48 30.13
N TYR T 100 10.39 38.12 31.26
CA TYR T 100 11.74 38.20 31.80
C TYR T 100 11.75 37.64 33.21
N PHE T 101 12.58 36.64 33.44
CA PHE T 101 12.73 36.02 34.76
C PHE T 101 14.21 35.98 35.13
N SER T 102 14.47 35.71 36.40
CA SER T 102 15.84 35.56 36.89
C SER T 102 15.88 34.41 37.88
N PRO T 103 16.47 33.27 37.51
CA PRO T 103 16.46 32.12 38.40
C PRO T 103 17.28 32.37 39.66
N LEU T 104 16.89 31.69 40.74
CA LEU T 104 17.62 31.79 41.99
C LEU T 104 19.05 31.26 41.83
N HIS T 105 19.18 30.10 41.20
CA HIS T 105 20.48 29.48 40.98
C HIS T 105 20.46 28.78 39.63
N CYS T 106 21.62 28.72 38.99
CA CYS T 106 21.77 28.06 37.70
C CYS T 106 22.98 27.13 37.77
N GLY T 107 22.77 25.88 37.35
CA GLY T 107 23.84 24.90 37.31
C GLY T 107 24.35 24.71 35.89
N TRP T 108 25.67 24.55 35.77
CA TRP T 108 26.29 24.31 34.48
C TRP T 108 27.61 23.58 34.70
N ASN T 109 27.85 22.56 33.89
CA ASN T 109 29.04 21.70 34.00
C ASN T 109 29.12 21.05 35.38
N GLY T 110 27.97 20.71 35.96
CA GLY T 110 27.93 20.02 37.23
C GLY T 110 28.07 20.90 38.45
N THR T 111 28.37 22.19 38.29
CA THR T 111 28.53 23.11 39.41
C THR T 111 27.66 24.33 39.19
N ASN T 112 27.14 24.88 40.29
CA ASN T 112 26.32 26.09 40.21
C ASN T 112 27.18 27.30 39.87
N LEU T 113 26.68 28.14 38.97
CA LEU T 113 27.40 29.33 38.55
C LEU T 113 27.17 30.49 39.52
N SER U 2 15.34 23.21 -17.97
CA SER U 2 14.91 23.56 -19.31
C SER U 2 15.12 25.04 -19.60
N VAL U 3 14.89 25.87 -18.58
CA VAL U 3 15.08 27.31 -18.67
C VAL U 3 16.25 27.67 -17.77
N ASN U 4 17.38 28.03 -18.39
CA ASN U 4 18.58 28.41 -17.65
C ASN U 4 18.54 29.91 -17.39
N THR U 5 18.54 30.28 -16.12
CA THR U 5 18.51 31.67 -15.69
C THR U 5 19.78 32.00 -14.93
N SER U 6 20.47 33.06 -15.35
CA SER U 6 21.73 33.45 -14.74
C SER U 6 21.78 34.95 -14.54
N PHE U 7 22.33 35.37 -13.40
CA PHE U 7 22.46 36.79 -13.06
C PHE U 7 23.88 37.24 -13.42
N LEU U 8 24.00 38.08 -14.44
CA LEU U 8 25.26 38.76 -14.70
C LEU U 8 25.47 39.92 -13.74
N SER U 9 24.37 40.50 -13.26
CA SER U 9 24.40 41.57 -12.28
C SER U 9 23.06 41.54 -11.56
N PRO U 10 22.92 42.28 -10.46
CA PRO U 10 21.60 42.34 -9.80
C PRO U 10 20.46 42.72 -10.74
N SER U 11 20.73 43.53 -11.76
CA SER U 11 19.70 44.00 -12.68
C SER U 11 19.93 43.53 -14.11
N LEU U 12 20.68 42.45 -14.30
CA LEU U 12 20.95 41.92 -15.63
C LEU U 12 20.89 40.40 -15.58
N VAL U 13 19.95 39.82 -16.31
CA VAL U 13 19.69 38.38 -16.27
C VAL U 13 19.61 37.86 -17.70
N THR U 14 20.31 36.76 -17.96
CA THR U 14 20.19 36.03 -19.22
C THR U 14 19.27 34.84 -19.03
N ILE U 15 18.32 34.67 -19.95
CA ILE U 15 17.31 33.62 -19.86
C ILE U 15 17.35 32.82 -21.16
N ARG U 16 17.70 31.53 -21.04
CA ARG U 16 17.82 30.64 -22.19
C ARG U 16 16.77 29.55 -22.04
N ASP U 17 15.81 29.51 -22.98
CA ASP U 17 14.76 28.50 -23.00
C ASP U 17 15.14 27.45 -24.04
N PHE U 18 15.56 26.28 -23.56
CA PHE U 18 15.98 25.22 -24.48
C PHE U 18 14.82 24.63 -25.25
N ASP U 19 13.71 24.36 -24.57
CA ASP U 19 12.58 23.70 -25.22
C ASP U 19 11.95 24.55 -26.30
N LYS U 20 11.97 25.87 -26.15
CA LYS U 20 11.39 26.78 -27.12
C LYS U 20 12.43 27.47 -27.99
N GLY U 21 13.70 27.14 -27.82
CA GLY U 21 14.75 27.70 -28.66
C GLY U 21 14.85 29.21 -28.62
N GLN U 22 14.74 29.80 -27.43
CA GLN U 22 14.77 31.24 -27.27
C GLN U 22 15.92 31.66 -26.38
N PHE U 23 16.33 32.92 -26.54
CA PHE U 23 17.29 33.54 -25.65
C PHE U 23 16.87 34.99 -25.47
N ALA U 24 16.72 35.41 -24.21
CA ALA U 24 16.29 36.77 -23.90
C ALA U 24 17.14 37.33 -22.78
N VAL U 25 17.32 38.64 -22.79
CA VAL U 25 18.09 39.36 -21.79
C VAL U 25 17.12 40.21 -20.98
N LEU U 26 16.92 39.83 -19.72
CA LEU U 26 16.11 40.63 -18.80
C LEU U 26 16.99 41.63 -18.07
N ARG U 27 16.61 42.90 -18.14
CA ARG U 27 17.35 43.94 -17.44
C ARG U 27 16.38 44.93 -16.81
N ILE U 28 16.70 45.36 -15.59
CA ILE U 28 15.94 46.41 -14.91
C ILE U 28 16.66 47.72 -15.23
N GLY U 29 16.28 48.31 -16.36
CA GLY U 29 17.10 49.36 -16.94
C GLY U 29 17.08 50.67 -16.17
N ARG U 30 15.88 51.22 -15.94
CA ARG U 30 15.79 52.57 -15.42
C ARG U 30 16.26 52.65 -13.98
N THR U 31 15.84 51.70 -13.13
CA THR U 31 16.16 51.78 -11.71
C THR U 31 17.41 51.00 -11.33
N GLY U 32 17.72 49.92 -12.04
CA GLY U 32 18.80 49.06 -11.62
C GLY U 32 18.50 48.19 -10.43
N PHE U 33 17.22 48.07 -10.07
CA PHE U 33 16.83 47.26 -8.93
C PHE U 33 17.11 45.79 -9.20
N PRO U 34 17.22 44.97 -8.16
CA PRO U 34 17.41 43.53 -8.36
C PRO U 34 16.18 42.91 -9.01
N ALA U 35 16.42 42.08 -10.03
CA ALA U 35 15.33 41.36 -10.67
C ALA U 35 14.81 40.27 -9.74
N ASP U 36 13.51 40.29 -9.49
CA ASP U 36 12.88 39.30 -8.64
C ASP U 36 12.15 38.26 -9.50
N LYS U 37 11.52 37.30 -8.83
CA LYS U 37 10.80 36.24 -9.55
C LYS U 37 9.67 36.80 -10.39
N GLY U 38 9.07 37.91 -9.96
CA GLY U 38 8.01 38.52 -10.75
C GLY U 38 8.52 39.09 -12.06
N ASP U 39 9.73 39.65 -12.05
CA ASP U 39 10.31 40.18 -13.29
C ASP U 39 10.63 39.05 -14.27
N ILE U 40 11.14 37.92 -13.76
CA ILE U 40 11.50 36.82 -14.62
C ILE U 40 10.26 36.18 -15.23
N ASP U 41 9.21 35.99 -14.42
CA ASP U 41 7.95 35.49 -14.96
C ASP U 41 7.40 36.43 -16.03
N LEU U 42 7.51 37.75 -15.79
CA LEU U 42 7.09 38.72 -16.79
C LEU U 42 7.90 38.57 -18.07
N CYS U 43 9.20 38.33 -17.95
CA CYS U 43 10.04 38.16 -19.14
C CYS U 43 9.66 36.89 -19.89
N LEU U 44 9.43 35.79 -19.17
CA LEU U 44 9.03 34.55 -19.81
C LEU U 44 7.67 34.67 -20.48
N SER U 45 6.76 35.46 -19.90
CA SER U 45 5.46 35.67 -20.54
C SER U 45 5.60 36.43 -21.86
N LYS U 46 6.52 37.40 -21.91
CA LYS U 46 6.73 38.14 -23.15
C LYS U 46 7.45 37.28 -24.19
N MET U 47 8.35 36.40 -23.74
CA MET U 47 8.94 35.42 -24.65
C MET U 47 7.88 34.50 -25.22
N ASP U 48 6.85 34.19 -24.44
CA ASP U 48 5.72 33.40 -24.95
C ASP U 48 4.98 34.14 -26.05
N GLY U 49 4.71 35.43 -25.83
CA GLY U 49 3.94 36.19 -26.80
C GLY U 49 4.65 36.33 -28.14
N VAL U 50 5.96 36.56 -28.12
CA VAL U 50 6.73 36.65 -29.35
C VAL U 50 6.67 35.32 -30.11
N LEU U 51 6.64 34.20 -29.37
CA LEU U 51 6.50 32.90 -30.02
C LEU U 51 5.13 32.75 -30.67
N ALA U 52 4.09 33.26 -30.03
CA ALA U 52 2.76 33.23 -30.63
C ALA U 52 2.68 34.14 -31.85
N ALA U 53 3.26 35.34 -31.75
CA ALA U 53 3.25 36.27 -32.88
C ALA U 53 4.00 35.69 -34.08
N GLN U 54 5.06 34.93 -33.81
CA GLN U 54 5.78 34.26 -34.89
C GLN U 54 4.87 33.30 -35.64
N LEU U 55 4.00 32.58 -34.91
CA LEU U 55 3.09 31.64 -35.55
C LEU U 55 2.04 32.33 -36.41
N TYR U 56 1.74 33.61 -36.15
CA TYR U 56 0.86 34.36 -37.03
C TYR U 56 1.49 34.61 -38.39
N LEU U 57 2.82 34.60 -38.46
CA LEU U 57 3.53 34.83 -39.72
C LEU U 57 3.91 33.53 -40.42
N GLY U 58 4.01 32.43 -39.70
CA GLY U 58 4.37 31.16 -40.29
C GLY U 58 4.98 30.22 -39.27
N ASN U 59 4.88 28.93 -39.55
CA ASN U 59 5.44 27.90 -38.69
C ASN U 59 6.95 27.79 -38.93
N PRO U 60 7.78 28.19 -37.95
CA PRO U 60 9.22 28.15 -38.17
C PRO U 60 9.80 26.75 -38.24
N ARG U 61 9.08 25.74 -37.77
CA ARG U 61 9.55 24.36 -37.86
C ARG U 61 9.25 23.72 -39.21
N GLU U 62 8.63 24.45 -40.13
CA GLU U 62 8.41 23.91 -41.47
C GLU U 62 9.75 23.80 -42.20
N PRO U 63 9.99 22.70 -42.90
CA PRO U 63 11.24 22.57 -43.66
C PRO U 63 11.32 23.59 -44.78
N GLY U 64 12.50 24.18 -44.94
CA GLY U 64 12.67 25.23 -45.93
C GLY U 64 11.87 26.48 -45.63
N PHE U 65 11.80 26.86 -44.36
CA PHE U 65 10.99 28.01 -43.96
C PHE U 65 11.62 29.30 -44.49
N LYS U 66 10.88 29.99 -45.36
CA LYS U 66 11.34 31.23 -45.97
C LYS U 66 11.08 32.45 -45.10
N GLY U 67 10.73 32.26 -43.83
CA GLY U 67 10.51 33.36 -42.93
C GLY U 67 9.17 34.02 -43.12
N PRO U 68 9.02 35.24 -42.59
CA PRO U 68 10.01 35.98 -41.79
C PRO U 68 10.08 35.51 -40.35
N HIS U 69 11.06 35.98 -39.59
CA HIS U 69 11.27 35.57 -38.21
C HIS U 69 11.02 36.72 -37.26
N ILE U 70 10.30 36.44 -36.18
CA ILE U 70 10.18 37.36 -35.04
C ILE U 70 10.94 36.73 -33.88
N ARG U 71 11.95 37.44 -33.39
CA ARG U 71 12.86 36.91 -32.38
C ARG U 71 12.97 37.89 -31.23
N ILE U 72 12.63 37.45 -30.02
CA ILE U 72 12.78 38.31 -28.86
C ILE U 72 14.26 38.43 -28.50
N ARG U 73 14.64 39.62 -28.04
CA ARG U 73 16.03 39.90 -27.70
C ARG U 73 16.21 40.34 -26.26
N CYS U 74 15.46 41.35 -25.82
CA CYS U 74 15.64 41.90 -24.48
C CYS U 74 14.30 42.40 -23.95
N VAL U 75 14.07 42.18 -22.67
CA VAL U 75 12.93 42.72 -21.95
C VAL U 75 13.48 43.68 -20.90
N ASP U 76 13.25 44.98 -21.12
CA ASP U 76 13.74 46.03 -20.23
C ASP U 76 12.58 46.52 -19.38
N ILE U 77 12.67 46.29 -18.08
CA ILE U 77 11.59 46.59 -17.15
C ILE U 77 11.83 47.95 -16.50
N ASP U 78 10.79 48.78 -16.48
CA ASP U 78 10.79 50.06 -15.78
C ASP U 78 9.83 49.95 -14.61
N ASP U 79 10.37 49.87 -13.39
CA ASP U 79 9.56 49.71 -12.19
C ASP U 79 9.71 50.88 -11.24
N LYS U 80 10.11 52.05 -11.73
CA LYS U 80 10.31 53.21 -10.88
C LYS U 80 8.98 53.67 -10.28
N HIS U 81 8.04 54.07 -11.12
CA HIS U 81 6.71 54.47 -10.67
C HIS U 81 5.69 53.39 -10.98
N THR U 82 5.20 53.37 -12.22
CA THR U 82 4.33 52.32 -12.68
C THR U 82 5.13 51.17 -13.27
N TYR U 83 4.50 50.02 -13.38
CA TYR U 83 5.17 48.78 -13.80
C TYR U 83 5.09 48.68 -15.32
N ASN U 84 6.21 48.96 -15.99
CA ASN U 84 6.28 48.96 -17.44
C ASN U 84 7.35 47.99 -17.92
N ALA U 85 7.30 47.67 -19.21
CA ALA U 85 8.28 46.79 -19.83
C ALA U 85 8.40 47.15 -21.31
N MET U 86 9.64 47.24 -21.79
CA MET U 86 9.93 47.49 -23.20
C MET U 86 10.56 46.24 -23.79
N VAL U 87 9.89 45.64 -24.78
CA VAL U 87 10.33 44.40 -25.40
C VAL U 87 11.05 44.73 -26.70
N TYR U 88 12.27 44.22 -26.83
CA TYR U 88 13.08 44.44 -28.03
C TYR U 88 13.08 43.15 -28.85
N VAL U 89 12.50 43.22 -30.04
CA VAL U 89 12.40 42.07 -30.93
C VAL U 89 13.08 42.40 -32.25
N ASP U 90 13.52 41.36 -32.95
CA ASP U 90 14.10 41.48 -34.27
C ASP U 90 13.18 40.83 -35.30
N LEU U 91 12.89 41.56 -36.37
CA LEU U 91 12.13 41.04 -37.50
C LEU U 91 13.12 40.74 -38.61
N ILE U 92 13.27 39.46 -38.94
CA ILE U 92 14.25 39.00 -39.92
C ILE U 92 13.51 38.54 -41.17
N VAL U 93 13.69 39.26 -42.26
CA VAL U 93 13.10 38.91 -43.54
C VAL U 93 14.21 38.43 -44.48
N GLY U 94 13.80 37.70 -45.51
CA GLY U 94 14.77 37.21 -46.49
C GLY U 94 15.40 38.35 -47.27
N THR U 95 16.65 38.13 -47.68
CA THR U 95 17.37 39.14 -48.44
C THR U 95 16.75 39.39 -49.80
N GLY U 96 16.17 38.36 -50.42
CA GLY U 96 15.56 38.50 -51.72
C GLY U 96 14.14 39.02 -51.73
N ALA U 97 13.63 39.48 -50.59
CA ALA U 97 12.26 39.97 -50.53
C ALA U 97 12.20 41.41 -51.02
N SER U 98 11.13 41.73 -51.75
CA SER U 98 10.92 43.08 -52.24
C SER U 98 10.55 44.01 -51.08
N GLU U 99 10.46 45.31 -51.39
CA GLU U 99 10.07 46.28 -50.38
C GLU U 99 8.64 46.03 -49.90
N VAL U 100 7.70 45.91 -50.84
CA VAL U 100 6.31 45.70 -50.49
C VAL U 100 6.16 44.44 -49.63
N GLU U 101 6.94 43.41 -49.94
CA GLU U 101 6.94 42.21 -49.10
C GLU U 101 7.47 42.51 -47.70
N ARG U 102 8.47 43.39 -47.61
CA ARG U 102 9.05 43.71 -46.31
C ARG U 102 8.09 44.52 -45.45
N GLU U 103 7.57 45.62 -45.99
CA GLU U 103 6.66 46.47 -45.22
C GLU U 103 5.37 45.75 -44.87
N THR U 104 4.96 44.76 -45.67
CA THR U 104 3.82 43.94 -45.31
C THR U 104 4.17 43.01 -44.14
N ALA U 105 5.37 42.42 -44.18
CA ALA U 105 5.83 41.60 -43.06
C ALA U 105 5.95 42.41 -41.78
N GLU U 106 6.31 43.69 -41.91
CA GLU U 106 6.40 44.56 -40.73
C GLU U 106 5.02 44.77 -40.11
N GLU U 107 4.02 45.12 -40.93
CA GLU U 107 2.69 45.41 -40.41
C GLU U 107 2.06 44.15 -39.81
N ARG U 108 2.21 43.01 -40.46
CA ARG U 108 1.67 41.77 -39.92
C ARG U 108 2.30 41.41 -38.58
N ALA U 109 3.58 41.73 -38.40
CA ALA U 109 4.25 41.40 -37.15
C ALA U 109 3.94 42.43 -36.07
N ARG U 110 3.94 43.72 -36.43
CA ARG U 110 3.62 44.76 -35.45
C ARG U 110 2.20 44.64 -34.94
N ARG U 111 1.25 44.36 -35.84
CA ARG U 111 -0.13 44.16 -35.44
C ARG U 111 -0.30 42.91 -34.58
N ALA U 112 0.49 41.86 -34.86
CA ALA U 112 0.41 40.65 -34.05
C ALA U 112 1.08 40.84 -32.69
N LEU U 113 2.22 41.53 -32.67
CA LEU U 113 2.91 41.77 -31.41
C LEU U 113 2.08 42.61 -30.45
N ALA U 114 1.27 43.54 -30.99
CA ALA U 114 0.45 44.38 -30.13
C ALA U 114 -0.57 43.56 -29.34
N VAL U 115 -1.03 42.45 -29.91
CA VAL U 115 -2.00 41.58 -29.22
C VAL U 115 -1.28 40.59 -28.32
N ALA U 116 -0.16 40.03 -28.78
CA ALA U 116 0.54 39.01 -28.00
C ALA U 116 1.18 39.62 -26.75
N LEU U 117 1.84 40.75 -26.90
CA LEU U 117 2.51 41.41 -25.78
C LEU U 117 1.57 42.29 -24.96
N ARG U 118 0.33 42.48 -25.40
CA ARG U 118 -0.66 43.30 -24.71
C ARG U 118 -0.15 44.73 -24.50
N VAL U 119 0.00 45.42 -25.62
CA VAL U 119 0.57 46.76 -25.62
C VAL U 119 -0.46 47.76 -25.09
N ASP U 120 0.02 48.69 -24.26
CA ASP U 120 -0.78 49.82 -23.77
C ASP U 120 -1.93 49.36 -22.87
N GLU U 121 -1.72 48.29 -22.11
CA GLU U 121 -2.72 47.81 -21.17
C GLU U 121 -2.06 46.92 -20.14
N ALA U 122 -2.69 46.82 -18.97
CA ALA U 122 -2.19 45.96 -17.91
C ALA U 122 -2.41 44.50 -18.28
N ASP U 123 -1.32 43.74 -18.39
CA ASP U 123 -1.40 42.35 -18.79
C ASP U 123 -1.69 41.48 -17.57
N GLU U 124 -1.39 40.19 -17.64
CA GLU U 124 -1.62 39.28 -16.53
C GLU U 124 -0.72 39.57 -15.33
N HIS U 125 0.32 40.37 -15.50
CA HIS U 125 1.25 40.71 -14.42
C HIS U 125 1.13 42.17 -14.00
N SER U 126 0.02 42.83 -14.35
CA SER U 126 -0.19 44.26 -14.06
C SER U 126 0.95 45.10 -14.65
N CYS U 127 1.34 44.78 -15.88
CA CYS U 127 2.46 45.43 -16.54
C CYS U 127 1.99 46.08 -17.83
N VAL U 128 2.37 47.34 -18.03
CA VAL U 128 2.06 48.06 -19.26
C VAL U 128 3.23 47.83 -20.21
N THR U 129 2.97 47.15 -21.32
CA THR U 129 4.03 46.68 -22.21
C THR U 129 4.10 47.53 -23.47
N GLN U 130 5.32 47.82 -23.90
CA GLN U 130 5.59 48.38 -25.21
C GLN U 130 6.70 47.58 -25.88
N PHE U 131 6.78 47.66 -27.20
CA PHE U 131 7.75 46.89 -27.95
C PHE U 131 8.49 47.78 -28.95
N GLU U 132 9.65 47.29 -29.38
CA GLU U 132 10.47 47.98 -30.36
C GLU U 132 11.05 46.94 -31.30
N MET U 133 10.84 47.14 -32.60
CA MET U 133 11.16 46.14 -33.61
C MET U 133 12.33 46.62 -34.47
N LYS U 134 13.34 45.75 -34.60
CA LYS U 134 14.49 46.02 -35.45
C LYS U 134 14.42 45.11 -36.67
N LEU U 135 14.42 45.71 -37.85
CA LEU U 135 14.32 44.95 -39.09
C LEU U 135 15.71 44.53 -39.55
N ARG U 136 15.85 43.25 -39.90
CA ARG U 136 17.08 42.70 -40.45
C ARG U 136 16.77 41.93 -41.73
N GLU U 137 17.75 41.84 -42.60
CA GLU U 137 17.64 41.09 -43.85
C GLU U 137 18.81 40.12 -43.93
N GLU U 138 18.50 38.82 -43.87
CA GLU U 138 19.52 37.79 -43.86
C GLU U 138 19.16 36.70 -44.87
N LEU U 139 20.18 36.13 -45.51
CA LEU U 139 19.99 34.96 -46.36
C LEU U 139 19.65 33.78 -45.46
N LEU U 140 18.35 33.44 -45.40
CA LEU U 140 17.90 32.42 -44.46
C LEU U 140 18.49 31.05 -44.76
N SER U 141 18.94 30.82 -45.99
CA SER U 141 19.59 29.57 -46.36
C SER U 141 21.08 29.57 -46.08
N SER U 142 21.63 30.68 -45.58
CA SER U 142 23.06 30.73 -45.27
C SER U 142 23.38 29.81 -44.10
N ASP U 143 24.51 29.10 -44.20
CA ASP U 143 24.95 28.21 -43.14
C ASP U 143 25.48 28.97 -41.93
N SER U 144 25.75 30.27 -42.05
CA SER U 144 26.19 31.09 -40.93
C SER U 144 25.06 31.91 -40.32
N PHE U 145 23.81 31.58 -40.64
CA PHE U 145 22.66 32.31 -40.13
C PHE U 145 21.94 31.49 -39.07
N HIS U 146 21.53 32.17 -38.00
CA HIS U 146 20.66 31.60 -36.98
C HIS U 146 19.79 32.75 -36.51
N PRO U 147 18.49 32.51 -36.32
CA PRO U 147 17.61 33.60 -35.87
C PRO U 147 18.00 34.21 -34.54
N ASP U 148 18.83 33.52 -33.74
CA ASP U 148 19.25 34.01 -32.44
C ASP U 148 20.78 34.09 -32.34
N LYS U 149 21.43 34.55 -33.42
CA LYS U 149 22.86 34.79 -33.38
C LYS U 149 23.22 35.71 -32.22
N ASP U 150 24.36 35.44 -31.58
CA ASP U 150 24.76 36.23 -30.43
C ASP U 150 25.09 37.67 -30.80
N GLU U 151 25.37 37.94 -32.07
CA GLU U 151 25.57 39.33 -32.51
C GLU U 151 24.29 40.12 -32.41
N TYR U 152 23.13 39.46 -32.56
CA TYR U 152 21.85 40.15 -32.46
C TYR U 152 21.57 40.65 -31.05
N TYR U 153 22.40 40.31 -30.07
CA TYR U 153 22.20 40.70 -28.68
C TYR U 153 23.26 41.67 -28.17
N LYS U 154 24.08 42.24 -29.06
CA LYS U 154 25.18 43.10 -28.61
C LYS U 154 24.66 44.33 -27.87
N ASP U 155 23.56 44.92 -28.37
CA ASP U 155 23.06 46.17 -27.79
C ASP U 155 22.54 46.01 -26.37
N PHE U 156 22.27 44.78 -25.94
CA PHE U 156 21.68 44.55 -24.63
C PHE U 156 22.60 43.81 -23.66
N LEU U 157 23.66 43.19 -24.15
CA LEU U 157 24.62 42.53 -23.27
C LEU U 157 25.91 43.33 -23.16
N PRO V 2 -16.31 35.38 -30.59
CA PRO V 2 -16.37 34.07 -31.26
C PRO V 2 -16.02 32.91 -30.33
N VAL V 3 -16.22 31.69 -30.81
CA VAL V 3 -15.96 30.48 -30.03
C VAL V 3 -15.07 29.56 -30.87
N ILE V 4 -13.98 29.09 -30.29
CA ILE V 4 -13.04 28.19 -30.95
C ILE V 4 -12.92 26.92 -30.12
N GLN V 5 -13.32 25.80 -30.71
CA GLN V 5 -13.15 24.49 -30.09
C GLN V 5 -11.96 23.79 -30.74
N THR V 6 -11.06 23.26 -29.92
CA THR V 6 -9.88 22.54 -30.39
C THR V 6 -9.99 21.09 -29.93
N PHE V 7 -10.12 20.18 -30.90
CA PHE V 7 -10.11 18.74 -30.64
C PHE V 7 -8.80 18.18 -31.18
N VAL V 8 -8.02 17.55 -30.30
CA VAL V 8 -6.78 16.91 -30.70
C VAL V 8 -6.74 15.51 -30.09
N SER V 9 -6.13 14.58 -30.82
CA SER V 9 -5.97 13.23 -30.33
C SER V 9 -4.81 13.07 -29.35
N THR V 10 -3.88 14.05 -29.33
CA THR V 10 -2.70 14.12 -28.49
C THR V 10 -3.01 14.82 -27.18
N PRO V 11 -2.28 14.52 -26.11
CA PRO V 11 -2.50 15.21 -24.84
C PRO V 11 -2.04 16.66 -24.91
N LEU V 12 -2.75 17.51 -24.17
CA LEU V 12 -2.41 18.92 -24.04
C LEU V 12 -2.07 19.23 -22.59
N ASP V 13 -1.05 20.04 -22.39
CA ASP V 13 -0.68 20.52 -21.06
C ASP V 13 -0.94 22.02 -20.97
N HIS V 14 -0.55 22.61 -19.84
CA HIS V 14 -0.77 24.03 -19.63
C HIS V 14 -0.01 24.87 -20.65
N GLU V 15 1.21 24.46 -21.00
CA GLU V 15 2.02 25.22 -21.94
C GLU V 15 1.39 25.20 -23.34
N LYS V 16 0.87 24.04 -23.77
CA LYS V 16 0.30 23.95 -25.12
C LYS V 16 -0.99 24.73 -25.22
N ARG V 17 -1.89 24.57 -24.24
CA ARG V 17 -3.16 25.30 -24.27
C ARG V 17 -2.94 26.80 -24.21
N ASN V 18 -1.91 27.26 -23.50
CA ASN V 18 -1.66 28.70 -23.37
C ASN V 18 -1.06 29.30 -24.64
N MET V 19 -0.28 28.51 -25.39
CA MET V 19 0.27 29.00 -26.64
C MET V 19 -0.82 29.15 -27.69
N LEU V 20 -1.67 28.12 -27.82
CA LEU V 20 -2.78 28.20 -28.77
C LEU V 20 -3.74 29.33 -28.41
N THR V 21 -3.94 29.57 -27.11
CA THR V 21 -4.79 30.68 -26.68
C THR V 21 -4.22 32.01 -27.16
N LYS V 22 -2.91 32.21 -26.99
CA LYS V 22 -2.28 33.44 -27.45
C LYS V 22 -2.36 33.56 -28.98
N VAL V 23 -2.20 32.44 -29.69
CA VAL V 23 -2.31 32.47 -31.14
C VAL V 23 -3.76 32.74 -31.54
N TYR V 24 -4.71 32.07 -30.90
CA TYR V 24 -6.12 32.30 -31.22
C TYR V 24 -6.53 33.74 -30.93
N ARG V 25 -5.92 34.37 -29.92
CA ARG V 25 -6.20 35.77 -29.64
C ARG V 25 -5.72 36.66 -30.79
N ILE V 26 -4.57 36.34 -31.36
CA ILE V 26 -4.09 37.09 -32.53
C ILE V 26 -5.02 36.89 -33.71
N VAL V 27 -5.48 35.65 -33.92
CA VAL V 27 -6.34 35.35 -35.06
C VAL V 27 -7.62 36.19 -35.00
N THR V 28 -8.21 36.32 -33.81
CA THR V 28 -9.47 37.03 -33.68
C THR V 28 -9.29 38.53 -33.95
N ASP V 29 -8.27 39.14 -33.35
CA ASP V 29 -8.10 40.58 -33.50
C ASP V 29 -7.61 40.94 -34.90
N THR V 30 -6.68 40.17 -35.45
CA THR V 30 -6.12 40.48 -36.75
C THR V 30 -7.08 40.14 -37.89
N ILE V 31 -7.52 38.89 -37.95
CA ILE V 31 -8.28 38.40 -39.11
C ILE V 31 -9.78 38.58 -38.90
N LEU V 32 -10.32 38.08 -37.79
CA LEU V 32 -11.75 38.19 -37.56
C LEU V 32 -12.20 39.61 -37.26
N GLY V 33 -11.28 40.49 -36.89
CA GLY V 33 -11.63 41.88 -36.61
C GLY V 33 -12.49 42.06 -35.38
N LYS V 34 -12.40 41.16 -34.42
CA LYS V 34 -13.15 41.22 -33.18
C LYS V 34 -12.20 41.29 -32.00
N PRO V 35 -12.66 41.76 -30.84
CA PRO V 35 -11.77 41.86 -29.67
C PRO V 35 -11.27 40.49 -29.24
N ALA V 36 -10.02 40.44 -28.81
CA ALA V 36 -9.38 39.19 -28.40
C ALA V 36 -9.90 38.67 -27.07
N GLU V 37 -10.62 39.48 -26.30
CA GLU V 37 -11.13 39.04 -25.01
C GLU V 37 -12.47 38.33 -25.11
N LEU V 38 -13.20 38.52 -26.20
CA LEU V 38 -14.51 37.89 -26.39
C LEU V 38 -14.41 36.50 -27.01
N VAL V 39 -13.22 35.90 -27.05
CA VAL V 39 -13.03 34.59 -27.65
C VAL V 39 -13.15 33.55 -26.54
N MET V 40 -14.18 32.72 -26.64
CA MET V 40 -14.29 31.56 -25.76
C MET V 40 -13.54 30.40 -26.40
N MET V 41 -12.50 29.90 -25.73
CA MET V 41 -11.64 28.86 -26.24
C MET V 41 -11.75 27.65 -25.34
N THR V 42 -12.19 26.52 -25.91
CA THR V 42 -12.27 25.26 -25.19
C THR V 42 -11.32 24.25 -25.84
N PHE V 43 -10.76 23.38 -25.01
CA PHE V 43 -9.79 22.39 -25.46
C PHE V 43 -10.23 21.01 -25.05
N HIS V 44 -10.07 20.05 -25.97
CA HIS V 44 -10.47 18.66 -25.74
C HIS V 44 -9.33 17.78 -26.27
N ASP V 45 -8.41 17.43 -25.38
CA ASP V 45 -7.24 16.65 -25.77
C ASP V 45 -7.50 15.16 -25.57
N SER V 46 -6.59 14.34 -26.11
CA SER V 46 -6.65 12.88 -26.00
C SER V 46 -7.99 12.35 -26.49
N THR V 47 -8.54 12.98 -27.52
CA THR V 47 -9.81 12.55 -28.09
C THR V 47 -9.57 11.38 -29.03
N PRO V 48 -10.28 10.26 -28.87
CA PRO V 48 -10.15 9.16 -29.84
C PRO V 48 -10.63 9.58 -31.22
N MET V 49 -9.71 9.71 -32.17
CA MET V 49 -10.02 10.21 -33.50
C MET V 49 -9.44 9.30 -34.55
N HIS V 50 -10.24 8.97 -35.56
CA HIS V 50 -9.81 8.20 -36.71
C HIS V 50 -9.89 9.06 -37.96
N PHE V 51 -8.85 9.00 -38.79
CA PHE V 51 -8.80 9.81 -40.01
C PHE V 51 -7.76 9.25 -40.95
N PHE V 52 -8.12 9.17 -42.24
CA PHE V 52 -7.21 8.69 -43.29
C PHE V 52 -6.70 7.28 -43.02
N GLY V 53 -7.53 6.45 -42.39
CA GLY V 53 -7.17 5.07 -42.16
C GLY V 53 -6.12 4.84 -41.09
N SER V 54 -6.11 5.67 -40.04
CA SER V 54 -5.18 5.49 -38.94
C SER V 54 -5.64 6.38 -37.79
N THR V 55 -5.01 6.19 -36.62
CA THR V 55 -5.24 7.01 -35.45
C THR V 55 -4.00 7.82 -35.09
N ASP V 56 -3.21 8.19 -36.09
CA ASP V 56 -2.05 9.05 -35.87
C ASP V 56 -2.51 10.42 -35.41
N PRO V 57 -1.60 11.22 -34.81
CA PRO V 57 -1.99 12.54 -34.32
C PRO V 57 -2.78 13.34 -35.34
N VAL V 58 -3.88 13.93 -34.87
CA VAL V 58 -4.85 14.58 -35.74
C VAL V 58 -5.57 15.66 -34.94
N ALA V 59 -5.94 16.74 -35.61
CA ALA V 59 -6.61 17.87 -34.96
C ALA V 59 -7.85 18.26 -35.75
N CYS V 60 -8.86 18.74 -35.02
CA CYS V 60 -10.09 19.24 -35.61
C CYS V 60 -10.50 20.48 -34.83
N VAL V 61 -10.36 21.65 -35.45
CA VAL V 61 -10.64 22.93 -34.81
C VAL V 61 -11.93 23.49 -35.40
N ARG V 62 -12.86 23.87 -34.53
CA ARG V 62 -14.14 24.44 -34.93
C ARG V 62 -14.16 25.92 -34.57
N VAL V 63 -14.50 26.75 -35.56
CA VAL V 63 -14.60 28.19 -35.36
C VAL V 63 -16.07 28.59 -35.51
N GLU V 64 -16.60 29.26 -34.49
CA GLU V 64 -17.97 29.75 -34.47
C GLU V 64 -17.95 31.26 -34.25
N ALA V 65 -18.45 32.01 -35.22
CA ALA V 65 -18.48 33.46 -35.15
C ALA V 65 -19.84 33.97 -35.56
N LEU V 66 -20.43 34.84 -34.74
CA LEU V 66 -21.72 35.43 -35.07
C LEU V 66 -21.55 36.44 -36.20
N GLY V 67 -22.36 36.31 -37.24
CA GLY V 67 -22.32 37.19 -38.38
C GLY V 67 -21.52 36.69 -39.56
N GLY V 68 -20.94 35.49 -39.47
CA GLY V 68 -20.20 34.93 -40.58
C GLY V 68 -18.78 35.46 -40.65
N TYR V 69 -18.18 35.29 -41.83
CA TYR V 69 -16.80 35.65 -42.05
C TYR V 69 -16.70 36.37 -43.40
N GLY V 70 -15.64 37.17 -43.55
CA GLY V 70 -15.35 37.80 -44.82
C GLY V 70 -15.03 36.76 -45.88
N PRO V 71 -14.81 37.20 -47.12
CA PRO V 71 -14.50 36.24 -48.19
C PRO V 71 -13.11 35.65 -48.08
N SER V 72 -12.15 36.43 -47.58
CA SER V 72 -10.78 35.97 -47.43
C SER V 72 -10.41 35.60 -46.00
N GLU V 73 -11.31 35.84 -45.04
CA GLU V 73 -10.97 35.55 -43.64
C GLU V 73 -10.80 34.06 -43.37
N PRO V 74 -11.70 33.16 -43.80
CA PRO V 74 -11.50 31.74 -43.47
C PRO V 74 -10.16 31.18 -43.92
N GLU V 75 -9.69 31.57 -45.10
CA GLU V 75 -8.41 31.05 -45.58
C GLU V 75 -7.26 31.52 -44.71
N LYS V 76 -7.29 32.77 -44.26
CA LYS V 76 -6.25 33.27 -43.37
C LYS V 76 -6.30 32.59 -42.01
N VAL V 77 -7.51 32.37 -41.49
CA VAL V 77 -7.65 31.71 -40.19
C VAL V 77 -7.14 30.27 -40.28
N THR V 78 -7.44 29.58 -41.38
CA THR V 78 -6.98 28.21 -41.54
C THR V 78 -5.46 28.12 -41.61
N LYS V 79 -4.83 29.07 -42.31
CA LYS V 79 -3.38 29.05 -42.46
C LYS V 79 -2.69 29.20 -41.11
N VAL V 80 -3.15 30.13 -40.28
CA VAL V 80 -2.52 30.36 -38.99
C VAL V 80 -2.85 29.24 -38.01
N VAL V 81 -4.12 28.85 -37.95
CA VAL V 81 -4.53 27.79 -37.02
C VAL V 81 -3.78 26.50 -37.33
N THR V 82 -3.65 26.15 -38.62
CA THR V 82 -2.91 24.95 -38.99
C THR V 82 -1.43 25.08 -38.63
N ASP V 83 -0.85 26.27 -38.84
CA ASP V 83 0.54 26.50 -38.45
C ASP V 83 0.71 26.38 -36.94
N ALA V 84 -0.24 26.90 -36.16
CA ALA V 84 -0.12 26.85 -34.72
C ALA V 84 -0.26 25.42 -34.18
N ILE V 85 -1.24 24.67 -34.70
CA ILE V 85 -1.44 23.31 -34.22
C ILE V 85 -0.23 22.44 -34.58
N SER V 86 0.35 22.66 -35.76
CA SER V 86 1.52 21.88 -36.16
C SER V 86 2.70 22.17 -35.25
N TYR V 87 2.99 23.45 -35.00
CA TYR V 87 4.10 23.80 -34.14
C TYR V 87 3.89 23.31 -32.71
N VAL V 88 2.70 23.57 -32.15
CA VAL V 88 2.48 23.30 -30.74
C VAL V 88 2.31 21.81 -30.49
N CYS V 89 1.50 21.14 -31.32
CA CYS V 89 1.13 19.74 -31.07
C CYS V 89 1.91 18.74 -31.90
N GLY V 90 2.68 19.18 -32.90
CA GLY V 90 3.37 18.24 -33.76
C GLY V 90 2.50 17.51 -34.74
N ILE V 91 1.27 17.94 -34.94
CA ILE V 91 0.35 17.30 -35.87
C ILE V 91 0.63 17.82 -37.28
N VAL V 92 0.70 16.91 -38.24
CA VAL V 92 1.00 17.31 -39.61
C VAL V 92 -0.17 18.09 -40.20
N ALA V 93 0.13 18.86 -41.24
CA ALA V 93 -0.86 19.77 -41.82
C ALA V 93 -2.01 19.02 -42.47
N ASP V 94 -1.71 17.90 -43.14
CA ASP V 94 -2.74 17.14 -43.84
C ASP V 94 -3.59 16.28 -42.90
N ARG V 95 -3.46 16.46 -41.59
CA ARG V 95 -4.32 15.81 -40.60
C ARG V 95 -4.93 16.85 -39.66
N ILE V 96 -5.22 18.04 -40.16
CA ILE V 96 -5.78 19.13 -39.37
C ILE V 96 -6.99 19.67 -40.12
N PHE V 97 -8.18 19.45 -39.56
CA PHE V 97 -9.40 20.05 -40.08
C PHE V 97 -9.70 21.34 -39.35
N VAL V 98 -10.17 22.35 -40.09
CA VAL V 98 -10.64 23.61 -39.52
C VAL V 98 -12.04 23.84 -40.06
N LEU V 99 -13.04 23.76 -39.18
CA LEU V 99 -14.44 23.90 -39.55
C LEU V 99 -14.96 25.26 -39.11
N TYR V 100 -15.70 25.91 -39.99
CA TYR V 100 -16.20 27.26 -39.76
C TYR V 100 -17.72 27.25 -39.70
N PHE V 101 -18.27 27.79 -38.62
CA PHE V 101 -19.72 27.86 -38.42
C PHE V 101 -20.11 29.28 -38.04
N SER V 102 -21.40 29.57 -38.18
CA SER V 102 -21.95 30.84 -37.76
C SER V 102 -23.27 30.60 -37.04
N PRO V 103 -23.34 30.80 -35.74
CA PRO V 103 -24.59 30.54 -35.01
C PRO V 103 -25.66 31.55 -35.39
N LEU V 104 -26.92 31.12 -35.23
CA LEU V 104 -28.04 32.02 -35.51
C LEU V 104 -28.10 33.16 -34.49
N HIS V 105 -27.84 32.84 -33.22
CA HIS V 105 -27.82 33.84 -32.17
C HIS V 105 -26.74 33.48 -31.16
N CYS V 106 -26.39 34.45 -30.32
CA CYS V 106 -25.35 34.24 -29.32
C CYS V 106 -25.72 35.04 -28.08
N GLY V 107 -25.99 34.34 -26.98
CA GLY V 107 -26.31 34.99 -25.72
C GLY V 107 -25.09 35.13 -24.85
N TRP V 108 -24.87 36.34 -24.34
CA TRP V 108 -23.76 36.63 -23.45
C TRP V 108 -24.20 37.66 -22.42
N ASN V 109 -23.83 37.40 -21.16
CA ASN V 109 -24.23 38.25 -20.04
C ASN V 109 -25.76 38.32 -19.93
N GLY V 110 -26.42 37.18 -20.09
CA GLY V 110 -27.86 37.09 -19.98
C GLY V 110 -28.64 37.71 -21.11
N THR V 111 -27.98 38.30 -22.11
CA THR V 111 -28.65 38.92 -23.23
C THR V 111 -27.97 38.49 -24.53
N ASN V 112 -28.67 38.70 -25.64
CA ASN V 112 -28.17 38.26 -26.94
C ASN V 112 -27.26 39.31 -27.55
N LEU V 113 -26.14 38.87 -28.12
CA LEU V 113 -25.21 39.76 -28.79
C LEU V 113 -25.59 39.95 -30.25
N SER W 2 24.77 19.91 -8.73
CA SER W 2 25.75 18.99 -9.32
C SER W 2 26.55 19.67 -10.41
N VAL W 3 25.86 20.12 -11.46
CA VAL W 3 26.47 20.83 -12.58
C VAL W 3 25.79 22.18 -12.71
N ASN W 4 26.56 23.25 -12.57
CA ASN W 4 26.05 24.62 -12.64
C ASN W 4 26.37 25.19 -14.01
N THR W 5 25.34 25.45 -14.81
CA THR W 5 25.47 25.97 -16.16
C THR W 5 24.93 27.39 -16.21
N SER W 6 25.74 28.31 -16.75
CA SER W 6 25.36 29.71 -16.84
C SER W 6 25.66 30.24 -18.24
N PHE W 7 24.72 31.02 -18.78
CA PHE W 7 24.88 31.67 -20.07
C PHE W 7 25.38 33.09 -19.84
N LEU W 8 26.66 33.33 -20.16
CA LEU W 8 27.16 34.70 -20.18
C LEU W 8 26.72 35.43 -21.45
N SER W 9 26.47 34.67 -22.51
CA SER W 9 25.94 35.19 -23.76
C SER W 9 25.23 34.04 -24.46
N PRO W 10 24.51 34.32 -25.55
CA PRO W 10 23.91 33.20 -26.30
C PRO W 10 24.90 32.12 -26.69
N SER W 11 26.15 32.49 -27.00
CA SER W 11 27.14 31.55 -27.49
C SER W 11 28.29 31.33 -26.51
N LEU W 12 28.15 31.75 -25.25
CA LEU W 12 29.21 31.60 -24.26
C LEU W 12 28.59 31.07 -22.97
N VAL W 13 29.02 29.88 -22.56
CA VAL W 13 28.45 29.19 -21.41
C VAL W 13 29.58 28.71 -20.50
N THR W 14 29.45 28.98 -19.20
CA THR W 14 30.32 28.42 -18.18
C THR W 14 29.65 27.20 -17.56
N ILE W 15 30.42 26.15 -17.35
CA ILE W 15 29.92 24.88 -16.84
C ILE W 15 30.79 24.46 -15.66
N ARG W 16 30.17 24.34 -14.48
CA ARG W 16 30.86 24.01 -13.25
C ARG W 16 30.35 22.67 -12.73
N ASP W 17 31.21 21.65 -12.76
CA ASP W 17 30.87 20.31 -12.29
C ASP W 17 31.44 20.16 -10.89
N PHE W 18 30.58 20.31 -9.88
CA PHE W 18 31.04 20.23 -8.49
C PHE W 18 31.50 18.83 -8.13
N ASP W 19 30.76 17.80 -8.56
CA ASP W 19 31.05 16.44 -8.14
C ASP W 19 32.30 15.89 -8.82
N LYS W 20 32.52 16.25 -10.08
CA LYS W 20 33.74 15.84 -10.78
C LYS W 20 34.87 16.84 -10.61
N GLY W 21 34.64 17.96 -9.94
CA GLY W 21 35.67 18.94 -9.69
C GLY W 21 36.26 19.54 -10.95
N GLN W 22 35.39 20.00 -11.86
CA GLN W 22 35.83 20.52 -13.15
C GLN W 22 35.18 21.87 -13.41
N PHE W 23 35.80 22.63 -14.31
CA PHE W 23 35.24 23.86 -14.84
C PHE W 23 35.63 23.96 -16.31
N ALA W 24 34.65 24.22 -17.17
CA ALA W 24 34.91 24.34 -18.60
C ALA W 24 34.06 25.47 -19.17
N VAL W 25 34.56 26.07 -20.24
CA VAL W 25 33.86 27.14 -20.94
C VAL W 25 33.42 26.60 -22.29
N LEU W 26 32.11 26.51 -22.49
CA LEU W 26 31.55 26.16 -23.79
C LEU W 26 31.30 27.44 -24.57
N ARG W 27 31.79 27.46 -25.82
CA ARG W 27 31.53 28.59 -26.69
C ARG W 27 31.32 28.08 -28.11
N ILE W 28 30.30 28.64 -28.77
CA ILE W 28 30.02 28.34 -30.16
C ILE W 28 30.76 29.35 -31.02
N GLY W 29 32.06 29.15 -31.20
CA GLY W 29 32.93 30.17 -31.73
C GLY W 29 32.70 30.66 -33.14
N ARG W 30 32.75 29.75 -34.11
CA ARG W 30 32.73 30.16 -35.52
C ARG W 30 31.42 30.87 -35.88
N THR W 31 30.29 30.31 -35.44
CA THR W 31 28.99 30.81 -35.89
C THR W 31 28.36 31.80 -34.93
N GLY W 32 28.65 31.71 -33.63
CA GLY W 32 27.96 32.54 -32.67
C GLY W 32 26.53 32.12 -32.40
N PHE W 33 26.18 30.87 -32.72
CA PHE W 33 24.83 30.37 -32.54
C PHE W 33 24.58 30.09 -31.06
N PRO W 34 23.32 30.09 -30.62
CA PRO W 34 23.02 29.74 -29.23
C PRO W 34 23.35 28.29 -28.94
N ALA W 35 23.91 28.05 -27.77
CA ALA W 35 24.23 26.70 -27.36
C ALA W 35 22.95 25.97 -26.93
N ASP W 36 22.67 24.84 -27.57
CA ASP W 36 21.54 24.01 -27.20
C ASP W 36 22.01 22.87 -26.30
N LYS W 37 21.04 22.07 -25.83
CA LYS W 37 21.37 20.98 -24.90
C LYS W 37 22.32 19.96 -25.53
N GLY W 38 22.28 19.81 -26.85
CA GLY W 38 23.23 18.93 -27.51
C GLY W 38 24.66 19.43 -27.37
N ASP W 39 24.85 20.75 -27.48
CA ASP W 39 26.18 21.31 -27.29
C ASP W 39 26.68 21.12 -25.86
N ILE W 40 25.80 21.37 -24.89
CA ILE W 40 26.17 21.19 -23.48
C ILE W 40 26.42 19.71 -23.19
N ASP W 41 25.64 18.82 -23.81
CA ASP W 41 25.87 17.39 -23.63
C ASP W 41 27.21 16.97 -24.24
N LEU W 42 27.56 17.55 -25.39
CA LEU W 42 28.86 17.27 -25.99
C LEU W 42 29.99 17.80 -25.11
N CYS W 43 29.81 18.99 -24.53
CA CYS W 43 30.84 19.55 -23.66
C CYS W 43 31.08 18.66 -22.44
N LEU W 44 30.01 18.33 -21.72
CA LEU W 44 30.13 17.46 -20.55
C LEU W 44 30.74 16.11 -20.91
N SER W 45 30.50 15.64 -22.14
CA SER W 45 31.11 14.39 -22.58
C SER W 45 32.61 14.52 -22.74
N LYS W 46 33.07 15.68 -23.25
CA LYS W 46 34.50 15.89 -23.43
C LYS W 46 35.20 16.07 -22.08
N MET W 47 34.57 16.80 -21.15
CA MET W 47 35.12 16.92 -19.81
C MET W 47 35.24 15.55 -19.15
N ASP W 48 34.32 14.64 -19.44
CA ASP W 48 34.42 13.29 -18.93
C ASP W 48 35.58 12.54 -19.56
N GLY W 49 35.84 12.79 -20.85
CA GLY W 49 36.97 12.15 -21.50
C GLY W 49 38.30 12.68 -21.01
N VAL W 50 38.37 13.99 -20.76
CA VAL W 50 39.58 14.57 -20.16
C VAL W 50 39.84 13.97 -18.79
N LEU W 51 38.78 13.69 -18.03
CA LEU W 51 38.95 13.02 -16.76
C LEU W 51 39.48 11.61 -16.91
N ALA W 52 39.14 10.92 -18.00
CA ALA W 52 39.66 9.58 -18.23
C ALA W 52 41.11 9.62 -18.66
N ALA W 53 41.48 10.59 -19.49
CA ALA W 53 42.88 10.71 -19.91
C ALA W 53 43.79 11.03 -18.74
N GLN W 54 43.27 11.75 -17.73
CA GLN W 54 44.06 12.01 -16.53
C GLN W 54 44.46 10.71 -15.84
N LEU W 55 43.54 9.74 -15.78
CA LEU W 55 43.82 8.48 -15.10
C LEU W 55 44.89 7.66 -15.81
N TYR W 56 45.13 7.91 -17.10
CA TYR W 56 46.25 7.26 -17.77
C TYR W 56 47.58 7.80 -17.28
N LEU W 57 47.61 9.05 -16.84
CA LEU W 57 48.83 9.64 -16.31
C LEU W 57 49.03 9.35 -14.84
N GLY W 58 47.93 9.28 -14.07
CA GLY W 58 48.04 8.99 -12.65
C GLY W 58 46.74 9.30 -11.95
N ASN W 59 46.66 8.82 -10.71
CA ASN W 59 45.50 9.06 -9.86
C ASN W 59 45.69 10.37 -9.10
N PRO W 60 44.98 11.44 -9.44
CA PRO W 60 45.21 12.72 -8.75
C PRO W 60 44.75 12.73 -7.30
N ARG W 61 43.90 11.79 -6.89
CA ARG W 61 43.49 11.70 -5.50
C ARG W 61 44.54 11.02 -4.63
N GLU W 62 45.64 10.57 -5.21
CA GLU W 62 46.73 10.01 -4.43
C GLU W 62 47.37 11.13 -3.59
N PRO W 63 47.67 10.85 -2.32
CA PRO W 63 48.32 11.87 -1.48
C PRO W 63 49.73 12.16 -1.98
N GLY W 64 50.06 13.44 -2.04
CA GLY W 64 51.35 13.85 -2.58
C GLY W 64 51.49 13.57 -4.06
N PHE W 65 50.43 13.80 -4.82
CA PHE W 65 50.44 13.50 -6.26
C PHE W 65 51.44 14.41 -6.96
N LYS W 66 52.41 13.78 -7.63
CA LYS W 66 53.51 14.49 -8.29
C LYS W 66 53.17 14.90 -9.72
N GLY W 67 51.94 14.68 -10.16
CA GLY W 67 51.54 15.04 -11.50
C GLY W 67 51.88 13.98 -12.51
N PRO W 68 51.69 14.28 -13.80
CA PRO W 68 51.18 15.54 -14.35
C PRO W 68 49.65 15.63 -14.30
N HIS W 69 49.11 16.82 -14.53
CA HIS W 69 47.67 17.04 -14.56
C HIS W 69 47.22 17.33 -15.99
N ILE W 70 46.08 16.74 -16.37
CA ILE W 70 45.37 17.10 -17.58
C ILE W 70 44.07 17.75 -17.16
N ARG W 71 43.85 18.98 -17.61
CA ARG W 71 42.71 19.79 -17.17
C ARG W 71 42.04 20.41 -18.39
N ILE W 72 40.73 20.21 -18.51
CA ILE W 72 39.98 20.81 -19.60
C ILE W 72 39.73 22.28 -19.28
N ARG W 73 39.72 23.11 -20.31
CA ARG W 73 39.51 24.55 -20.15
C ARG W 73 38.36 25.07 -20.98
N CYS W 74 38.24 24.64 -22.24
CA CYS W 74 37.23 25.18 -23.13
C CYS W 74 36.92 24.18 -24.24
N VAL W 75 35.66 24.13 -24.62
CA VAL W 75 35.20 23.35 -25.77
C VAL W 75 34.61 24.34 -26.76
N ASP W 76 35.30 24.53 -27.88
CA ASP W 76 34.86 25.46 -28.92
C ASP W 76 34.20 24.65 -30.03
N ILE W 77 32.89 24.79 -30.17
CA ILE W 77 32.11 24.00 -31.11
C ILE W 77 31.99 24.75 -32.44
N ASP W 78 32.36 24.09 -33.52
CA ASP W 78 32.17 24.59 -34.88
C ASP W 78 31.03 23.79 -35.50
N ASP W 79 29.87 24.44 -35.66
CA ASP W 79 28.69 23.79 -36.20
C ASP W 79 28.21 24.45 -37.49
N LYS W 80 29.10 25.18 -38.19
CA LYS W 80 28.70 25.84 -39.43
C LYS W 80 28.40 24.81 -40.51
N HIS W 81 29.38 23.99 -40.86
CA HIS W 81 29.18 22.92 -41.82
C HIS W 81 29.02 21.60 -41.09
N THR W 82 30.08 20.79 -41.08
CA THR W 82 30.07 19.56 -40.30
C THR W 82 30.29 19.87 -38.82
N TYR W 83 29.81 18.96 -37.97
CA TYR W 83 29.83 19.17 -36.53
C TYR W 83 31.24 18.88 -36.00
N ASN W 84 31.92 19.92 -35.52
CA ASN W 84 33.29 19.80 -35.04
C ASN W 84 33.42 20.46 -33.68
N ALA W 85 34.40 19.99 -32.91
CA ALA W 85 34.68 20.55 -31.58
C ALA W 85 36.18 20.60 -31.36
N MET W 86 36.64 21.71 -30.78
CA MET W 86 38.03 21.88 -30.38
C MET W 86 38.08 21.93 -28.86
N VAL W 87 38.83 21.02 -28.26
CA VAL W 87 38.93 20.90 -26.80
C VAL W 87 40.27 21.47 -26.36
N TYR W 88 40.23 22.56 -25.62
CA TYR W 88 41.45 23.17 -25.09
C TYR W 88 41.73 22.60 -23.70
N VAL W 89 42.93 22.05 -23.52
CA VAL W 89 43.33 21.46 -22.26
C VAL W 89 44.69 22.00 -21.85
N ASP W 90 44.99 21.87 -20.56
CA ASP W 90 46.28 22.24 -19.99
C ASP W 90 46.96 21.00 -19.45
N LEU W 91 48.25 20.84 -19.76
CA LEU W 91 49.08 19.79 -19.18
C LEU W 91 50.01 20.44 -18.16
N ILE W 92 49.88 20.05 -16.90
CA ILE W 92 50.58 20.68 -15.79
C ILE W 92 51.55 19.66 -15.21
N VAL W 93 52.84 19.85 -15.45
CA VAL W 93 53.88 19.03 -14.86
C VAL W 93 54.50 19.79 -13.70
N GLY W 94 55.05 19.06 -12.74
CA GLY W 94 55.66 19.69 -11.59
C GLY W 94 56.95 20.42 -11.95
N THR W 95 57.24 21.47 -11.19
CA THR W 95 58.45 22.26 -11.42
C THR W 95 59.69 21.40 -11.29
N GLY W 96 60.69 21.72 -12.10
CA GLY W 96 61.92 20.94 -12.13
C GLY W 96 61.88 19.70 -12.97
N ALA W 97 60.78 19.46 -13.68
CA ALA W 97 60.68 18.29 -14.55
C ALA W 97 61.78 18.33 -15.60
N SER W 98 62.41 17.18 -15.82
CA SER W 98 63.45 17.09 -16.83
C SER W 98 62.85 17.24 -18.23
N GLU W 99 63.73 17.44 -19.21
CA GLU W 99 63.29 17.48 -20.60
C GLU W 99 62.64 16.16 -21.00
N VAL W 100 63.17 15.04 -20.48
CA VAL W 100 62.62 13.73 -20.80
C VAL W 100 61.26 13.54 -20.12
N GLU W 101 61.17 13.88 -18.83
CA GLU W 101 59.90 13.79 -18.13
C GLU W 101 58.86 14.70 -18.78
N ARG W 102 59.29 15.87 -19.26
CA ARG W 102 58.37 16.81 -19.88
C ARG W 102 57.86 16.30 -21.21
N GLU W 103 58.75 15.70 -22.01
CA GLU W 103 58.35 15.13 -23.30
C GLU W 103 57.60 13.82 -23.14
N THR W 104 57.96 13.01 -22.13
CA THR W 104 57.21 11.79 -21.86
C THR W 104 55.78 12.11 -21.44
N ALA W 105 55.62 13.10 -20.55
CA ALA W 105 54.28 13.48 -20.12
C ALA W 105 53.47 14.06 -21.27
N GLU W 106 54.13 14.80 -22.18
CA GLU W 106 53.40 15.41 -23.29
C GLU W 106 52.88 14.35 -24.26
N GLU W 107 53.67 13.31 -24.52
CA GLU W 107 53.23 12.29 -25.47
C GLU W 107 52.22 11.33 -24.86
N ARG W 108 52.43 10.91 -23.60
CA ARG W 108 51.43 10.10 -22.92
C ARG W 108 50.09 10.83 -22.84
N ALA W 109 50.13 12.16 -22.73
CA ALA W 109 48.89 12.93 -22.69
C ALA W 109 48.22 12.96 -24.05
N ARG W 110 48.98 13.22 -25.11
CA ARG W 110 48.40 13.31 -26.45
C ARG W 110 47.85 11.96 -26.90
N ARG W 111 48.51 10.87 -26.53
CA ARG W 111 48.02 9.54 -26.90
C ARG W 111 46.73 9.20 -26.17
N ALA W 112 46.66 9.51 -24.88
CA ALA W 112 45.45 9.22 -24.11
C ALA W 112 44.31 10.16 -24.50
N LEU W 113 44.62 11.42 -24.81
CA LEU W 113 43.59 12.36 -25.20
C LEU W 113 42.99 12.03 -26.57
N ALA W 114 43.81 11.47 -27.47
CA ALA W 114 43.30 11.08 -28.78
C ALA W 114 42.24 9.99 -28.66
N VAL W 115 42.43 9.05 -27.74
CA VAL W 115 41.47 7.97 -27.57
C VAL W 115 40.26 8.43 -26.78
N ALA W 116 40.50 9.15 -25.67
CA ALA W 116 39.41 9.54 -24.80
C ALA W 116 38.49 10.57 -25.47
N LEU W 117 39.07 11.54 -26.20
CA LEU W 117 38.27 12.54 -26.87
C LEU W 117 37.77 12.09 -28.24
N ARG W 118 38.27 10.96 -28.74
CA ARG W 118 37.90 10.41 -30.06
C ARG W 118 38.18 11.44 -31.16
N VAL W 119 39.45 11.58 -31.47
CA VAL W 119 39.95 12.58 -32.39
C VAL W 119 39.86 12.04 -33.82
N ASP W 120 39.49 12.93 -34.74
CA ASP W 120 39.40 12.65 -36.18
C ASP W 120 38.39 11.55 -36.49
N GLU W 121 37.42 11.34 -35.59
CA GLU W 121 36.36 10.37 -35.82
C GLU W 121 35.09 10.89 -35.16
N ALA W 122 33.94 10.50 -35.73
CA ALA W 122 32.67 10.91 -35.17
C ALA W 122 32.39 10.13 -33.89
N ASP W 123 32.09 10.86 -32.82
CA ASP W 123 31.87 10.25 -31.51
C ASP W 123 30.38 9.92 -31.36
N GLU W 124 29.95 9.64 -30.12
CA GLU W 124 28.57 9.29 -29.86
C GLU W 124 27.61 10.43 -30.21
N HIS W 125 28.10 11.67 -30.24
CA HIS W 125 27.28 12.82 -30.59
C HIS W 125 27.48 13.24 -32.05
N SER W 126 28.05 12.35 -32.87
CA SER W 126 28.29 12.62 -34.29
C SER W 126 29.14 13.87 -34.48
N CYS W 127 30.22 13.96 -33.71
CA CYS W 127 31.09 15.12 -33.69
C CYS W 127 32.53 14.70 -33.93
N VAL W 128 33.23 15.44 -34.77
CA VAL W 128 34.65 15.21 -35.03
C VAL W 128 35.43 16.11 -34.08
N THR W 129 36.16 15.51 -33.15
CA THR W 129 36.81 16.24 -32.07
C THR W 129 38.29 16.46 -32.38
N GLN W 130 38.77 17.67 -32.06
CA GLN W 130 40.19 18.00 -32.07
C GLN W 130 40.53 18.61 -30.73
N PHE W 131 41.81 18.56 -30.37
CA PHE W 131 42.25 19.12 -29.10
C PHE W 131 43.52 19.93 -29.30
N GLU W 132 43.81 20.77 -28.30
CA GLU W 132 44.98 21.64 -28.30
C GLU W 132 45.51 21.71 -26.88
N MET W 133 46.78 21.37 -26.70
CA MET W 133 47.35 21.18 -25.37
C MET W 133 48.33 22.30 -25.05
N LYS W 134 48.15 22.92 -23.89
CA LYS W 134 49.03 23.97 -23.39
C LYS W 134 49.81 23.44 -22.19
N LEU W 135 51.13 23.55 -22.26
CA LEU W 135 51.98 23.03 -21.20
C LEU W 135 52.18 24.08 -20.11
N ARG W 136 52.05 23.66 -18.86
CA ARG W 136 52.32 24.50 -17.71
C ARG W 136 53.17 23.76 -16.70
N GLU W 137 53.98 24.49 -15.95
CA GLU W 137 54.78 23.95 -14.87
C GLU W 137 54.43 24.67 -13.58
N GLU W 138 54.12 23.91 -12.54
CA GLU W 138 53.68 24.48 -11.27
C GLU W 138 54.27 23.68 -10.12
N LEU W 139 54.54 24.38 -9.02
CA LEU W 139 54.89 23.72 -7.76
C LEU W 139 53.61 23.13 -7.19
N LEU W 140 53.43 21.82 -7.36
CA LEU W 140 52.15 21.19 -7.05
C LEU W 140 51.88 21.17 -5.55
N SER W 141 52.91 21.12 -4.71
CA SER W 141 52.73 21.11 -3.27
C SER W 141 52.47 22.50 -2.70
N SER W 142 52.40 23.53 -3.54
CA SER W 142 52.17 24.89 -3.05
C SER W 142 50.71 25.09 -2.67
N ASP W 143 50.50 25.86 -1.59
CA ASP W 143 49.15 26.16 -1.14
C ASP W 143 48.41 27.07 -2.11
N SER W 144 49.13 27.77 -2.98
CA SER W 144 48.52 28.66 -3.97
C SER W 144 48.25 27.98 -5.31
N PHE W 145 48.44 26.67 -5.39
CA PHE W 145 48.20 25.93 -6.62
C PHE W 145 46.85 25.22 -6.56
N HIS W 146 46.13 25.28 -7.68
CA HIS W 146 44.92 24.52 -7.89
C HIS W 146 44.90 24.22 -9.38
N PRO W 147 44.59 22.98 -9.78
CA PRO W 147 44.63 22.65 -11.22
C PRO W 147 43.65 23.45 -12.07
N ASP W 148 42.71 24.16 -11.47
CA ASP W 148 41.71 24.93 -12.21
C ASP W 148 41.68 26.38 -11.76
N LYS W 149 42.84 26.99 -11.58
CA LYS W 149 42.92 28.40 -11.26
C LYS W 149 42.23 29.22 -12.34
N ASP W 150 41.51 30.26 -11.93
CA ASP W 150 40.74 31.06 -12.89
C ASP W 150 41.63 31.82 -13.86
N GLU W 151 42.90 32.02 -13.53
CA GLU W 151 43.82 32.63 -14.48
C GLU W 151 44.05 31.73 -15.68
N TYR W 152 43.94 30.41 -15.50
CA TYR W 152 44.09 29.47 -16.60
C TYR W 152 42.99 29.59 -17.64
N TYR W 153 41.91 30.32 -17.35
CA TYR W 153 40.76 30.42 -18.22
C TYR W 153 40.62 31.79 -18.88
N LYS W 154 41.62 32.67 -18.74
CA LYS W 154 41.48 34.03 -19.24
C LYS W 154 41.39 34.07 -20.76
N ASP W 155 41.99 33.10 -21.46
CA ASP W 155 41.94 33.10 -22.92
C ASP W 155 40.54 32.83 -23.45
N PHE W 156 39.66 32.25 -22.64
CA PHE W 156 38.33 31.86 -23.09
C PHE W 156 37.19 32.63 -22.45
N LEU W 157 37.49 33.49 -21.47
CA LEU W 157 36.45 34.28 -20.82
C LEU W 157 36.63 35.76 -21.12
N PRO X 2 40.93 -7.67 -26.87
CA PRO X 2 41.06 -8.31 -25.56
C PRO X 2 39.77 -8.27 -24.74
N VAL X 3 39.77 -8.94 -23.59
CA VAL X 3 38.62 -8.97 -22.70
C VAL X 3 39.08 -8.55 -21.30
N ILE X 4 38.34 -7.64 -20.69
CA ILE X 4 38.66 -7.11 -19.36
C ILE X 4 37.45 -7.33 -18.47
N GLN X 5 37.59 -8.19 -17.47
CA GLN X 5 36.56 -8.42 -16.46
C GLN X 5 36.90 -7.63 -15.21
N THR X 6 35.97 -6.80 -14.75
CA THR X 6 36.15 -5.97 -13.57
C THR X 6 35.21 -6.46 -12.48
N PHE X 7 35.79 -7.00 -11.41
CA PHE X 7 35.05 -7.44 -10.23
C PHE X 7 35.36 -6.48 -9.09
N VAL X 8 34.33 -5.82 -8.57
CA VAL X 8 34.47 -4.93 -7.42
C VAL X 8 33.42 -5.29 -6.38
N SER X 9 33.74 -5.05 -5.12
CA SER X 9 32.79 -5.25 -4.03
C SER X 9 31.87 -4.04 -3.84
N THR X 10 32.25 -2.87 -4.34
CA THR X 10 31.46 -1.66 -4.25
C THR X 10 30.47 -1.59 -5.40
N PRO X 11 29.37 -0.87 -5.23
CA PRO X 11 28.41 -0.72 -6.34
C PRO X 11 28.96 0.17 -7.44
N LEU X 12 28.53 -0.11 -8.67
CA LEU X 12 28.89 0.67 -9.83
C LEU X 12 27.63 1.26 -10.47
N ASP X 13 27.79 2.42 -11.10
CA ASP X 13 26.68 3.04 -11.81
C ASP X 13 27.11 3.42 -13.22
N HIS X 14 26.27 4.18 -13.93
CA HIS X 14 26.58 4.54 -15.32
C HIS X 14 27.85 5.37 -15.40
N GLU X 15 28.02 6.33 -14.50
CA GLU X 15 29.19 7.20 -14.55
C GLU X 15 30.48 6.42 -14.26
N LYS X 16 30.45 5.56 -13.25
CA LYS X 16 31.67 4.83 -12.88
C LYS X 16 32.03 3.79 -13.93
N ARG X 17 31.03 3.07 -14.45
CA ARG X 17 31.31 2.07 -15.49
C ARG X 17 31.84 2.74 -16.75
N ASN X 18 31.30 3.91 -17.11
CA ASN X 18 31.75 4.59 -18.32
C ASN X 18 33.15 5.16 -18.16
N MET X 19 33.51 5.61 -16.96
CA MET X 19 34.87 6.11 -16.75
C MET X 19 35.89 4.99 -16.89
N LEU X 20 35.61 3.84 -16.27
CA LEU X 20 36.48 2.67 -16.45
C LEU X 20 36.51 2.22 -17.91
N THR X 21 35.38 2.36 -18.62
CA THR X 21 35.33 2.00 -20.03
C THR X 21 36.28 2.87 -20.84
N LYS X 22 36.24 4.18 -20.63
CA LYS X 22 37.10 5.08 -21.39
C LYS X 22 38.56 4.83 -21.08
N VAL X 23 38.89 4.58 -19.82
CA VAL X 23 40.28 4.28 -19.45
C VAL X 23 40.71 2.96 -20.08
N TYR X 24 39.86 1.94 -20.01
CA TYR X 24 40.20 0.64 -20.62
C TYR X 24 40.43 0.78 -22.12
N ARG X 25 39.72 1.69 -22.78
CA ARG X 25 39.98 1.95 -24.18
C ARG X 25 41.36 2.54 -24.39
N ILE X 26 41.79 3.43 -23.49
CA ILE X 26 43.12 4.02 -23.57
C ILE X 26 44.19 2.96 -23.39
N VAL X 27 43.99 2.08 -22.39
CA VAL X 27 44.99 1.07 -22.07
C VAL X 27 45.23 0.14 -23.26
N THR X 28 44.16 -0.18 -24.00
CA THR X 28 44.31 -1.09 -25.13
C THR X 28 45.04 -0.44 -26.29
N ASP X 29 44.71 0.82 -26.59
CA ASP X 29 45.27 1.48 -27.77
C ASP X 29 46.73 1.85 -27.55
N THR X 30 47.07 2.35 -26.35
CA THR X 30 48.42 2.84 -26.08
C THR X 30 49.34 1.74 -25.58
N ILE X 31 48.91 0.97 -24.60
CA ILE X 31 49.77 -0.05 -23.99
C ILE X 31 49.70 -1.37 -24.76
N LEU X 32 48.49 -1.86 -25.00
CA LEU X 32 48.32 -3.15 -25.65
C LEU X 32 48.53 -3.11 -27.16
N GLY X 33 48.52 -1.92 -27.77
CA GLY X 33 48.73 -1.83 -29.20
C GLY X 33 47.63 -2.46 -30.02
N LYS X 34 46.42 -2.55 -29.49
CA LYS X 34 45.27 -3.09 -30.18
C LYS X 34 44.18 -2.03 -30.28
N PRO X 35 43.24 -2.19 -31.22
CA PRO X 35 42.18 -1.19 -31.37
C PRO X 35 41.33 -1.06 -30.12
N ALA X 36 40.89 0.17 -29.85
CA ALA X 36 40.11 0.44 -28.65
C ALA X 36 38.69 -0.10 -28.74
N GLU X 37 38.19 -0.38 -29.94
CA GLU X 37 36.83 -0.89 -30.09
C GLU X 37 36.76 -2.41 -29.99
N LEU X 38 37.88 -3.11 -30.14
CA LEU X 38 37.92 -4.55 -30.02
C LEU X 38 38.05 -5.01 -28.56
N VAL X 39 37.73 -4.15 -27.61
CA VAL X 39 37.83 -4.47 -26.19
C VAL X 39 36.44 -4.79 -25.67
N MET X 40 36.24 -6.02 -25.21
CA MET X 40 35.04 -6.40 -24.51
C MET X 40 35.25 -6.23 -23.01
N MET X 41 34.41 -5.41 -22.39
CA MET X 41 34.54 -5.06 -20.97
C MET X 41 33.26 -5.47 -20.26
N THR X 42 33.39 -6.32 -19.25
CA THR X 42 32.27 -6.74 -18.42
C THR X 42 32.49 -6.25 -16.99
N PHE X 43 31.42 -5.83 -16.35
CA PHE X 43 31.49 -5.29 -14.99
C PHE X 43 30.60 -6.12 -14.08
N HIS X 44 31.12 -6.47 -12.91
CA HIS X 44 30.42 -7.28 -11.91
C HIS X 44 30.58 -6.58 -10.57
N ASP X 45 29.65 -5.69 -10.26
CA ASP X 45 29.74 -4.88 -9.05
C ASP X 45 29.05 -5.57 -7.87
N SER X 46 29.29 -5.02 -6.68
CA SER X 46 28.71 -5.54 -5.44
C SER X 46 29.00 -7.03 -5.26
N THR X 47 30.20 -7.43 -5.66
CA THR X 47 30.59 -8.83 -5.55
C THR X 47 31.04 -9.13 -4.13
N PRO X 48 30.46 -10.12 -3.46
CA PRO X 48 30.96 -10.52 -2.14
C PRO X 48 32.39 -11.02 -2.23
N MET X 49 33.33 -10.25 -1.65
CA MET X 49 34.75 -10.57 -1.78
C MET X 49 35.42 -10.46 -0.43
N HIS X 50 36.20 -11.47 -0.07
CA HIS X 50 37.03 -11.45 1.13
C HIS X 50 38.49 -11.36 0.75
N PHE X 51 39.23 -10.50 1.45
CA PHE X 51 40.65 -10.31 1.18
C PHE X 51 41.36 -9.61 2.34
N PHE X 52 42.48 -10.18 2.78
CA PHE X 52 43.31 -9.59 3.84
C PHE X 52 42.51 -9.42 5.12
N GLY X 53 41.73 -10.44 5.48
CA GLY X 53 41.02 -10.46 6.74
C GLY X 53 39.88 -9.49 6.86
N SER X 54 39.34 -9.00 5.75
CA SER X 54 38.22 -8.06 5.82
C SER X 54 37.48 -8.07 4.48
N THR X 55 36.24 -7.58 4.52
CA THR X 55 35.43 -7.38 3.32
C THR X 55 35.40 -5.91 2.89
N ASP X 56 36.44 -5.15 3.24
CA ASP X 56 36.54 -3.77 2.83
C ASP X 56 36.64 -3.68 1.31
N PRO X 57 36.32 -2.52 0.73
CA PRO X 57 36.32 -2.37 -0.73
C PRO X 57 37.56 -2.97 -1.38
N VAL X 58 37.34 -3.74 -2.45
CA VAL X 58 38.38 -4.55 -3.05
C VAL X 58 38.00 -4.82 -4.50
N ALA X 59 39.01 -4.89 -5.38
CA ALA X 59 38.77 -5.09 -6.80
C ALA X 59 39.64 -6.23 -7.32
N CYS X 60 39.14 -6.90 -8.35
CA CYS X 60 39.89 -7.92 -9.08
C CYS X 60 39.58 -7.75 -10.56
N VAL X 61 40.58 -7.33 -11.32
CA VAL X 61 40.43 -7.07 -12.75
C VAL X 61 41.17 -8.15 -13.51
N ARG X 62 40.45 -8.84 -14.40
CA ARG X 62 41.02 -9.91 -15.21
C ARG X 62 41.21 -9.42 -16.64
N VAL X 63 42.41 -9.58 -17.16
CA VAL X 63 42.76 -9.15 -18.52
C VAL X 63 43.11 -10.39 -19.33
N GLU X 64 42.43 -10.57 -20.46
CA GLU X 64 42.67 -11.68 -21.37
C GLU X 64 42.98 -11.11 -22.74
N ALA X 65 44.12 -11.47 -23.29
CA ALA X 65 44.56 -10.97 -24.60
C ALA X 65 45.12 -12.11 -25.41
N LEU X 66 44.57 -12.30 -26.61
CA LEU X 66 45.08 -13.33 -27.51
C LEU X 66 46.44 -12.93 -28.04
N GLY X 67 47.43 -13.81 -27.87
CA GLY X 67 48.77 -13.55 -28.32
C GLY X 67 49.73 -13.04 -27.26
N GLY X 68 49.37 -13.14 -25.99
CA GLY X 68 50.26 -12.72 -24.92
C GLY X 68 50.33 -11.21 -24.77
N TYR X 69 51.42 -10.76 -24.14
CA TYR X 69 51.62 -9.35 -23.84
C TYR X 69 53.06 -8.99 -24.15
N GLY X 70 53.28 -7.70 -24.40
CA GLY X 70 54.61 -7.17 -24.62
C GLY X 70 55.49 -7.34 -23.40
N PRO X 71 56.81 -7.20 -23.58
CA PRO X 71 57.72 -7.40 -22.45
C PRO X 71 57.42 -6.51 -21.25
N SER X 72 56.97 -5.27 -21.49
CA SER X 72 56.73 -4.31 -20.42
C SER X 72 55.27 -3.92 -20.27
N GLU X 73 54.37 -4.54 -21.03
CA GLU X 73 52.97 -4.13 -21.07
C GLU X 73 52.19 -4.45 -19.79
N PRO X 74 52.34 -5.64 -19.19
CA PRO X 74 51.57 -5.91 -17.96
C PRO X 74 51.82 -4.92 -16.85
N GLU X 75 53.06 -4.48 -16.66
CA GLU X 75 53.36 -3.51 -15.61
C GLU X 75 52.66 -2.18 -15.88
N LYS X 76 52.57 -1.78 -17.15
CA LYS X 76 51.91 -0.52 -17.48
C LYS X 76 50.41 -0.63 -17.30
N VAL X 77 49.83 -1.78 -17.63
CA VAL X 77 48.39 -1.98 -17.45
C VAL X 77 48.04 -1.95 -15.97
N THR X 78 48.78 -2.70 -15.15
CA THR X 78 48.51 -2.74 -13.72
C THR X 78 48.56 -1.34 -13.10
N LYS X 79 49.51 -0.52 -13.55
CA LYS X 79 49.61 0.85 -13.06
C LYS X 79 48.36 1.65 -13.38
N VAL X 80 47.98 1.70 -14.66
CA VAL X 80 46.85 2.53 -15.08
C VAL X 80 45.55 1.99 -14.52
N VAL X 81 45.36 0.67 -14.55
CA VAL X 81 44.10 0.08 -14.09
C VAL X 81 43.93 0.32 -12.60
N THR X 82 44.97 0.06 -11.81
CA THR X 82 44.87 0.27 -10.36
C THR X 82 44.63 1.74 -10.03
N ASP X 83 45.25 2.65 -10.79
CA ASP X 83 44.98 4.07 -10.62
C ASP X 83 43.53 4.40 -10.94
N ALA X 84 43.00 3.83 -12.02
CA ALA X 84 41.64 4.14 -12.43
C ALA X 84 40.62 3.57 -11.45
N ILE X 85 40.83 2.33 -11.00
CA ILE X 85 39.90 1.72 -10.04
C ILE X 85 39.89 2.52 -8.74
N SER X 86 41.06 2.94 -8.27
CA SER X 86 41.14 3.71 -7.03
C SER X 86 40.40 5.04 -7.17
N TYR X 87 40.64 5.76 -8.26
CA TYR X 87 39.99 7.05 -8.44
C TYR X 87 38.48 6.89 -8.60
N VAL X 88 38.05 5.87 -9.35
CA VAL X 88 36.64 5.72 -9.66
C VAL X 88 35.88 5.07 -8.50
N CYS X 89 36.43 4.01 -7.91
CA CYS X 89 35.72 3.24 -6.91
C CYS X 89 36.14 3.56 -5.47
N GLY X 90 37.22 4.31 -5.28
CA GLY X 90 37.69 4.55 -3.94
C GLY X 90 38.35 3.37 -3.27
N ILE X 91 38.72 2.35 -4.04
CA ILE X 91 39.38 1.17 -3.51
C ILE X 91 40.87 1.44 -3.41
N VAL X 92 41.46 1.13 -2.26
CA VAL X 92 42.88 1.41 -2.06
C VAL X 92 43.72 0.51 -2.97
N ALA X 93 44.98 0.92 -3.17
CA ALA X 93 45.83 0.25 -4.15
C ALA X 93 46.14 -1.18 -3.75
N ASP X 94 46.50 -1.41 -2.48
CA ASP X 94 46.87 -2.74 -2.04
C ASP X 94 45.65 -3.64 -1.80
N ARG X 95 44.50 -3.31 -2.39
CA ARG X 95 43.33 -4.19 -2.43
C ARG X 95 42.79 -4.29 -3.85
N ILE X 96 43.66 -4.19 -4.84
CA ILE X 96 43.29 -4.24 -6.25
C ILE X 96 44.18 -5.27 -6.94
N PHE X 97 43.62 -6.43 -7.27
CA PHE X 97 44.32 -7.43 -8.06
C PHE X 97 44.06 -7.18 -9.54
N VAL X 98 45.08 -7.42 -10.35
CA VAL X 98 44.97 -7.36 -11.81
C VAL X 98 45.61 -8.63 -12.36
N LEU X 99 44.80 -9.48 -12.98
CA LEU X 99 45.24 -10.77 -13.48
C LEU X 99 45.33 -10.75 -14.99
N TYR X 100 46.33 -11.45 -15.53
CA TYR X 100 46.61 -11.44 -16.97
C TYR X 100 46.61 -12.88 -17.48
N PHE X 101 45.74 -13.14 -18.45
CA PHE X 101 45.62 -14.45 -19.08
C PHE X 101 45.75 -14.30 -20.59
N SER X 102 45.94 -15.44 -21.26
CA SER X 102 45.99 -15.46 -22.71
C SER X 102 45.22 -16.68 -23.22
N PRO X 103 44.08 -16.49 -23.86
CA PRO X 103 43.30 -17.64 -24.33
C PRO X 103 44.02 -18.37 -25.45
N LEU X 104 43.76 -19.68 -25.54
CA LEU X 104 44.34 -20.47 -26.61
C LEU X 104 43.82 -20.02 -27.97
N HIS X 105 42.52 -19.76 -28.07
CA HIS X 105 41.90 -19.25 -29.28
C HIS X 105 40.82 -18.25 -28.88
N CYS X 106 40.40 -17.44 -29.85
CA CYS X 106 39.36 -16.45 -29.63
C CYS X 106 38.50 -16.35 -30.88
N GLY X 107 37.22 -16.68 -30.76
CA GLY X 107 36.30 -16.58 -31.87
C GLY X 107 35.55 -15.25 -31.85
N TRP X 108 35.42 -14.64 -33.02
CA TRP X 108 34.68 -13.40 -33.17
C TRP X 108 34.06 -13.37 -34.55
N ASN X 109 32.80 -12.92 -34.62
CA ASN X 109 32.05 -12.84 -35.86
C ASN X 109 31.93 -14.21 -36.51
N GLY X 110 31.78 -15.25 -35.69
CA GLY X 110 31.60 -16.60 -36.18
C GLY X 110 32.86 -17.33 -36.60
N THR X 111 34.01 -16.68 -36.57
CA THR X 111 35.26 -17.30 -36.99
C THR X 111 36.35 -17.00 -35.96
N ASN X 112 37.38 -17.83 -35.96
CA ASN X 112 38.49 -17.67 -35.03
C ASN X 112 39.56 -16.74 -35.60
#